data_3O95
#
_entry.id   3O95
#
_cell.length_a   121.718
_cell.length_b   123.335
_cell.length_c   144.419
_cell.angle_alpha   90.00
_cell.angle_beta   114.78
_cell.angle_gamma   90.00
#
_symmetry.space_group_name_H-M   'P 1 21 1'
#
loop_
_entity.id
_entity.type
_entity.pdbx_description
1 polymer 'Dipeptidyl peptidase 4'
2 branched 2-acetamido-2-deoxy-beta-D-glucopyranose-(1-4)-2-acetamido-2-deoxy-beta-D-glucopyranose
3 branched 2-acetamido-2-deoxy-beta-D-glucopyranose-(1-4)-2-acetamido-2-deoxy-beta-D-glucopyranose-(1-4)-2-acetamido-2-deoxy-beta-D-glucopyranose
4 non-polymer 2-acetamido-2-deoxy-beta-D-glucopyranose
5 non-polymer '[5-(aminomethyl)-6-(2,2-dimethylpropyl)-2-ethyl-4-(4-methylphenyl)pyridin-3-yl]acetic acid'
6 water water
#
_entity_poly.entity_id   1
_entity_poly.type   'polypeptide(L)'
_entity_poly.pdbx_seq_one_letter_code
;ADPGGSHHHHHHSRKTYTLTDYLKNTYRLKLYSLRWISDHEYLYKQENNILVFNAEYGNSSVFLENSTFDEFGHSINDYS
ISPDGQFILLEYNYVKQWRHSYTASYDIYDLNKRQLITEERIPNNTQWVTWSPVGHKLAYVWNNDIYVKIEPNLPSYRIT
WTGKEDIIYNGITDWVYEEEVFSAYSALWWSPNGTFLAYAQFNDTEVPLIEYSFYSDESLQYPKTVRVPYPKAGAVNPTV
KFFVVNTDSLSSVTNATSIQITAPASMLIGDHYLCDVTWATQERISLQWLRRIQNYSVMDICDYDESSGRWNCLVARQHI
EMSTTGWVGRFRPSEPHFTLDGNSFYKIISNEEGYRHICYFQIDKKDCTFITKGTWEVIGIEALTSDYLYYISNEYKGMP
GGRNLYKIQLSDYTKVTCLSCELNPERCQYYSVSFSKEAKYYQLRCSGPGLPLYTLHSSVNDKGLRVLEDNSALDKMLQN
VQMPSKKLDFIILNETKFWYQMILPPHFDKSKKYPLLLDVYAGPCSQKADTVFRLNWATYLASTENIIVASFDGRGSGYQ
GDKIMHAINRRLGTFEVEDQIEAARQFSKMGFVDNKRIAIWGWSYGGYVTSMVLGSGSGVFKCGIAVAPVSRWEYYDSVY
TERYMGLPTPEDNLDHYRNSTVMSRAENFKQVEYLLIHGTADDNVHFQQSAQISKALVDVGVDFQAMWYTDEDHGIASST
AHQHIYTHMSHFIKQCFSLP
;
_entity_poly.pdbx_strand_id   A,B,C,D
#
# COMPACT_ATOMS: atom_id res chain seq x y z
N ARG A 14 -15.88 -1.31 -27.55
CA ARG A 14 -16.29 -2.67 -28.05
C ARG A 14 -15.95 -3.82 -27.07
N LYS A 15 -15.56 -3.46 -25.85
CA LYS A 15 -15.39 -4.43 -24.75
C LYS A 15 -16.75 -4.64 -24.07
N THR A 16 -16.96 -5.78 -23.42
CA THR A 16 -18.23 -6.01 -22.72
C THR A 16 -18.02 -5.97 -21.21
N TYR A 17 -19.13 -5.96 -20.47
CA TYR A 17 -19.11 -5.98 -19.00
C TYR A 17 -18.85 -7.41 -18.52
N THR A 18 -17.62 -7.68 -18.08
CA THR A 18 -17.19 -9.05 -17.79
C THR A 18 -17.48 -9.49 -16.36
N LEU A 19 -17.25 -10.77 -16.08
CA LEU A 19 -17.41 -11.27 -14.73
C LEU A 19 -16.43 -10.58 -13.80
N THR A 20 -15.20 -10.40 -14.29
CA THR A 20 -14.17 -9.70 -13.52
C THR A 20 -14.62 -8.29 -13.21
N ASP A 21 -15.23 -7.65 -14.20
CA ASP A 21 -15.80 -6.30 -14.06
C ASP A 21 -16.78 -6.26 -12.91
N TYR A 22 -17.69 -7.22 -12.88
CA TYR A 22 -18.65 -7.34 -11.79
C TYR A 22 -17.97 -7.63 -10.44
N LEU A 23 -17.12 -8.65 -10.41
CA LEU A 23 -16.53 -9.14 -9.16
C LEU A 23 -15.51 -8.21 -8.54
N LYS A 24 -14.69 -7.61 -9.42
CA LYS A 24 -13.66 -6.69 -8.97
C LYS A 24 -14.09 -5.22 -8.91
N ASN A 25 -15.35 -4.95 -9.26
CA ASN A 25 -15.92 -3.60 -9.17
C ASN A 25 -15.27 -2.54 -10.06
N THR A 26 -15.01 -2.89 -11.31
CA THR A 26 -14.37 -2.00 -12.27
C THR A 26 -15.16 -0.69 -12.42
N TYR A 27 -16.47 -0.81 -12.60
CA TYR A 27 -17.36 0.32 -12.80
C TYR A 27 -18.22 0.53 -11.57
N ARG A 28 -17.86 1.54 -10.78
CA ARG A 28 -18.55 1.78 -9.53
C ARG A 28 -19.71 2.78 -9.68
N LEU A 29 -20.85 2.50 -9.04
CA LEU A 29 -21.90 3.50 -8.87
C LEU A 29 -21.49 4.40 -7.72
N LYS A 30 -21.44 5.70 -7.96
CA LYS A 30 -21.11 6.68 -6.93
C LYS A 30 -22.35 6.98 -6.07
N LEU A 31 -22.19 6.88 -4.76
CA LEU A 31 -23.28 7.18 -3.82
C LEU A 31 -23.13 8.61 -3.30
N TYR A 32 -24.20 9.19 -2.77
CA TYR A 32 -24.06 10.44 -2.04
C TYR A 32 -24.64 10.27 -0.67
N SER A 33 -24.02 9.41 0.12
CA SER A 33 -24.53 9.14 1.44
C SER A 33 -24.30 10.29 2.43
N LEU A 34 -25.36 11.06 2.67
CA LEU A 34 -25.33 12.13 3.64
C LEU A 34 -26.15 11.78 4.87
N ARG A 35 -25.82 12.43 5.98
CA ARG A 35 -26.59 12.34 7.21
C ARG A 35 -26.83 13.75 7.75
N TRP A 36 -28.09 14.06 8.04
CA TRP A 36 -28.48 15.41 8.48
C TRP A 36 -28.05 15.63 9.93
N ILE A 37 -27.78 16.89 10.26
CA ILE A 37 -27.31 17.28 11.60
C ILE A 37 -28.33 18.22 12.22
N SER A 38 -28.87 19.10 11.40
CA SER A 38 -29.87 20.07 11.83
C SER A 38 -30.97 20.14 10.77
N ASP A 39 -31.67 21.27 10.73
CA ASP A 39 -32.68 21.48 9.71
C ASP A 39 -32.04 21.94 8.40
N HIS A 40 -30.76 22.32 8.45
CA HIS A 40 -30.10 22.88 7.26
C HIS A 40 -28.62 22.50 7.08
N GLU A 41 -28.11 21.62 7.92
CA GLU A 41 -26.74 21.14 7.78
C GLU A 41 -26.71 19.63 7.68
N TYR A 42 -25.77 19.10 6.89
CA TYR A 42 -25.59 17.64 6.79
C TYR A 42 -24.12 17.24 6.68
N LEU A 43 -23.82 16.00 7.04
CA LEU A 43 -22.45 15.51 7.02
C LEU A 43 -22.15 14.63 5.83
N TYR A 44 -21.00 14.87 5.21
CA TYR A 44 -20.52 14.07 4.09
C TYR A 44 -19.08 13.61 4.28
N LYS A 45 -18.74 12.44 3.71
CA LYS A 45 -17.44 11.82 3.87
C LYS A 45 -16.54 11.98 2.62
N GLN A 46 -16.46 13.20 2.07
CA GLN A 46 -15.55 13.50 0.96
C GLN A 46 -14.08 13.48 1.42
N GLU A 47 -13.40 12.38 1.07
CA GLU A 47 -12.02 12.02 1.48
C GLU A 47 -12.06 11.07 2.69
N ASN A 48 -11.00 11.11 3.48
CA ASN A 48 -11.03 10.56 4.84
C ASN A 48 -11.75 11.58 5.73
N ASN A 49 -11.71 12.84 5.29
CA ASN A 49 -12.40 13.98 5.91
C ASN A 49 -13.89 13.81 6.16
N ILE A 50 -14.41 14.66 7.04
CA ILE A 50 -15.84 14.78 7.31
C ILE A 50 -16.19 16.27 7.30
N LEU A 51 -17.09 16.66 6.38
CA LEU A 51 -17.46 18.06 6.21
C LEU A 51 -18.89 18.31 6.64
N VAL A 52 -19.16 19.47 7.23
CA VAL A 52 -20.52 19.98 7.35
C VAL A 52 -20.84 20.83 6.13
N PHE A 53 -21.72 20.33 5.28
CA PHE A 53 -22.22 21.11 4.17
C PHE A 53 -23.40 21.97 4.62
N ASN A 54 -23.62 23.07 3.91
CA ASN A 54 -24.81 23.89 4.07
C ASN A 54 -25.72 23.68 2.86
N ALA A 55 -26.99 23.44 3.13
CA ALA A 55 -28.00 23.29 2.08
C ALA A 55 -28.31 24.62 1.40
N GLU A 56 -28.26 25.71 2.18
CA GLU A 56 -28.56 27.03 1.64
C GLU A 56 -27.61 27.49 0.53
N TYR A 57 -26.37 27.00 0.53
CA TYR A 57 -25.33 27.54 -0.35
C TYR A 57 -24.43 26.50 -1.01
N GLY A 58 -24.27 25.35 -0.34
CA GLY A 58 -23.37 24.31 -0.85
C GLY A 58 -21.97 24.47 -0.29
N ASN A 59 -21.68 25.63 0.30
CA ASN A 59 -20.43 25.87 1.01
C ASN A 59 -20.32 24.96 2.22
N SER A 60 -19.10 24.62 2.58
CA SER A 60 -18.86 23.75 3.72
C SER A 60 -17.64 24.20 4.52
N SER A 61 -17.29 23.39 5.51
CA SER A 61 -16.11 23.59 6.34
C SER A 61 -15.78 22.26 7.00
N VAL A 62 -14.51 21.87 6.93
CA VAL A 62 -14.05 20.58 7.48
C VAL A 62 -14.35 20.44 8.98
N PHE A 63 -15.28 19.54 9.31
CA PHE A 63 -15.76 19.34 10.67
C PHE A 63 -14.81 18.46 11.47
N LEU A 64 -14.14 17.54 10.78
CA LEU A 64 -13.27 16.58 11.42
C LEU A 64 -12.18 16.13 10.47
N GLU A 65 -10.96 16.59 10.76
CA GLU A 65 -9.80 16.33 9.90
C GLU A 65 -9.42 14.85 9.95
N ASN A 66 -9.31 14.25 8.76
CA ASN A 66 -8.89 12.86 8.59
C ASN A 66 -7.89 12.38 9.65
N SER A 67 -6.68 12.98 9.62
CA SER A 67 -5.64 12.65 10.57
C SER A 67 -5.70 13.56 11.80
N THR A 68 -6.64 13.22 12.67
CA THR A 68 -6.67 13.71 14.04
C THR A 68 -6.65 12.47 14.94
N PHE A 69 -7.35 11.43 14.49
CA PHE A 69 -7.38 10.14 15.17
C PHE A 69 -6.41 9.15 14.52
N ASP A 70 -5.39 9.72 13.87
CA ASP A 70 -4.20 9.00 13.47
C ASP A 70 -3.61 8.40 14.74
N GLU A 71 -3.38 9.27 15.71
CA GLU A 71 -2.78 8.94 17.01
C GLU A 71 -3.44 7.76 17.72
N PHE A 72 -4.75 7.60 17.51
CA PHE A 72 -5.56 6.57 18.17
C PHE A 72 -4.96 5.16 18.11
N GLY A 73 -4.37 4.80 16.97
CA GLY A 73 -3.73 3.50 16.81
C GLY A 73 -4.68 2.34 16.54
N HIS A 74 -5.92 2.67 16.21
CA HIS A 74 -6.93 1.67 15.84
C HIS A 74 -7.57 2.10 14.53
N SER A 75 -8.23 1.17 13.86
CA SER A 75 -8.98 1.49 12.63
C SER A 75 -10.41 1.90 12.97
N ILE A 76 -10.76 3.14 12.61
CA ILE A 76 -12.09 3.68 12.89
C ILE A 76 -13.13 3.21 11.87
N ASN A 77 -13.98 2.28 12.34
CA ASN A 77 -15.08 1.72 11.59
C ASN A 77 -16.19 2.73 11.32
N ASP A 78 -16.62 3.45 12.36
CA ASP A 78 -17.67 4.45 12.25
C ASP A 78 -17.53 5.56 13.27
N TYR A 79 -18.34 6.61 13.10
CA TYR A 79 -18.37 7.77 13.97
C TYR A 79 -19.83 8.08 14.32
N SER A 80 -20.06 8.99 15.25
CA SER A 80 -21.40 9.41 15.64
C SER A 80 -21.37 10.68 16.49
N ILE A 81 -21.90 11.78 15.95
CA ILE A 81 -22.00 13.04 16.69
C ILE A 81 -23.24 13.04 17.58
N SER A 82 -23.06 13.46 18.83
CA SER A 82 -24.20 13.76 19.69
C SER A 82 -25.02 14.89 19.06
N PRO A 83 -26.35 14.86 19.20
CA PRO A 83 -27.22 15.89 18.64
C PRO A 83 -26.76 17.32 18.87
N ASP A 84 -26.37 17.65 20.11
CA ASP A 84 -25.90 19.00 20.45
C ASP A 84 -24.53 19.33 19.84
N GLY A 85 -23.99 18.41 19.05
CA GLY A 85 -22.72 18.57 18.34
C GLY A 85 -21.47 18.66 19.20
N GLN A 86 -21.60 18.33 20.48
CA GLN A 86 -20.50 18.50 21.43
C GLN A 86 -19.55 17.30 21.50
N PHE A 87 -20.04 16.11 21.18
CA PHE A 87 -19.22 14.90 21.29
C PHE A 87 -19.31 14.02 20.06
N ILE A 88 -18.18 13.40 19.73
CA ILE A 88 -18.15 12.37 18.67
C ILE A 88 -17.78 11.02 19.25
N LEU A 89 -18.65 10.04 18.98
CA LEU A 89 -18.43 8.67 19.40
C LEU A 89 -17.65 7.93 18.32
N LEU A 90 -16.52 7.35 18.72
CA LEU A 90 -15.72 6.55 17.81
C LEU A 90 -15.97 5.07 18.03
N GLU A 91 -16.33 4.38 16.95
CA GLU A 91 -16.58 2.95 17.00
C GLU A 91 -15.46 2.22 16.28
N TYR A 92 -14.77 1.35 17.03
CA TYR A 92 -13.74 0.49 16.45
C TYR A 92 -13.92 -0.92 16.98
N ASN A 93 -13.02 -1.82 16.60
CA ASN A 93 -13.10 -3.25 16.96
C ASN A 93 -14.42 -3.88 16.57
N TYR A 94 -14.87 -3.54 15.36
CA TYR A 94 -16.10 -4.07 14.78
C TYR A 94 -16.00 -5.57 14.57
N VAL A 95 -16.94 -6.29 15.18
CA VAL A 95 -17.05 -7.72 15.01
C VAL A 95 -18.51 -7.98 14.64
N LYS A 96 -18.75 -8.36 13.38
CA LYS A 96 -20.11 -8.62 12.90
C LYS A 96 -20.69 -9.82 13.62
N GLN A 97 -22.00 -9.79 13.84
CA GLN A 97 -22.73 -10.96 14.31
C GLN A 97 -23.74 -11.38 13.23
N TRP A 98 -25.04 -11.16 13.45
CA TRP A 98 -26.07 -11.47 12.45
C TRP A 98 -26.27 -10.30 11.49
N ARG A 99 -27.41 -10.27 10.79
CA ARG A 99 -27.62 -9.26 9.76
C ARG A 99 -27.26 -7.84 10.19
N HIS A 100 -27.82 -7.41 11.33
CA HIS A 100 -27.63 -6.05 11.83
C HIS A 100 -26.72 -6.00 13.04
N SER A 101 -26.82 -7.05 13.86
CA SER A 101 -26.10 -7.14 15.13
C SER A 101 -24.60 -7.20 14.99
N TYR A 102 -23.91 -6.49 15.88
CA TYR A 102 -22.47 -6.57 15.98
C TYR A 102 -21.98 -6.10 17.35
N THR A 103 -20.68 -6.30 17.56
CA THR A 103 -20.00 -5.89 18.77
C THR A 103 -18.88 -4.93 18.40
N ALA A 104 -18.66 -3.93 19.25
CA ALA A 104 -17.59 -2.99 18.99
C ALA A 104 -17.00 -2.45 20.28
N SER A 105 -15.91 -1.72 20.15
CA SER A 105 -15.36 -0.92 21.23
C SER A 105 -15.68 0.54 20.96
N TYR A 106 -15.58 1.38 21.99
CA TYR A 106 -16.02 2.76 21.87
C TYR A 106 -15.18 3.74 22.70
N ASP A 107 -14.85 4.87 22.08
CA ASP A 107 -14.28 6.02 22.77
C ASP A 107 -15.06 7.27 22.40
N ILE A 108 -15.08 8.25 23.30
CA ILE A 108 -15.74 9.52 23.06
C ILE A 108 -14.73 10.66 23.02
N TYR A 109 -14.86 11.51 22.00
CA TYR A 109 -13.95 12.63 21.80
C TYR A 109 -14.65 13.97 22.04
N ASP A 110 -14.24 14.67 23.10
CA ASP A 110 -14.76 16.00 23.42
C ASP A 110 -14.38 16.99 22.30
N LEU A 111 -15.36 17.72 21.79
CA LEU A 111 -15.13 18.68 20.71
C LEU A 111 -14.91 20.11 21.21
N ASN A 112 -15.45 20.43 22.38
CA ASN A 112 -15.21 21.71 23.06
C ASN A 112 -13.78 21.79 23.62
N LYS A 113 -13.23 20.63 23.97
CA LYS A 113 -11.87 20.52 24.49
C LYS A 113 -10.93 20.04 23.40
N ARG A 114 -11.37 19.02 22.67
CA ARG A 114 -10.58 18.39 21.60
C ARG A 114 -9.57 17.35 22.13
N GLN A 115 -10.08 16.39 22.89
CA GLN A 115 -9.29 15.28 23.42
C GLN A 115 -10.19 14.13 23.86
N LEU A 116 -9.64 12.91 23.81
CA LEU A 116 -10.37 11.69 24.13
C LEU A 116 -10.70 11.64 25.61
N ILE A 117 -11.86 11.08 25.95
CA ILE A 117 -12.23 10.84 27.35
C ILE A 117 -11.52 9.57 27.82
N THR A 118 -10.91 9.62 29.01
CA THR A 118 -10.20 8.44 29.55
C THR A 118 -10.87 7.84 30.80
N GLU A 119 -11.69 8.64 31.47
CA GLU A 119 -12.42 8.19 32.65
C GLU A 119 -13.76 7.53 32.29
N GLU A 120 -14.08 6.44 33.02
CA GLU A 120 -15.33 5.69 32.86
C GLU A 120 -15.66 5.29 31.42
N ARG A 121 -14.66 4.80 30.69
CA ARG A 121 -14.82 4.44 29.29
C ARG A 121 -15.94 3.43 29.06
N ILE A 122 -16.52 3.47 27.87
CA ILE A 122 -17.50 2.48 27.44
C ILE A 122 -16.78 1.13 27.30
N PRO A 123 -17.39 0.04 27.80
CA PRO A 123 -16.70 -1.26 27.82
C PRO A 123 -16.33 -1.77 26.43
N ASN A 124 -15.42 -2.75 26.38
CA ASN A 124 -15.20 -3.49 25.15
C ASN A 124 -16.37 -4.45 24.95
N ASN A 125 -16.69 -4.76 23.70
CA ASN A 125 -17.79 -5.70 23.41
C ASN A 125 -19.19 -5.17 23.72
N THR A 126 -19.36 -3.86 23.56
CA THR A 126 -20.64 -3.22 23.73
C THR A 126 -21.52 -3.54 22.53
N GLN A 127 -22.74 -3.99 22.84
CA GLN A 127 -23.64 -4.53 21.84
C GLN A 127 -24.37 -3.45 21.06
N TRP A 128 -24.69 -2.34 21.74
CA TRP A 128 -25.31 -1.19 21.12
C TRP A 128 -24.98 0.12 21.85
N VAL A 129 -24.85 1.20 21.08
CA VAL A 129 -24.72 2.55 21.63
C VAL A 129 -25.65 3.50 20.90
N THR A 130 -26.24 4.43 21.63
CA THR A 130 -27.07 5.44 21.02
C THR A 130 -27.10 6.69 21.88
N TRP A 131 -26.92 7.83 21.24
CA TRP A 131 -27.14 9.12 21.87
C TRP A 131 -28.64 9.33 22.06
N SER A 132 -29.00 10.08 23.10
CA SER A 132 -30.34 10.65 23.20
C SER A 132 -30.60 11.52 21.96
N PRO A 133 -31.88 11.75 21.62
CA PRO A 133 -32.19 12.56 20.43
C PRO A 133 -31.78 14.03 20.54
N VAL A 134 -31.69 14.55 21.76
CA VAL A 134 -31.13 15.89 22.00
C VAL A 134 -30.12 15.84 23.16
N GLY A 135 -29.20 16.80 23.21
CA GLY A 135 -28.16 16.81 24.23
C GLY A 135 -27.09 15.75 23.96
N HIS A 136 -26.48 15.23 25.02
CA HIS A 136 -25.42 14.21 24.88
C HIS A 136 -25.53 13.01 25.83
N LYS A 137 -26.75 12.63 26.19
CA LYS A 137 -26.95 11.45 27.02
C LYS A 137 -26.59 10.23 26.20
N LEU A 138 -26.10 9.20 26.88
CA LEU A 138 -25.66 8.02 26.19
C LEU A 138 -26.26 6.80 26.83
N ALA A 139 -26.89 5.96 26.03
CA ALA A 139 -27.39 4.68 26.51
C ALA A 139 -26.77 3.59 25.69
N TYR A 140 -26.15 2.63 26.38
CA TYR A 140 -25.53 1.52 25.69
C TYR A 140 -25.89 0.20 26.34
N VAL A 141 -25.75 -0.87 25.58
CA VAL A 141 -26.01 -2.24 26.07
C VAL A 141 -24.76 -3.11 26.02
N TRP A 142 -24.42 -3.71 27.15
CA TRP A 142 -23.21 -4.49 27.27
C TRP A 142 -23.48 -5.71 28.17
N ASN A 143 -23.01 -6.88 27.72
CA ASN A 143 -23.34 -8.15 28.36
C ASN A 143 -24.83 -8.23 28.68
N ASN A 144 -25.64 -7.78 27.73
CA ASN A 144 -27.08 -7.93 27.75
C ASN A 144 -27.86 -7.04 28.72
N ASP A 145 -27.15 -6.13 29.37
CA ASP A 145 -27.76 -5.15 30.25
C ASP A 145 -27.67 -3.73 29.68
N ILE A 146 -28.61 -2.87 30.07
CA ILE A 146 -28.68 -1.48 29.62
C ILE A 146 -28.05 -0.48 30.61
N TYR A 147 -27.13 0.34 30.08
CA TYR A 147 -26.47 1.38 30.86
C TYR A 147 -26.76 2.76 30.26
N VAL A 148 -26.67 3.80 31.09
CA VAL A 148 -26.86 5.20 30.70
C VAL A 148 -25.76 6.13 31.26
N LYS A 149 -25.26 7.02 30.40
CA LYS A 149 -24.30 8.06 30.76
C LYS A 149 -24.87 9.46 30.47
N ILE A 150 -25.25 10.19 31.51
CA ILE A 150 -25.74 11.56 31.37
C ILE A 150 -24.64 12.39 30.75
N GLU A 151 -23.43 12.25 31.29
CA GLU A 151 -22.25 12.91 30.75
C GLU A 151 -21.30 11.84 30.25
N PRO A 152 -20.58 12.11 29.14
CA PRO A 152 -19.73 11.11 28.50
C PRO A 152 -18.48 10.74 29.31
N ASN A 153 -18.26 11.42 30.43
CA ASN A 153 -17.10 11.13 31.28
C ASN A 153 -17.44 10.79 32.74
N LEU A 154 -18.74 10.53 32.98
CA LEU A 154 -19.23 10.20 34.32
C LEU A 154 -19.57 8.71 34.43
N PRO A 155 -19.65 8.18 35.68
CA PRO A 155 -20.07 6.79 35.85
C PRO A 155 -21.42 6.57 35.19
N SER A 156 -21.56 5.45 34.47
CA SER A 156 -22.86 5.14 33.89
C SER A 156 -23.73 4.44 34.92
N TYR A 157 -25.04 4.68 34.85
CA TYR A 157 -25.96 4.06 35.79
C TYR A 157 -26.43 2.76 35.16
N ARG A 158 -26.53 1.72 35.97
CA ARG A 158 -27.03 0.44 35.47
C ARG A 158 -28.54 0.40 35.62
N ILE A 159 -29.22 -0.10 34.58
CA ILE A 159 -30.68 -0.17 34.60
C ILE A 159 -31.13 -1.59 34.79
N THR A 160 -30.57 -2.50 34.02
CA THR A 160 -30.98 -3.90 34.10
C THR A 160 -29.86 -4.73 34.70
N TRP A 161 -30.26 -5.70 35.51
CA TRP A 161 -29.31 -6.56 36.18
C TRP A 161 -29.61 -8.01 35.83
N THR A 162 -30.38 -8.21 34.76
CA THR A 162 -30.99 -9.51 34.45
C THR A 162 -30.53 -10.07 33.12
N GLY A 163 -29.76 -9.29 32.37
CA GLY A 163 -29.20 -9.74 31.10
C GLY A 163 -28.34 -10.97 31.27
N LYS A 164 -28.42 -11.86 30.30
CA LYS A 164 -27.69 -13.10 30.34
C LYS A 164 -27.50 -13.61 28.93
N GLU A 165 -26.27 -14.01 28.60
CA GLU A 165 -25.92 -14.45 27.26
C GLU A 165 -26.88 -15.51 26.77
N ASP A 166 -27.40 -15.31 25.56
CA ASP A 166 -28.30 -16.24 24.89
C ASP A 166 -29.67 -16.41 25.59
N ILE A 167 -29.91 -15.70 26.68
CA ILE A 167 -31.10 -15.98 27.47
C ILE A 167 -31.98 -14.76 27.74
N ILE A 168 -31.40 -13.69 28.28
CA ILE A 168 -32.14 -12.47 28.56
C ILE A 168 -31.47 -11.28 27.87
N TYR A 169 -32.23 -10.64 26.99
CA TYR A 169 -31.74 -9.48 26.26
C TYR A 169 -32.50 -8.22 26.67
N ASN A 170 -31.83 -7.32 27.39
CA ASN A 170 -32.39 -6.02 27.70
C ASN A 170 -31.85 -5.00 26.72
N GLY A 171 -32.75 -4.33 25.99
CA GLY A 171 -32.34 -3.28 25.08
C GLY A 171 -31.70 -3.76 23.78
N ILE A 172 -31.45 -5.06 23.68
CA ILE A 172 -31.09 -5.68 22.40
C ILE A 172 -32.00 -6.86 22.04
N THR A 173 -32.19 -7.08 20.74
CA THR A 173 -33.04 -8.14 20.22
C THR A 173 -32.30 -9.48 20.14
N ASP A 174 -33.05 -10.57 20.27
CA ASP A 174 -32.53 -11.91 20.01
C ASP A 174 -32.59 -12.20 18.50
N TRP A 175 -32.08 -13.35 18.10
CA TRP A 175 -31.90 -13.63 16.67
C TRP A 175 -33.12 -13.26 15.88
N VAL A 176 -34.27 -13.80 16.29
CA VAL A 176 -35.49 -13.69 15.50
C VAL A 176 -36.05 -12.26 15.43
N TYR A 177 -36.07 -11.56 16.56
CA TYR A 177 -36.60 -10.21 16.59
C TYR A 177 -35.72 -9.32 15.75
N GLU A 178 -34.41 -9.55 15.81
CA GLU A 178 -33.45 -8.82 15.00
C GLU A 178 -33.78 -8.99 13.51
N GLU A 179 -33.85 -10.24 13.07
CA GLU A 179 -33.92 -10.56 11.66
C GLU A 179 -35.28 -10.22 11.09
N GLU A 180 -36.33 -10.49 11.87
CA GLU A 180 -37.68 -10.56 11.35
C GLU A 180 -38.64 -9.44 11.78
N VAL A 181 -38.45 -8.88 12.98
CA VAL A 181 -39.40 -7.90 13.52
C VAL A 181 -38.91 -6.45 13.43
N PHE A 182 -37.72 -6.18 13.97
CA PHE A 182 -37.21 -4.81 14.09
C PHE A 182 -36.11 -4.47 13.11
N SER A 183 -35.72 -5.42 12.28
CA SER A 183 -34.60 -5.25 11.33
C SER A 183 -33.45 -4.45 11.95
N ALA A 184 -33.15 -4.77 13.21
CA ALA A 184 -32.18 -4.01 13.98
C ALA A 184 -31.77 -4.78 15.23
N TYR A 185 -30.54 -4.54 15.67
CA TYR A 185 -30.04 -5.13 16.92
C TYR A 185 -30.56 -4.40 18.17
N SER A 186 -30.72 -3.09 18.07
CA SER A 186 -31.10 -2.29 19.21
C SER A 186 -32.56 -2.47 19.51
N ALA A 187 -32.90 -2.45 20.79
CA ALA A 187 -34.29 -2.37 21.23
C ALA A 187 -34.41 -1.31 22.33
N LEU A 188 -33.97 -0.11 22.00
CA LEU A 188 -33.99 1.05 22.90
C LEU A 188 -34.71 2.20 22.22
N TRP A 189 -35.44 2.99 23.00
CA TRP A 189 -36.18 4.13 22.44
C TRP A 189 -36.22 5.29 23.40
N TRP A 190 -35.38 6.28 23.12
CA TRP A 190 -35.40 7.55 23.83
C TRP A 190 -36.64 8.32 23.44
N SER A 191 -37.28 8.98 24.39
CA SER A 191 -38.36 9.91 24.07
C SER A 191 -37.80 11.10 23.30
N PRO A 192 -38.61 11.77 22.47
CA PRO A 192 -38.21 12.96 21.68
C PRO A 192 -37.14 13.86 22.31
N ASN A 193 -37.27 14.20 23.60
CA ASN A 193 -36.27 15.04 24.25
C ASN A 193 -35.36 14.32 25.24
N GLY A 194 -35.24 13.00 25.07
CA GLY A 194 -34.30 12.19 25.84
C GLY A 194 -34.57 12.03 27.33
N THR A 195 -35.76 12.43 27.79
CA THR A 195 -36.14 12.26 29.19
C THR A 195 -36.33 10.78 29.57
N PHE A 196 -37.03 10.05 28.73
CA PHE A 196 -37.34 8.66 28.99
C PHE A 196 -36.54 7.71 28.10
N LEU A 197 -36.09 6.60 28.69
CA LEU A 197 -35.60 5.49 27.90
C LEU A 197 -36.61 4.35 27.93
N ALA A 198 -37.11 4.02 26.74
CA ALA A 198 -37.97 2.87 26.55
C ALA A 198 -37.13 1.72 26.03
N TYR A 199 -37.38 0.53 26.56
CA TYR A 199 -36.70 -0.65 26.06
C TYR A 199 -37.51 -1.91 26.14
N ALA A 200 -37.07 -2.91 25.39
CA ALA A 200 -37.69 -4.21 25.35
C ALA A 200 -36.78 -5.24 26.02
N GLN A 201 -37.38 -6.26 26.61
CA GLN A 201 -36.64 -7.36 27.18
C GLN A 201 -37.10 -8.66 26.56
N PHE A 202 -36.16 -9.40 26.00
CA PHE A 202 -36.47 -10.67 25.40
C PHE A 202 -35.97 -11.82 26.26
N ASN A 203 -36.80 -12.85 26.36
CA ASN A 203 -36.48 -14.03 27.13
C ASN A 203 -36.47 -15.23 26.19
N ASP A 204 -35.28 -15.71 25.84
CA ASP A 204 -35.12 -16.93 25.03
C ASP A 204 -34.98 -18.22 25.85
N THR A 205 -35.31 -18.18 27.14
CA THR A 205 -35.10 -19.32 28.02
C THR A 205 -35.43 -20.68 27.40
N GLU A 206 -36.60 -20.80 26.77
CA GLU A 206 -37.04 -22.09 26.26
C GLU A 206 -37.06 -22.23 24.75
N VAL A 207 -36.38 -21.31 24.08
CA VAL A 207 -36.26 -21.35 22.64
C VAL A 207 -35.17 -22.36 22.31
N PRO A 208 -35.50 -23.37 21.47
CA PRO A 208 -34.46 -24.31 21.07
C PRO A 208 -33.31 -23.61 20.38
N LEU A 209 -32.15 -24.27 20.38
CA LEU A 209 -30.96 -23.74 19.73
C LEU A 209 -30.73 -24.45 18.43
N ILE A 210 -30.42 -23.70 17.37
CA ILE A 210 -29.86 -24.29 16.16
C ILE A 210 -28.39 -24.46 16.45
N GLU A 211 -27.87 -25.63 16.10
CA GLU A 211 -26.47 -25.94 16.32
C GLU A 211 -25.82 -26.28 15.01
N TYR A 212 -24.69 -25.64 14.73
CA TYR A 212 -23.99 -25.95 13.51
C TYR A 212 -22.50 -25.81 13.76
N SER A 213 -21.68 -26.40 12.90
CA SER A 213 -20.23 -26.34 13.09
C SER A 213 -19.66 -25.06 12.54
N PHE A 214 -18.71 -24.49 13.29
CA PHE A 214 -17.82 -23.49 12.74
C PHE A 214 -16.39 -24.08 12.68
N TYR A 215 -15.83 -24.13 11.48
CA TYR A 215 -14.51 -24.72 11.27
C TYR A 215 -13.42 -23.76 11.58
N SER A 216 -13.69 -22.48 11.30
CA SER A 216 -12.77 -21.39 11.59
C SER A 216 -11.45 -21.57 10.85
N ASP A 217 -10.46 -20.83 11.31
CA ASP A 217 -9.13 -20.84 10.75
C ASP A 217 -8.53 -22.24 10.78
N GLU A 218 -7.73 -22.54 9.76
CA GLU A 218 -6.90 -23.75 9.72
C GLU A 218 -6.30 -24.14 11.08
N SER A 219 -5.81 -23.16 11.83
CA SER A 219 -5.13 -23.42 13.11
C SER A 219 -6.01 -24.08 14.19
N LEU A 220 -7.33 -23.98 14.01
CA LEU A 220 -8.29 -24.55 14.97
C LEU A 220 -8.39 -26.05 14.77
N GLN A 221 -7.87 -26.81 15.73
CA GLN A 221 -7.85 -28.26 15.64
C GLN A 221 -9.26 -28.89 15.73
N TYR A 222 -10.12 -28.36 16.61
CA TYR A 222 -11.46 -28.93 16.85
C TYR A 222 -12.57 -27.93 16.51
N PRO A 223 -13.42 -28.27 15.50
CA PRO A 223 -14.49 -27.34 15.14
C PRO A 223 -15.30 -26.90 16.34
N LYS A 224 -15.73 -25.64 16.32
CA LYS A 224 -16.57 -25.10 17.37
C LYS A 224 -18.01 -25.27 16.96
N THR A 225 -18.86 -25.64 17.89
CA THR A 225 -20.30 -25.76 17.63
C THR A 225 -20.93 -24.42 17.94
N VAL A 226 -21.60 -23.84 16.97
CA VAL A 226 -22.27 -22.59 17.23
C VAL A 226 -23.67 -22.95 17.65
N ARG A 227 -24.16 -22.32 18.72
CA ARG A 227 -25.49 -22.61 19.23
C ARG A 227 -26.23 -21.30 19.31
N VAL A 228 -27.33 -21.17 18.59
CA VAL A 228 -28.07 -19.91 18.55
C VAL A 228 -29.53 -20.19 18.87
N PRO A 229 -30.11 -19.51 19.89
CA PRO A 229 -31.53 -19.69 20.15
C PRO A 229 -32.27 -19.23 18.92
N TYR A 230 -33.10 -20.11 18.37
CA TYR A 230 -33.68 -19.85 17.08
C TYR A 230 -35.00 -20.59 17.04
N PRO A 231 -36.10 -19.85 16.97
CA PRO A 231 -37.38 -20.56 16.92
C PRO A 231 -37.77 -20.94 15.48
N LYS A 232 -37.81 -22.23 15.19
CA LYS A 232 -38.31 -22.71 13.90
C LYS A 232 -39.85 -22.80 13.94
N ALA A 233 -40.46 -22.97 12.77
CA ALA A 233 -41.92 -22.96 12.67
C ALA A 233 -42.54 -23.81 13.75
N GLY A 234 -43.37 -23.20 14.59
CA GLY A 234 -44.10 -23.95 15.62
C GLY A 234 -43.34 -24.23 16.92
N ALA A 235 -42.05 -23.90 16.97
CA ALA A 235 -41.26 -24.07 18.19
C ALA A 235 -41.64 -23.00 19.21
N VAL A 236 -41.22 -23.17 20.47
CA VAL A 236 -41.44 -22.16 21.49
C VAL A 236 -40.72 -20.88 21.07
N ASN A 237 -41.46 -19.78 21.02
CA ASN A 237 -40.92 -18.44 20.72
C ASN A 237 -40.32 -17.74 21.93
N PRO A 238 -39.46 -16.72 21.68
CA PRO A 238 -39.07 -15.80 22.74
C PRO A 238 -40.30 -15.06 23.28
N THR A 239 -40.25 -14.67 24.54
CA THR A 239 -41.27 -13.82 25.11
C THR A 239 -40.67 -12.43 25.23
N VAL A 240 -41.53 -11.43 25.41
CA VAL A 240 -41.11 -10.02 25.41
C VAL A 240 -41.80 -9.23 26.51
N LYS A 241 -41.02 -8.43 27.22
CA LYS A 241 -41.57 -7.47 28.15
C LYS A 241 -41.08 -6.09 27.74
N PHE A 242 -41.88 -5.07 28.03
CA PHE A 242 -41.54 -3.70 27.66
C PHE A 242 -41.46 -2.78 28.87
N PHE A 243 -40.38 -1.99 28.93
CA PHE A 243 -40.15 -1.13 30.09
C PHE A 243 -39.83 0.30 29.70
N VAL A 244 -40.17 1.23 30.58
CA VAL A 244 -39.81 2.64 30.45
C VAL A 244 -39.17 3.16 31.74
N VAL A 245 -37.93 3.61 31.61
CA VAL A 245 -37.18 4.17 32.74
C VAL A 245 -36.93 5.65 32.51
N ASN A 246 -36.98 6.42 33.59
CA ASN A 246 -36.81 7.85 33.56
C ASN A 246 -35.34 8.24 33.78
N THR A 247 -34.69 8.75 32.74
CA THR A 247 -33.24 9.01 32.81
C THR A 247 -32.85 10.27 33.59
N ASP A 248 -33.78 11.22 33.72
CA ASP A 248 -33.52 12.48 34.43
C ASP A 248 -33.42 12.28 35.95
N SER A 249 -34.12 11.28 36.46
CA SER A 249 -34.16 11.03 37.91
C SER A 249 -33.41 9.77 38.34
N LEU A 250 -32.29 9.50 37.67
CA LEU A 250 -31.39 8.41 38.04
C LEU A 250 -30.62 8.74 39.31
N SER A 251 -30.34 7.70 40.10
CA SER A 251 -29.63 7.85 41.37
C SER A 251 -28.36 7.02 41.40
N SER A 252 -27.31 7.62 41.96
CA SER A 252 -26.05 6.92 42.19
C SER A 252 -26.15 5.96 43.38
N VAL A 253 -27.23 6.09 44.16
CA VAL A 253 -27.45 5.24 45.34
C VAL A 253 -28.41 4.09 45.07
N THR A 254 -29.65 4.39 44.70
CA THR A 254 -30.66 3.34 44.54
C THR A 254 -30.75 2.86 43.10
N ASN A 255 -30.81 1.54 42.92
CA ASN A 255 -31.04 0.92 41.61
C ASN A 255 -32.15 1.65 40.85
N ALA A 256 -31.88 2.02 39.60
CA ALA A 256 -32.88 2.66 38.74
C ALA A 256 -34.15 1.81 38.64
N THR A 257 -35.30 2.48 38.54
CA THR A 257 -36.57 1.79 38.69
C THR A 257 -37.45 1.81 37.42
N SER A 258 -37.47 0.68 36.71
CA SER A 258 -38.11 0.56 35.39
C SER A 258 -39.61 0.30 35.42
N ILE A 259 -40.37 1.17 34.77
CA ILE A 259 -41.81 0.99 34.67
C ILE A 259 -42.09 0.02 33.54
N GLN A 260 -43.03 -0.89 33.76
CA GLN A 260 -43.44 -1.83 32.73
C GLN A 260 -44.74 -1.39 32.09
N ILE A 261 -44.83 -1.54 30.77
CA ILE A 261 -46.09 -1.40 30.08
C ILE A 261 -46.45 -2.79 29.56
N THR A 262 -47.42 -3.43 30.21
CA THR A 262 -47.83 -4.79 29.83
C THR A 262 -48.69 -4.79 28.58
N ALA A 263 -48.58 -5.85 27.78
CA ALA A 263 -49.38 -5.96 26.56
C ALA A 263 -50.90 -5.87 26.83
N PRO A 264 -51.67 -5.42 25.82
CA PRO A 264 -53.13 -5.43 25.98
C PRO A 264 -53.66 -6.84 26.20
N ALA A 265 -54.81 -6.95 26.87
CA ALA A 265 -55.42 -8.25 27.14
C ALA A 265 -55.63 -9.08 25.88
N SER A 266 -56.02 -8.43 24.78
CA SER A 266 -56.16 -9.09 23.48
C SER A 266 -54.87 -9.74 23.00
N MET A 267 -53.77 -9.40 23.65
CA MET A 267 -52.49 -10.00 23.29
C MET A 267 -52.04 -11.06 24.28
N LEU A 268 -52.29 -10.81 25.56
CA LEU A 268 -51.84 -11.72 26.63
C LEU A 268 -52.51 -13.08 26.59
N ILE A 269 -53.64 -13.15 25.89
CA ILE A 269 -54.42 -14.36 25.74
C ILE A 269 -53.57 -15.56 25.21
N GLY A 270 -52.54 -15.26 24.42
CA GLY A 270 -51.59 -16.27 23.96
C GLY A 270 -50.28 -15.67 23.47
N ASP A 271 -49.51 -16.47 22.75
CA ASP A 271 -48.27 -16.02 22.13
C ASP A 271 -48.44 -14.73 21.32
N HIS A 272 -47.48 -13.84 21.46
CA HIS A 272 -47.54 -12.53 20.82
C HIS A 272 -46.18 -11.92 20.57
N TYR A 273 -46.17 -10.80 19.85
CA TYR A 273 -44.95 -10.07 19.54
C TYR A 273 -45.10 -8.58 19.76
N LEU A 274 -44.05 -7.97 20.29
CA LEU A 274 -43.91 -6.53 20.23
C LEU A 274 -43.41 -6.27 18.81
N CYS A 275 -44.13 -5.46 18.03
CA CYS A 275 -43.70 -5.27 16.63
C CYS A 275 -43.43 -3.83 16.22
N ASP A 276 -43.81 -2.87 17.06
CA ASP A 276 -43.52 -1.46 16.79
C ASP A 276 -43.45 -0.63 18.09
N VAL A 277 -42.40 0.19 18.20
CA VAL A 277 -42.29 1.15 19.27
C VAL A 277 -42.12 2.54 18.68
N THR A 278 -43.09 3.41 18.93
CA THR A 278 -43.05 4.77 18.42
C THR A 278 -43.50 5.79 19.45
N TRP A 279 -42.58 6.68 19.80
CA TRP A 279 -42.85 7.78 20.69
C TRP A 279 -43.72 8.83 19.99
N ALA A 280 -44.85 9.15 20.61
CA ALA A 280 -45.79 10.09 20.04
C ALA A 280 -45.41 11.50 20.44
N THR A 281 -45.29 11.72 21.75
CA THR A 281 -44.94 13.01 22.31
C THR A 281 -43.96 12.80 23.46
N GLN A 282 -43.70 13.84 24.24
CA GLN A 282 -42.74 13.75 25.35
C GLN A 282 -43.15 12.74 26.38
N GLU A 283 -44.46 12.62 26.58
CA GLU A 283 -45.00 11.72 27.59
C GLU A 283 -46.03 10.76 27.01
N ARG A 284 -45.93 10.50 25.71
CA ARG A 284 -46.80 9.52 25.07
C ARG A 284 -46.01 8.60 24.13
N ILE A 285 -46.16 7.31 24.32
CA ILE A 285 -45.52 6.31 23.46
C ILE A 285 -46.55 5.31 22.95
N SER A 286 -46.47 4.96 21.66
CA SER A 286 -47.40 3.99 21.08
C SER A 286 -46.70 2.66 20.88
N LEU A 287 -47.40 1.58 21.17
CA LEU A 287 -46.84 0.25 20.96
C LEU A 287 -47.78 -0.61 20.14
N GLN A 288 -47.18 -1.35 19.22
CA GLN A 288 -47.93 -2.28 18.42
C GLN A 288 -47.52 -3.69 18.77
N TRP A 289 -48.52 -4.48 19.12
CA TRP A 289 -48.33 -5.87 19.41
C TRP A 289 -49.07 -6.69 18.35
N LEU A 290 -48.48 -7.83 17.98
CA LEU A 290 -49.02 -8.76 17.00
C LEU A 290 -49.24 -10.07 17.71
N ARG A 291 -50.35 -10.74 17.42
CA ARG A 291 -50.56 -12.11 17.91
C ARG A 291 -49.61 -13.04 17.16
N ARG A 292 -49.40 -14.25 17.71
CA ARG A 292 -48.58 -15.23 16.99
C ARG A 292 -49.23 -15.63 15.66
N ILE A 293 -50.54 -15.89 15.66
CA ILE A 293 -51.27 -16.02 14.40
C ILE A 293 -51.43 -14.61 13.85
N GLN A 294 -50.52 -14.24 12.95
CA GLN A 294 -50.28 -12.84 12.62
C GLN A 294 -51.29 -12.12 11.74
N ASN A 295 -52.58 -12.32 11.99
CA ASN A 295 -53.60 -11.59 11.25
C ASN A 295 -54.39 -10.59 12.13
N TYR A 296 -53.94 -10.40 13.37
CA TYR A 296 -54.58 -9.49 14.30
C TYR A 296 -53.54 -8.79 15.15
N SER A 297 -53.47 -7.47 15.03
CA SER A 297 -52.55 -6.68 15.84
C SER A 297 -53.27 -5.55 16.56
N VAL A 298 -52.65 -5.04 17.64
CA VAL A 298 -53.24 -3.97 18.43
C VAL A 298 -52.20 -2.86 18.72
N MET A 299 -52.65 -1.61 18.69
CA MET A 299 -51.82 -0.48 19.05
C MET A 299 -52.33 0.11 20.35
N ASP A 300 -51.49 0.12 21.37
CA ASP A 300 -51.74 0.82 22.62
C ASP A 300 -51.17 2.23 22.54
N ILE A 301 -51.90 3.21 23.05
CA ILE A 301 -51.33 4.54 23.23
C ILE A 301 -51.22 4.84 24.72
N CYS A 302 -49.99 5.03 25.17
CA CYS A 302 -49.69 5.10 26.59
C CYS A 302 -49.14 6.46 27.00
N ASP A 303 -49.86 7.12 27.90
CA ASP A 303 -49.47 8.40 28.45
C ASP A 303 -48.79 8.22 29.80
N TYR A 304 -47.77 9.06 30.06
CA TYR A 304 -47.12 9.11 31.35
C TYR A 304 -48.06 9.74 32.36
N ASP A 305 -48.05 9.23 33.59
CA ASP A 305 -48.95 9.70 34.63
C ASP A 305 -48.21 10.27 35.86
N GLU A 306 -48.59 11.49 36.22
CA GLU A 306 -47.91 12.29 37.25
C GLU A 306 -47.96 11.71 38.66
N SER A 307 -49.17 11.55 39.18
CA SER A 307 -49.40 11.14 40.58
C SER A 307 -48.91 9.73 40.91
N SER A 308 -48.50 8.96 39.89
CA SER A 308 -48.11 7.56 40.08
C SER A 308 -46.77 7.21 39.46
N GLY A 309 -46.23 8.11 38.64
CA GLY A 309 -44.97 7.87 37.93
C GLY A 309 -45.03 6.64 37.03
N ARG A 310 -46.22 6.36 36.52
CA ARG A 310 -46.44 5.17 35.71
C ARG A 310 -47.00 5.53 34.34
N TRP A 311 -47.27 4.50 33.55
CA TRP A 311 -47.76 4.66 32.20
C TRP A 311 -49.06 3.90 32.03
N ASN A 312 -50.11 4.60 31.64
CA ASN A 312 -51.41 3.99 31.43
C ASN A 312 -51.84 4.05 29.97
N CYS A 313 -52.26 2.90 29.44
CA CYS A 313 -52.71 2.82 28.04
C CYS A 313 -54.22 2.63 27.96
N LEU A 314 -54.96 3.74 28.02
CA LEU A 314 -56.43 3.71 27.93
C LEU A 314 -56.96 2.66 26.95
N VAL A 315 -57.61 1.62 27.48
CA VAL A 315 -58.15 0.53 26.66
C VAL A 315 -59.01 1.05 25.52
N ALA A 316 -59.75 2.13 25.78
CA ALA A 316 -60.51 2.82 24.73
C ALA A 316 -59.61 3.33 23.59
N ARG A 317 -58.38 3.75 23.93
CA ARG A 317 -57.41 4.30 22.95
C ARG A 317 -56.67 3.24 22.12
N GLN A 318 -57.07 1.98 22.24
CA GLN A 318 -56.46 0.89 21.48
C GLN A 318 -56.92 0.94 20.04
N HIS A 319 -56.00 0.75 19.12
CA HIS A 319 -56.35 0.69 17.73
C HIS A 319 -56.02 -0.68 17.16
N ILE A 320 -57.05 -1.40 16.74
CA ILE A 320 -56.89 -2.71 16.14
C ILE A 320 -56.63 -2.60 14.63
N GLU A 321 -55.63 -3.32 14.15
CA GLU A 321 -55.48 -3.59 12.73
C GLU A 321 -55.43 -5.10 12.53
N MET A 322 -56.41 -5.61 11.77
CA MET A 322 -56.49 -7.02 11.41
C MET A 322 -56.56 -7.21 9.90
N SER A 323 -56.66 -8.47 9.48
CA SER A 323 -56.68 -8.87 8.07
C SER A 323 -57.40 -10.21 7.97
N THR A 324 -58.43 -10.26 7.13
CA THR A 324 -59.26 -11.47 7.00
C THR A 324 -58.85 -12.31 5.81
N THR A 325 -57.94 -11.79 4.97
CA THR A 325 -57.52 -12.50 3.77
C THR A 325 -56.05 -12.86 3.80
N GLY A 326 -55.36 -12.44 4.86
CA GLY A 326 -53.94 -12.69 4.98
C GLY A 326 -53.46 -12.25 6.33
N TRP A 327 -52.26 -11.66 6.34
CA TRP A 327 -51.59 -11.23 7.54
C TRP A 327 -51.60 -9.71 7.60
N VAL A 328 -51.30 -9.15 8.77
CA VAL A 328 -51.28 -7.70 8.90
C VAL A 328 -49.94 -7.14 8.44
N GLY A 329 -50.01 -6.05 7.67
CA GLY A 329 -48.83 -5.35 7.17
C GLY A 329 -48.20 -6.05 5.98
N ARG A 330 -47.12 -5.45 5.49
CA ARG A 330 -46.40 -6.03 4.37
C ARG A 330 -45.51 -7.12 4.92
N PHE A 331 -44.66 -6.74 5.87
CA PHE A 331 -43.88 -7.69 6.63
C PHE A 331 -44.13 -7.52 8.12
N ARG A 332 -44.90 -6.50 8.48
CA ARG A 332 -45.37 -6.19 9.84
C ARG A 332 -46.28 -4.98 9.75
N PRO A 333 -47.21 -4.79 10.71
CA PRO A 333 -48.01 -3.56 10.65
C PRO A 333 -47.13 -2.31 10.55
N SER A 334 -47.58 -1.35 9.74
CA SER A 334 -46.86 -0.11 9.47
C SER A 334 -46.73 0.74 10.72
N GLU A 335 -45.71 1.59 10.73
CA GLU A 335 -45.46 2.51 11.84
C GLU A 335 -46.39 3.72 11.72
N PRO A 336 -46.78 4.28 12.88
CA PRO A 336 -47.52 5.54 12.86
C PRO A 336 -46.62 6.77 12.73
N HIS A 337 -47.19 7.88 12.25
CA HIS A 337 -46.51 9.17 12.23
C HIS A 337 -47.41 10.17 12.93
N PHE A 338 -46.98 10.71 14.07
CA PHE A 338 -47.85 11.54 14.89
C PHE A 338 -47.74 13.03 14.59
N THR A 339 -48.88 13.69 14.52
CA THR A 339 -48.92 15.16 14.42
C THR A 339 -48.30 15.68 15.70
N LEU A 340 -47.69 16.87 15.65
CA LEU A 340 -46.88 17.36 16.77
C LEU A 340 -47.56 17.19 18.14
N ASP A 341 -48.84 17.54 18.23
CA ASP A 341 -49.61 17.42 19.47
C ASP A 341 -49.88 15.97 19.87
N GLY A 342 -49.61 15.03 18.96
CA GLY A 342 -49.74 13.62 19.23
C GLY A 342 -51.15 13.12 19.48
N ASN A 343 -52.14 13.94 19.14
CA ASN A 343 -53.54 13.54 19.25
C ASN A 343 -54.07 12.90 17.96
N SER A 344 -53.20 12.83 16.95
CA SER A 344 -53.52 12.28 15.64
C SER A 344 -52.28 11.64 15.06
N PHE A 345 -52.48 10.65 14.19
CA PHE A 345 -51.38 10.02 13.47
C PHE A 345 -51.82 9.49 12.11
N TYR A 346 -50.84 9.33 11.21
CA TYR A 346 -51.08 8.77 9.90
C TYR A 346 -50.35 7.45 9.80
N LYS A 347 -51.02 6.42 9.31
CA LYS A 347 -50.33 5.17 8.95
C LYS A 347 -50.92 4.46 7.74
N ILE A 348 -50.07 3.72 7.04
CA ILE A 348 -50.46 2.93 5.88
C ILE A 348 -51.19 1.65 6.31
N ILE A 349 -52.40 1.47 5.80
CA ILE A 349 -53.20 0.24 6.00
C ILE A 349 -53.86 -0.17 4.68
N SER A 350 -54.22 -1.44 4.52
CA SER A 350 -55.01 -1.86 3.35
C SER A 350 -56.37 -1.19 3.38
N ASN A 351 -56.78 -0.59 2.28
CA ASN A 351 -58.16 -0.12 2.20
C ASN A 351 -59.13 -1.29 1.97
N GLU A 352 -60.40 -0.99 1.72
CA GLU A 352 -61.38 -2.03 1.49
C GLU A 352 -61.14 -2.73 0.16
N GLU A 353 -60.41 -2.07 -0.75
CA GLU A 353 -60.02 -2.70 -2.01
C GLU A 353 -58.72 -3.50 -1.87
N GLY A 354 -58.12 -3.49 -0.69
CA GLY A 354 -56.88 -4.22 -0.46
C GLY A 354 -55.62 -3.49 -0.91
N TYR A 355 -55.76 -2.24 -1.34
CA TYR A 355 -54.60 -1.42 -1.62
C TYR A 355 -54.18 -0.62 -0.41
N ARG A 356 -52.87 -0.57 -0.19
CA ARG A 356 -52.29 0.08 0.98
C ARG A 356 -52.12 1.58 0.80
N HIS A 357 -52.92 2.33 1.56
CA HIS A 357 -52.99 3.79 1.48
C HIS A 357 -52.92 4.40 2.88
N ILE A 358 -52.75 5.72 2.94
CA ILE A 358 -52.55 6.40 4.21
C ILE A 358 -53.88 6.65 4.91
N CYS A 359 -53.98 6.25 6.18
CA CYS A 359 -55.16 6.53 6.99
C CYS A 359 -54.85 7.50 8.12
N TYR A 360 -55.67 8.53 8.22
CA TYR A 360 -55.53 9.53 9.26
C TYR A 360 -56.32 9.02 10.44
N PHE A 361 -55.65 8.82 11.56
CA PHE A 361 -56.30 8.37 12.76
C PHE A 361 -56.37 9.50 13.76
N GLN A 362 -57.46 9.56 14.50
CA GLN A 362 -57.54 10.46 15.64
C GLN A 362 -57.44 9.56 16.86
N ILE A 363 -56.61 9.96 17.82
CA ILE A 363 -56.29 9.15 19.00
C ILE A 363 -57.52 8.59 19.71
N ASP A 364 -58.56 9.41 19.82
CA ASP A 364 -59.76 9.04 20.57
C ASP A 364 -60.95 8.50 19.76
N LYS A 365 -60.69 7.86 18.62
CA LYS A 365 -61.75 7.15 17.85
C LYS A 365 -61.31 6.08 16.85
N LYS A 366 -62.21 5.13 16.60
CA LYS A 366 -61.92 3.94 15.76
C LYS A 366 -61.77 4.24 14.27
N ASP A 367 -62.72 4.98 13.71
CA ASP A 367 -62.75 5.26 12.27
C ASP A 367 -61.68 6.25 11.83
N CYS A 368 -60.62 5.73 11.22
CA CYS A 368 -59.72 6.59 10.49
C CYS A 368 -60.39 6.94 9.16
N THR A 369 -60.04 8.09 8.60
CA THR A 369 -60.44 8.38 7.25
C THR A 369 -59.21 8.26 6.35
N PHE A 370 -59.38 7.65 5.18
CA PHE A 370 -58.28 7.48 4.22
C PHE A 370 -57.99 8.78 3.48
N ILE A 371 -56.71 9.10 3.32
CA ILE A 371 -56.34 10.36 2.66
C ILE A 371 -55.73 10.16 1.26
N THR A 372 -55.35 8.91 0.95
CA THR A 372 -55.03 8.53 -0.43
C THR A 372 -55.93 7.38 -0.90
N LYS A 373 -56.08 7.26 -2.21
CA LYS A 373 -56.98 6.28 -2.83
C LYS A 373 -56.40 5.84 -4.18
N GLY A 374 -56.65 4.59 -4.56
CA GLY A 374 -56.31 4.15 -5.91
C GLY A 374 -55.84 2.72 -6.05
N THR A 375 -55.60 2.32 -7.30
CA THR A 375 -55.07 1.01 -7.56
C THR A 375 -53.56 1.17 -7.78
N TRP A 376 -52.92 1.59 -6.70
CA TRP A 376 -51.48 1.71 -6.57
C TRP A 376 -51.28 1.73 -5.06
N GLU A 377 -50.04 1.74 -4.60
CA GLU A 377 -49.82 1.73 -3.16
C GLU A 377 -48.83 2.75 -2.65
N VAL A 378 -49.07 3.21 -1.43
CA VAL A 378 -48.14 4.03 -0.70
C VAL A 378 -47.05 3.12 -0.14
N ILE A 379 -45.80 3.42 -0.47
CA ILE A 379 -44.66 2.61 -0.03
C ILE A 379 -44.26 3.04 1.36
N GLY A 380 -44.37 4.33 1.63
CA GLY A 380 -43.93 4.89 2.91
C GLY A 380 -44.35 6.32 3.14
N ILE A 381 -44.56 6.66 4.41
CA ILE A 381 -44.74 8.04 4.82
C ILE A 381 -43.35 8.54 5.17
N GLU A 382 -42.93 9.60 4.52
CA GLU A 382 -41.54 10.00 4.59
C GLU A 382 -41.24 11.13 5.56
N ALA A 383 -42.16 12.08 5.70
CA ALA A 383 -41.99 13.11 6.70
C ALA A 383 -43.31 13.81 6.80
N LEU A 384 -43.64 14.29 8.00
CA LEU A 384 -44.84 15.09 8.11
C LEU A 384 -44.62 16.40 8.87
N THR A 385 -45.14 17.47 8.28
CA THR A 385 -45.06 18.81 8.84
C THR A 385 -46.46 19.23 9.33
N SER A 386 -46.61 20.49 9.75
CA SER A 386 -47.93 20.96 10.11
C SER A 386 -48.79 21.20 8.86
N ASP A 387 -48.13 21.46 7.73
CA ASP A 387 -48.80 21.87 6.50
C ASP A 387 -48.96 20.75 5.46
N TYR A 388 -48.01 19.81 5.42
CA TYR A 388 -47.99 18.74 4.39
C TYR A 388 -47.54 17.38 4.90
N LEU A 389 -48.01 16.32 4.21
CA LEU A 389 -47.54 14.95 4.39
C LEU A 389 -46.78 14.52 3.14
N TYR A 390 -45.57 13.99 3.34
CA TYR A 390 -44.75 13.53 2.24
C TYR A 390 -44.68 12.00 2.21
N TYR A 391 -45.00 11.42 1.05
CA TYR A 391 -44.93 9.97 0.90
C TYR A 391 -44.29 9.55 -0.43
N ILE A 392 -43.92 8.28 -0.48
CA ILE A 392 -43.46 7.64 -1.71
C ILE A 392 -44.49 6.59 -2.10
N SER A 393 -44.77 6.47 -3.41
CA SER A 393 -45.76 5.53 -3.90
C SER A 393 -45.50 5.15 -5.34
N ASN A 394 -46.07 4.02 -5.75
CA ASN A 394 -45.92 3.52 -7.12
C ASN A 394 -47.07 3.90 -8.04
N GLU A 395 -47.55 5.13 -7.92
CA GLU A 395 -48.73 5.61 -8.64
C GLU A 395 -48.47 6.05 -10.07
N TYR A 396 -47.35 6.74 -10.29
CA TYR A 396 -47.03 7.35 -11.58
C TYR A 396 -47.06 6.36 -12.70
N LYS A 397 -47.90 6.65 -13.69
CA LYS A 397 -48.07 5.83 -14.89
C LYS A 397 -48.42 4.37 -14.60
N GLY A 398 -49.03 4.13 -13.44
CA GLY A 398 -49.57 2.83 -13.09
C GLY A 398 -48.52 1.75 -12.98
N MET A 399 -47.31 2.15 -12.64
CA MET A 399 -46.15 1.25 -12.59
C MET A 399 -45.79 0.79 -11.17
N PRO A 400 -46.17 -0.47 -10.81
CA PRO A 400 -45.87 -0.95 -9.47
C PRO A 400 -44.39 -0.87 -9.12
N GLY A 401 -43.53 -0.91 -10.14
CA GLY A 401 -42.08 -0.97 -9.93
C GLY A 401 -41.35 0.35 -10.13
N GLY A 402 -42.08 1.45 -9.94
CA GLY A 402 -41.49 2.78 -9.92
C GLY A 402 -41.72 3.43 -8.57
N ARG A 403 -40.91 4.44 -8.25
CA ARG A 403 -41.08 5.14 -6.97
C ARG A 403 -40.92 6.66 -7.13
N ASN A 404 -41.88 7.40 -6.59
CA ASN A 404 -41.90 8.84 -6.68
C ASN A 404 -42.34 9.52 -5.39
N LEU A 405 -41.75 10.68 -5.12
CA LEU A 405 -42.08 11.47 -3.94
C LEU A 405 -43.28 12.36 -4.21
N TYR A 406 -44.29 12.25 -3.35
CA TYR A 406 -45.51 13.05 -3.44
C TYR A 406 -45.71 13.86 -2.16
N LYS A 407 -46.20 15.10 -2.32
CA LYS A 407 -46.64 15.88 -1.16
C LYS A 407 -48.16 16.00 -1.17
N ILE A 408 -48.77 15.84 -0.01
CA ILE A 408 -50.22 15.93 0.10
C ILE A 408 -50.61 17.04 1.08
N GLN A 409 -51.51 17.92 0.63
CA GLN A 409 -51.90 19.08 1.41
C GLN A 409 -52.91 18.73 2.51
N LEU A 410 -52.43 18.70 3.74
CA LEU A 410 -53.20 18.28 4.91
C LEU A 410 -54.54 18.98 5.10
N SER A 411 -54.68 20.16 4.50
CA SER A 411 -55.91 20.94 4.62
C SER A 411 -56.87 20.70 3.46
N ASP A 412 -56.48 19.80 2.55
CA ASP A 412 -57.25 19.44 1.35
C ASP A 412 -56.56 18.29 0.61
N TYR A 413 -56.96 17.05 0.95
CA TYR A 413 -56.33 15.82 0.43
C TYR A 413 -56.30 15.75 -1.08
N THR A 414 -57.26 16.40 -1.72
CA THR A 414 -57.33 16.42 -3.18
C THR A 414 -56.11 17.04 -3.88
N LYS A 415 -55.35 17.84 -3.13
CA LYS A 415 -54.20 18.54 -3.68
C LYS A 415 -52.92 17.81 -3.36
N VAL A 416 -52.42 17.10 -4.37
CA VAL A 416 -51.28 16.18 -4.22
C VAL A 416 -50.28 16.39 -5.37
N THR A 417 -49.08 16.83 -5.03
CA THR A 417 -48.09 17.15 -6.05
C THR A 417 -47.04 16.07 -6.13
N CYS A 418 -46.77 15.57 -7.33
CA CYS A 418 -45.63 14.70 -7.49
C CYS A 418 -44.38 15.56 -7.55
N LEU A 419 -43.56 15.42 -6.51
CA LEU A 419 -42.36 16.25 -6.35
C LEU A 419 -41.20 15.78 -7.21
N SER A 420 -41.29 14.56 -7.75
CA SER A 420 -40.19 13.94 -8.46
C SER A 420 -40.50 13.36 -9.85
N CYS A 421 -41.78 13.17 -10.15
CA CYS A 421 -42.23 12.56 -11.40
C CYS A 421 -41.59 13.16 -12.66
N GLU A 422 -41.64 14.49 -12.78
CA GLU A 422 -41.11 15.16 -13.97
C GLU A 422 -39.72 15.77 -13.84
N LEU A 423 -39.05 15.55 -12.71
CA LEU A 423 -37.69 16.06 -12.53
C LEU A 423 -36.76 15.45 -13.55
N ASN A 424 -37.06 14.21 -13.94
CA ASN A 424 -36.45 13.59 -15.10
C ASN A 424 -37.16 12.29 -15.46
N PRO A 425 -38.20 12.41 -16.31
CA PRO A 425 -39.06 11.27 -16.66
C PRO A 425 -38.34 10.13 -17.37
N GLU A 426 -37.34 10.46 -18.19
CA GLU A 426 -36.62 9.46 -18.98
C GLU A 426 -35.71 8.60 -18.08
N ARG A 427 -34.77 9.26 -17.41
CA ARG A 427 -33.75 8.53 -16.61
C ARG A 427 -34.17 8.14 -15.18
N CYS A 428 -35.20 8.78 -14.64
CA CYS A 428 -35.56 8.62 -13.23
C CYS A 428 -37.01 8.24 -13.02
N GLN A 429 -37.21 7.07 -12.41
CA GLN A 429 -38.55 6.53 -12.13
C GLN A 429 -38.55 5.78 -10.80
N TYR A 430 -37.43 5.84 -10.07
CA TYR A 430 -37.31 5.15 -8.79
C TYR A 430 -36.61 6.02 -7.75
N TYR A 431 -37.37 6.85 -7.05
CA TYR A 431 -36.78 7.79 -6.09
C TYR A 431 -36.89 7.29 -4.65
N SER A 432 -35.91 7.67 -3.85
CA SER A 432 -36.00 7.65 -2.39
C SER A 432 -35.62 9.05 -1.86
N VAL A 433 -36.01 9.35 -0.62
CA VAL A 433 -35.83 10.70 -0.07
C VAL A 433 -35.33 10.69 1.37
N SER A 434 -34.45 11.63 1.69
CA SER A 434 -34.07 11.94 3.06
C SER A 434 -34.31 13.43 3.36
N PHE A 435 -35.14 13.69 4.36
CA PHE A 435 -35.47 15.05 4.75
C PHE A 435 -34.58 15.54 5.87
N SER A 436 -34.33 16.84 5.92
CA SER A 436 -33.67 17.46 7.06
C SER A 436 -34.49 17.28 8.35
N LYS A 437 -33.91 17.68 9.49
CA LYS A 437 -34.51 17.42 10.81
C LYS A 437 -35.95 17.91 10.94
N GLU A 438 -36.24 19.08 10.38
CA GLU A 438 -37.59 19.62 10.41
C GLU A 438 -38.16 19.70 8.99
N ALA A 439 -37.50 18.99 8.08
CA ALA A 439 -37.98 18.77 6.72
C ALA A 439 -37.99 20.00 5.81
N LYS A 440 -37.20 21.02 6.15
CA LYS A 440 -37.08 22.20 5.30
C LYS A 440 -36.33 21.87 4.01
N TYR A 441 -35.45 20.87 4.08
CA TYR A 441 -34.77 20.37 2.92
C TYR A 441 -34.99 18.88 2.75
N TYR A 442 -34.76 18.41 1.53
CA TYR A 442 -34.77 16.99 1.27
C TYR A 442 -33.80 16.65 0.15
N GLN A 443 -33.25 15.44 0.24
CA GLN A 443 -32.34 14.92 -0.77
C GLN A 443 -33.07 13.82 -1.52
N LEU A 444 -33.02 13.89 -2.84
CA LEU A 444 -33.62 12.84 -3.66
C LEU A 444 -32.56 11.86 -4.14
N ARG A 445 -32.83 10.57 -3.94
CA ARG A 445 -32.04 9.52 -4.57
C ARG A 445 -32.87 8.83 -5.64
N CYS A 446 -32.54 9.12 -6.89
CA CYS A 446 -33.08 8.43 -8.03
C CYS A 446 -32.16 7.26 -8.32
N SER A 447 -32.76 6.08 -8.39
CA SER A 447 -32.00 4.83 -8.47
C SER A 447 -32.06 4.17 -9.84
N GLY A 448 -32.87 4.72 -10.73
CA GLY A 448 -33.03 4.17 -12.07
C GLY A 448 -34.20 4.78 -12.80
N PRO A 449 -34.43 4.35 -14.07
CA PRO A 449 -33.66 3.34 -14.79
C PRO A 449 -32.31 3.83 -15.30
N GLY A 450 -32.11 5.15 -15.34
CA GLY A 450 -30.82 5.73 -15.72
C GLY A 450 -29.86 5.56 -14.58
N LEU A 451 -28.62 6.03 -14.77
CA LEU A 451 -27.62 5.98 -13.70
C LEU A 451 -28.14 6.79 -12.53
N PRO A 452 -27.86 6.35 -11.29
CA PRO A 452 -28.35 7.08 -10.12
C PRO A 452 -27.97 8.57 -10.09
N LEU A 453 -28.91 9.39 -9.65
CA LEU A 453 -28.77 10.84 -9.61
C LEU A 453 -29.21 11.29 -8.22
N TYR A 454 -28.37 12.08 -7.56
CA TYR A 454 -28.65 12.57 -6.22
C TYR A 454 -28.78 14.09 -6.27
N THR A 455 -29.88 14.60 -5.71
CA THR A 455 -30.20 16.03 -5.80
C THR A 455 -30.70 16.56 -4.46
N LEU A 456 -30.48 17.86 -4.23
CA LEU A 456 -30.85 18.49 -2.98
C LEU A 456 -31.95 19.53 -3.22
N HIS A 457 -32.95 19.52 -2.36
CA HIS A 457 -34.16 20.32 -2.56
C HIS A 457 -34.63 21.07 -1.31
N SER A 458 -35.06 22.31 -1.52
CA SER A 458 -35.74 23.09 -0.48
C SER A 458 -37.23 22.78 -0.51
N SER A 459 -37.86 22.67 0.66
CA SER A 459 -39.27 22.36 0.74
C SER A 459 -40.18 23.52 0.34
N VAL A 460 -40.06 24.66 1.03
CA VAL A 460 -41.00 25.79 0.87
C VAL A 460 -41.60 25.96 -0.55
N ASN A 461 -40.75 26.03 -1.57
CA ASN A 461 -41.21 26.14 -2.96
C ASN A 461 -40.98 24.86 -3.77
N ASP A 462 -40.26 23.92 -3.16
CA ASP A 462 -39.93 22.61 -3.77
C ASP A 462 -38.95 22.67 -4.94
N LYS A 463 -38.29 23.82 -5.12
CA LYS A 463 -37.28 23.98 -6.16
C LYS A 463 -36.06 23.12 -5.90
N GLY A 464 -35.39 22.72 -6.98
CA GLY A 464 -34.12 21.99 -6.92
C GLY A 464 -32.99 22.98 -6.71
N LEU A 465 -31.99 22.57 -5.93
CA LEU A 465 -30.87 23.46 -5.61
C LEU A 465 -29.65 23.13 -6.43
N ARG A 466 -29.20 21.88 -6.35
CA ARG A 466 -28.08 21.40 -7.16
C ARG A 466 -28.04 19.89 -7.25
N VAL A 467 -27.36 19.43 -8.29
CA VAL A 467 -26.99 18.05 -8.47
C VAL A 467 -25.86 17.74 -7.47
N LEU A 468 -26.10 16.76 -6.58
CA LEU A 468 -25.08 16.31 -5.61
C LEU A 468 -24.14 15.25 -6.20
N GLU A 469 -24.69 14.32 -6.96
CA GLU A 469 -23.90 13.33 -7.68
C GLU A 469 -24.70 12.91 -8.91
N ASP A 470 -24.05 12.86 -10.05
CA ASP A 470 -24.74 12.52 -11.30
C ASP A 470 -24.11 11.36 -12.05
N ASN A 471 -23.10 10.74 -11.44
CA ASN A 471 -22.39 9.62 -12.04
C ASN A 471 -21.95 9.91 -13.48
N SER A 472 -21.43 11.11 -13.71
CA SER A 472 -20.89 11.45 -15.02
C SER A 472 -19.60 10.67 -15.22
N ALA A 473 -18.90 10.39 -14.12
CA ALA A 473 -17.67 9.61 -14.16
C ALA A 473 -17.98 8.19 -14.66
N LEU A 474 -19.00 7.58 -14.06
CA LEU A 474 -19.47 6.29 -14.51
C LEU A 474 -19.93 6.35 -15.96
N ASP A 475 -20.67 7.41 -16.30
CA ASP A 475 -21.24 7.60 -17.62
C ASP A 475 -20.21 7.54 -18.74
N LYS A 476 -19.06 8.19 -18.50
CA LYS A 476 -17.96 8.23 -19.48
C LYS A 476 -17.54 6.81 -19.81
N MET A 477 -17.16 6.09 -18.77
CA MET A 477 -16.60 4.75 -18.88
C MET A 477 -17.52 3.78 -19.59
N LEU A 478 -18.80 3.82 -19.26
CA LEU A 478 -19.80 2.93 -19.88
C LEU A 478 -19.99 3.12 -21.40
N GLN A 479 -19.49 4.22 -21.95
CA GLN A 479 -19.73 4.52 -23.37
C GLN A 479 -19.08 3.56 -24.36
N ASN A 480 -17.81 3.21 -24.13
CA ASN A 480 -17.13 2.25 -25.00
C ASN A 480 -17.22 0.79 -24.52
N VAL A 481 -18.16 0.50 -23.60
CA VAL A 481 -18.50 -0.88 -23.23
C VAL A 481 -19.94 -1.29 -23.59
N GLN A 482 -20.07 -2.43 -24.29
CA GLN A 482 -21.36 -2.91 -24.77
C GLN A 482 -22.30 -3.34 -23.63
N MET A 483 -23.22 -2.45 -23.28
CA MET A 483 -24.09 -2.63 -22.13
C MET A 483 -25.47 -3.20 -22.47
N PRO A 484 -26.03 -4.00 -21.55
CA PRO A 484 -27.35 -4.54 -21.79
C PRO A 484 -28.41 -3.47 -21.55
N SER A 485 -29.66 -3.78 -21.91
CA SER A 485 -30.77 -2.89 -21.65
C SER A 485 -31.84 -3.62 -20.83
N LYS A 486 -32.87 -2.88 -20.44
CA LYS A 486 -33.82 -3.36 -19.47
C LYS A 486 -35.20 -3.17 -20.02
N LYS A 487 -35.90 -4.26 -20.33
CA LYS A 487 -37.30 -4.13 -20.71
C LYS A 487 -38.18 -4.40 -19.49
N LEU A 488 -38.98 -3.40 -19.13
CA LEU A 488 -39.91 -3.49 -18.03
C LEU A 488 -41.30 -3.43 -18.62
N ASP A 489 -42.14 -4.39 -18.26
CA ASP A 489 -43.44 -4.53 -18.92
C ASP A 489 -44.28 -5.58 -18.19
N PHE A 490 -45.51 -5.78 -18.64
CA PHE A 490 -46.42 -6.70 -17.99
C PHE A 490 -47.03 -7.65 -19.01
N ILE A 491 -47.39 -8.84 -18.54
CA ILE A 491 -48.27 -9.73 -19.30
C ILE A 491 -49.62 -9.77 -18.56
N ILE A 492 -50.66 -10.23 -19.26
CA ILE A 492 -51.97 -10.47 -18.64
C ILE A 492 -52.13 -11.94 -18.27
N LEU A 493 -52.73 -12.20 -17.12
CA LEU A 493 -53.00 -13.54 -16.65
C LEU A 493 -54.28 -13.52 -15.84
N ASN A 494 -55.26 -14.35 -16.23
CA ASN A 494 -56.61 -14.31 -15.64
C ASN A 494 -57.06 -12.87 -15.42
N GLU A 495 -57.01 -12.08 -16.49
CA GLU A 495 -57.43 -10.68 -16.49
C GLU A 495 -56.69 -9.77 -15.49
N THR A 496 -55.40 -10.05 -15.24
CA THR A 496 -54.58 -9.26 -14.30
C THR A 496 -53.18 -8.97 -14.85
N LYS A 497 -52.70 -7.74 -14.64
CA LYS A 497 -51.32 -7.34 -14.98
C LYS A 497 -50.33 -8.05 -14.09
N PHE A 498 -49.34 -8.69 -14.70
CA PHE A 498 -48.19 -9.21 -13.96
C PHE A 498 -46.90 -8.76 -14.59
N TRP A 499 -46.12 -8.01 -13.81
CA TRP A 499 -44.94 -7.32 -14.33
C TRP A 499 -43.75 -8.24 -14.40
N TYR A 500 -42.90 -7.98 -15.38
CA TYR A 500 -41.68 -8.72 -15.59
C TYR A 500 -40.66 -7.73 -16.09
N GLN A 501 -39.39 -8.08 -15.93
CA GLN A 501 -38.31 -7.29 -16.53
C GLN A 501 -37.33 -8.24 -17.18
N MET A 502 -36.68 -7.79 -18.24
CA MET A 502 -35.65 -8.55 -18.90
C MET A 502 -34.38 -7.72 -18.98
N ILE A 503 -33.24 -8.37 -18.79
CA ILE A 503 -31.96 -7.73 -19.05
C ILE A 503 -31.51 -8.25 -20.39
N LEU A 504 -31.71 -7.43 -21.42
CA LEU A 504 -31.48 -7.83 -22.80
C LEU A 504 -30.04 -7.53 -23.18
N PRO A 505 -29.35 -8.54 -23.72
CA PRO A 505 -27.98 -8.40 -24.26
C PRO A 505 -27.84 -7.21 -25.20
N PRO A 506 -26.61 -6.71 -25.39
CA PRO A 506 -26.45 -5.56 -26.28
C PRO A 506 -26.71 -5.97 -27.73
N HIS A 507 -27.06 -5.02 -28.58
CA HIS A 507 -27.36 -5.30 -30.00
C HIS A 507 -28.39 -6.42 -30.15
N PHE A 508 -29.38 -6.39 -29.26
CA PHE A 508 -30.47 -7.34 -29.19
C PHE A 508 -31.29 -7.46 -30.50
N ASP A 509 -31.29 -8.65 -31.08
CA ASP A 509 -32.07 -8.93 -32.28
C ASP A 509 -33.23 -9.88 -31.97
N LYS A 510 -34.46 -9.41 -32.18
CA LYS A 510 -35.64 -10.17 -31.76
C LYS A 510 -36.05 -11.36 -32.64
N SER A 511 -35.32 -11.57 -33.72
CA SER A 511 -35.51 -12.74 -34.57
C SER A 511 -34.47 -13.83 -34.28
N LYS A 512 -33.61 -13.58 -33.30
CA LYS A 512 -32.60 -14.55 -32.91
C LYS A 512 -33.04 -15.18 -31.60
N LYS A 513 -32.72 -16.45 -31.41
CA LYS A 513 -33.15 -17.15 -30.20
C LYS A 513 -32.04 -17.12 -29.14
N TYR A 514 -32.37 -16.53 -27.99
CA TYR A 514 -31.42 -16.37 -26.90
C TYR A 514 -31.70 -17.34 -25.77
N PRO A 515 -30.63 -17.77 -25.07
CA PRO A 515 -30.76 -18.44 -23.79
C PRO A 515 -31.39 -17.50 -22.78
N LEU A 516 -32.17 -18.02 -21.85
CA LEU A 516 -32.83 -17.17 -20.89
C LEU A 516 -32.69 -17.72 -19.49
N LEU A 517 -32.24 -16.88 -18.57
CA LEU A 517 -32.14 -17.28 -17.20
C LEU A 517 -33.16 -16.51 -16.39
N LEU A 518 -34.13 -17.24 -15.84
CA LEU A 518 -35.15 -16.65 -15.00
C LEU A 518 -34.55 -16.48 -13.61
N ASP A 519 -34.39 -15.22 -13.23
CA ASP A 519 -33.84 -14.83 -11.94
C ASP A 519 -35.03 -14.73 -11.03
N VAL A 520 -35.07 -15.55 -9.98
CA VAL A 520 -36.25 -15.60 -9.15
C VAL A 520 -36.01 -15.31 -7.69
N TYR A 521 -36.95 -14.59 -7.08
CA TYR A 521 -37.03 -14.44 -5.64
C TYR A 521 -38.42 -14.90 -5.21
N ALA A 522 -39.44 -14.12 -5.59
CA ALA A 522 -40.86 -14.52 -5.52
C ALA A 522 -41.39 -14.82 -4.14
N GLY A 523 -40.72 -14.32 -3.10
CA GLY A 523 -41.26 -14.41 -1.76
C GLY A 523 -42.41 -13.44 -1.60
N PRO A 524 -43.18 -13.57 -0.52
CA PRO A 524 -44.38 -12.75 -0.38
C PRO A 524 -44.04 -11.26 -0.19
N CYS A 525 -44.79 -10.39 -0.85
CA CYS A 525 -44.48 -8.97 -0.94
C CYS A 525 -43.15 -8.66 -1.62
N SER A 526 -42.60 -9.60 -2.41
CA SER A 526 -41.37 -9.31 -3.15
C SER A 526 -41.70 -8.45 -4.36
N GLN A 527 -40.68 -7.77 -4.87
CA GLN A 527 -40.82 -7.12 -6.13
C GLN A 527 -39.49 -7.20 -6.85
N LYS A 528 -39.49 -7.93 -7.97
CA LYS A 528 -38.27 -8.19 -8.72
C LYS A 528 -38.24 -7.47 -10.05
N ALA A 529 -39.39 -6.91 -10.44
CA ALA A 529 -39.48 -6.14 -11.67
C ALA A 529 -39.58 -4.70 -11.27
N ASP A 530 -38.54 -3.91 -11.55
CA ASP A 530 -38.53 -2.52 -11.15
C ASP A 530 -37.74 -1.61 -12.09
N THR A 531 -37.81 -0.31 -11.84
CA THR A 531 -37.10 0.65 -12.66
C THR A 531 -35.67 0.95 -12.15
N VAL A 532 -35.17 0.12 -11.20
CA VAL A 532 -33.83 0.32 -10.61
C VAL A 532 -32.70 -0.03 -11.59
N PHE A 533 -31.68 0.81 -11.67
CA PHE A 533 -30.50 0.48 -12.46
C PHE A 533 -29.51 -0.31 -11.62
N ARG A 534 -29.01 -1.42 -12.18
CA ARG A 534 -28.06 -2.28 -11.46
C ARG A 534 -26.84 -2.69 -12.29
N LEU A 535 -25.71 -2.85 -11.61
CA LEU A 535 -24.57 -3.56 -12.16
C LEU A 535 -24.40 -4.82 -11.34
N ASN A 536 -24.76 -5.94 -11.93
CA ASN A 536 -24.72 -7.17 -11.18
C ASN A 536 -24.41 -8.37 -12.08
N TRP A 537 -24.63 -9.56 -11.52
CA TRP A 537 -24.40 -10.79 -12.26
C TRP A 537 -25.14 -10.81 -13.60
N ALA A 538 -26.45 -10.63 -13.53
CA ALA A 538 -27.27 -10.48 -14.72
C ALA A 538 -26.63 -9.56 -15.77
N THR A 539 -26.06 -8.43 -15.32
CA THR A 539 -25.42 -7.49 -16.26
C THR A 539 -24.30 -8.16 -17.06
N TYR A 540 -23.49 -8.98 -16.38
CA TYR A 540 -22.42 -9.74 -17.04
C TYR A 540 -22.96 -10.82 -17.98
N LEU A 541 -23.94 -11.57 -17.52
CA LEU A 541 -24.57 -12.63 -18.32
C LEU A 541 -25.19 -12.05 -19.60
N ALA A 542 -25.81 -10.90 -19.48
CA ALA A 542 -26.38 -10.23 -20.63
C ALA A 542 -25.33 -9.62 -21.55
N SER A 543 -24.36 -8.92 -20.96
CA SER A 543 -23.34 -8.21 -21.77
C SER A 543 -22.34 -9.13 -22.43
N THR A 544 -21.87 -10.14 -21.69
CA THR A 544 -20.78 -10.99 -22.15
C THR A 544 -21.27 -12.32 -22.72
N GLU A 545 -22.22 -12.94 -22.06
CA GLU A 545 -22.67 -14.26 -22.47
C GLU A 545 -23.93 -14.23 -23.34
N ASN A 546 -24.46 -13.04 -23.59
CA ASN A 546 -25.71 -12.88 -24.32
C ASN A 546 -26.85 -13.76 -23.81
N ILE A 547 -27.06 -13.75 -22.50
CA ILE A 547 -28.18 -14.47 -21.90
C ILE A 547 -29.25 -13.45 -21.52
N ILE A 548 -30.51 -13.70 -21.87
CA ILE A 548 -31.58 -12.87 -21.33
C ILE A 548 -31.80 -13.30 -19.89
N VAL A 549 -31.69 -12.37 -18.95
CA VAL A 549 -32.04 -12.74 -17.61
C VAL A 549 -33.30 -11.98 -17.21
N ALA A 550 -34.34 -12.74 -16.90
CA ALA A 550 -35.65 -12.20 -16.66
C ALA A 550 -36.07 -12.42 -15.22
N SER A 551 -36.91 -11.52 -14.71
CA SER A 551 -37.56 -11.74 -13.43
C SER A 551 -39.05 -11.46 -13.58
N PHE A 552 -39.85 -11.97 -12.66
CA PHE A 552 -41.28 -11.91 -12.80
C PHE A 552 -41.93 -11.90 -11.43
N ASP A 553 -42.79 -10.91 -11.21
CA ASP A 553 -43.59 -10.83 -10.00
C ASP A 553 -44.96 -11.45 -10.24
N GLY A 554 -45.11 -12.70 -9.83
CA GLY A 554 -46.39 -13.39 -9.91
C GLY A 554 -47.19 -13.18 -8.65
N ARG A 555 -48.08 -14.12 -8.38
CA ARG A 555 -48.92 -13.99 -7.21
C ARG A 555 -48.06 -14.01 -5.95
N GLY A 556 -48.50 -13.29 -4.94
CA GLY A 556 -47.72 -13.15 -3.72
C GLY A 556 -46.77 -11.98 -3.76
N SER A 557 -46.46 -11.50 -4.96
CA SER A 557 -45.59 -10.34 -5.11
C SER A 557 -46.22 -9.10 -4.50
N GLY A 558 -45.41 -8.07 -4.30
CA GLY A 558 -45.83 -6.94 -3.48
C GLY A 558 -46.27 -5.72 -4.25
N TYR A 559 -46.78 -4.73 -3.51
CA TYR A 559 -47.01 -3.38 -4.02
C TYR A 559 -48.11 -3.29 -5.10
N GLN A 560 -48.96 -4.31 -5.16
CA GLN A 560 -50.06 -4.35 -6.12
C GLN A 560 -51.37 -4.72 -5.42
N GLY A 561 -51.38 -4.58 -4.10
CA GLY A 561 -52.60 -4.85 -3.34
C GLY A 561 -52.67 -6.28 -2.82
N ASP A 562 -53.57 -6.47 -1.87
CA ASP A 562 -53.71 -7.74 -1.16
C ASP A 562 -54.21 -8.85 -2.02
N LYS A 563 -55.05 -8.53 -3.01
CA LYS A 563 -55.60 -9.55 -3.89
C LYS A 563 -54.44 -10.40 -4.44
N ILE A 564 -53.39 -9.72 -4.93
CA ILE A 564 -52.18 -10.38 -5.41
C ILE A 564 -51.28 -10.88 -4.27
N MET A 565 -50.92 -9.99 -3.35
CA MET A 565 -50.01 -10.34 -2.27
C MET A 565 -50.56 -11.51 -1.45
N HIS A 566 -51.81 -11.40 -1.03
CA HIS A 566 -52.40 -12.43 -0.18
C HIS A 566 -52.76 -13.72 -0.93
N ALA A 567 -52.54 -13.76 -2.24
CA ALA A 567 -52.90 -14.92 -3.02
C ALA A 567 -52.22 -16.19 -2.51
N ILE A 568 -50.98 -16.06 -2.03
CA ILE A 568 -50.23 -17.22 -1.54
C ILE A 568 -50.34 -17.42 -0.03
N ASN A 569 -51.32 -16.75 0.59
CA ASN A 569 -51.54 -16.92 2.03
C ASN A 569 -51.86 -18.38 2.38
N ARG A 570 -51.02 -18.93 3.25
CA ARG A 570 -51.14 -20.30 3.81
C ARG A 570 -50.78 -21.38 2.80
N ARG A 571 -50.26 -20.97 1.65
CA ARG A 571 -50.06 -21.85 0.52
C ARG A 571 -48.73 -21.51 -0.15
N LEU A 572 -47.69 -21.34 0.64
CA LEU A 572 -46.36 -21.13 0.10
C LEU A 572 -45.90 -22.31 -0.78
N GLY A 573 -45.14 -21.99 -1.83
CA GLY A 573 -44.70 -23.01 -2.77
C GLY A 573 -45.85 -23.57 -3.59
N THR A 574 -46.85 -22.73 -3.85
CA THR A 574 -47.90 -23.08 -4.79
C THR A 574 -47.94 -21.99 -5.86
N PHE A 575 -48.73 -20.94 -5.65
CA PHE A 575 -49.00 -19.97 -6.71
C PHE A 575 -47.76 -19.21 -7.15
N GLU A 576 -46.91 -18.84 -6.20
CA GLU A 576 -45.72 -18.07 -6.55
C GLU A 576 -44.77 -18.94 -7.41
N VAL A 577 -44.82 -20.26 -7.20
CA VAL A 577 -44.01 -21.21 -7.98
C VAL A 577 -44.62 -21.43 -9.36
N GLU A 578 -45.93 -21.67 -9.42
CA GLU A 578 -46.60 -21.88 -10.70
C GLU A 578 -46.37 -20.71 -11.63
N ASP A 579 -46.45 -19.50 -11.09
CA ASP A 579 -46.37 -18.31 -11.92
C ASP A 579 -45.02 -18.08 -12.60
N GLN A 580 -43.94 -18.52 -11.97
CA GLN A 580 -42.61 -18.44 -12.59
C GLN A 580 -42.54 -19.33 -13.81
N ILE A 581 -43.07 -20.55 -13.68
CA ILE A 581 -43.18 -21.48 -14.79
C ILE A 581 -44.03 -20.85 -15.90
N GLU A 582 -45.15 -20.26 -15.51
CA GLU A 582 -46.03 -19.62 -16.46
C GLU A 582 -45.33 -18.45 -17.16
N ALA A 583 -44.64 -17.61 -16.38
CA ALA A 583 -43.87 -16.52 -16.93
C ALA A 583 -42.88 -17.05 -17.95
N ALA A 584 -42.14 -18.09 -17.57
CA ALA A 584 -41.18 -18.72 -18.46
C ALA A 584 -41.83 -19.24 -19.74
N ARG A 585 -43.05 -19.77 -19.61
CA ARG A 585 -43.75 -20.30 -20.76
C ARG A 585 -44.12 -19.18 -21.70
N GLN A 586 -44.58 -18.08 -21.12
CA GLN A 586 -44.96 -16.92 -21.91
C GLN A 586 -43.75 -16.37 -22.62
N PHE A 587 -42.64 -16.23 -21.89
CA PHE A 587 -41.41 -15.72 -22.47
C PHE A 587 -40.99 -16.53 -23.68
N SER A 588 -41.18 -17.85 -23.62
CA SER A 588 -40.82 -18.73 -24.77
C SER A 588 -41.88 -18.78 -25.87
N LYS A 589 -42.76 -17.79 -25.87
CA LYS A 589 -43.71 -17.60 -26.94
C LYS A 589 -43.51 -16.19 -27.49
N MET A 590 -42.49 -15.51 -26.96
CA MET A 590 -42.12 -14.17 -27.42
C MET A 590 -41.21 -14.24 -28.64
N GLY A 591 -40.74 -15.44 -28.96
CA GLY A 591 -40.11 -15.70 -30.24
C GLY A 591 -38.61 -15.52 -30.31
N PHE A 592 -38.04 -14.82 -29.33
CA PHE A 592 -36.59 -14.62 -29.26
C PHE A 592 -35.95 -15.40 -28.12
N VAL A 593 -36.63 -16.43 -27.64
CA VAL A 593 -36.13 -17.18 -26.51
C VAL A 593 -35.90 -18.61 -26.96
N ASP A 594 -34.65 -19.08 -26.96
CA ASP A 594 -34.39 -20.47 -27.30
C ASP A 594 -34.87 -21.34 -26.17
N ASN A 595 -35.96 -22.07 -26.40
CA ASN A 595 -36.53 -22.81 -25.30
C ASN A 595 -35.89 -24.17 -25.05
N LYS A 596 -34.80 -24.44 -25.73
CA LYS A 596 -33.96 -25.57 -25.35
C LYS A 596 -33.01 -25.13 -24.23
N ARG A 597 -32.94 -23.82 -23.99
CA ARG A 597 -31.99 -23.24 -23.05
C ARG A 597 -32.65 -22.22 -22.13
N ILE A 598 -33.66 -22.65 -21.36
CA ILE A 598 -34.23 -21.81 -20.33
C ILE A 598 -33.77 -22.32 -18.97
N ALA A 599 -33.21 -21.43 -18.16
CA ALA A 599 -32.72 -21.80 -16.83
C ALA A 599 -33.36 -20.90 -15.79
N ILE A 600 -33.27 -21.31 -14.53
CA ILE A 600 -33.84 -20.57 -13.42
C ILE A 600 -32.88 -20.65 -12.25
N TRP A 601 -32.69 -19.55 -11.54
CA TRP A 601 -31.83 -19.55 -10.36
C TRP A 601 -32.37 -18.54 -9.37
N GLY A 602 -31.93 -18.67 -8.14
CA GLY A 602 -32.37 -17.78 -7.07
C GLY A 602 -31.75 -18.14 -5.75
N TRP A 603 -31.80 -17.19 -4.83
CA TRP A 603 -31.14 -17.26 -3.53
C TRP A 603 -32.21 -17.23 -2.46
N SER A 604 -31.98 -17.93 -1.35
CA SER A 604 -32.86 -17.83 -0.20
C SER A 604 -34.24 -18.34 -0.58
N TYR A 605 -35.26 -17.50 -0.47
CA TYR A 605 -36.62 -17.84 -0.92
C TYR A 605 -36.62 -18.16 -2.42
N GLY A 606 -35.83 -17.40 -3.18
CA GLY A 606 -35.66 -17.67 -4.59
C GLY A 606 -34.93 -18.97 -4.84
N GLY A 607 -34.22 -19.45 -3.84
CA GLY A 607 -33.57 -20.75 -3.91
C GLY A 607 -34.64 -21.80 -3.79
N TYR A 608 -35.55 -21.61 -2.84
CA TYR A 608 -36.69 -22.49 -2.63
C TYR A 608 -37.51 -22.60 -3.89
N VAL A 609 -37.84 -21.46 -4.50
CA VAL A 609 -38.72 -21.46 -5.66
C VAL A 609 -38.06 -22.16 -6.84
N THR A 610 -36.79 -21.85 -7.07
CA THR A 610 -36.02 -22.48 -8.13
C THR A 610 -36.08 -23.97 -7.96
N SER A 611 -35.89 -24.41 -6.72
CA SER A 611 -35.90 -25.83 -6.40
C SER A 611 -37.30 -26.39 -6.56
N MET A 612 -38.31 -25.65 -6.10
CA MET A 612 -39.68 -26.10 -6.29
C MET A 612 -40.07 -26.15 -7.78
N VAL A 613 -39.55 -25.20 -8.56
CA VAL A 613 -39.79 -25.14 -10.00
C VAL A 613 -39.16 -26.31 -10.73
N LEU A 614 -37.91 -26.62 -10.40
CA LEU A 614 -37.20 -27.70 -11.07
C LEU A 614 -37.77 -29.08 -10.68
N GLY A 615 -38.33 -29.17 -9.48
CA GLY A 615 -38.98 -30.39 -9.01
C GLY A 615 -40.40 -30.56 -9.56
N SER A 616 -40.82 -29.62 -10.41
CA SER A 616 -42.20 -29.61 -10.88
C SER A 616 -42.44 -30.58 -12.02
N GLY A 617 -41.36 -31.05 -12.65
CA GLY A 617 -41.48 -31.88 -13.84
C GLY A 617 -42.28 -31.20 -14.94
N SER A 618 -42.20 -29.86 -15.00
CA SER A 618 -42.92 -29.10 -16.02
C SER A 618 -42.29 -29.26 -17.38
N GLY A 619 -40.99 -29.56 -17.40
CA GLY A 619 -40.19 -29.71 -18.64
C GLY A 619 -39.77 -28.42 -19.31
N VAL A 620 -40.11 -27.31 -18.69
CA VAL A 620 -39.84 -25.98 -19.22
C VAL A 620 -38.36 -25.56 -19.01
N PHE A 621 -37.76 -26.04 -17.93
CA PHE A 621 -36.42 -25.62 -17.53
C PHE A 621 -35.37 -26.72 -17.68
N LYS A 622 -34.26 -26.38 -18.33
CA LYS A 622 -33.17 -27.31 -18.53
C LYS A 622 -32.35 -27.47 -17.27
N CYS A 623 -32.06 -26.36 -16.59
CA CYS A 623 -31.21 -26.41 -15.40
C CYS A 623 -31.48 -25.29 -14.41
N GLY A 624 -30.99 -25.46 -13.19
CA GLY A 624 -31.17 -24.46 -12.18
C GLY A 624 -30.05 -24.36 -11.17
N ILE A 625 -29.91 -23.17 -10.60
CA ILE A 625 -29.06 -22.99 -9.45
C ILE A 625 -29.92 -22.55 -8.29
N ALA A 626 -29.66 -23.15 -7.14
CA ALA A 626 -30.36 -22.83 -5.93
C ALA A 626 -29.29 -22.51 -4.90
N VAL A 627 -29.20 -21.23 -4.53
CA VAL A 627 -28.29 -20.81 -3.48
C VAL A 627 -29.03 -20.60 -2.14
N ALA A 628 -28.55 -21.28 -1.09
CA ALA A 628 -29.15 -21.28 0.25
C ALA A 628 -30.68 -21.38 0.26
N PRO A 629 -31.25 -22.44 -0.33
CA PRO A 629 -32.71 -22.52 -0.43
C PRO A 629 -33.37 -22.92 0.87
N VAL A 630 -34.54 -22.39 1.18
CA VAL A 630 -35.39 -23.05 2.18
C VAL A 630 -35.80 -24.38 1.52
N SER A 631 -35.86 -25.47 2.26
CA SER A 631 -36.26 -26.75 1.66
C SER A 631 -37.61 -27.26 2.16
N ARG A 632 -37.92 -26.94 3.42
CA ARG A 632 -39.27 -27.08 3.93
C ARG A 632 -39.48 -26.15 5.10
N TRP A 633 -40.71 -25.69 5.27
CA TRP A 633 -40.96 -24.52 6.09
C TRP A 633 -40.73 -24.72 7.57
N GLU A 634 -40.90 -25.96 8.03
CA GLU A 634 -40.64 -26.30 9.43
C GLU A 634 -39.19 -26.01 9.82
N TYR A 635 -38.32 -25.79 8.85
CA TYR A 635 -36.91 -25.56 9.14
C TYR A 635 -36.59 -24.10 9.32
N TYR A 636 -37.47 -23.24 8.83
CA TYR A 636 -37.23 -21.80 8.90
C TYR A 636 -37.96 -21.15 10.09
N ASP A 637 -37.60 -19.90 10.41
CA ASP A 637 -38.02 -19.31 11.68
C ASP A 637 -39.52 -19.03 11.81
N SER A 638 -39.98 -19.12 13.05
CA SER A 638 -41.37 -18.91 13.43
C SER A 638 -42.01 -17.61 12.93
N VAL A 639 -41.44 -16.46 13.28
CA VAL A 639 -42.03 -15.16 12.90
C VAL A 639 -42.31 -15.03 11.40
N TYR A 640 -41.29 -15.20 10.59
CA TYR A 640 -41.46 -15.12 9.16
C TYR A 640 -42.38 -16.23 8.60
N THR A 641 -42.13 -17.47 9.01
CA THR A 641 -42.80 -18.62 8.42
C THR A 641 -44.27 -18.67 8.80
N GLU A 642 -44.57 -18.51 10.08
CA GLU A 642 -45.94 -18.60 10.54
C GLU A 642 -46.78 -17.45 10.02
N ARG A 643 -46.14 -16.35 9.64
CA ARG A 643 -46.88 -15.23 9.09
C ARG A 643 -47.68 -15.66 7.87
N TYR A 644 -47.06 -16.49 7.03
CA TYR A 644 -47.68 -16.93 5.80
C TYR A 644 -48.20 -18.37 5.85
N MET A 645 -47.74 -19.16 6.82
CA MET A 645 -48.07 -20.58 6.80
C MET A 645 -48.96 -21.07 7.94
N GLY A 646 -49.08 -20.29 9.02
CA GLY A 646 -49.75 -20.77 10.23
C GLY A 646 -48.83 -21.73 10.96
N LEU A 647 -49.38 -22.54 11.85
CA LEU A 647 -48.58 -23.52 12.58
C LEU A 647 -48.49 -24.85 11.87
N PRO A 648 -47.34 -25.52 11.94
CA PRO A 648 -47.19 -26.86 11.38
C PRO A 648 -47.81 -27.94 12.27
N THR A 649 -49.10 -27.78 12.59
CA THR A 649 -49.85 -28.71 13.46
C THR A 649 -51.11 -29.17 12.74
N PRO A 650 -51.62 -30.38 13.09
CA PRO A 650 -52.78 -30.94 12.39
C PRO A 650 -54.03 -30.08 12.50
N GLU A 651 -54.09 -29.24 13.53
CA GLU A 651 -55.26 -28.38 13.71
C GLU A 651 -55.13 -27.07 12.93
N ASP A 652 -53.96 -26.87 12.33
CA ASP A 652 -53.75 -25.69 11.53
C ASP A 652 -53.34 -26.09 10.11
N ASN A 653 -52.07 -25.89 9.76
CA ASN A 653 -51.63 -25.99 8.38
C ASN A 653 -50.57 -27.06 8.13
N LEU A 654 -50.61 -28.16 8.91
CA LEU A 654 -49.60 -29.22 8.74
C LEU A 654 -49.62 -29.82 7.35
N ASP A 655 -50.81 -30.05 6.81
CA ASP A 655 -50.95 -30.72 5.52
C ASP A 655 -50.16 -30.00 4.44
N HIS A 656 -50.20 -28.67 4.48
CA HIS A 656 -49.53 -27.90 3.44
C HIS A 656 -48.03 -27.78 3.66
N TYR A 657 -47.60 -27.64 4.93
CA TYR A 657 -46.18 -27.71 5.25
C TYR A 657 -45.60 -28.96 4.60
N ARG A 658 -46.33 -30.08 4.76
CA ARG A 658 -45.93 -31.38 4.26
C ARG A 658 -45.86 -31.42 2.75
N ASN A 659 -46.89 -30.87 2.09
CA ASN A 659 -46.93 -30.80 0.61
C ASN A 659 -45.90 -29.87 -0.01
N SER A 660 -45.53 -28.82 0.69
CA SER A 660 -44.68 -27.79 0.10
C SER A 660 -43.19 -28.05 0.16
N THR A 661 -42.75 -29.26 0.53
CA THR A 661 -41.31 -29.55 0.68
C THR A 661 -40.66 -29.74 -0.67
N VAL A 662 -39.39 -29.34 -0.83
CA VAL A 662 -38.69 -29.68 -2.08
C VAL A 662 -38.27 -31.14 -2.11
N MET A 663 -38.03 -31.73 -0.94
CA MET A 663 -37.67 -33.14 -0.82
C MET A 663 -38.72 -34.01 -1.49
N SER A 664 -39.99 -33.74 -1.24
CA SER A 664 -41.06 -34.54 -1.82
C SER A 664 -41.02 -34.58 -3.35
N ARG A 665 -40.35 -33.61 -3.96
CA ARG A 665 -40.31 -33.49 -5.43
C ARG A 665 -39.03 -34.05 -6.06
N ALA A 666 -38.18 -34.62 -5.21
CA ALA A 666 -36.86 -35.14 -5.60
C ALA A 666 -36.82 -35.91 -6.92
N GLU A 667 -37.76 -36.81 -7.09
CA GLU A 667 -37.85 -37.65 -8.27
C GLU A 667 -37.81 -36.84 -9.57
N ASN A 668 -38.42 -35.67 -9.56
CA ASN A 668 -38.54 -34.90 -10.79
C ASN A 668 -37.26 -34.23 -11.21
N PHE A 669 -36.29 -34.20 -10.30
CA PHE A 669 -35.00 -33.60 -10.60
C PHE A 669 -34.23 -34.43 -11.63
N LYS A 670 -34.66 -35.67 -11.84
CA LYS A 670 -34.12 -36.52 -12.91
C LYS A 670 -34.16 -35.78 -14.24
N GLN A 671 -35.13 -34.87 -14.36
CA GLN A 671 -35.38 -34.18 -15.61
C GLN A 671 -34.49 -32.94 -15.80
N VAL A 672 -33.70 -32.58 -14.80
CA VAL A 672 -32.99 -31.29 -14.82
C VAL A 672 -31.55 -31.35 -14.29
N GLU A 673 -30.73 -30.41 -14.77
CA GLU A 673 -29.39 -30.19 -14.23
C GLU A 673 -29.50 -29.22 -13.05
N TYR A 674 -28.98 -29.62 -11.89
CA TYR A 674 -29.19 -28.83 -10.69
C TYR A 674 -27.87 -28.51 -10.01
N LEU A 675 -27.76 -27.29 -9.51
CA LEU A 675 -26.62 -26.92 -8.72
C LEU A 675 -27.13 -26.39 -7.39
N LEU A 676 -26.69 -27.02 -6.30
CA LEU A 676 -27.11 -26.65 -4.96
C LEU A 676 -25.92 -26.05 -4.22
N ILE A 677 -26.10 -24.85 -3.69
CA ILE A 677 -25.01 -24.18 -3.02
C ILE A 677 -25.51 -23.66 -1.69
N HIS A 678 -24.65 -23.69 -0.67
CA HIS A 678 -25.05 -23.29 0.68
C HIS A 678 -23.84 -23.09 1.57
N GLY A 679 -23.84 -22.00 2.33
CA GLY A 679 -22.77 -21.72 3.29
C GLY A 679 -22.98 -22.55 4.53
N THR A 680 -21.93 -23.21 5.03
CA THR A 680 -22.08 -24.14 6.14
C THR A 680 -22.40 -23.45 7.47
N ALA A 681 -22.13 -22.15 7.54
CA ALA A 681 -22.41 -21.36 8.73
C ALA A 681 -23.50 -20.33 8.48
N ASP A 682 -24.59 -20.77 7.86
CA ASP A 682 -25.77 -19.95 7.64
C ASP A 682 -26.65 -19.96 8.90
N ASP A 683 -26.64 -18.86 9.65
CA ASP A 683 -27.52 -18.73 10.82
C ASP A 683 -28.97 -18.58 10.42
N ASN A 684 -29.23 -18.30 9.14
CA ASN A 684 -30.56 -17.91 8.75
C ASN A 684 -31.35 -19.07 8.18
N VAL A 685 -31.02 -19.44 6.95
CA VAL A 685 -31.54 -20.63 6.33
C VAL A 685 -30.43 -21.63 6.56
N HIS A 686 -30.66 -22.55 7.48
CA HIS A 686 -29.59 -23.41 7.92
C HIS A 686 -29.18 -24.40 6.85
N PHE A 687 -27.88 -24.67 6.79
CA PHE A 687 -27.35 -25.69 5.89
C PHE A 687 -28.23 -26.95 5.91
N GLN A 688 -28.78 -27.27 7.06
CA GLN A 688 -29.76 -28.35 7.19
C GLN A 688 -30.67 -28.42 5.98
N GLN A 689 -31.29 -27.29 5.66
CA GLN A 689 -32.29 -27.22 4.61
C GLN A 689 -31.74 -27.85 3.34
N SER A 690 -30.51 -27.49 2.98
CA SER A 690 -29.85 -28.08 1.80
C SER A 690 -29.36 -29.52 2.04
N ALA A 691 -28.88 -29.80 3.25
CA ALA A 691 -28.44 -31.15 3.59
C ALA A 691 -29.59 -32.12 3.37
N GLN A 692 -30.80 -31.65 3.66
CA GLN A 692 -32.02 -32.45 3.48
C GLN A 692 -32.41 -32.63 2.03
N ILE A 693 -32.21 -31.58 1.22
CA ILE A 693 -32.48 -31.66 -0.20
C ILE A 693 -31.54 -32.65 -0.84
N SER A 694 -30.25 -32.52 -0.54
CA SER A 694 -29.24 -33.32 -1.21
C SER A 694 -29.48 -34.78 -0.85
N LYS A 695 -29.83 -35.05 0.41
CA LYS A 695 -30.06 -36.42 0.86
C LYS A 695 -31.22 -37.04 0.08
N ALA A 696 -32.29 -36.27 -0.11
CA ALA A 696 -33.45 -36.73 -0.90
C ALA A 696 -33.08 -37.04 -2.35
N LEU A 697 -32.33 -36.15 -3.00
CA LEU A 697 -31.87 -36.41 -4.35
C LEU A 697 -31.03 -37.69 -4.39
N VAL A 698 -30.10 -37.82 -3.45
CA VAL A 698 -29.27 -39.02 -3.36
C VAL A 698 -30.15 -40.26 -3.32
N ASP A 699 -31.10 -40.26 -2.38
CA ASP A 699 -32.00 -41.40 -2.16
C ASP A 699 -32.79 -41.84 -3.38
N VAL A 700 -33.05 -40.95 -4.33
CA VAL A 700 -33.79 -41.33 -5.53
C VAL A 700 -32.91 -41.45 -6.76
N GLY A 701 -31.59 -41.35 -6.57
CA GLY A 701 -30.66 -41.61 -7.65
C GLY A 701 -30.54 -40.52 -8.69
N VAL A 702 -30.81 -39.28 -8.28
CA VAL A 702 -30.66 -38.10 -9.14
C VAL A 702 -29.25 -37.55 -9.00
N ASP A 703 -28.52 -37.43 -10.11
CA ASP A 703 -27.21 -36.79 -10.03
C ASP A 703 -27.35 -35.28 -10.14
N PHE A 704 -26.58 -34.57 -9.34
CA PHE A 704 -26.67 -33.12 -9.35
C PHE A 704 -25.30 -32.60 -8.96
N GLN A 705 -25.18 -31.28 -8.95
CA GLN A 705 -23.91 -30.68 -8.58
C GLN A 705 -24.09 -29.88 -7.31
N ALA A 706 -23.09 -29.91 -6.45
CA ALA A 706 -23.18 -29.22 -5.18
C ALA A 706 -21.95 -28.38 -4.89
N MET A 707 -22.06 -27.54 -3.87
CA MET A 707 -20.97 -26.70 -3.41
C MET A 707 -21.36 -26.18 -2.06
N TRP A 708 -20.53 -26.43 -1.06
CA TRP A 708 -20.73 -25.80 0.23
C TRP A 708 -19.79 -24.62 0.32
N TYR A 709 -20.05 -23.72 1.25
CA TYR A 709 -19.08 -22.69 1.54
C TYR A 709 -18.72 -22.66 3.01
N THR A 710 -17.56 -23.21 3.33
CA THR A 710 -17.08 -23.32 4.70
C THR A 710 -17.18 -21.99 5.44
N ASP A 711 -17.94 -21.97 6.52
CA ASP A 711 -18.00 -20.80 7.41
C ASP A 711 -18.67 -19.54 6.81
N GLU A 712 -19.17 -19.65 5.57
CA GLU A 712 -19.99 -18.59 4.98
C GLU A 712 -21.37 -18.66 5.54
N ASP A 713 -22.04 -17.51 5.66
CA ASP A 713 -23.46 -17.48 6.02
C ASP A 713 -24.37 -17.24 4.83
N HIS A 714 -25.54 -16.69 5.11
CA HIS A 714 -26.59 -16.51 4.13
C HIS A 714 -26.21 -15.56 3.00
N GLY A 715 -25.28 -14.66 3.27
CA GLY A 715 -24.79 -13.76 2.23
C GLY A 715 -23.78 -14.42 1.34
N ILE A 716 -22.99 -15.34 1.88
CA ILE A 716 -21.80 -15.88 1.21
C ILE A 716 -21.06 -14.64 0.73
N ALA A 717 -20.67 -13.85 1.73
CA ALA A 717 -20.35 -12.47 1.50
C ALA A 717 -18.87 -12.18 1.47
N SER A 718 -18.04 -13.06 2.05
CA SER A 718 -16.58 -12.86 1.98
C SER A 718 -16.13 -12.51 0.59
N SER A 719 -15.39 -11.43 0.49
CA SER A 719 -14.70 -11.06 -0.72
C SER A 719 -14.42 -12.29 -1.61
N THR A 720 -13.54 -13.17 -1.15
CA THR A 720 -13.21 -14.39 -1.90
C THR A 720 -14.38 -15.37 -2.13
N ALA A 721 -15.20 -15.59 -1.13
CA ALA A 721 -16.31 -16.55 -1.28
C ALA A 721 -17.29 -16.07 -2.33
N HIS A 722 -17.69 -14.80 -2.22
CA HIS A 722 -18.48 -14.11 -3.23
C HIS A 722 -17.90 -14.32 -4.64
N GLN A 723 -16.61 -14.04 -4.79
CA GLN A 723 -16.00 -14.23 -6.08
C GLN A 723 -16.09 -15.67 -6.57
N HIS A 724 -15.79 -16.62 -5.68
CA HIS A 724 -15.80 -18.03 -6.01
C HIS A 724 -17.16 -18.52 -6.51
N ILE A 725 -18.23 -18.19 -5.77
CA ILE A 725 -19.58 -18.71 -6.04
C ILE A 725 -20.12 -18.25 -7.39
N TYR A 726 -19.97 -16.95 -7.67
CA TYR A 726 -20.39 -16.40 -8.95
C TYR A 726 -19.60 -16.98 -10.10
N THR A 727 -18.31 -17.21 -9.91
CA THR A 727 -17.51 -17.89 -10.92
C THR A 727 -18.05 -19.30 -11.15
N HIS A 728 -18.31 -20.02 -10.06
CA HIS A 728 -18.82 -21.38 -10.13
C HIS A 728 -20.16 -21.42 -10.88
N MET A 729 -21.05 -20.49 -10.55
CA MET A 729 -22.36 -20.47 -11.17
C MET A 729 -22.25 -20.14 -12.63
N SER A 730 -21.36 -19.21 -12.96
CA SER A 730 -21.17 -18.79 -14.36
C SER A 730 -20.78 -20.00 -15.19
N HIS A 731 -19.88 -20.82 -14.64
CA HIS A 731 -19.39 -22.00 -15.35
C HIS A 731 -20.51 -22.97 -15.55
N PHE A 732 -21.35 -23.12 -14.52
CA PHE A 732 -22.48 -24.01 -14.59
C PHE A 732 -23.47 -23.56 -15.66
N ILE A 733 -23.80 -22.27 -15.67
CA ILE A 733 -24.77 -21.72 -16.63
C ILE A 733 -24.24 -21.80 -18.06
N LYS A 734 -22.96 -21.54 -18.23
CA LYS A 734 -22.36 -21.52 -19.53
C LYS A 734 -22.34 -22.92 -20.12
N GLN A 735 -22.17 -23.92 -19.26
CA GLN A 735 -22.09 -25.31 -19.67
C GLN A 735 -23.49 -25.78 -20.03
N CYS A 736 -24.44 -25.44 -19.17
CA CYS A 736 -25.84 -25.79 -19.39
C CYS A 736 -26.38 -25.16 -20.68
N PHE A 737 -25.70 -24.14 -21.18
CA PHE A 737 -26.13 -23.36 -22.34
C PHE A 737 -25.25 -23.54 -23.57
N SER A 738 -24.20 -24.36 -23.44
CA SER A 738 -23.23 -24.63 -24.51
C SER A 738 -22.35 -23.43 -24.89
N LEU A 739 -22.25 -22.47 -23.97
CA LEU A 739 -21.42 -21.30 -24.19
C LEU A 739 -20.03 -21.65 -23.70
N PRO A 740 -19.04 -21.64 -24.60
CA PRO A 740 -17.68 -22.11 -24.26
C PRO A 740 -16.90 -21.10 -23.43
N HIS B 8 -25.55 -61.12 -37.08
CA HIS B 8 -24.26 -61.81 -37.41
C HIS B 8 -23.13 -61.39 -36.47
N HIS B 9 -23.38 -61.63 -35.17
CA HIS B 9 -22.46 -61.28 -34.09
C HIS B 9 -21.38 -62.35 -33.92
N HIS B 10 -21.66 -63.55 -34.44
CA HIS B 10 -20.74 -64.69 -34.43
C HIS B 10 -20.23 -65.06 -33.03
N HIS B 11 -21.07 -64.79 -32.02
CA HIS B 11 -20.82 -65.15 -30.62
C HIS B 11 -19.60 -64.49 -29.99
N HIS B 12 -19.09 -63.45 -30.65
CA HIS B 12 -18.04 -62.61 -30.08
C HIS B 12 -18.58 -61.82 -28.88
N SER B 13 -17.66 -61.44 -28.00
CA SER B 13 -18.01 -60.72 -26.79
C SER B 13 -18.21 -59.24 -27.09
N ARG B 14 -19.46 -58.80 -27.06
CA ARG B 14 -19.77 -57.39 -27.28
C ARG B 14 -20.35 -56.70 -26.02
N LYS B 15 -20.67 -57.51 -25.01
CA LYS B 15 -21.01 -57.00 -23.70
C LYS B 15 -19.76 -56.44 -23.01
N THR B 16 -19.97 -55.47 -22.10
CA THR B 16 -18.91 -54.98 -21.23
C THR B 16 -19.41 -54.89 -19.80
N TYR B 17 -18.49 -54.63 -18.88
CA TYR B 17 -18.83 -54.41 -17.47
C TYR B 17 -19.26 -52.96 -17.27
N THR B 18 -20.56 -52.74 -17.22
CA THR B 18 -21.11 -51.40 -17.19
C THR B 18 -21.18 -50.89 -15.74
N LEU B 19 -21.38 -49.59 -15.61
CA LEU B 19 -21.53 -48.96 -14.30
C LEU B 19 -22.72 -49.55 -13.52
N THR B 20 -23.85 -49.73 -14.20
CA THR B 20 -25.00 -50.43 -13.64
C THR B 20 -24.61 -51.82 -13.13
N ASP B 21 -23.83 -52.55 -13.92
CA ASP B 21 -23.36 -53.86 -13.52
C ASP B 21 -22.72 -53.79 -12.15
N TYR B 22 -21.89 -52.77 -11.94
CA TYR B 22 -21.21 -52.59 -10.67
C TYR B 22 -22.17 -52.16 -9.55
N LEU B 23 -23.04 -51.20 -9.86
CA LEU B 23 -23.91 -50.61 -8.85
C LEU B 23 -25.11 -51.48 -8.50
N LYS B 24 -25.60 -52.26 -9.45
CA LYS B 24 -26.75 -53.14 -9.21
C LYS B 24 -26.29 -54.55 -8.92
N ASN B 25 -24.97 -54.76 -8.94
CA ASN B 25 -24.40 -56.02 -8.49
C ASN B 25 -24.74 -57.18 -9.43
N THR B 26 -24.80 -56.88 -10.73
CA THR B 26 -25.17 -57.82 -11.79
C THR B 26 -24.37 -59.11 -11.67
N TYR B 27 -23.06 -58.98 -11.57
CA TYR B 27 -22.19 -60.15 -11.52
C TYR B 27 -21.73 -60.38 -10.08
N ARG B 28 -22.48 -61.24 -9.39
CA ARG B 28 -22.20 -61.56 -8.00
C ARG B 28 -21.00 -62.49 -7.89
N LEU B 29 -20.25 -62.30 -6.81
CA LEU B 29 -19.03 -63.05 -6.52
C LEU B 29 -19.37 -63.93 -5.33
N LYS B 30 -19.59 -65.21 -5.57
CA LYS B 30 -20.09 -66.11 -4.52
C LYS B 30 -18.99 -66.44 -3.52
N LEU B 31 -19.32 -66.38 -2.24
CA LEU B 31 -18.35 -66.63 -1.16
C LEU B 31 -18.59 -67.99 -0.54
N TYR B 32 -17.83 -68.33 0.49
CA TYR B 32 -18.15 -69.48 1.33
C TYR B 32 -17.79 -69.19 2.77
N SER B 33 -18.77 -68.76 3.54
CA SER B 33 -18.49 -68.27 4.87
C SER B 33 -18.84 -69.28 5.96
N LEU B 34 -17.83 -69.96 6.49
CA LEU B 34 -18.08 -70.94 7.53
C LEU B 34 -17.73 -70.43 8.93
N ARG B 35 -18.22 -71.15 9.94
CA ARG B 35 -17.80 -70.94 11.33
C ARG B 35 -17.55 -72.27 12.00
N TRP B 36 -16.28 -72.58 12.23
CA TRP B 36 -15.88 -73.84 12.84
C TRP B 36 -16.48 -73.93 14.24
N ILE B 37 -17.18 -75.01 14.54
CA ILE B 37 -17.72 -75.15 15.90
C ILE B 37 -16.90 -76.11 16.76
N SER B 38 -16.50 -77.23 16.17
CA SER B 38 -15.63 -78.21 16.84
C SER B 38 -14.31 -78.29 16.07
N ASP B 39 -13.71 -79.47 15.99
CA ASP B 39 -12.52 -79.64 15.20
C ASP B 39 -12.80 -80.41 13.92
N HIS B 40 -14.06 -80.78 13.74
CA HIS B 40 -14.45 -81.57 12.59
C HIS B 40 -15.65 -80.97 11.86
N GLU B 41 -16.35 -80.06 12.53
CA GLU B 41 -17.59 -79.51 12.00
C GLU B 41 -17.54 -77.99 11.88
N TYR B 42 -18.24 -77.48 10.88
CA TYR B 42 -18.41 -76.04 10.71
C TYR B 42 -19.87 -75.73 10.37
N LEU B 43 -20.24 -74.45 10.35
CA LEU B 43 -21.63 -74.10 10.02
C LEU B 43 -21.74 -73.27 8.74
N TYR B 44 -22.79 -73.51 7.96
CA TYR B 44 -23.13 -72.63 6.82
C TYR B 44 -24.62 -72.42 6.58
N LYS B 45 -24.97 -71.24 6.08
CA LYS B 45 -26.34 -70.90 5.71
C LYS B 45 -26.65 -71.25 4.24
N GLN B 46 -27.70 -72.03 4.04
CA GLN B 46 -28.05 -72.51 2.71
C GLN B 46 -29.35 -71.88 2.21
N GLU B 47 -30.48 -72.34 2.75
CA GLU B 47 -31.78 -71.80 2.40
C GLU B 47 -32.16 -70.65 3.36
N ASN B 48 -31.14 -69.99 3.91
CA ASN B 48 -31.27 -69.23 5.15
C ASN B 48 -31.38 -70.18 6.34
N ASN B 49 -31.48 -71.47 6.05
CA ASN B 49 -31.27 -72.51 7.04
C ASN B 49 -29.79 -72.53 7.38
N ILE B 50 -29.47 -73.00 8.57
CA ILE B 50 -28.08 -73.20 8.93
C ILE B 50 -27.85 -74.68 9.08
N LEU B 51 -26.97 -75.20 8.22
CA LEU B 51 -26.61 -76.60 8.21
C LEU B 51 -25.29 -76.76 8.95
N VAL B 52 -25.14 -77.85 9.70
CA VAL B 52 -23.85 -78.21 10.22
C VAL B 52 -23.22 -79.19 9.24
N PHE B 53 -22.02 -78.86 8.76
CA PHE B 53 -21.30 -79.71 7.84
C PHE B 53 -20.24 -80.49 8.57
N ASN B 54 -20.16 -81.77 8.24
CA ASN B 54 -19.02 -82.59 8.59
C ASN B 54 -17.97 -82.36 7.50
N ALA B 55 -16.79 -81.92 7.90
CA ALA B 55 -15.72 -81.58 6.96
C ALA B 55 -15.10 -82.80 6.29
N GLU B 56 -15.03 -83.91 7.03
CA GLU B 56 -14.44 -85.13 6.50
C GLU B 56 -15.34 -85.80 5.44
N TYR B 57 -16.64 -85.84 5.73
CA TYR B 57 -17.63 -86.55 4.92
C TYR B 57 -18.36 -85.66 3.89
N GLY B 58 -19.31 -84.86 4.39
CA GLY B 58 -20.24 -84.10 3.57
C GLY B 58 -21.54 -83.87 4.33
N ASN B 59 -21.80 -84.75 5.33
CA ASN B 59 -22.95 -84.66 6.25
C ASN B 59 -23.48 -83.27 6.50
N SER B 60 -24.33 -82.78 5.61
CA SER B 60 -25.12 -81.60 5.91
C SER B 60 -26.45 -82.07 6.48
N SER B 61 -26.54 -82.08 7.81
CA SER B 61 -27.77 -82.38 8.51
C SER B 61 -28.27 -81.10 9.19
N VAL B 62 -29.33 -80.51 8.61
CA VAL B 62 -29.90 -79.22 9.03
C VAL B 62 -29.75 -78.97 10.54
N PHE B 63 -29.06 -77.89 10.87
CA PHE B 63 -28.78 -77.55 12.26
C PHE B 63 -29.88 -76.67 12.83
N LEU B 64 -30.46 -75.82 11.99
CA LEU B 64 -31.46 -74.85 12.42
C LEU B 64 -32.26 -74.34 11.23
N GLU B 65 -33.53 -74.76 11.17
CA GLU B 65 -34.46 -74.30 10.14
C GLU B 65 -34.64 -72.78 10.20
N ASN B 66 -34.70 -72.16 9.03
CA ASN B 66 -34.93 -70.71 8.89
C ASN B 66 -36.29 -70.24 9.44
N SER B 67 -37.18 -71.20 9.66
CA SER B 67 -38.56 -70.93 10.03
C SER B 67 -38.80 -70.85 11.54
N THR B 68 -37.74 -70.93 12.35
CA THR B 68 -37.91 -70.91 13.80
C THR B 68 -38.22 -69.49 14.30
N PHE B 69 -37.39 -68.54 13.90
CA PHE B 69 -37.44 -67.19 14.46
C PHE B 69 -38.11 -66.17 13.55
N ASP B 70 -39.40 -66.41 13.33
CA ASP B 70 -40.31 -65.50 12.64
C ASP B 70 -41.55 -65.39 13.52
N GLU B 71 -41.83 -66.46 14.26
CA GLU B 71 -42.65 -66.41 15.46
C GLU B 71 -42.05 -65.32 16.34
N PHE B 72 -40.73 -65.15 16.21
CA PHE B 72 -39.93 -64.24 17.00
C PHE B 72 -40.39 -62.78 16.92
N GLY B 73 -40.62 -62.28 15.70
CA GLY B 73 -41.16 -60.95 15.53
C GLY B 73 -40.17 -59.80 15.36
N HIS B 74 -38.89 -60.15 15.22
CA HIS B 74 -37.87 -59.17 14.82
C HIS B 74 -36.91 -59.78 13.83
N SER B 75 -36.33 -58.94 13.00
CA SER B 75 -35.34 -59.36 12.02
C SER B 75 -34.03 -59.77 12.72
N ILE B 76 -33.74 -61.06 12.69
CA ILE B 76 -32.55 -61.64 13.32
C ILE B 76 -31.27 -61.29 12.54
N ASN B 77 -30.52 -60.32 13.06
CA ASN B 77 -29.34 -59.77 12.38
C ASN B 77 -28.15 -60.71 12.24
N ASP B 78 -27.66 -61.24 13.35
CA ASP B 78 -26.63 -62.29 13.35
C ASP B 78 -26.92 -63.24 14.52
N TYR B 79 -26.14 -64.30 14.65
CA TYR B 79 -26.33 -65.28 15.73
C TYR B 79 -24.99 -65.78 16.23
N SER B 80 -25.02 -66.60 17.28
CA SER B 80 -23.80 -67.05 17.92
C SER B 80 -24.06 -68.31 18.73
N ILE B 81 -23.54 -69.44 18.27
CA ILE B 81 -23.68 -70.68 19.02
C ILE B 81 -22.68 -70.76 20.17
N SER B 82 -23.15 -71.07 21.38
CA SER B 82 -22.28 -71.29 22.53
C SER B 82 -21.30 -72.47 22.30
N PRO B 83 -20.03 -72.31 22.69
CA PRO B 83 -19.00 -73.32 22.47
C PRO B 83 -19.49 -74.74 22.65
N ASP B 84 -20.31 -74.98 23.67
CA ASP B 84 -20.74 -76.36 23.97
C ASP B 84 -21.83 -76.88 23.04
N GLY B 85 -22.39 -75.97 22.22
CA GLY B 85 -23.45 -76.31 21.27
C GLY B 85 -24.83 -76.34 21.90
N GLN B 86 -24.90 -75.99 23.20
CA GLN B 86 -26.13 -76.07 23.99
C GLN B 86 -27.05 -74.84 23.88
N PHE B 87 -26.49 -73.72 23.42
CA PHE B 87 -27.24 -72.46 23.37
C PHE B 87 -26.88 -71.63 22.16
N ILE B 88 -27.86 -70.86 21.70
CA ILE B 88 -27.64 -69.94 20.59
C ILE B 88 -28.08 -68.53 20.97
N LEU B 89 -27.21 -67.57 20.66
CA LEU B 89 -27.47 -66.18 20.92
C LEU B 89 -28.08 -65.51 19.68
N LEU B 90 -29.24 -64.87 19.84
CA LEU B 90 -29.87 -64.16 18.74
C LEU B 90 -29.71 -62.65 18.88
N GLU B 91 -29.10 -62.05 17.86
CA GLU B 91 -28.83 -60.61 17.80
C GLU B 91 -29.87 -59.92 16.92
N TYR B 92 -30.44 -58.83 17.42
CA TYR B 92 -31.46 -58.07 16.69
C TYR B 92 -31.48 -56.62 17.15
N ASN B 93 -32.28 -55.78 16.47
CA ASN B 93 -32.23 -54.32 16.66
C ASN B 93 -30.80 -53.84 16.61
N TYR B 94 -30.04 -54.42 15.68
CA TYR B 94 -28.65 -54.04 15.45
C TYR B 94 -28.63 -52.59 15.02
N VAL B 95 -27.90 -51.75 15.74
CA VAL B 95 -27.80 -50.33 15.37
C VAL B 95 -26.36 -49.91 15.33
N LYS B 96 -25.85 -49.77 14.10
CA LYS B 96 -24.44 -49.48 13.86
C LYS B 96 -23.96 -48.21 14.56
N GLN B 97 -22.71 -48.23 15.00
CA GLN B 97 -22.01 -47.07 15.52
C GLN B 97 -20.76 -46.90 14.65
N TRP B 98 -19.56 -47.07 15.22
CA TRP B 98 -18.33 -46.87 14.41
C TRP B 98 -17.98 -48.06 13.48
N ARG B 99 -16.70 -48.24 13.15
CA ARG B 99 -16.30 -49.35 12.29
C ARG B 99 -16.66 -50.72 12.85
N HIS B 100 -16.65 -50.87 14.19
CA HIS B 100 -16.91 -52.18 14.80
C HIS B 100 -18.05 -52.18 15.81
N SER B 101 -18.19 -51.08 16.53
CA SER B 101 -19.15 -50.97 17.60
C SER B 101 -20.58 -50.83 17.11
N TYR B 102 -21.52 -51.23 17.95
CA TYR B 102 -22.94 -51.07 17.70
C TYR B 102 -23.70 -51.57 18.91
N THR B 103 -24.99 -51.24 18.96
CA THR B 103 -25.89 -51.76 19.99
C THR B 103 -26.87 -52.73 19.35
N ALA B 104 -27.41 -53.63 20.15
CA ALA B 104 -28.34 -54.65 19.66
C ALA B 104 -29.06 -55.26 20.82
N SER B 105 -30.22 -55.82 20.53
CA SER B 105 -30.95 -56.59 21.52
C SER B 105 -30.52 -58.03 21.35
N TYR B 106 -30.60 -58.80 22.43
CA TYR B 106 -30.27 -60.20 22.37
C TYR B 106 -31.32 -61.01 23.07
N ASP B 107 -31.50 -62.23 22.59
CA ASP B 107 -32.23 -63.24 23.31
C ASP B 107 -31.44 -64.50 23.17
N ILE B 108 -31.74 -65.48 24.02
CA ILE B 108 -31.05 -66.76 23.99
C ILE B 108 -32.09 -67.86 23.88
N TYR B 109 -31.85 -68.77 22.95
CA TYR B 109 -32.76 -69.87 22.66
C TYR B 109 -32.09 -71.13 23.15
N ASP B 110 -32.79 -71.87 24.01
CA ASP B 110 -32.27 -73.12 24.59
C ASP B 110 -32.27 -74.21 23.53
N LEU B 111 -31.09 -74.48 22.96
CA LEU B 111 -30.98 -75.34 21.79
C LEU B 111 -31.32 -76.81 22.08
N ASN B 112 -31.58 -77.12 23.35
CA ASN B 112 -32.00 -78.46 23.75
C ASN B 112 -33.46 -78.51 24.19
N LYS B 113 -33.94 -77.40 24.75
CA LYS B 113 -35.33 -77.28 25.21
C LYS B 113 -36.25 -76.58 24.21
N ARG B 114 -35.68 -76.22 23.06
CA ARG B 114 -36.40 -75.57 21.96
C ARG B 114 -37.32 -74.43 22.40
N GLN B 115 -36.78 -73.50 23.19
CA GLN B 115 -37.53 -72.31 23.64
C GLN B 115 -36.63 -71.12 23.96
N LEU B 116 -37.18 -69.92 23.82
CA LEU B 116 -36.49 -68.72 24.25
C LEU B 116 -36.40 -68.73 25.76
N ILE B 117 -35.27 -68.27 26.28
CA ILE B 117 -35.16 -67.96 27.70
C ILE B 117 -35.79 -66.58 27.90
N THR B 118 -36.86 -66.53 28.71
CA THR B 118 -37.60 -65.30 28.93
C THR B 118 -37.28 -64.65 30.27
N GLU B 119 -36.65 -65.41 31.16
CA GLU B 119 -36.17 -64.87 32.43
C GLU B 119 -34.83 -64.18 32.30
N GLU B 120 -34.60 -63.18 33.16
CA GLU B 120 -33.32 -62.48 33.22
C GLU B 120 -32.69 -62.25 31.85
N ARG B 121 -33.44 -61.67 30.93
CA ARG B 121 -32.95 -61.42 29.57
C ARG B 121 -31.80 -60.43 29.57
N ILE B 122 -31.01 -60.45 28.50
CA ILE B 122 -29.96 -59.47 28.27
C ILE B 122 -30.64 -58.16 27.87
N PRO B 123 -30.32 -57.06 28.57
CA PRO B 123 -31.02 -55.79 28.33
C PRO B 123 -30.90 -55.30 26.90
N ASN B 124 -31.84 -54.45 26.50
CA ASN B 124 -31.73 -53.74 25.24
C ASN B 124 -30.54 -52.80 25.30
N ASN B 125 -30.10 -52.32 24.13
CA ASN B 125 -28.96 -51.40 24.03
C ASN B 125 -27.63 -52.00 24.47
N THR B 126 -27.57 -53.32 24.56
CA THR B 126 -26.31 -53.98 24.90
C THR B 126 -25.22 -53.69 23.87
N GLN B 127 -24.05 -53.35 24.39
CA GLN B 127 -22.92 -52.87 23.59
C GLN B 127 -22.08 -54.01 23.05
N TRP B 128 -21.97 -55.09 23.83
CA TRP B 128 -21.18 -56.24 23.43
C TRP B 128 -21.54 -57.51 24.24
N VAL B 129 -21.56 -58.65 23.56
CA VAL B 129 -21.89 -59.92 24.19
C VAL B 129 -20.93 -61.00 23.72
N THR B 130 -20.49 -61.85 24.64
CA THR B 130 -19.48 -62.85 24.30
C THR B 130 -19.55 -64.07 25.19
N TRP B 131 -19.58 -65.23 24.54
CA TRP B 131 -19.55 -66.50 25.25
C TRP B 131 -18.18 -66.71 25.88
N SER B 132 -18.14 -67.48 26.97
CA SER B 132 -16.88 -68.09 27.38
C SER B 132 -16.38 -68.96 26.21
N PRO B 133 -15.06 -69.21 26.12
CA PRO B 133 -14.57 -70.09 25.07
C PRO B 133 -14.99 -71.54 25.25
N VAL B 134 -15.42 -71.92 26.44
CA VAL B 134 -15.93 -73.26 26.68
C VAL B 134 -17.24 -73.17 27.48
N GLY B 135 -18.11 -74.17 27.37
CA GLY B 135 -19.43 -74.10 28.01
C GLY B 135 -20.27 -72.92 27.51
N HIS B 136 -21.01 -72.29 28.43
CA HIS B 136 -21.98 -71.26 28.05
C HIS B 136 -22.08 -70.11 29.05
N LYS B 137 -20.93 -69.62 29.51
CA LYS B 137 -20.90 -68.39 30.30
C LYS B 137 -21.09 -67.23 29.35
N LEU B 138 -21.69 -66.16 29.87
CA LEU B 138 -21.88 -64.92 29.12
C LEU B 138 -21.04 -63.78 29.66
N ALA B 139 -20.67 -62.86 28.79
CA ALA B 139 -20.07 -61.61 29.22
C ALA B 139 -20.67 -60.53 28.35
N TYR B 140 -21.43 -59.64 28.96
CA TYR B 140 -22.01 -58.54 28.21
C TYR B 140 -21.76 -57.18 28.84
N VAL B 141 -21.70 -56.16 28.00
CA VAL B 141 -21.46 -54.80 28.42
C VAL B 141 -22.69 -53.98 28.12
N TRP B 142 -23.24 -53.36 29.15
CA TRP B 142 -24.41 -52.51 29.02
C TRP B 142 -24.20 -51.25 29.86
N ASN B 143 -24.37 -50.10 29.23
CA ASN B 143 -24.05 -48.81 29.82
C ASN B 143 -22.64 -48.76 30.37
N ASN B 144 -21.71 -49.23 29.54
CA ASN B 144 -20.26 -49.21 29.82
C ASN B 144 -19.79 -50.07 30.99
N ASP B 145 -20.66 -50.98 31.45
CA ASP B 145 -20.30 -51.86 32.56
C ASP B 145 -20.35 -53.33 32.15
N ILE B 146 -19.54 -54.13 32.83
CA ILE B 146 -19.48 -55.56 32.52
C ILE B 146 -20.39 -56.36 33.42
N TYR B 147 -21.09 -57.30 32.80
CA TYR B 147 -22.03 -58.18 33.46
C TYR B 147 -21.74 -59.59 32.98
N VAL B 148 -21.82 -60.53 33.89
CA VAL B 148 -21.57 -61.93 33.55
C VAL B 148 -22.76 -62.77 33.96
N LYS B 149 -23.21 -63.63 33.05
CA LYS B 149 -24.19 -64.66 33.39
C LYS B 149 -23.51 -66.01 33.35
N ILE B 150 -23.63 -66.76 34.44
CA ILE B 150 -22.99 -68.06 34.55
C ILE B 150 -23.83 -69.08 33.80
N GLU B 151 -25.13 -69.02 34.04
CA GLU B 151 -26.11 -69.72 33.22
C GLU B 151 -26.99 -68.69 32.53
N PRO B 152 -27.43 -68.99 31.30
CA PRO B 152 -28.10 -67.99 30.46
C PRO B 152 -29.40 -67.45 31.06
N ASN B 153 -30.07 -68.25 31.89
CA ASN B 153 -31.37 -67.86 32.43
C ASN B 153 -31.34 -67.36 33.89
N LEU B 154 -30.16 -67.37 34.48
CA LEU B 154 -29.94 -66.87 35.82
C LEU B 154 -29.67 -65.37 35.75
N PRO B 155 -29.74 -64.67 36.90
CA PRO B 155 -29.44 -63.24 36.89
C PRO B 155 -27.99 -62.96 36.56
N SER B 156 -27.74 -61.79 35.96
CA SER B 156 -26.39 -61.31 35.74
C SER B 156 -25.73 -60.87 37.04
N TYR B 157 -24.43 -61.12 37.13
CA TYR B 157 -23.60 -60.55 38.18
C TYR B 157 -22.94 -59.30 37.61
N ARG B 158 -23.12 -58.17 38.28
CA ARG B 158 -22.47 -56.95 37.86
C ARG B 158 -21.00 -56.97 38.23
N ILE B 159 -20.14 -56.83 37.23
CA ILE B 159 -18.69 -56.79 37.48
C ILE B 159 -18.23 -55.37 37.83
N THR B 160 -18.52 -54.41 36.97
CA THR B 160 -18.05 -53.04 37.19
C THR B 160 -19.20 -52.07 37.48
N TRP B 161 -18.90 -51.01 38.23
CA TRP B 161 -19.92 -50.06 38.64
C TRP B 161 -19.61 -48.63 38.19
N THR B 162 -18.54 -48.47 37.43
CA THR B 162 -17.95 -47.15 37.23
C THR B 162 -18.19 -46.54 35.85
N GLY B 163 -18.86 -47.31 34.98
CA GLY B 163 -19.09 -46.88 33.61
C GLY B 163 -19.95 -45.63 33.50
N LYS B 164 -19.43 -44.62 32.82
CA LYS B 164 -20.17 -43.41 32.50
C LYS B 164 -20.03 -43.12 31.02
N GLU B 165 -21.16 -42.84 30.38
CA GLU B 165 -21.21 -42.67 28.93
C GLU B 165 -20.17 -41.67 28.45
N ASP B 166 -19.40 -42.05 27.42
CA ASP B 166 -18.37 -41.19 26.82
C ASP B 166 -17.14 -40.93 27.70
N ILE B 167 -17.22 -41.29 28.98
CA ILE B 167 -16.11 -41.04 29.89
C ILE B 167 -15.40 -42.32 30.34
N ILE B 168 -16.13 -43.24 30.99
CA ILE B 168 -15.54 -44.48 31.48
C ILE B 168 -16.07 -45.71 30.75
N TYR B 169 -15.15 -46.40 30.07
CA TYR B 169 -15.45 -47.57 29.26
C TYR B 169 -14.92 -48.83 29.93
N ASN B 170 -15.81 -49.73 30.32
CA ASN B 170 -15.40 -51.01 30.90
C ASN B 170 -15.68 -52.15 29.95
N GLY B 171 -14.63 -52.75 29.40
CA GLY B 171 -14.77 -53.92 28.53
C GLY B 171 -15.14 -53.59 27.10
N ILE B 172 -15.28 -52.31 26.80
CA ILE B 172 -15.40 -51.84 25.43
C ILE B 172 -14.36 -50.75 25.19
N THR B 173 -13.94 -50.62 23.94
CA THR B 173 -13.03 -49.55 23.56
C THR B 173 -13.76 -48.21 23.44
N ASP B 174 -12.99 -47.13 23.33
CA ASP B 174 -13.55 -45.83 23.01
C ASP B 174 -13.27 -45.65 21.53
N TRP B 175 -13.45 -44.44 21.01
CA TRP B 175 -13.26 -44.25 19.58
C TRP B 175 -11.90 -44.70 19.05
N VAL B 176 -10.80 -44.23 19.64
CA VAL B 176 -9.46 -44.56 19.10
C VAL B 176 -9.04 -45.99 19.30
N TYR B 177 -9.38 -46.57 20.44
CA TYR B 177 -8.92 -47.91 20.66
C TYR B 177 -9.64 -48.80 19.69
N GLU B 178 -10.89 -48.45 19.39
CA GLU B 178 -11.70 -49.23 18.47
C GLU B 178 -11.14 -49.17 17.07
N GLU B 179 -10.90 -47.95 16.61
CA GLU B 179 -10.48 -47.75 15.24
C GLU B 179 -9.04 -48.18 15.06
N GLU B 180 -8.17 -47.85 15.99
CA GLU B 180 -6.72 -47.85 15.75
C GLU B 180 -5.90 -48.97 16.41
N VAL B 181 -6.34 -49.45 17.56
CA VAL B 181 -5.55 -50.38 18.34
C VAL B 181 -6.10 -51.79 18.20
N PHE B 182 -7.36 -51.97 18.55
CA PHE B 182 -7.95 -53.30 18.64
C PHE B 182 -8.79 -53.71 17.45
N SER B 183 -9.10 -52.78 16.54
CA SER B 183 -10.00 -53.06 15.42
C SER B 183 -11.19 -53.86 15.97
N ALA B 184 -11.75 -53.35 17.07
CA ALA B 184 -12.83 -54.05 17.76
C ALA B 184 -13.47 -53.15 18.81
N TYR B 185 -14.77 -53.34 19.01
CA TYR B 185 -15.48 -52.67 20.10
C TYR B 185 -15.16 -53.38 21.39
N SER B 186 -15.22 -54.71 21.31
CA SER B 186 -14.90 -55.58 22.43
C SER B 186 -13.55 -55.28 23.06
N ALA B 187 -13.57 -55.13 24.39
CA ALA B 187 -12.34 -55.16 25.18
C ALA B 187 -12.46 -56.17 26.35
N LEU B 188 -12.90 -57.39 26.02
CA LEU B 188 -12.99 -58.48 26.98
C LEU B 188 -12.23 -59.68 26.45
N TRP B 189 -11.49 -60.36 27.31
CA TRP B 189 -10.77 -61.57 26.90
C TRP B 189 -10.92 -62.68 27.92
N TRP B 190 -11.75 -63.67 27.61
CA TRP B 190 -11.90 -64.85 28.45
C TRP B 190 -10.61 -65.69 28.44
N SER B 191 -10.28 -66.28 29.57
CA SER B 191 -9.21 -67.26 29.64
C SER B 191 -9.68 -68.49 28.88
N PRO B 192 -8.74 -69.36 28.42
CA PRO B 192 -9.12 -70.52 27.61
C PRO B 192 -10.28 -71.37 28.17
N ASN B 193 -10.19 -71.82 29.43
CA ASN B 193 -11.30 -72.57 30.03
C ASN B 193 -12.37 -71.66 30.64
N GLY B 194 -12.24 -70.36 30.39
CA GLY B 194 -13.24 -69.37 30.78
C GLY B 194 -13.34 -69.12 32.27
N THR B 195 -12.29 -69.40 33.02
CA THR B 195 -12.28 -69.07 34.45
C THR B 195 -12.19 -67.55 34.63
N PHE B 196 -11.24 -66.95 33.92
CA PHE B 196 -10.98 -65.53 34.07
C PHE B 196 -11.56 -64.73 32.92
N LEU B 197 -12.13 -63.60 33.27
CA LEU B 197 -12.47 -62.59 32.29
C LEU B 197 -11.52 -61.42 32.47
N ALA B 198 -10.65 -61.22 31.49
CA ALA B 198 -9.77 -60.06 31.49
C ALA B 198 -10.45 -58.95 30.73
N TYR B 199 -10.36 -57.75 31.25
CA TYR B 199 -10.89 -56.58 30.54
C TYR B 199 -10.01 -55.34 30.64
N ALA B 200 -10.04 -54.54 29.59
CA ALA B 200 -9.44 -53.22 29.60
C ALA B 200 -10.48 -52.22 30.07
N GLN B 201 -10.02 -51.08 30.56
CA GLN B 201 -10.93 -50.02 30.96
C GLN B 201 -10.34 -48.66 30.57
N PHE B 202 -11.15 -47.89 29.86
CA PHE B 202 -10.67 -46.65 29.29
C PHE B 202 -11.28 -45.44 29.96
N ASN B 203 -10.45 -44.40 30.09
CA ASN B 203 -10.82 -43.18 30.79
C ASN B 203 -10.67 -42.01 29.81
N ASP B 204 -11.79 -41.44 29.38
CA ASP B 204 -11.78 -40.39 28.36
C ASP B 204 -12.02 -39.00 28.92
N THR B 205 -12.03 -38.89 30.25
CA THR B 205 -12.44 -37.67 30.95
C THR B 205 -12.00 -36.39 30.24
N GLU B 206 -10.70 -36.25 30.00
CA GLU B 206 -10.15 -35.01 29.43
C GLU B 206 -9.88 -35.01 27.92
N VAL B 207 -10.38 -36.03 27.23
CA VAL B 207 -10.21 -36.10 25.78
C VAL B 207 -11.22 -35.16 25.13
N PRO B 208 -10.76 -34.27 24.22
CA PRO B 208 -11.63 -33.27 23.59
C PRO B 208 -12.64 -33.96 22.71
N LEU B 209 -13.75 -33.29 22.43
CA LEU B 209 -14.81 -33.89 21.62
C LEU B 209 -14.83 -33.28 20.22
N ILE B 210 -14.93 -34.15 19.22
CA ILE B 210 -15.28 -33.71 17.87
C ILE B 210 -16.80 -33.57 17.85
N GLU B 211 -17.26 -32.40 17.43
CA GLU B 211 -18.68 -32.14 17.27
C GLU B 211 -18.98 -31.91 15.80
N TYR B 212 -20.04 -32.55 15.32
CA TYR B 212 -20.55 -32.32 13.99
C TYR B 212 -22.06 -32.50 13.98
N SER B 213 -22.70 -32.09 12.89
CA SER B 213 -24.14 -32.16 12.85
C SER B 213 -24.61 -33.42 12.18
N PHE B 214 -25.62 -34.03 12.78
CA PHE B 214 -26.32 -35.12 12.15
C PHE B 214 -27.73 -34.64 11.88
N TYR B 215 -28.10 -34.57 10.59
CA TYR B 215 -29.35 -33.95 10.17
C TYR B 215 -30.53 -34.92 10.26
N SER B 216 -30.22 -36.19 9.98
CA SER B 216 -31.15 -37.30 10.16
C SER B 216 -32.33 -37.21 9.19
N ASP B 217 -33.38 -37.96 9.51
CA ASP B 217 -34.57 -37.98 8.73
C ASP B 217 -35.11 -36.55 8.66
N GLU B 218 -35.63 -36.15 7.50
CA GLU B 218 -36.20 -34.81 7.32
C GLU B 218 -37.26 -34.43 8.38
N SER B 219 -37.81 -35.44 9.05
CA SER B 219 -38.60 -35.30 10.28
C SER B 219 -37.99 -34.42 11.36
N LEU B 220 -36.69 -34.57 11.55
CA LEU B 220 -36.01 -33.92 12.64
C LEU B 220 -35.97 -32.40 12.38
N GLN B 221 -36.60 -31.62 13.26
CA GLN B 221 -36.69 -30.19 13.03
C GLN B 221 -35.35 -29.52 13.25
N TYR B 222 -34.65 -29.93 14.29
CA TYR B 222 -33.39 -29.34 14.67
C TYR B 222 -32.30 -30.37 14.52
N PRO B 223 -31.27 -30.04 13.71
CA PRO B 223 -30.18 -30.99 13.47
C PRO B 223 -29.59 -31.37 14.81
N LYS B 224 -29.17 -32.62 14.94
CA LYS B 224 -28.57 -33.13 16.17
C LYS B 224 -27.08 -32.86 16.12
N THR B 225 -26.48 -32.49 17.24
CA THR B 225 -25.02 -32.40 17.33
C THR B 225 -24.42 -33.66 17.93
N VAL B 226 -23.64 -34.38 17.14
CA VAL B 226 -22.97 -35.56 17.65
C VAL B 226 -21.66 -35.10 18.29
N ARG B 227 -21.37 -35.64 19.47
CA ARG B 227 -20.17 -35.31 20.22
C ARG B 227 -19.46 -36.61 20.57
N VAL B 228 -18.27 -36.79 20.01
CA VAL B 228 -17.48 -38.01 20.23
C VAL B 228 -16.11 -37.70 20.84
N PRO B 229 -15.77 -38.36 21.99
CA PRO B 229 -14.41 -38.24 22.52
C PRO B 229 -13.38 -38.79 21.52
N TYR B 230 -12.65 -37.86 20.89
CA TYR B 230 -11.77 -38.19 19.78
C TYR B 230 -10.48 -37.40 19.88
N PRO B 231 -9.36 -38.07 20.24
CA PRO B 231 -8.13 -37.31 20.44
C PRO B 231 -7.40 -37.05 19.12
N LYS B 232 -7.36 -35.78 18.71
CA LYS B 232 -6.61 -35.43 17.51
C LYS B 232 -5.12 -35.41 17.84
N ALA B 233 -4.27 -35.52 16.81
CA ALA B 233 -2.82 -35.59 17.01
C ALA B 233 -2.42 -34.55 18.05
N GLY B 234 -1.77 -35.00 19.13
CA GLY B 234 -1.23 -34.07 20.12
C GLY B 234 -2.13 -33.79 21.31
N ALA B 235 -3.44 -34.04 21.14
CA ALA B 235 -4.44 -33.79 22.19
C ALA B 235 -4.27 -34.82 23.30
N VAL B 236 -4.91 -34.59 24.45
CA VAL B 236 -4.77 -35.57 25.54
C VAL B 236 -5.51 -36.84 25.19
N ASN B 237 -4.80 -37.95 25.32
CA ASN B 237 -5.31 -39.28 24.98
C ASN B 237 -6.11 -39.88 26.13
N PRO B 238 -6.90 -40.93 25.85
CA PRO B 238 -7.50 -41.76 26.88
C PRO B 238 -6.44 -42.48 27.71
N THR B 239 -6.81 -42.86 28.92
CA THR B 239 -5.93 -43.66 29.75
C THR B 239 -6.57 -45.04 29.85
N VAL B 240 -5.76 -46.04 30.19
CA VAL B 240 -6.22 -47.43 30.22
C VAL B 240 -5.70 -48.20 31.44
N LYS B 241 -6.62 -48.68 32.25
CA LYS B 241 -6.27 -49.61 33.29
C LYS B 241 -6.71 -51.00 32.84
N PHE B 242 -6.03 -52.04 33.30
CA PHE B 242 -6.34 -53.41 32.87
C PHE B 242 -6.66 -54.33 34.04
N PHE B 243 -7.72 -55.13 33.92
CA PHE B 243 -8.17 -55.99 35.02
C PHE B 243 -8.42 -57.46 34.66
N VAL B 244 -8.31 -58.33 35.66
CA VAL B 244 -8.68 -59.72 35.50
C VAL B 244 -9.59 -60.13 36.66
N VAL B 245 -10.81 -60.53 36.33
CA VAL B 245 -11.73 -61.05 37.33
C VAL B 245 -11.85 -62.58 37.24
N ASN B 246 -11.91 -63.23 38.39
CA ASN B 246 -12.19 -64.65 38.45
C ASN B 246 -13.70 -64.89 38.45
N THR B 247 -14.22 -65.42 37.37
CA THR B 247 -15.67 -65.57 37.25
C THR B 247 -16.22 -66.78 38.01
N ASP B 248 -15.35 -67.67 38.48
CA ASP B 248 -15.79 -68.84 39.27
C ASP B 248 -16.07 -68.51 40.74
N SER B 249 -15.48 -67.42 41.23
CA SER B 249 -15.69 -66.99 42.61
C SER B 249 -16.61 -65.78 42.73
N LEU B 250 -17.35 -65.48 41.65
CA LEU B 250 -18.40 -64.47 41.68
C LEU B 250 -19.37 -64.78 42.79
N SER B 251 -19.90 -63.73 43.43
CA SER B 251 -20.79 -63.95 44.57
C SER B 251 -22.05 -63.12 44.44
N SER B 252 -23.17 -63.72 44.86
CA SER B 252 -24.46 -63.06 44.78
C SER B 252 -24.66 -62.13 45.96
N VAL B 253 -23.72 -62.14 46.90
CA VAL B 253 -23.85 -61.32 48.11
C VAL B 253 -22.74 -60.28 48.27
N THR B 254 -21.76 -60.30 47.36
CA THR B 254 -20.64 -59.35 47.37
C THR B 254 -20.27 -58.92 45.96
N ASN B 255 -20.01 -57.63 45.77
CA ASN B 255 -19.47 -57.11 44.50
C ASN B 255 -18.22 -57.92 44.12
N ALA B 256 -18.03 -58.16 42.82
CA ALA B 256 -16.90 -58.93 42.32
C ALA B 256 -15.57 -58.19 42.49
N THR B 257 -14.55 -58.92 42.93
CA THR B 257 -13.22 -58.35 43.05
C THR B 257 -12.48 -58.44 41.72
N SER B 258 -12.18 -57.28 41.15
CA SER B 258 -11.43 -57.23 39.90
C SER B 258 -9.98 -56.98 40.22
N ILE B 259 -9.11 -57.91 39.85
CA ILE B 259 -7.68 -57.76 40.12
C ILE B 259 -7.04 -56.91 39.03
N GLN B 260 -6.23 -55.92 39.42
CA GLN B 260 -5.57 -55.08 38.45
C GLN B 260 -4.13 -55.45 38.17
N ILE B 261 -3.84 -55.61 36.88
CA ILE B 261 -2.49 -55.59 36.36
C ILE B 261 -2.19 -54.16 35.91
N THR B 262 -1.15 -53.58 36.50
CA THR B 262 -0.69 -52.25 36.13
C THR B 262 0.30 -52.40 34.98
N ALA B 263 0.48 -51.32 34.21
CA ALA B 263 1.49 -51.28 33.16
C ALA B 263 2.90 -51.39 33.78
N PRO B 264 3.93 -51.67 32.96
CA PRO B 264 5.30 -51.65 33.49
C PRO B 264 5.72 -50.25 33.93
N ALA B 265 6.86 -50.17 34.63
CA ALA B 265 7.40 -48.89 35.05
C ALA B 265 7.80 -48.07 33.83
N SER B 266 8.37 -48.73 32.82
CA SER B 266 8.85 -48.05 31.61
C SER B 266 7.71 -47.46 30.76
N MET B 267 6.48 -47.87 31.05
CA MET B 267 5.33 -47.39 30.32
C MET B 267 4.67 -46.26 31.07
N LEU B 268 4.58 -46.43 32.39
CA LEU B 268 3.84 -45.52 33.26
C LEU B 268 4.45 -44.14 33.39
N ILE B 269 5.70 -43.97 32.98
CA ILE B 269 6.37 -42.67 33.02
C ILE B 269 5.71 -41.63 32.10
N GLY B 270 5.05 -42.08 31.05
CA GLY B 270 4.38 -41.18 30.12
C GLY B 270 3.13 -41.77 29.53
N ASP B 271 2.55 -41.04 28.58
CA ASP B 271 1.38 -41.52 27.85
C ASP B 271 1.69 -42.85 27.19
N HIS B 272 0.85 -43.85 27.46
CA HIS B 272 1.09 -45.19 26.94
C HIS B 272 -0.21 -45.79 26.40
N TYR B 273 -0.13 -46.99 25.84
CA TYR B 273 -1.31 -47.71 25.40
C TYR B 273 -1.22 -49.18 25.76
N LEU B 274 -2.38 -49.82 25.85
CA LEU B 274 -2.47 -51.26 25.84
C LEU B 274 -2.81 -51.64 24.40
N CYS B 275 -1.88 -52.29 23.71
CA CYS B 275 -2.05 -52.58 22.28
C CYS B 275 -2.28 -54.05 21.95
N ASP B 276 -2.12 -54.93 22.95
CA ASP B 276 -2.34 -56.36 22.76
C ASP B 276 -2.60 -57.10 24.07
N VAL B 277 -3.65 -57.92 24.07
CA VAL B 277 -3.93 -58.87 25.14
C VAL B 277 -3.88 -60.28 24.54
N THR B 278 -3.24 -61.23 25.22
CA THR B 278 -3.21 -62.63 24.74
C THR B 278 -3.05 -63.60 25.88
N TRP B 279 -4.09 -64.39 26.13
CA TRP B 279 -3.98 -65.49 27.09
C TRP B 279 -2.99 -66.54 26.59
N ALA B 280 -2.07 -66.93 27.45
CA ALA B 280 -1.11 -67.95 27.09
C ALA B 280 -1.62 -69.28 27.63
N THR B 281 -2.03 -69.30 28.89
CA THR B 281 -2.60 -70.49 29.49
C THR B 281 -3.76 -70.12 30.38
N GLN B 282 -4.33 -71.13 31.02
CA GLN B 282 -5.38 -70.96 32.01
C GLN B 282 -5.01 -69.94 33.06
N GLU B 283 -3.72 -69.86 33.35
CA GLU B 283 -3.23 -69.03 34.44
C GLU B 283 -2.12 -68.04 34.05
N ARG B 284 -1.82 -67.96 32.75
CA ARG B 284 -0.80 -67.04 32.26
C ARG B 284 -1.33 -66.22 31.12
N ILE B 285 -1.15 -64.91 31.21
CA ILE B 285 -1.65 -63.98 30.22
C ILE B 285 -0.50 -63.05 29.78
N SER B 286 -0.52 -62.61 28.53
CA SER B 286 0.52 -61.70 28.06
C SER B 286 -0.08 -60.36 27.67
N LEU B 287 0.50 -59.28 28.19
CA LEU B 287 0.11 -57.92 27.80
C LEU B 287 1.16 -57.31 26.90
N GLN B 288 0.73 -56.51 25.93
CA GLN B 288 1.66 -55.64 25.21
C GLN B 288 1.25 -54.17 25.36
N TRP B 289 2.21 -53.34 25.76
CA TRP B 289 1.96 -51.92 25.97
C TRP B 289 2.87 -51.09 25.08
N LEU B 290 2.36 -49.94 24.65
CA LEU B 290 3.07 -49.06 23.72
C LEU B 290 3.22 -47.69 24.35
N ARG B 291 4.40 -47.10 24.22
CA ARG B 291 4.55 -45.69 24.57
C ARG B 291 3.86 -44.85 23.50
N ARG B 292 3.35 -43.68 23.90
CA ARG B 292 2.73 -42.76 22.94
C ARG B 292 3.65 -42.52 21.76
N ILE B 293 4.93 -42.25 22.02
CA ILE B 293 5.92 -42.33 20.96
C ILE B 293 6.06 -43.83 20.68
N GLN B 294 5.58 -44.25 19.52
CA GLN B 294 5.36 -45.67 19.27
C GLN B 294 6.57 -46.38 18.67
N ASN B 295 7.73 -46.18 19.26
CA ASN B 295 8.95 -46.88 18.85
C ASN B 295 9.53 -47.73 20.00
N TYR B 296 8.70 -47.94 21.03
CA TYR B 296 9.10 -48.74 22.20
C TYR B 296 7.87 -49.42 22.78
N SER B 297 7.92 -50.75 22.88
CA SER B 297 6.84 -51.53 23.49
C SER B 297 7.36 -52.67 24.34
N VAL B 298 6.56 -53.02 25.34
CA VAL B 298 6.95 -54.01 26.30
C VAL B 298 5.85 -55.05 26.38
N MET B 299 6.22 -56.31 26.16
CA MET B 299 5.34 -57.43 26.46
C MET B 299 5.58 -57.91 27.89
N ASP B 300 4.58 -57.74 28.73
CA ASP B 300 4.58 -58.35 30.06
C ASP B 300 3.92 -59.72 30.04
N ILE B 301 4.51 -60.67 30.74
CA ILE B 301 3.94 -62.01 30.85
C ILE B 301 3.55 -62.25 32.31
N CYS B 302 2.26 -62.43 32.57
CA CYS B 302 1.75 -62.41 33.94
C CYS B 302 1.13 -63.73 34.36
N ASP B 303 1.53 -64.20 35.54
CA ASP B 303 1.01 -65.44 36.08
C ASP B 303 0.06 -65.16 37.22
N TYR B 304 -0.98 -66.00 37.32
CA TYR B 304 -1.89 -65.97 38.43
C TYR B 304 -1.23 -66.75 39.56
N ASP B 305 -0.97 -66.07 40.68
CA ASP B 305 -0.48 -66.72 41.88
C ASP B 305 -1.68 -67.23 42.68
N GLU B 306 -1.70 -68.54 42.91
CA GLU B 306 -2.82 -69.23 43.58
C GLU B 306 -3.11 -68.77 45.01
N SER B 307 -2.10 -68.78 45.88
CA SER B 307 -2.28 -68.29 47.26
C SER B 307 -2.63 -66.79 47.29
N SER B 308 -2.05 -66.01 46.37
CA SER B 308 -2.33 -64.59 46.28
C SER B 308 -3.80 -64.34 45.97
N GLY B 309 -4.22 -64.77 44.78
CA GLY B 309 -5.49 -64.36 44.19
C GLY B 309 -5.21 -63.24 43.21
N ARG B 310 -3.96 -62.78 43.21
CA ARG B 310 -3.52 -61.65 42.41
C ARG B 310 -2.69 -62.14 41.23
N TRP B 311 -2.36 -61.21 40.34
CA TRP B 311 -1.61 -61.51 39.15
C TRP B 311 -0.25 -60.84 39.20
N ASN B 312 0.78 -61.51 38.70
CA ASN B 312 2.13 -61.01 38.84
C ASN B 312 2.95 -61.14 37.56
N CYS B 313 3.49 -60.03 37.08
CA CYS B 313 4.33 -60.07 35.89
C CYS B 313 5.78 -59.83 36.30
N LEU B 314 6.59 -60.86 36.21
CA LEU B 314 7.98 -60.77 36.63
C LEU B 314 8.80 -60.03 35.59
N VAL B 315 9.62 -59.09 36.05
CA VAL B 315 10.48 -58.26 35.20
C VAL B 315 11.38 -59.08 34.25
N ALA B 316 11.75 -60.29 34.67
CA ALA B 316 12.61 -61.16 33.86
C ALA B 316 11.84 -61.81 32.70
N ARG B 317 10.52 -61.67 32.69
CA ARG B 317 9.69 -62.17 31.58
C ARG B 317 9.19 -61.02 30.69
N GLN B 318 9.62 -59.79 31.00
CA GLN B 318 9.33 -58.64 30.15
C GLN B 318 10.09 -58.76 28.84
N HIS B 319 9.40 -58.57 27.72
CA HIS B 319 10.03 -58.62 26.40
C HIS B 319 9.91 -57.29 25.67
N ILE B 320 11.05 -56.76 25.27
CA ILE B 320 11.10 -55.44 24.64
C ILE B 320 11.14 -55.53 23.13
N GLU B 321 10.29 -54.73 22.49
CA GLU B 321 10.35 -54.56 21.05
C GLU B 321 10.39 -53.06 20.74
N MET B 322 11.37 -52.68 19.92
CA MET B 322 11.56 -51.31 19.51
C MET B 322 12.13 -51.27 18.10
N SER B 323 12.12 -50.08 17.50
CA SER B 323 12.64 -49.88 16.17
C SER B 323 13.40 -48.57 16.16
N THR B 324 14.55 -48.55 15.47
CA THR B 324 15.30 -47.30 15.33
C THR B 324 14.94 -46.56 14.03
N THR B 325 14.47 -47.31 13.04
CA THR B 325 14.09 -46.74 11.74
C THR B 325 12.64 -46.23 11.60
N GLY B 326 11.79 -46.51 12.58
CA GLY B 326 10.41 -46.07 12.51
C GLY B 326 9.61 -46.47 13.74
N TRP B 327 8.41 -46.97 13.50
CA TRP B 327 7.51 -47.41 14.55
C TRP B 327 7.56 -48.94 14.68
N VAL B 328 7.16 -49.47 15.83
CA VAL B 328 7.17 -50.92 16.06
C VAL B 328 5.90 -51.60 15.55
N GLY B 329 6.07 -52.66 14.75
CA GLY B 329 4.90 -53.37 14.19
C GLY B 329 4.48 -52.79 12.86
N ARG B 330 3.58 -53.48 12.16
CA ARG B 330 3.02 -52.94 10.91
C ARG B 330 2.05 -51.80 11.21
N PHE B 331 1.14 -52.03 12.16
CA PHE B 331 0.26 -50.99 12.68
C PHE B 331 0.22 -51.06 14.20
N ARG B 332 0.73 -52.17 14.74
CA ARG B 332 0.89 -52.39 16.17
C ARG B 332 1.80 -53.59 16.40
N PRO B 333 2.44 -53.67 17.57
CA PRO B 333 3.23 -54.88 17.87
C PRO B 333 2.46 -56.15 17.53
N SER B 334 3.15 -57.18 17.10
CA SER B 334 2.50 -58.40 16.64
C SER B 334 1.98 -59.27 17.79
N GLU B 335 0.94 -60.05 17.54
CA GLU B 335 0.36 -60.87 18.58
C GLU B 335 1.20 -62.13 18.81
N PRO B 336 1.32 -62.56 20.08
CA PRO B 336 2.11 -63.74 20.32
C PRO B 336 1.30 -65.02 20.15
N HIS B 337 1.93 -66.07 19.63
CA HIS B 337 1.31 -67.37 19.54
C HIS B 337 2.08 -68.31 20.44
N PHE B 338 1.45 -68.68 21.53
CA PHE B 338 2.08 -69.47 22.57
C PHE B 338 2.02 -70.95 22.27
N THR B 339 3.08 -71.68 22.61
CA THR B 339 3.02 -73.13 22.58
C THR B 339 2.12 -73.57 23.72
N LEU B 340 1.49 -74.74 23.57
CA LEU B 340 0.50 -75.26 24.51
C LEU B 340 0.89 -75.08 26.00
N ASP B 341 2.12 -75.48 26.35
CA ASP B 341 2.61 -75.37 27.74
C ASP B 341 2.82 -73.91 28.26
N GLY B 342 2.67 -72.93 27.38
CA GLY B 342 2.79 -71.54 27.78
C GLY B 342 4.21 -71.00 27.86
N ASN B 343 5.19 -71.88 27.79
CA ASN B 343 6.59 -71.48 28.02
C ASN B 343 7.32 -70.86 26.83
N SER B 344 6.71 -70.94 25.67
CA SER B 344 7.35 -70.44 24.46
C SER B 344 6.32 -69.75 23.58
N PHE B 345 6.75 -68.80 22.77
CA PHE B 345 5.83 -68.20 21.80
C PHE B 345 6.49 -67.79 20.50
N TYR B 346 5.70 -67.83 19.43
CA TYR B 346 6.15 -67.35 18.14
C TYR B 346 5.58 -65.96 17.90
N LYS B 347 6.34 -65.14 17.19
CA LYS B 347 5.94 -63.76 16.95
C LYS B 347 6.58 -63.23 15.66
N ILE B 348 5.78 -62.49 14.89
CA ILE B 348 6.31 -61.77 13.76
C ILE B 348 6.98 -60.52 14.31
N ILE B 349 8.28 -60.42 14.07
CA ILE B 349 9.03 -59.21 14.38
C ILE B 349 9.93 -58.88 13.18
N SER B 350 10.37 -57.63 13.10
CA SER B 350 11.27 -57.22 12.04
C SER B 350 12.66 -57.75 12.30
N ASN B 351 13.27 -58.41 11.32
CA ASN B 351 14.63 -58.91 11.51
C ASN B 351 15.66 -57.80 11.30
N GLU B 352 16.94 -58.13 11.44
CA GLU B 352 18.02 -57.13 11.37
C GLU B 352 18.21 -56.53 9.95
N GLU B 353 17.44 -57.04 8.99
CA GLU B 353 17.40 -56.46 7.66
C GLU B 353 16.08 -55.74 7.40
N GLY B 354 15.28 -55.56 8.44
CA GLY B 354 14.02 -54.85 8.32
C GLY B 354 12.91 -55.69 7.72
N TYR B 355 13.15 -56.99 7.58
CA TYR B 355 12.13 -57.91 7.08
C TYR B 355 11.43 -58.60 8.22
N ARG B 356 10.10 -58.55 8.17
CA ARG B 356 9.24 -59.14 9.18
C ARG B 356 9.18 -60.66 9.09
N HIS B 357 9.77 -61.34 10.07
CA HIS B 357 9.78 -62.79 10.11
C HIS B 357 9.33 -63.38 11.44
N ILE B 358 9.05 -64.68 11.43
CA ILE B 358 8.57 -65.34 12.63
C ILE B 358 9.77 -65.62 13.52
N CYS B 359 9.73 -65.05 14.71
CA CYS B 359 10.74 -65.30 15.70
C CYS B 359 10.22 -66.25 16.76
N TYR B 360 11.10 -67.11 17.25
CA TYR B 360 10.76 -68.08 18.27
C TYR B 360 11.27 -67.61 19.62
N PHE B 361 10.36 -67.34 20.54
CA PHE B 361 10.73 -66.78 21.84
C PHE B 361 10.57 -67.79 22.97
N GLN B 362 11.53 -67.78 23.89
CA GLN B 362 11.37 -68.45 25.16
C GLN B 362 10.98 -67.43 26.20
N ILE B 363 10.08 -67.82 27.10
CA ILE B 363 9.57 -66.92 28.15
C ILE B 363 10.67 -66.25 29.01
N ASP B 364 11.80 -66.95 29.16
CA ASP B 364 12.92 -66.51 29.98
C ASP B 364 14.08 -65.85 29.24
N LYS B 365 14.34 -66.25 27.99
CA LYS B 365 15.44 -65.64 27.23
C LYS B 365 14.98 -64.43 26.42
N LYS B 366 15.73 -63.32 26.59
CA LYS B 366 15.49 -62.06 25.87
C LYS B 366 15.53 -62.21 24.34
N ASP B 367 16.58 -62.88 23.85
CA ASP B 367 16.81 -63.11 22.43
C ASP B 367 16.02 -64.31 21.89
N CYS B 368 15.44 -64.14 20.71
CA CYS B 368 14.79 -65.24 20.03
C CYS B 368 15.66 -65.79 18.91
N THR B 369 15.10 -66.74 18.16
CA THR B 369 15.68 -67.14 16.88
C THR B 369 14.62 -67.14 15.80
N PHE B 370 15.01 -66.67 14.63
CA PHE B 370 14.12 -66.57 13.51
C PHE B 370 13.95 -67.93 12.86
N ILE B 371 12.71 -68.39 12.79
CA ILE B 371 12.38 -69.65 12.13
C ILE B 371 12.27 -69.48 10.61
N THR B 372 12.15 -68.23 10.16
CA THR B 372 12.15 -67.88 8.74
C THR B 372 13.04 -66.68 8.44
N LYS B 373 13.54 -66.61 7.22
CA LYS B 373 14.38 -65.50 6.78
C LYS B 373 14.23 -65.28 5.27
N GLY B 374 14.79 -64.16 4.81
CA GLY B 374 14.83 -63.88 3.38
C GLY B 374 14.20 -62.55 3.02
N THR B 375 14.44 -62.13 1.78
CA THR B 375 13.92 -60.86 1.27
C THR B 375 12.47 -61.00 0.79
N TRP B 376 11.66 -61.66 1.62
CA TRP B 376 10.20 -61.65 1.52
C TRP B 376 9.70 -61.42 2.94
N GLU B 377 8.40 -61.58 3.17
CA GLU B 377 7.83 -61.25 4.48
C GLU B 377 6.70 -62.17 4.97
N VAL B 378 6.65 -62.39 6.27
CA VAL B 378 5.60 -63.19 6.86
C VAL B 378 4.41 -62.31 7.21
N ILE B 379 3.24 -62.67 6.68
CA ILE B 379 2.04 -61.85 6.79
C ILE B 379 1.31 -62.06 8.12
N GLY B 380 1.09 -63.31 8.49
CA GLY B 380 0.42 -63.65 9.75
C GLY B 380 0.66 -65.11 10.12
N ILE B 381 0.70 -65.38 11.43
CA ILE B 381 0.71 -66.76 11.92
C ILE B 381 -0.75 -67.20 12.11
N GLU B 382 -1.09 -68.36 11.56
CA GLU B 382 -2.49 -68.74 11.47
C GLU B 382 -2.92 -69.91 12.37
N ALA B 383 -1.96 -70.77 12.74
CA ALA B 383 -2.24 -71.90 13.61
C ALA B 383 -0.91 -72.46 14.09
N LEU B 384 -0.94 -73.06 15.27
CA LEU B 384 0.24 -73.65 15.84
C LEU B 384 -0.16 -74.95 16.51
N THR B 385 0.28 -76.07 15.96
CA THR B 385 0.10 -77.36 16.64
C THR B 385 1.41 -77.67 17.36
N SER B 386 1.58 -78.91 17.80
CA SER B 386 2.82 -79.31 18.47
C SER B 386 3.97 -79.53 17.49
N ASP B 387 3.64 -79.86 16.23
CA ASP B 387 4.64 -80.20 15.22
C ASP B 387 4.80 -79.14 14.15
N TYR B 388 3.71 -78.45 13.82
CA TYR B 388 3.75 -77.53 12.71
C TYR B 388 3.24 -76.16 13.10
N LEU B 389 3.81 -75.15 12.45
CA LEU B 389 3.30 -73.80 12.52
C LEU B 389 2.87 -73.36 11.12
N TYR B 390 1.66 -72.83 11.04
CA TYR B 390 1.05 -72.47 9.78
C TYR B 390 1.03 -70.95 9.70
N TYR B 391 1.55 -70.44 8.60
CA TYR B 391 1.64 -69.01 8.42
C TYR B 391 1.42 -68.67 6.96
N ILE B 392 1.06 -67.41 6.71
CA ILE B 392 0.88 -66.88 5.37
C ILE B 392 2.09 -66.02 5.06
N SER B 393 2.60 -66.08 3.83
CA SER B 393 3.66 -65.16 3.41
C SER B 393 3.59 -64.79 1.93
N ASN B 394 4.34 -63.75 1.56
CA ASN B 394 4.45 -63.35 0.15
C ASN B 394 5.79 -63.77 -0.45
N GLU B 395 6.22 -64.96 -0.09
CA GLU B 395 7.51 -65.48 -0.52
C GLU B 395 7.45 -65.98 -1.95
N TYR B 396 6.32 -66.60 -2.32
CA TYR B 396 6.23 -67.31 -3.58
C TYR B 396 6.51 -66.44 -4.81
N LYS B 397 7.48 -66.90 -5.62
CA LYS B 397 7.95 -66.19 -6.81
C LYS B 397 8.36 -64.76 -6.50
N GLY B 398 8.92 -64.55 -5.32
CA GLY B 398 9.40 -63.26 -4.85
C GLY B 398 8.53 -62.11 -5.29
N MET B 399 7.24 -62.19 -4.97
CA MET B 399 6.28 -61.16 -5.36
C MET B 399 5.33 -60.79 -4.21
N PRO B 400 5.52 -59.59 -3.63
CA PRO B 400 4.95 -59.19 -2.34
C PRO B 400 3.43 -59.14 -2.32
N GLY B 401 2.81 -59.07 -3.49
CA GLY B 401 1.36 -58.92 -3.61
C GLY B 401 0.64 -60.25 -3.71
N GLY B 402 1.40 -61.32 -3.51
CA GLY B 402 0.85 -62.66 -3.47
C GLY B 402 0.72 -63.13 -2.04
N ARG B 403 -0.09 -64.15 -1.82
CA ARG B 403 -0.23 -64.74 -0.51
C ARG B 403 -0.31 -66.25 -0.66
N ASN B 404 0.50 -66.96 0.12
CA ASN B 404 0.33 -68.40 0.21
C ASN B 404 0.44 -68.91 1.63
N LEU B 405 -0.17 -70.06 1.89
CA LEU B 405 -0.07 -70.73 3.17
C LEU B 405 1.08 -71.72 3.12
N TYR B 406 1.97 -71.63 4.09
CA TYR B 406 3.09 -72.54 4.23
C TYR B 406 2.96 -73.21 5.58
N LYS B 407 3.45 -74.44 5.70
CA LYS B 407 3.67 -75.01 7.02
C LYS B 407 5.15 -75.26 7.26
N ILE B 408 5.60 -74.87 8.45
CA ILE B 408 7.00 -75.04 8.84
C ILE B 408 7.13 -76.05 9.99
N GLN B 409 8.11 -76.93 9.89
CA GLN B 409 8.31 -77.96 10.91
C GLN B 409 9.04 -77.44 12.15
N LEU B 410 8.30 -77.31 13.25
CA LEU B 410 8.82 -76.87 14.54
C LEU B 410 10.11 -77.54 14.97
N SER B 411 10.43 -78.71 14.41
CA SER B 411 11.67 -79.40 14.77
C SER B 411 12.79 -79.26 13.74
N ASP B 412 12.46 -78.79 12.54
CA ASP B 412 13.47 -78.50 11.51
C ASP B 412 13.06 -77.33 10.61
N TYR B 413 13.68 -76.18 10.84
CA TYR B 413 13.28 -74.93 10.22
C TYR B 413 13.57 -74.89 8.73
N THR B 414 14.49 -75.74 8.28
CA THR B 414 14.72 -75.90 6.84
C THR B 414 13.56 -76.63 6.16
N LYS B 415 12.80 -77.42 6.94
CA LYS B 415 11.68 -78.17 6.38
C LYS B 415 10.41 -77.34 6.37
N VAL B 416 10.11 -76.82 5.18
CA VAL B 416 9.05 -75.85 4.95
C VAL B 416 8.35 -76.25 3.66
N THR B 417 7.07 -76.58 3.77
CA THR B 417 6.27 -76.99 2.63
C THR B 417 5.35 -75.84 2.27
N CYS B 418 5.19 -75.55 0.98
CA CYS B 418 4.13 -74.62 0.57
C CYS B 418 2.82 -75.34 0.34
N LEU B 419 1.84 -75.04 1.18
CA LEU B 419 0.57 -75.75 1.17
C LEU B 419 -0.39 -75.30 0.06
N SER B 420 -0.21 -74.08 -0.43
CA SER B 420 -1.16 -73.53 -1.39
C SER B 420 -0.56 -73.16 -2.74
N CYS B 421 0.75 -72.92 -2.76
CA CYS B 421 1.44 -72.48 -3.97
C CYS B 421 1.05 -73.23 -5.23
N GLU B 422 1.21 -74.55 -5.22
CA GLU B 422 1.03 -75.34 -6.44
C GLU B 422 -0.40 -75.79 -6.74
N LEU B 423 -1.35 -75.41 -5.87
CA LEU B 423 -2.72 -75.89 -5.98
C LEU B 423 -3.34 -75.59 -7.34
N ASN B 424 -3.63 -74.32 -7.59
CA ASN B 424 -4.07 -73.87 -8.89
C ASN B 424 -3.25 -72.64 -9.27
N PRO B 425 -2.01 -72.87 -9.74
CA PRO B 425 -0.98 -71.80 -9.87
C PRO B 425 -1.39 -70.60 -10.73
N GLU B 426 -2.14 -70.86 -11.81
CA GLU B 426 -2.52 -69.83 -12.74
C GLU B 426 -3.70 -69.01 -12.25
N ARG B 427 -4.64 -69.69 -11.58
CA ARG B 427 -5.88 -69.10 -11.06
C ARG B 427 -5.71 -68.46 -9.67
N CYS B 428 -4.79 -69.03 -8.89
CA CYS B 428 -4.70 -68.75 -7.45
C CYS B 428 -3.31 -68.35 -6.94
N GLN B 429 -3.18 -67.10 -6.52
CA GLN B 429 -1.91 -66.55 -5.98
C GLN B 429 -2.13 -65.61 -4.80
N TYR B 430 -3.28 -65.69 -4.14
CA TYR B 430 -3.57 -64.85 -2.98
C TYR B 430 -4.52 -65.61 -2.08
N TYR B 431 -3.95 -66.28 -1.08
CA TYR B 431 -4.72 -67.21 -0.25
C TYR B 431 -4.99 -66.65 1.14
N SER B 432 -6.03 -67.16 1.79
CA SER B 432 -6.26 -66.93 3.21
C SER B 432 -6.90 -68.17 3.80
N VAL B 433 -6.74 -68.36 5.11
CA VAL B 433 -7.02 -69.65 5.71
C VAL B 433 -7.88 -69.60 6.98
N SER B 434 -8.81 -70.53 7.06
CA SER B 434 -9.63 -70.72 8.24
C SER B 434 -9.40 -72.15 8.74
N PHE B 435 -8.78 -72.29 9.92
CA PHE B 435 -8.49 -73.61 10.53
C PHE B 435 -9.59 -74.04 11.50
N SER B 436 -9.82 -75.34 11.60
CA SER B 436 -10.70 -75.90 12.61
C SER B 436 -10.16 -75.63 14.03
N LYS B 437 -10.95 -75.96 15.05
CA LYS B 437 -10.62 -75.66 16.46
C LYS B 437 -9.19 -76.03 16.86
N GLU B 438 -8.70 -77.13 16.30
CA GLU B 438 -7.40 -77.70 16.65
C GLU B 438 -6.64 -78.04 15.37
N ALA B 439 -6.89 -77.23 14.33
CA ALA B 439 -6.13 -77.27 13.07
C ALA B 439 -6.11 -78.62 12.32
N LYS B 440 -7.12 -79.46 12.52
CA LYS B 440 -7.17 -80.72 11.77
C LYS B 440 -7.61 -80.49 10.33
N TYR B 441 -8.48 -79.51 10.15
CA TYR B 441 -8.94 -79.15 8.81
C TYR B 441 -8.74 -77.67 8.59
N TYR B 442 -8.58 -77.29 7.33
CA TYR B 442 -8.58 -75.88 7.00
C TYR B 442 -9.32 -75.61 5.70
N GLN B 443 -10.00 -74.47 5.67
CA GLN B 443 -10.54 -73.94 4.45
C GLN B 443 -9.53 -72.95 3.91
N LEU B 444 -9.21 -73.09 2.63
CA LEU B 444 -8.38 -72.14 1.95
C LEU B 444 -9.27 -71.20 1.16
N ARG B 445 -8.86 -69.94 1.07
CA ARG B 445 -9.65 -68.93 0.41
C ARG B 445 -8.75 -68.20 -0.55
N CYS B 446 -8.86 -68.55 -1.82
CA CYS B 446 -8.09 -67.94 -2.87
C CYS B 446 -8.87 -66.77 -3.42
N SER B 447 -8.20 -65.65 -3.62
CA SER B 447 -8.91 -64.43 -3.98
C SER B 447 -8.57 -63.84 -5.35
N GLY B 448 -7.63 -64.46 -6.05
CA GLY B 448 -7.14 -63.96 -7.33
C GLY B 448 -5.83 -64.60 -7.75
N PRO B 449 -5.35 -64.33 -8.98
CA PRO B 449 -5.90 -63.38 -9.95
C PRO B 449 -7.15 -63.88 -10.68
N GLY B 450 -7.33 -65.20 -10.77
CA GLY B 450 -8.54 -65.80 -11.32
C GLY B 450 -9.70 -65.62 -10.35
N LEU B 451 -10.82 -66.30 -10.57
CA LEU B 451 -12.02 -66.09 -9.75
C LEU B 451 -11.86 -66.69 -8.37
N PRO B 452 -12.41 -66.03 -7.34
CA PRO B 452 -12.26 -66.56 -5.98
C PRO B 452 -12.63 -68.04 -5.90
N LEU B 453 -11.76 -68.83 -5.27
CA LEU B 453 -11.94 -70.28 -5.14
C LEU B 453 -11.88 -70.70 -3.67
N TYR B 454 -12.89 -71.44 -3.23
CA TYR B 454 -13.02 -71.82 -1.83
C TYR B 454 -12.92 -73.35 -1.64
N THR B 455 -11.83 -73.80 -1.01
CA THR B 455 -11.58 -75.24 -0.87
C THR B 455 -11.34 -75.66 0.57
N LEU B 456 -11.57 -76.95 0.85
CA LEU B 456 -11.49 -77.51 2.18
C LEU B 456 -10.42 -78.60 2.25
N HIS B 457 -9.62 -78.58 3.32
CA HIS B 457 -8.48 -79.49 3.44
C HIS B 457 -8.36 -80.10 4.82
N SER B 458 -7.90 -81.35 4.87
CA SER B 458 -7.45 -81.95 6.10
C SER B 458 -5.93 -81.74 6.16
N SER B 459 -5.46 -81.29 7.32
CA SER B 459 -4.07 -80.92 7.47
C SER B 459 -3.19 -82.11 7.87
N VAL B 460 -3.82 -83.22 8.25
CA VAL B 460 -3.12 -84.45 8.64
C VAL B 460 -2.16 -84.92 7.53
N ASN B 461 -2.59 -84.72 6.29
CA ASN B 461 -1.87 -85.24 5.13
C ASN B 461 -1.95 -84.23 3.99
N ASP B 462 -2.39 -83.02 4.34
CA ASP B 462 -2.55 -81.88 3.43
C ASP B 462 -3.16 -82.21 2.06
N LYS B 463 -4.13 -83.13 2.06
CA LYS B 463 -4.83 -83.51 0.84
C LYS B 463 -6.08 -82.63 0.61
N GLY B 464 -6.42 -82.45 -0.67
CA GLY B 464 -7.63 -81.75 -1.05
C GLY B 464 -8.85 -82.60 -0.78
N LEU B 465 -9.85 -82.02 -0.12
CA LEU B 465 -11.08 -82.72 0.16
C LEU B 465 -12.17 -82.35 -0.85
N ARG B 466 -12.70 -81.13 -0.75
CA ARG B 466 -13.72 -80.68 -1.70
C ARG B 466 -13.63 -79.20 -2.06
N VAL B 467 -14.13 -78.91 -3.26
CA VAL B 467 -14.41 -77.54 -3.68
C VAL B 467 -15.71 -77.14 -3.00
N LEU B 468 -15.63 -76.13 -2.13
CA LEU B 468 -16.81 -75.58 -1.45
C LEU B 468 -17.54 -74.56 -2.33
N GLU B 469 -16.78 -73.62 -2.89
CA GLU B 469 -17.30 -72.70 -3.91
C GLU B 469 -16.22 -72.45 -4.95
N ASP B 470 -16.57 -72.60 -6.22
CA ASP B 470 -15.61 -72.38 -7.31
C ASP B 470 -16.02 -71.24 -8.23
N ASN B 471 -17.11 -70.56 -7.87
CA ASN B 471 -17.70 -69.48 -8.65
C ASN B 471 -18.01 -69.74 -10.12
N SER B 472 -18.42 -70.96 -10.46
CA SER B 472 -18.67 -71.30 -11.85
C SER B 472 -19.85 -70.52 -12.44
N ALA B 473 -20.83 -70.21 -11.60
CA ALA B 473 -21.97 -69.38 -12.04
C ALA B 473 -21.50 -68.02 -12.54
N LEU B 474 -20.62 -67.35 -11.79
CA LEU B 474 -20.08 -66.07 -12.24
C LEU B 474 -19.23 -66.26 -13.49
N ASP B 475 -18.49 -67.35 -13.53
CA ASP B 475 -17.64 -67.67 -14.67
C ASP B 475 -18.47 -67.81 -15.94
N LYS B 476 -19.66 -68.39 -15.79
CA LYS B 476 -20.54 -68.63 -16.91
C LYS B 476 -21.02 -67.29 -17.43
N MET B 477 -21.44 -66.42 -16.51
CA MET B 477 -21.93 -65.10 -16.87
C MET B 477 -20.89 -64.27 -17.62
N LEU B 478 -19.62 -64.48 -17.29
CA LEU B 478 -18.57 -63.64 -17.81
C LEU B 478 -18.07 -64.00 -19.20
N GLN B 479 -18.50 -65.14 -19.73
CA GLN B 479 -17.91 -65.68 -20.95
C GLN B 479 -17.84 -64.65 -22.09
N ASN B 480 -19.01 -64.15 -22.49
CA ASN B 480 -19.12 -63.16 -23.57
C ASN B 480 -19.19 -61.73 -23.04
N VAL B 481 -18.50 -61.49 -21.92
CA VAL B 481 -18.29 -60.16 -21.37
C VAL B 481 -16.85 -59.73 -21.65
N GLN B 482 -16.68 -58.53 -22.19
CA GLN B 482 -15.35 -57.95 -22.37
C GLN B 482 -14.72 -57.43 -21.07
N MET B 483 -14.23 -58.36 -20.25
CA MET B 483 -13.60 -58.01 -18.99
C MET B 483 -12.22 -57.41 -19.21
N PRO B 484 -11.76 -56.57 -18.26
CA PRO B 484 -10.38 -56.13 -18.31
C PRO B 484 -9.42 -57.20 -17.77
N SER B 485 -8.16 -57.12 -18.16
CA SER B 485 -7.09 -57.94 -17.58
C SER B 485 -6.29 -57.12 -16.56
N LYS B 486 -5.55 -57.80 -15.69
CA LYS B 486 -4.63 -57.12 -14.79
C LYS B 486 -3.19 -57.37 -15.22
N LYS B 487 -2.35 -56.35 -15.06
CA LYS B 487 -0.93 -56.56 -15.19
C LYS B 487 -0.32 -56.23 -13.84
N LEU B 488 0.38 -57.20 -13.27
CA LEU B 488 1.08 -57.02 -12.00
C LEU B 488 2.56 -57.10 -12.30
N ASP B 489 3.26 -55.99 -12.11
CA ASP B 489 4.69 -55.96 -12.37
C ASP B 489 5.40 -54.91 -11.51
N PHE B 490 6.68 -54.69 -11.81
CA PHE B 490 7.47 -53.74 -11.04
C PHE B 490 8.34 -52.88 -11.92
N ILE B 491 8.80 -51.78 -11.35
CA ILE B 491 9.81 -50.94 -11.97
C ILE B 491 10.91 -50.69 -10.94
N ILE B 492 12.14 -50.50 -11.42
CA ILE B 492 13.28 -50.27 -10.55
C ILE B 492 13.59 -48.78 -10.41
N LEU B 493 13.48 -48.28 -9.17
CA LEU B 493 13.94 -46.92 -8.83
C LEU B 493 15.05 -46.99 -7.76
N ASN B 494 16.17 -46.28 -7.99
CA ASN B 494 17.32 -46.33 -7.08
C ASN B 494 17.58 -47.74 -6.60
N GLU B 495 17.85 -48.66 -7.54
CA GLU B 495 18.18 -50.04 -7.17
C GLU B 495 17.02 -50.88 -6.58
N THR B 496 15.86 -50.27 -6.35
CA THR B 496 14.76 -50.96 -5.67
C THR B 496 13.58 -51.26 -6.59
N LYS B 497 13.04 -52.47 -6.49
CA LYS B 497 11.79 -52.83 -7.16
C LYS B 497 10.59 -52.16 -6.49
N PHE B 498 9.78 -51.45 -7.29
CA PHE B 498 8.48 -50.97 -6.83
C PHE B 498 7.39 -51.54 -7.71
N TRP B 499 6.37 -52.11 -7.07
CA TRP B 499 5.34 -52.88 -7.77
C TRP B 499 4.12 -52.05 -8.08
N TYR B 500 3.69 -52.12 -9.32
CA TYR B 500 2.46 -51.47 -9.75
C TYR B 500 1.49 -52.50 -10.25
N GLN B 501 0.26 -52.08 -10.47
CA GLN B 501 -0.74 -52.88 -11.16
C GLN B 501 -1.58 -52.03 -12.10
N MET B 502 -1.95 -52.61 -13.24
CA MET B 502 -2.81 -51.91 -14.21
C MET B 502 -3.99 -52.78 -14.55
N ILE B 503 -5.18 -52.20 -14.41
CA ILE B 503 -6.41 -52.82 -14.85
C ILE B 503 -6.54 -52.39 -16.28
N LEU B 504 -6.23 -53.30 -17.21
CA LEU B 504 -6.13 -52.98 -18.63
C LEU B 504 -7.45 -53.26 -19.36
N PRO B 505 -7.92 -52.32 -20.19
CA PRO B 505 -9.10 -52.49 -21.05
C PRO B 505 -8.98 -53.69 -21.95
N PRO B 506 -10.12 -54.34 -22.28
CA PRO B 506 -10.11 -55.50 -23.14
C PRO B 506 -9.45 -55.17 -24.46
N HIS B 507 -8.87 -56.17 -25.11
CA HIS B 507 -8.24 -55.94 -26.42
C HIS B 507 -7.20 -54.84 -26.33
N PHE B 508 -6.52 -54.77 -25.20
CA PHE B 508 -5.51 -53.75 -24.97
C PHE B 508 -4.52 -53.72 -26.13
N ASP B 509 -4.20 -52.52 -26.60
CA ASP B 509 -3.33 -52.32 -27.74
C ASP B 509 -2.20 -51.36 -27.38
N LYS B 510 -0.98 -51.88 -27.28
CA LYS B 510 0.21 -51.07 -26.95
C LYS B 510 0.44 -49.85 -27.86
N SER B 511 -0.11 -49.90 -29.09
CA SER B 511 -0.03 -48.80 -30.05
C SER B 511 -0.86 -47.58 -29.64
N LYS B 512 -2.06 -47.83 -29.09
CA LYS B 512 -2.94 -46.75 -28.67
C LYS B 512 -2.42 -46.00 -27.43
N LYS B 513 -2.88 -44.77 -27.28
CA LYS B 513 -2.59 -43.97 -26.09
C LYS B 513 -3.88 -43.87 -25.29
N TYR B 514 -3.99 -44.70 -24.24
CA TYR B 514 -5.18 -44.72 -23.37
C TYR B 514 -5.09 -43.64 -22.31
N PRO B 515 -6.23 -43.05 -21.93
CA PRO B 515 -6.24 -42.23 -20.73
C PRO B 515 -5.96 -43.11 -19.51
N LEU B 516 -5.54 -42.51 -18.41
CA LEU B 516 -5.13 -43.29 -17.24
C LEU B 516 -5.55 -42.67 -15.93
N LEU B 517 -6.15 -43.49 -15.08
CA LEU B 517 -6.48 -43.07 -13.73
C LEU B 517 -5.50 -43.69 -12.74
N LEU B 518 -4.98 -42.88 -11.84
CA LEU B 518 -4.13 -43.40 -10.80
C LEU B 518 -4.99 -43.63 -9.56
N ASP B 519 -5.26 -44.90 -9.29
CA ASP B 519 -5.96 -45.30 -8.10
C ASP B 519 -4.94 -45.34 -6.97
N VAL B 520 -5.06 -44.39 -6.04
CA VAL B 520 -4.03 -44.18 -5.04
C VAL B 520 -4.53 -44.38 -3.62
N TYR B 521 -3.73 -45.09 -2.84
CA TYR B 521 -3.91 -45.14 -1.41
C TYR B 521 -2.61 -44.72 -0.75
N ALA B 522 -1.57 -45.50 -0.96
CA ALA B 522 -0.20 -45.08 -0.67
C ALA B 522 0.11 -44.75 0.80
N GLY B 523 -0.71 -45.25 1.72
CA GLY B 523 -0.47 -45.01 3.13
C GLY B 523 0.63 -45.89 3.70
N PRO B 524 1.01 -45.67 4.97
CA PRO B 524 2.03 -46.49 5.61
C PRO B 524 1.62 -47.96 5.62
N CYS B 525 2.48 -48.83 5.11
CA CYS B 525 2.23 -50.28 5.05
C CYS B 525 1.02 -50.61 4.17
N SER B 526 0.82 -49.80 3.13
CA SER B 526 -0.26 -50.04 2.19
C SER B 526 0.22 -51.02 1.13
N GLN B 527 -0.72 -51.74 0.52
CA GLN B 527 -0.42 -52.49 -0.68
C GLN B 527 -1.57 -52.35 -1.65
N LYS B 528 -1.33 -51.64 -2.74
CA LYS B 528 -2.32 -51.50 -3.80
C LYS B 528 -2.05 -52.40 -5.00
N ALA B 529 -0.81 -52.89 -5.13
CA ALA B 529 -0.45 -53.77 -6.24
C ALA B 529 -0.38 -55.22 -5.77
N ASP B 530 -1.44 -55.97 -6.05
CA ASP B 530 -1.59 -57.33 -5.53
C ASP B 530 -2.18 -58.29 -6.56
N THR B 531 -2.38 -59.54 -6.15
CA THR B 531 -2.86 -60.60 -7.04
C THR B 531 -4.38 -60.84 -6.97
N VAL B 532 -5.09 -60.02 -6.22
CA VAL B 532 -6.49 -60.25 -5.95
C VAL B 532 -7.42 -59.87 -7.11
N PHE B 533 -8.40 -60.72 -7.37
CA PHE B 533 -9.45 -60.44 -8.33
C PHE B 533 -10.53 -59.53 -7.73
N ARG B 534 -10.87 -58.47 -8.47
CA ARG B 534 -11.83 -57.48 -8.01
C ARG B 534 -12.86 -57.12 -9.08
N LEU B 535 -14.10 -56.96 -8.63
CA LEU B 535 -15.13 -56.38 -9.49
C LEU B 535 -15.56 -55.07 -8.88
N ASN B 536 -14.90 -53.99 -9.29
CA ASN B 536 -15.20 -52.68 -8.75
C ASN B 536 -15.33 -51.59 -9.83
N TRP B 537 -15.34 -50.33 -9.38
CA TRP B 537 -15.39 -49.18 -10.26
C TRP B 537 -14.33 -49.26 -11.34
N ALA B 538 -13.11 -49.59 -10.92
CA ALA B 538 -11.97 -49.73 -11.81
C ALA B 538 -12.31 -50.68 -12.95
N THR B 539 -12.98 -51.78 -12.61
CA THR B 539 -13.35 -52.77 -13.62
C THR B 539 -14.20 -52.11 -14.70
N TYR B 540 -15.23 -51.36 -14.29
CA TYR B 540 -16.08 -50.62 -15.21
C TYR B 540 -15.31 -49.62 -16.08
N LEU B 541 -14.43 -48.85 -15.46
CA LEU B 541 -13.65 -47.84 -16.16
C LEU B 541 -12.79 -48.43 -17.27
N ALA B 542 -12.18 -49.58 -17.00
CA ALA B 542 -11.38 -50.26 -18.00
C ALA B 542 -12.24 -50.88 -19.09
N SER B 543 -13.22 -51.70 -18.67
CA SER B 543 -14.04 -52.50 -19.58
C SER B 543 -14.95 -51.66 -20.45
N THR B 544 -15.68 -50.74 -19.84
CA THR B 544 -16.66 -49.90 -20.55
C THR B 544 -16.08 -48.58 -21.09
N GLU B 545 -15.28 -47.89 -20.28
CA GLU B 545 -14.74 -46.57 -20.66
C GLU B 545 -13.32 -46.56 -21.27
N ASN B 546 -12.69 -47.73 -21.36
CA ASN B 546 -11.33 -47.88 -21.92
C ASN B 546 -10.25 -47.04 -21.22
N ILE B 547 -10.54 -46.65 -19.99
CA ILE B 547 -9.56 -46.01 -19.13
C ILE B 547 -8.69 -47.11 -18.52
N ILE B 548 -7.39 -46.87 -18.41
CA ILE B 548 -6.51 -47.77 -17.66
C ILE B 548 -6.51 -47.29 -16.22
N VAL B 549 -6.73 -48.21 -15.29
CA VAL B 549 -6.64 -47.85 -13.87
C VAL B 549 -5.40 -48.50 -13.29
N ALA B 550 -4.52 -47.68 -12.73
CA ALA B 550 -3.22 -48.13 -12.22
C ALA B 550 -3.03 -47.77 -10.75
N SER B 551 -2.29 -48.65 -10.06
CA SER B 551 -1.91 -48.39 -8.68
C SER B 551 -0.43 -48.72 -8.53
N PHE B 552 0.18 -48.14 -7.51
CA PHE B 552 1.63 -48.22 -7.35
C PHE B 552 1.98 -48.12 -5.88
N ASP B 553 2.73 -49.10 -5.40
CA ASP B 553 3.24 -49.09 -4.03
C ASP B 553 4.65 -48.52 -4.05
N GLY B 554 4.78 -47.29 -3.58
CA GLY B 554 6.09 -46.62 -3.54
C GLY B 554 6.66 -46.66 -2.14
N ARG B 555 7.53 -45.71 -1.83
CA ARG B 555 8.11 -45.65 -0.50
C ARG B 555 7.02 -45.51 0.55
N GLY B 556 7.14 -46.28 1.61
CA GLY B 556 6.13 -46.27 2.65
C GLY B 556 5.17 -47.45 2.61
N SER B 557 5.09 -48.14 1.48
CA SER B 557 4.14 -49.27 1.37
C SER B 557 4.63 -50.49 2.15
N GLY B 558 3.75 -51.48 2.32
CA GLY B 558 4.04 -52.60 3.20
C GLY B 558 4.45 -53.92 2.55
N TYR B 559 4.94 -54.83 3.39
CA TYR B 559 5.22 -56.22 2.99
C TYR B 559 6.50 -56.42 2.19
N GLN B 560 7.29 -55.35 2.05
CA GLN B 560 8.54 -55.40 1.29
C GLN B 560 9.77 -55.00 2.14
N GLY B 561 9.61 -54.98 3.46
CA GLY B 561 10.71 -54.62 4.33
C GLY B 561 10.63 -53.21 4.90
N ASP B 562 11.40 -52.97 5.95
CA ASP B 562 11.32 -51.71 6.68
C ASP B 562 12.01 -50.58 5.95
N LYS B 563 12.96 -50.92 5.09
CA LYS B 563 13.64 -49.90 4.29
C LYS B 563 12.61 -49.14 3.44
N ILE B 564 11.71 -49.88 2.77
CA ILE B 564 10.64 -49.25 2.00
C ILE B 564 9.59 -48.65 2.95
N MET B 565 9.15 -49.44 3.93
CA MET B 565 8.01 -49.03 4.76
C MET B 565 8.33 -47.82 5.66
N HIS B 566 9.51 -47.81 6.27
CA HIS B 566 9.86 -46.71 7.17
C HIS B 566 10.33 -45.48 6.43
N ALA B 567 10.48 -45.58 5.10
CA ALA B 567 11.01 -44.48 4.29
C ALA B 567 10.28 -43.17 4.53
N ILE B 568 9.00 -43.23 4.87
CA ILE B 568 8.21 -42.02 5.12
C ILE B 568 8.03 -41.67 6.61
N ASN B 569 8.77 -42.37 7.48
CA ASN B 569 8.64 -42.15 8.92
C ASN B 569 8.89 -40.70 9.27
N ARG B 570 7.97 -40.14 10.06
CA ARG B 570 7.99 -38.73 10.46
C ARG B 570 7.96 -37.78 9.26
N ARG B 571 7.39 -38.25 8.16
CA ARG B 571 7.56 -37.59 6.87
C ARG B 571 6.38 -37.94 5.93
N LEU B 572 5.16 -37.90 6.46
CA LEU B 572 3.98 -38.08 5.63
C LEU B 572 3.83 -36.90 4.68
N GLY B 573 3.26 -37.17 3.51
CA GLY B 573 3.11 -36.16 2.49
C GLY B 573 4.35 -35.94 1.67
N THR B 574 5.31 -36.87 1.72
CA THR B 574 6.57 -36.68 0.99
C THR B 574 6.82 -37.72 -0.13
N PHE B 575 7.59 -38.76 0.18
CA PHE B 575 8.03 -39.75 -0.81
C PHE B 575 6.89 -40.52 -1.48
N GLU B 576 5.97 -40.99 -0.65
CA GLU B 576 4.74 -41.66 -1.07
C GLU B 576 3.95 -40.79 -2.04
N VAL B 577 3.90 -39.49 -1.78
CA VAL B 577 3.31 -38.55 -2.72
C VAL B 577 4.19 -38.45 -3.97
N GLU B 578 5.49 -38.20 -3.76
CA GLU B 578 6.46 -38.12 -4.86
C GLU B 578 6.46 -39.36 -5.73
N ASP B 579 6.33 -40.53 -5.11
CA ASP B 579 6.39 -41.78 -5.85
C ASP B 579 5.14 -42.05 -6.69
N GLN B 580 3.99 -41.54 -6.26
CA GLN B 580 2.78 -41.57 -7.10
C GLN B 580 2.96 -40.75 -8.38
N ILE B 581 3.57 -39.57 -8.24
CA ILE B 581 3.89 -38.76 -9.42
C ILE B 581 4.87 -39.52 -10.33
N GLU B 582 5.93 -40.09 -9.76
CA GLU B 582 6.93 -40.76 -10.57
C GLU B 582 6.35 -41.97 -11.32
N ALA B 583 5.42 -42.67 -10.68
CA ALA B 583 4.74 -43.77 -11.34
C ALA B 583 4.03 -43.28 -12.59
N ALA B 584 3.26 -42.21 -12.45
CA ALA B 584 2.58 -41.58 -13.57
C ALA B 584 3.56 -41.29 -14.70
N ARG B 585 4.68 -40.64 -14.38
CA ARG B 585 5.73 -40.44 -15.38
C ARG B 585 6.19 -41.77 -16.01
N GLN B 586 6.58 -42.71 -15.16
CA GLN B 586 7.01 -44.03 -15.60
C GLN B 586 6.01 -44.72 -16.52
N PHE B 587 4.72 -44.58 -16.20
CA PHE B 587 3.65 -45.19 -16.97
C PHE B 587 3.55 -44.61 -18.38
N SER B 588 3.41 -43.30 -18.49
CA SER B 588 3.35 -42.70 -19.83
C SER B 588 4.61 -43.01 -20.60
N LYS B 589 5.75 -43.01 -19.91
CA LYS B 589 7.03 -43.30 -20.52
C LYS B 589 7.06 -44.76 -21.01
N MET B 590 6.03 -45.53 -20.64
CA MET B 590 5.87 -46.90 -21.14
C MET B 590 5.23 -46.96 -22.52
N GLY B 591 4.62 -45.85 -22.96
CA GLY B 591 4.25 -45.68 -24.36
C GLY B 591 2.80 -45.82 -24.80
N PHE B 592 1.89 -46.05 -23.85
CA PHE B 592 0.48 -46.27 -24.21
C PHE B 592 -0.48 -45.40 -23.40
N VAL B 593 0.09 -44.37 -22.79
CA VAL B 593 -0.67 -43.47 -21.96
C VAL B 593 -0.74 -42.12 -22.66
N ASP B 594 -1.94 -41.56 -22.72
CA ASP B 594 -2.16 -40.22 -23.24
C ASP B 594 -1.81 -39.25 -22.12
N ASN B 595 -0.72 -38.50 -22.30
CA ASN B 595 -0.22 -37.59 -21.26
C ASN B 595 -1.23 -36.53 -20.90
N LYS B 596 -1.89 -36.00 -21.92
CA LYS B 596 -2.93 -34.98 -21.76
C LYS B 596 -4.11 -35.46 -20.90
N ARG B 597 -4.13 -36.75 -20.58
CA ARG B 597 -5.22 -37.32 -19.78
C ARG B 597 -4.72 -38.32 -18.74
N ILE B 598 -4.08 -37.81 -17.70
CA ILE B 598 -3.79 -38.63 -16.55
C ILE B 598 -4.53 -38.05 -15.35
N ALA B 599 -5.27 -38.91 -14.67
CA ALA B 599 -6.05 -38.49 -13.52
C ALA B 599 -5.61 -39.28 -12.30
N ILE B 600 -6.10 -38.89 -11.14
CA ILE B 600 -5.66 -39.46 -9.88
C ILE B 600 -6.80 -39.39 -8.89
N TRP B 601 -7.09 -40.49 -8.22
CA TRP B 601 -8.17 -40.48 -7.26
C TRP B 601 -7.84 -41.35 -6.07
N GLY B 602 -8.35 -40.95 -4.91
CA GLY B 602 -8.11 -41.69 -3.71
C GLY B 602 -9.19 -41.42 -2.69
N TRP B 603 -9.37 -42.41 -1.83
CA TRP B 603 -10.25 -42.30 -0.68
C TRP B 603 -9.38 -42.21 0.56
N SER B 604 -9.84 -41.45 1.55
CA SER B 604 -9.19 -41.42 2.87
C SER B 604 -7.73 -40.99 2.72
N TYR B 605 -6.78 -41.79 3.22
CA TYR B 605 -5.36 -41.46 3.05
C TYR B 605 -5.08 -41.20 1.57
N GLY B 606 -5.72 -42.01 0.72
CA GLY B 606 -5.64 -41.86 -0.72
C GLY B 606 -6.16 -40.51 -1.19
N GLY B 607 -7.19 -39.99 -0.52
CA GLY B 607 -7.69 -38.65 -0.78
C GLY B 607 -6.61 -37.62 -0.47
N TYR B 608 -5.95 -37.78 0.67
CA TYR B 608 -4.82 -36.91 1.04
C TYR B 608 -3.74 -36.93 -0.03
N VAL B 609 -3.23 -38.10 -0.40
CA VAL B 609 -2.18 -38.17 -1.43
C VAL B 609 -2.66 -37.57 -2.75
N THR B 610 -3.89 -37.90 -3.15
CA THR B 610 -4.49 -37.30 -4.33
C THR B 610 -4.40 -35.79 -4.24
N SER B 611 -4.87 -35.24 -3.13
CA SER B 611 -4.88 -33.80 -2.98
C SER B 611 -3.47 -33.23 -2.97
N MET B 612 -2.59 -33.84 -2.18
CA MET B 612 -1.19 -33.42 -2.16
C MET B 612 -0.54 -33.51 -3.56
N VAL B 613 -0.89 -34.53 -4.32
CA VAL B 613 -0.40 -34.69 -5.70
C VAL B 613 -0.92 -33.59 -6.61
N LEU B 614 -2.23 -33.42 -6.66
CA LEU B 614 -2.82 -32.32 -7.45
C LEU B 614 -2.21 -30.98 -7.01
N GLY B 615 -1.96 -30.84 -5.71
CA GLY B 615 -1.36 -29.61 -5.18
C GLY B 615 0.12 -29.40 -5.45
N SER B 616 0.78 -30.36 -6.12
CA SER B 616 2.24 -30.38 -6.20
C SER B 616 2.84 -29.52 -7.30
N GLY B 617 1.99 -29.04 -8.20
CA GLY B 617 2.43 -28.30 -9.37
C GLY B 617 3.30 -29.11 -10.32
N SER B 618 3.05 -30.40 -10.42
CA SER B 618 3.91 -31.30 -11.20
C SER B 618 3.61 -31.27 -12.69
N GLY B 619 2.43 -30.79 -13.05
CA GLY B 619 2.05 -30.72 -14.45
C GLY B 619 1.61 -32.04 -15.02
N VAL B 620 1.73 -33.12 -14.26
CA VAL B 620 1.44 -34.46 -14.79
C VAL B 620 -0.05 -34.78 -14.90
N PHE B 621 -0.83 -34.34 -13.91
CA PHE B 621 -2.23 -34.73 -13.81
C PHE B 621 -3.20 -33.65 -14.27
N LYS B 622 -4.22 -34.08 -15.00
CA LYS B 622 -5.23 -33.18 -15.51
C LYS B 622 -6.26 -32.88 -14.44
N CYS B 623 -6.74 -33.93 -13.77
CA CYS B 623 -7.80 -33.83 -12.76
C CYS B 623 -7.64 -34.88 -11.67
N GLY B 624 -8.49 -34.81 -10.65
CA GLY B 624 -8.45 -35.78 -9.59
C GLY B 624 -9.65 -35.69 -8.69
N ILE B 625 -10.00 -36.82 -8.11
CA ILE B 625 -11.08 -36.88 -7.14
C ILE B 625 -10.44 -37.20 -5.81
N ALA B 626 -10.82 -36.46 -4.78
CA ALA B 626 -10.42 -36.79 -3.41
C ALA B 626 -11.69 -37.05 -2.63
N VAL B 627 -11.75 -38.23 -1.98
CA VAL B 627 -12.92 -38.59 -1.17
C VAL B 627 -12.51 -38.73 0.28
N ALA B 628 -13.22 -38.06 1.17
CA ALA B 628 -12.94 -38.12 2.60
C ALA B 628 -11.44 -38.02 2.93
N PRO B 629 -10.76 -37.02 2.33
CA PRO B 629 -9.31 -36.98 2.50
C PRO B 629 -8.86 -36.35 3.83
N VAL B 630 -7.65 -36.67 4.25
CA VAL B 630 -7.00 -35.92 5.31
C VAL B 630 -6.48 -34.63 4.67
N SER B 631 -6.64 -33.50 5.35
CA SER B 631 -6.13 -32.23 4.83
C SER B 631 -4.87 -31.74 5.52
N ARG B 632 -4.81 -31.96 6.83
CA ARG B 632 -3.58 -31.80 7.58
C ARG B 632 -3.64 -32.72 8.78
N TRP B 633 -2.47 -33.18 9.21
CA TRP B 633 -2.38 -34.26 10.18
C TRP B 633 -2.83 -33.95 11.61
N GLU B 634 -2.82 -32.67 12.01
CA GLU B 634 -3.38 -32.30 13.31
C GLU B 634 -4.88 -32.58 13.40
N TYR B 635 -5.52 -32.79 12.26
CA TYR B 635 -6.94 -33.05 12.26
C TYR B 635 -7.29 -34.50 12.51
N TYR B 636 -6.39 -35.42 12.13
CA TYR B 636 -6.62 -36.87 12.31
C TYR B 636 -6.26 -37.38 13.72
N ASP B 637 -6.67 -38.62 14.04
CA ASP B 637 -6.51 -39.16 15.40
C ASP B 637 -5.06 -39.42 15.84
N SER B 638 -4.82 -39.30 17.15
CA SER B 638 -3.49 -39.36 17.73
C SER B 638 -2.72 -40.63 17.41
N VAL B 639 -3.34 -41.79 17.65
CA VAL B 639 -2.59 -43.05 17.61
C VAL B 639 -2.17 -43.46 16.19
N TYR B 640 -3.01 -43.21 15.18
CA TYR B 640 -2.57 -43.42 13.81
C TYR B 640 -1.50 -42.38 13.43
N THR B 641 -1.86 -41.10 13.51
CA THR B 641 -0.99 -40.00 13.13
C THR B 641 0.37 -40.05 13.84
N GLU B 642 0.35 -40.02 15.18
CA GLU B 642 1.58 -39.90 15.94
C GLU B 642 2.52 -41.06 15.65
N ARG B 643 1.96 -42.18 15.23
CA ARG B 643 2.76 -43.33 14.85
C ARG B 643 3.76 -42.98 13.76
N TYR B 644 3.29 -42.22 12.76
CA TYR B 644 4.11 -41.85 11.61
C TYR B 644 4.62 -40.43 11.72
N MET B 645 3.94 -39.61 12.51
CA MET B 645 4.18 -38.16 12.50
C MET B 645 4.83 -37.53 13.74
N GLY B 646 5.01 -38.31 14.81
CA GLY B 646 5.46 -37.76 16.09
C GLY B 646 4.42 -36.82 16.64
N LEU B 647 4.82 -35.91 17.51
CA LEU B 647 3.89 -34.95 18.09
C LEU B 647 3.97 -33.58 17.38
N PRO B 648 2.84 -32.85 17.30
CA PRO B 648 2.81 -31.55 16.59
C PRO B 648 3.31 -30.40 17.47
N THR B 649 4.46 -30.60 18.10
CA THR B 649 5.05 -29.65 19.03
C THR B 649 6.38 -29.14 18.43
N PRO B 650 6.84 -27.93 18.82
CA PRO B 650 8.11 -27.39 18.31
C PRO B 650 9.32 -28.26 18.67
N GLU B 651 9.28 -28.90 19.83
CA GLU B 651 10.37 -29.77 20.27
C GLU B 651 10.29 -31.20 19.68
N ASP B 652 9.32 -31.43 18.80
CA ASP B 652 9.19 -32.73 18.11
C ASP B 652 9.11 -32.53 16.59
N ASN B 653 7.91 -32.53 16.02
CA ASN B 653 7.76 -32.58 14.57
C ASN B 653 6.77 -31.54 13.98
N LEU B 654 6.47 -30.50 14.75
CA LEU B 654 5.55 -29.46 14.29
C LEU B 654 5.88 -28.96 12.90
N ASP B 655 7.17 -28.72 12.65
CA ASP B 655 7.63 -28.27 11.34
C ASP B 655 7.03 -29.05 10.19
N HIS B 656 6.97 -30.37 10.29
CA HIS B 656 6.43 -31.14 9.18
C HIS B 656 4.91 -31.23 9.18
N TYR B 657 4.30 -31.19 10.37
CA TYR B 657 2.85 -31.11 10.45
C TYR B 657 2.40 -29.92 9.64
N ARG B 658 3.15 -28.81 9.78
CA ARG B 658 2.86 -27.55 9.10
C ARG B 658 3.13 -27.63 7.61
N ASN B 659 4.15 -28.40 7.26
CA ASN B 659 4.71 -28.43 5.92
C ASN B 659 4.03 -29.48 5.05
N SER B 660 3.01 -30.15 5.59
CA SER B 660 2.35 -31.25 4.87
C SER B 660 0.83 -31.16 4.94
N THR B 661 0.32 -29.95 4.74
CA THR B 661 -1.11 -29.71 4.69
C THR B 661 -1.45 -29.49 3.23
N VAL B 662 -2.62 -29.94 2.79
CA VAL B 662 -2.99 -29.67 1.40
C VAL B 662 -3.34 -28.18 1.22
N MET B 663 -3.92 -27.59 2.28
CA MET B 663 -4.26 -26.17 2.30
C MET B 663 -3.15 -25.30 1.78
N SER B 664 -1.93 -25.53 2.28
CA SER B 664 -0.81 -24.67 1.90
C SER B 664 -0.43 -24.82 0.43
N ARG B 665 -1.02 -25.81 -0.25
CA ARG B 665 -0.72 -26.05 -1.66
C ARG B 665 -1.80 -25.52 -2.59
N ALA B 666 -2.86 -24.98 -1.98
CA ALA B 666 -4.04 -24.49 -2.70
C ALA B 666 -3.77 -23.74 -4.02
N GLU B 667 -2.76 -22.87 -4.04
CA GLU B 667 -2.44 -22.08 -5.23
C GLU B 667 -2.23 -22.92 -6.50
N ASN B 668 -1.62 -24.10 -6.34
CA ASN B 668 -1.29 -24.97 -7.47
C ASN B 668 -2.50 -25.65 -8.14
N PHE B 669 -3.62 -25.71 -7.43
CA PHE B 669 -4.85 -26.32 -7.93
C PHE B 669 -5.40 -25.61 -9.17
N LYS B 670 -4.86 -24.43 -9.47
CA LYS B 670 -5.22 -23.67 -10.67
C LYS B 670 -4.95 -24.43 -11.96
N GLN B 671 -4.07 -25.41 -11.88
CA GLN B 671 -3.60 -26.16 -13.05
C GLN B 671 -4.37 -27.45 -13.26
N VAL B 672 -5.35 -27.72 -12.39
CA VAL B 672 -5.98 -29.03 -12.34
C VAL B 672 -7.46 -28.95 -11.99
N GLU B 673 -8.23 -29.93 -12.45
CA GLU B 673 -9.66 -29.99 -12.13
C GLU B 673 -9.89 -30.93 -10.96
N TYR B 674 -10.44 -30.39 -9.88
CA TYR B 674 -10.51 -31.09 -8.61
C TYR B 674 -11.96 -31.40 -8.27
N LEU B 675 -12.21 -32.64 -7.83
CA LEU B 675 -13.50 -32.97 -7.24
C LEU B 675 -13.29 -33.41 -5.81
N LEU B 676 -13.93 -32.71 -4.87
CA LEU B 676 -13.72 -32.94 -3.46
C LEU B 676 -15.00 -33.52 -2.90
N ILE B 677 -14.93 -34.72 -2.32
CA ILE B 677 -16.12 -35.38 -1.78
C ILE B 677 -15.93 -35.81 -0.32
N HIS B 678 -16.99 -35.66 0.48
CA HIS B 678 -16.89 -35.94 1.90
C HIS B 678 -18.27 -36.04 2.52
N GLY B 679 -18.48 -37.06 3.36
CA GLY B 679 -19.77 -37.27 4.00
C GLY B 679 -19.77 -36.49 5.29
N THR B 680 -20.91 -35.88 5.63
CA THR B 680 -20.99 -34.89 6.70
C THR B 680 -20.84 -35.50 8.10
N ALA B 681 -21.17 -36.79 8.23
CA ALA B 681 -21.12 -37.48 9.52
C ALA B 681 -19.90 -38.41 9.56
N ASP B 682 -18.81 -37.96 8.94
CA ASP B 682 -17.60 -38.74 8.96
C ASP B 682 -16.93 -38.56 10.30
N ASP B 683 -17.08 -39.57 11.15
CA ASP B 683 -16.54 -39.56 12.51
C ASP B 683 -15.05 -39.83 12.50
N ASN B 684 -14.57 -40.42 11.40
CA ASN B 684 -13.21 -40.91 11.28
C ASN B 684 -12.23 -39.84 10.78
N VAL B 685 -12.30 -39.51 9.49
CA VAL B 685 -11.68 -38.28 9.01
C VAL B 685 -12.78 -37.27 8.78
N HIS B 686 -12.76 -36.27 9.63
CA HIS B 686 -13.89 -35.37 9.81
C HIS B 686 -14.12 -34.51 8.59
N PHE B 687 -15.38 -34.17 8.34
CA PHE B 687 -15.73 -33.20 7.29
C PHE B 687 -14.86 -31.93 7.36
N GLN B 688 -14.50 -31.54 8.58
CA GLN B 688 -13.57 -30.47 8.83
C GLN B 688 -12.41 -30.49 7.86
N GLN B 689 -11.83 -31.66 7.66
CA GLN B 689 -10.64 -31.76 6.83
C GLN B 689 -10.93 -31.28 5.41
N SER B 690 -12.13 -31.54 4.92
CA SER B 690 -12.50 -31.10 3.59
C SER B 690 -13.04 -29.66 3.55
N ALA B 691 -13.78 -29.28 4.60
CA ALA B 691 -14.17 -27.88 4.81
C ALA B 691 -12.96 -26.93 4.81
N GLN B 692 -11.87 -27.30 5.47
CA GLN B 692 -10.64 -26.51 5.43
C GLN B 692 -9.99 -26.54 4.05
N ILE B 693 -10.06 -27.68 3.35
CA ILE B 693 -9.55 -27.70 1.98
C ILE B 693 -10.32 -26.70 1.11
N SER B 694 -11.66 -26.79 1.13
CA SER B 694 -12.46 -25.95 0.24
C SER B 694 -12.17 -24.49 0.53
N LYS B 695 -12.16 -24.15 1.82
CA LYS B 695 -11.96 -22.77 2.22
C LYS B 695 -10.71 -22.21 1.59
N ALA B 696 -9.61 -22.94 1.72
CA ALA B 696 -8.31 -22.55 1.17
C ALA B 696 -8.37 -22.33 -0.35
N LEU B 697 -9.04 -23.22 -1.07
CA LEU B 697 -9.17 -23.08 -2.53
C LEU B 697 -9.99 -21.84 -2.86
N VAL B 698 -11.06 -21.63 -2.08
CA VAL B 698 -11.82 -20.39 -2.17
C VAL B 698 -10.88 -19.21 -1.95
N ASP B 699 -10.03 -19.29 -0.93
CA ASP B 699 -9.21 -18.14 -0.52
C ASP B 699 -8.18 -17.72 -1.55
N VAL B 700 -7.93 -18.58 -2.53
CA VAL B 700 -6.93 -18.28 -3.56
C VAL B 700 -7.56 -18.31 -4.95
N GLY B 701 -8.89 -18.35 -4.97
CA GLY B 701 -9.69 -18.23 -6.18
C GLY B 701 -9.45 -19.35 -7.18
N VAL B 702 -9.58 -20.59 -6.73
CA VAL B 702 -9.51 -21.70 -7.67
C VAL B 702 -10.81 -22.46 -7.70
N ASP B 703 -11.36 -22.59 -8.91
CA ASP B 703 -12.59 -23.34 -9.09
C ASP B 703 -12.31 -24.84 -8.95
N PHE B 704 -13.19 -25.53 -8.24
CA PHE B 704 -13.10 -26.97 -8.08
C PHE B 704 -14.53 -27.45 -7.98
N GLN B 705 -14.73 -28.76 -8.06
CA GLN B 705 -16.06 -29.33 -7.86
C GLN B 705 -16.15 -30.01 -6.51
N ALA B 706 -17.30 -29.87 -5.87
CA ALA B 706 -17.50 -30.34 -4.51
C ALA B 706 -18.78 -31.17 -4.42
N MET B 707 -18.80 -32.05 -3.42
CA MET B 707 -19.98 -32.82 -3.11
C MET B 707 -19.86 -33.26 -1.66
N TRP B 708 -20.87 -32.91 -0.86
CA TRP B 708 -21.00 -33.45 0.48
C TRP B 708 -22.05 -34.54 0.42
N TYR B 709 -22.01 -35.47 1.38
CA TYR B 709 -23.07 -36.45 1.52
C TYR B 709 -23.67 -36.34 2.90
N THR B 710 -24.87 -35.79 2.93
CA THR B 710 -25.62 -35.65 4.17
C THR B 710 -25.67 -36.97 4.94
N ASP B 711 -25.07 -36.95 6.12
CA ASP B 711 -25.19 -37.99 7.13
C ASP B 711 -24.36 -39.26 6.88
N GLU B 712 -23.63 -39.27 5.78
CA GLU B 712 -22.73 -40.38 5.46
C GLU B 712 -21.44 -40.32 6.28
N ASP B 713 -20.94 -41.48 6.68
CA ASP B 713 -19.65 -41.54 7.35
C ASP B 713 -18.51 -41.81 6.36
N HIS B 714 -17.36 -42.22 6.89
CA HIS B 714 -16.15 -42.43 6.12
C HIS B 714 -16.31 -43.45 4.98
N GLY B 715 -17.28 -44.35 5.15
CA GLY B 715 -17.53 -45.34 4.13
C GLY B 715 -18.36 -44.83 2.97
N ILE B 716 -19.24 -43.86 3.24
CA ILE B 716 -20.27 -43.43 2.29
C ILE B 716 -20.89 -44.72 1.75
N ALA B 717 -21.33 -45.54 2.71
CA ALA B 717 -21.69 -46.92 2.42
C ALA B 717 -23.19 -47.14 2.22
N SER B 718 -24.03 -46.17 2.57
CA SER B 718 -25.46 -46.28 2.24
C SER B 718 -25.61 -46.79 0.81
N SER B 719 -26.56 -47.68 0.58
CA SER B 719 -26.78 -48.15 -0.79
C SER B 719 -26.89 -46.97 -1.78
N THR B 720 -27.91 -46.13 -1.60
CA THR B 720 -28.14 -44.97 -2.46
C THR B 720 -26.92 -44.05 -2.54
N ALA B 721 -26.28 -43.78 -1.41
CA ALA B 721 -25.09 -42.92 -1.39
C ALA B 721 -23.96 -43.51 -2.21
N HIS B 722 -23.73 -44.81 -2.02
CA HIS B 722 -22.68 -45.52 -2.71
C HIS B 722 -22.84 -45.41 -4.22
N GLN B 723 -24.07 -45.60 -4.68
CA GLN B 723 -24.39 -45.56 -6.10
C GLN B 723 -24.27 -44.15 -6.68
N HIS B 724 -24.61 -43.15 -5.87
CA HIS B 724 -24.56 -41.75 -6.25
C HIS B 724 -23.13 -41.25 -6.44
N ILE B 725 -22.29 -41.44 -5.41
CA ILE B 725 -20.91 -41.00 -5.48
C ILE B 725 -20.17 -41.62 -6.67
N TYR B 726 -20.44 -42.88 -6.97
CA TYR B 726 -19.71 -43.50 -8.08
C TYR B 726 -20.20 -43.02 -9.42
N THR B 727 -21.50 -42.73 -9.49
CA THR B 727 -22.11 -42.12 -10.68
C THR B 727 -21.47 -40.75 -10.92
N HIS B 728 -21.43 -39.97 -9.84
CA HIS B 728 -20.84 -38.64 -9.84
C HIS B 728 -19.37 -38.61 -10.30
N MET B 729 -18.57 -39.56 -9.80
CA MET B 729 -17.15 -39.58 -10.14
C MET B 729 -16.97 -40.02 -11.58
N SER B 730 -17.83 -40.92 -12.05
CA SER B 730 -17.73 -41.41 -13.42
C SER B 730 -17.96 -40.27 -14.40
N HIS B 731 -18.96 -39.44 -14.11
CA HIS B 731 -19.24 -38.26 -14.92
C HIS B 731 -18.06 -37.33 -14.96
N PHE B 732 -17.55 -36.99 -13.77
CA PHE B 732 -16.41 -36.10 -13.63
C PHE B 732 -15.25 -36.64 -14.45
N ILE B 733 -15.00 -37.94 -14.33
CA ILE B 733 -13.89 -38.57 -15.06
C ILE B 733 -14.15 -38.61 -16.57
N LYS B 734 -15.32 -39.11 -16.98
CA LYS B 734 -15.65 -39.18 -18.39
C LYS B 734 -15.53 -37.78 -18.98
N GLN B 735 -16.05 -36.79 -18.24
CA GLN B 735 -16.02 -35.44 -18.72
C GLN B 735 -14.59 -34.86 -18.67
N CYS B 736 -13.79 -35.19 -17.66
CA CYS B 736 -12.38 -34.78 -17.67
C CYS B 736 -11.54 -35.48 -18.76
N PHE B 737 -11.99 -36.65 -19.20
CA PHE B 737 -11.29 -37.39 -20.25
C PHE B 737 -11.87 -37.17 -21.66
N SER B 738 -12.89 -36.33 -21.76
CA SER B 738 -13.66 -36.10 -23.00
C SER B 738 -14.22 -37.41 -23.56
N LEU B 739 -14.70 -38.27 -22.67
CA LEU B 739 -15.39 -39.48 -23.08
C LEU B 739 -16.88 -39.16 -23.25
N PRO B 740 -17.44 -39.48 -24.45
CA PRO B 740 -18.75 -39.01 -24.88
C PRO B 740 -19.93 -39.48 -24.02
N LYS C 15 -9.58 48.47 -28.87
CA LYS C 15 -8.33 47.78 -28.45
C LYS C 15 -7.82 48.19 -27.06
N THR C 16 -7.07 47.28 -26.43
CA THR C 16 -6.63 47.41 -25.04
C THR C 16 -5.11 47.55 -24.93
N TYR C 17 -4.66 47.95 -23.74
CA TYR C 17 -3.23 48.11 -23.43
C TYR C 17 -2.66 46.75 -23.03
N THR C 18 -1.95 46.12 -23.99
CA THR C 18 -1.51 44.75 -23.85
C THR C 18 -0.22 44.59 -23.04
N LEU C 19 0.16 43.34 -22.76
CA LEU C 19 1.43 43.04 -22.09
C LEU C 19 2.61 43.52 -22.95
N THR C 20 2.52 43.31 -24.26
CA THR C 20 3.56 43.73 -25.17
C THR C 20 3.68 45.24 -25.25
N ASP C 21 2.57 45.93 -24.97
CA ASP C 21 2.56 47.39 -24.90
C ASP C 21 3.39 47.92 -23.74
N TYR C 22 3.25 47.28 -22.58
CA TYR C 22 4.04 47.63 -21.42
C TYR C 22 5.48 47.21 -21.61
N LEU C 23 5.67 46.02 -22.16
CA LEU C 23 7.00 45.44 -22.28
C LEU C 23 7.82 46.07 -23.38
N LYS C 24 7.17 46.52 -24.45
CA LYS C 24 7.89 47.17 -25.55
C LYS C 24 7.75 48.69 -25.52
N ASN C 25 7.09 49.20 -24.49
CA ASN C 25 6.93 50.63 -24.25
C ASN C 25 6.39 51.38 -25.47
N THR C 26 5.29 50.88 -26.00
CA THR C 26 4.63 51.48 -27.14
C THR C 26 4.12 52.87 -26.75
N TYR C 27 3.28 52.91 -25.72
CA TYR C 27 2.71 54.16 -25.26
C TYR C 27 3.63 54.80 -24.24
N ARG C 28 4.52 55.65 -24.78
CA ARG C 28 5.64 56.25 -24.05
C ARG C 28 5.27 57.58 -23.41
N LEU C 29 5.62 57.73 -22.13
CA LEU C 29 5.53 59.01 -21.45
C LEU C 29 6.70 59.89 -21.85
N LYS C 30 6.38 61.10 -22.29
CA LYS C 30 7.39 62.08 -22.68
C LYS C 30 7.83 62.84 -21.44
N LEU C 31 9.10 63.23 -21.42
CA LEU C 31 9.71 63.94 -20.29
C LEU C 31 10.26 65.28 -20.73
N TYR C 32 10.56 66.15 -19.76
CA TYR C 32 11.34 67.34 -20.02
C TYR C 32 12.43 67.49 -18.97
N SER C 33 13.54 66.80 -19.20
CA SER C 33 14.69 66.88 -18.31
C SER C 33 15.52 68.09 -18.68
N LEU C 34 15.72 68.97 -17.71
CA LEU C 34 16.55 70.15 -17.93
C LEU C 34 17.56 70.32 -16.82
N ARG C 35 18.74 70.81 -17.21
CA ARG C 35 19.80 71.04 -16.25
C ARG C 35 20.23 72.47 -16.36
N TRP C 36 20.09 73.22 -15.27
CA TRP C 36 20.38 74.64 -15.26
C TRP C 36 21.88 74.89 -15.18
N ILE C 37 22.45 75.50 -16.22
CA ILE C 37 23.85 75.93 -16.17
C ILE C 37 23.97 77.21 -15.35
N SER C 38 22.95 78.05 -15.44
CA SER C 38 22.92 79.34 -14.76
C SER C 38 21.52 79.63 -14.22
N ASP C 39 21.33 80.86 -13.78
CA ASP C 39 20.04 81.32 -13.28
C ASP C 39 19.10 81.71 -14.42
N HIS C 40 19.55 81.52 -15.66
CA HIS C 40 18.81 81.99 -16.84
C HIS C 40 18.55 80.92 -17.87
N GLU C 41 19.56 80.07 -18.09
CA GLU C 41 19.56 79.13 -19.19
C GLU C 41 19.59 77.69 -18.71
N TYR C 42 18.87 76.83 -19.42
CA TYR C 42 18.92 75.41 -19.14
C TYR C 42 19.17 74.63 -20.44
N LEU C 43 19.46 73.33 -20.32
CA LEU C 43 19.79 72.51 -21.49
C LEU C 43 18.77 71.40 -21.71
N TYR C 44 18.51 71.08 -22.97
CA TYR C 44 17.57 70.01 -23.32
C TYR C 44 17.97 69.21 -24.55
N LYS C 45 17.96 67.89 -24.40
CA LYS C 45 18.23 66.97 -25.50
C LYS C 45 16.98 66.84 -26.38
N GLN C 46 16.91 67.69 -27.41
CA GLN C 46 15.78 67.72 -28.34
C GLN C 46 16.24 67.30 -29.72
N GLU C 47 16.16 65.99 -29.97
CA GLU C 47 16.69 65.31 -31.16
C GLU C 47 17.68 64.25 -30.67
N ASN C 48 18.95 64.49 -30.95
CA ASN C 48 20.05 63.72 -30.41
C ASN C 48 21.04 64.67 -29.74
N ASN C 49 20.85 65.96 -30.01
CA ASN C 49 21.80 67.01 -29.64
C ASN C 49 21.28 68.05 -28.64
N ILE C 50 22.21 68.78 -28.03
CA ILE C 50 21.97 69.60 -26.85
C ILE C 50 21.80 71.08 -27.20
N LEU C 51 20.71 71.68 -26.73
CA LEU C 51 20.41 73.08 -27.03
C LEU C 51 20.30 73.93 -25.76
N VAL C 52 20.68 75.20 -25.86
CA VAL C 52 20.61 76.12 -24.72
C VAL C 52 19.31 76.96 -24.75
N PHE C 53 18.51 76.83 -23.70
CA PHE C 53 17.24 77.54 -23.59
C PHE C 53 17.34 78.73 -22.65
N ASN C 54 16.44 79.70 -22.84
CA ASN C 54 16.35 80.88 -22.00
C ASN C 54 14.93 81.07 -21.47
N ALA C 55 14.70 82.18 -20.79
CA ALA C 55 13.36 82.53 -20.31
C ALA C 55 13.18 84.05 -20.16
N GLU C 56 14.29 84.79 -20.29
CA GLU C 56 14.32 86.25 -20.12
C GLU C 56 13.59 87.00 -21.24
N TYR C 57 13.91 86.66 -22.48
CA TYR C 57 13.09 87.05 -23.63
C TYR C 57 12.35 85.82 -24.15
N GLY C 58 12.76 84.64 -23.65
CA GLY C 58 12.05 83.38 -23.90
C GLY C 58 12.72 82.42 -24.88
N ASN C 59 13.58 82.93 -25.74
CA ASN C 59 14.13 82.16 -26.86
C ASN C 59 15.14 81.06 -26.50
N SER C 60 15.70 80.45 -27.56
CA SER C 60 16.72 79.41 -27.42
C SER C 60 17.60 79.30 -28.67
N SER C 61 18.78 78.69 -28.50
CA SER C 61 19.71 78.45 -29.61
C SER C 61 20.38 77.07 -29.48
N VAL C 62 20.85 76.53 -30.60
CA VAL C 62 21.53 75.22 -30.59
C VAL C 62 22.93 75.36 -29.98
N PHE C 63 23.23 74.51 -29.01
CA PHE C 63 24.47 74.60 -28.24
C PHE C 63 25.57 73.66 -28.68
N LEU C 64 25.25 72.39 -28.88
CA LEU C 64 26.24 71.37 -29.20
C LEU C 64 25.62 70.06 -29.67
N GLU C 65 26.36 69.34 -30.50
CA GLU C 65 25.90 68.06 -31.06
C GLU C 65 26.55 66.82 -30.42
N ASN C 66 25.78 65.73 -30.38
CA ASN C 66 26.31 64.40 -30.09
C ASN C 66 27.14 63.94 -31.30
N SER C 67 26.96 64.66 -32.41
CA SER C 67 27.79 64.51 -33.61
C SER C 67 28.75 65.71 -33.82
N THR C 68 29.14 66.36 -32.71
CA THR C 68 30.37 67.16 -32.65
C THR C 68 31.45 66.18 -32.16
N PHE C 69 30.98 65.11 -31.52
CA PHE C 69 31.82 64.03 -31.05
C PHE C 69 31.36 62.71 -31.67
N ASP C 70 30.99 62.80 -32.94
CA ASP C 70 30.74 61.63 -33.78
C ASP C 70 32.08 60.96 -34.07
N GLU C 71 33.10 61.78 -34.34
CA GLU C 71 34.44 61.32 -34.65
C GLU C 71 35.24 61.01 -33.38
N PHE C 72 34.59 61.18 -32.22
CA PHE C 72 35.16 60.77 -30.93
C PHE C 72 35.45 59.27 -30.88
N GLY C 73 34.62 58.46 -31.56
CA GLY C 73 34.82 57.02 -31.67
C GLY C 73 33.84 56.24 -30.82
N HIS C 74 33.54 56.76 -29.62
CA HIS C 74 32.70 56.08 -28.62
C HIS C 74 31.30 56.66 -28.58
N SER C 75 30.39 55.96 -27.90
CA SER C 75 29.08 56.52 -27.59
C SER C 75 29.01 56.96 -26.13
N ILE C 76 28.82 58.27 -25.96
CA ILE C 76 28.83 58.94 -24.66
C ILE C 76 27.60 58.56 -23.85
N ASN C 77 27.81 58.07 -22.63
CA ASN C 77 26.72 57.72 -21.72
C ASN C 77 26.10 58.94 -21.07
N ASP C 78 26.96 59.90 -20.73
CA ASP C 78 26.52 61.15 -20.12
C ASP C 78 27.56 62.24 -20.36
N TYR C 79 27.18 63.48 -20.07
CA TYR C 79 28.11 64.59 -20.13
C TYR C 79 27.94 65.46 -18.89
N SER C 80 28.89 66.37 -18.67
CA SER C 80 28.88 67.26 -17.52
C SER C 80 29.53 68.59 -17.90
N ILE C 81 28.84 69.68 -17.59
CA ILE C 81 29.35 71.03 -17.87
C ILE C 81 30.06 71.59 -16.64
N SER C 82 31.23 72.20 -16.86
CA SER C 82 31.97 72.90 -15.81
C SER C 82 31.30 74.25 -15.54
N PRO C 83 30.68 74.42 -14.36
CA PRO C 83 29.85 75.58 -14.03
C PRO C 83 30.28 76.92 -14.64
N ASP C 84 31.59 77.13 -14.80
CA ASP C 84 32.11 78.35 -15.45
C ASP C 84 31.80 78.38 -16.95
N GLY C 85 31.55 77.20 -17.52
CA GLY C 85 31.13 77.05 -18.92
C GLY C 85 32.25 76.82 -19.92
N GLN C 86 33.44 76.50 -19.42
CA GLN C 86 34.64 76.40 -20.26
C GLN C 86 35.03 74.99 -20.68
N PHE C 87 34.57 73.99 -19.93
CA PHE C 87 34.92 72.60 -20.24
C PHE C 87 33.74 71.66 -20.14
N ILE C 88 33.68 70.71 -21.07
CA ILE C 88 32.69 69.64 -20.99
C ILE C 88 33.36 68.32 -20.65
N LEU C 89 32.71 67.55 -19.78
CA LEU C 89 33.23 66.27 -19.33
C LEU C 89 32.38 65.16 -19.95
N LEU C 90 33.00 64.37 -20.82
CA LEU C 90 32.29 63.28 -21.49
C LEU C 90 32.51 61.96 -20.78
N GLU C 91 31.42 61.25 -20.50
CA GLU C 91 31.43 59.97 -19.80
C GLU C 91 31.03 58.82 -20.74
N TYR C 92 31.96 57.88 -20.96
CA TYR C 92 31.70 56.67 -21.76
C TYR C 92 32.30 55.46 -21.04
N ASN C 93 32.22 54.28 -21.66
CA ASN C 93 32.70 53.02 -21.05
C ASN C 93 32.04 52.73 -19.70
N TYR C 94 30.77 53.06 -19.63
CA TYR C 94 29.98 52.90 -18.42
C TYR C 94 29.84 51.43 -18.08
N VAL C 95 30.27 51.06 -16.88
CA VAL C 95 29.99 49.72 -16.35
C VAL C 95 29.30 49.88 -15.00
N LYS C 96 28.07 49.39 -14.91
CA LYS C 96 27.28 49.52 -13.70
C LYS C 96 27.82 48.66 -12.57
N GLN C 97 27.84 49.21 -11.36
CA GLN C 97 28.00 48.42 -10.13
C GLN C 97 26.63 48.29 -9.45
N TRP C 98 26.39 48.93 -8.31
CA TRP C 98 25.12 48.75 -7.58
C TRP C 98 24.08 49.79 -7.99
N ARG C 99 23.14 50.10 -7.10
CA ARG C 99 22.05 51.02 -7.42
C ARG C 99 22.52 52.35 -8.03
N HIS C 100 23.62 52.90 -7.52
CA HIS C 100 24.13 54.18 -8.01
C HIS C 100 25.57 54.08 -8.47
N SER C 101 26.33 53.20 -7.81
CA SER C 101 27.75 53.04 -8.11
C SER C 101 27.98 52.50 -9.50
N TYR C 102 29.03 52.99 -10.13
CA TYR C 102 29.44 52.55 -11.44
C TYR C 102 30.82 53.02 -11.77
N THR C 103 31.28 52.60 -12.94
CA THR C 103 32.64 52.80 -13.39
C THR C 103 32.60 53.31 -14.83
N ALA C 104 33.44 54.30 -15.14
CA ALA C 104 33.45 54.88 -16.49
C ALA C 104 34.81 55.41 -16.92
N SER C 105 34.91 55.72 -18.21
CA SER C 105 36.00 56.50 -18.78
C SER C 105 35.53 57.92 -19.05
N TYR C 106 36.42 58.88 -18.82
CA TYR C 106 36.08 60.29 -18.99
C TYR C 106 37.09 61.01 -19.87
N ASP C 107 36.57 61.87 -20.75
CA ASP C 107 37.39 62.74 -21.60
C ASP C 107 36.89 64.18 -21.47
N ILE C 108 37.82 65.14 -21.49
CA ILE C 108 37.46 66.55 -21.37
C ILE C 108 37.73 67.28 -22.66
N TYR C 109 36.82 68.18 -23.01
CA TYR C 109 37.00 69.12 -24.13
C TYR C 109 37.13 70.54 -23.63
N ASP C 110 37.93 71.33 -24.34
CA ASP C 110 37.88 72.80 -24.23
C ASP C 110 36.59 73.24 -24.90
N LEU C 111 35.52 73.31 -24.11
CA LEU C 111 34.13 73.48 -24.59
C LEU C 111 33.95 74.54 -25.68
N ASN C 112 34.84 75.54 -25.70
CA ASN C 112 34.87 76.51 -26.79
C ASN C 112 35.37 75.85 -28.09
N LYS C 113 36.67 75.54 -28.12
CA LYS C 113 37.36 75.06 -29.32
C LYS C 113 36.93 73.65 -29.75
N ARG C 114 36.09 73.03 -28.94
CA ARG C 114 35.67 71.62 -29.08
C ARG C 114 36.78 70.65 -29.53
N GLN C 115 37.99 70.92 -29.05
CA GLN C 115 39.15 70.05 -29.23
C GLN C 115 39.42 69.23 -27.96
N LEU C 116 39.61 67.93 -28.15
CA LEU C 116 39.85 67.00 -27.04
C LEU C 116 41.12 67.37 -26.27
N ILE C 117 41.01 67.38 -24.94
CA ILE C 117 42.20 67.62 -24.10
C ILE C 117 43.02 66.33 -24.02
N THR C 118 44.15 66.38 -24.72
CA THR C 118 44.94 65.20 -25.04
C THR C 118 45.79 64.67 -23.91
N GLU C 119 46.38 65.57 -23.12
CA GLU C 119 47.31 65.16 -22.08
C GLU C 119 46.73 65.22 -20.67
N GLU C 120 47.40 64.52 -19.76
CA GLU C 120 46.95 64.30 -18.39
C GLU C 120 45.49 63.84 -18.34
N ARG C 121 45.18 62.82 -19.13
CA ARG C 121 43.81 62.33 -19.26
C ARG C 121 43.32 61.70 -17.96
N ILE C 122 42.03 61.83 -17.69
CA ILE C 122 41.38 61.15 -16.57
C ILE C 122 41.41 59.64 -16.89
N PRO C 123 41.89 58.81 -15.93
CA PRO C 123 42.11 57.38 -16.21
C PRO C 123 40.85 56.57 -16.46
N ASN C 124 41.01 55.48 -17.22
CA ASN C 124 40.00 54.43 -17.34
C ASN C 124 39.63 53.96 -15.93
N ASN C 125 38.47 53.32 -15.80
CA ASN C 125 38.04 52.71 -14.52
C ASN C 125 37.91 53.68 -13.35
N THR C 126 37.41 54.88 -13.63
CA THR C 126 37.18 55.91 -12.62
C THR C 126 35.82 55.70 -11.97
N GLN C 127 35.76 55.95 -10.67
CA GLN C 127 34.59 55.59 -9.88
C GLN C 127 33.65 56.76 -9.68
N TRP C 128 34.22 57.95 -9.53
CA TRP C 128 33.42 59.16 -9.43
C TRP C 128 34.19 60.38 -9.87
N VAL C 129 33.47 61.33 -10.46
CA VAL C 129 34.06 62.59 -10.90
C VAL C 129 33.08 63.74 -10.67
N THR C 130 33.60 64.91 -10.32
CA THR C 130 32.75 66.05 -10.00
C THR C 130 33.46 67.41 -10.08
N TRP C 131 32.83 68.34 -10.79
CA TRP C 131 33.32 69.71 -10.89
C TRP C 131 33.11 70.43 -9.56
N SER C 132 33.93 71.44 -9.30
CA SER C 132 33.66 72.36 -8.19
C SER C 132 32.41 73.19 -8.56
N PRO C 133 31.66 73.65 -7.55
CA PRO C 133 30.42 74.40 -7.85
C PRO C 133 30.65 75.70 -8.66
N VAL C 134 31.86 76.24 -8.62
CA VAL C 134 32.27 77.29 -9.56
C VAL C 134 33.64 76.96 -10.16
N GLY C 135 33.96 77.60 -11.28
CA GLY C 135 35.23 77.36 -11.99
C GLY C 135 35.25 76.01 -12.70
N HIS C 136 36.45 75.49 -12.93
CA HIS C 136 36.58 74.18 -13.57
C HIS C 136 37.56 73.23 -12.86
N LYS C 137 37.43 73.16 -11.53
CA LYS C 137 38.20 72.19 -10.76
C LYS C 137 37.55 70.82 -10.87
N LEU C 138 38.39 69.78 -10.94
CA LEU C 138 37.93 68.39 -10.89
C LEU C 138 38.26 67.68 -9.59
N ALA C 139 37.39 66.76 -9.22
CA ALA C 139 37.66 65.81 -8.17
C ALA C 139 37.24 64.47 -8.71
N TYR C 140 38.16 63.51 -8.71
CA TYR C 140 37.79 62.15 -9.08
C TYR C 140 38.27 61.08 -8.12
N VAL C 141 37.58 59.95 -8.14
CA VAL C 141 37.98 58.79 -7.34
C VAL C 141 38.40 57.65 -8.29
N TRP C 142 39.62 57.16 -8.09
CA TRP C 142 40.18 56.07 -8.88
C TRP C 142 41.04 55.14 -8.01
N ASN C 143 40.69 53.86 -8.02
CA ASN C 143 41.12 52.88 -7.01
C ASN C 143 40.96 53.43 -5.60
N ASN C 144 39.72 53.78 -5.28
CA ASN C 144 39.34 54.12 -3.92
C ASN C 144 40.07 55.34 -3.37
N ASP C 145 40.71 56.09 -4.26
CA ASP C 145 41.45 57.28 -3.87
C ASP C 145 40.91 58.55 -4.49
N ILE C 146 41.22 59.68 -3.86
CA ILE C 146 40.72 60.98 -4.31
C ILE C 146 41.81 61.73 -5.05
N TYR C 147 41.44 62.28 -6.20
CA TYR C 147 42.36 63.06 -7.00
C TYR C 147 41.77 64.43 -7.27
N VAL C 148 42.61 65.44 -7.50
CA VAL C 148 42.11 66.77 -7.83
C VAL C 148 42.84 67.37 -9.03
N LYS C 149 42.08 67.88 -9.99
CA LYS C 149 42.61 68.62 -11.14
C LYS C 149 42.12 70.06 -11.15
N ILE C 150 43.04 70.98 -10.85
CA ILE C 150 42.74 72.40 -10.90
C ILE C 150 42.50 72.84 -12.36
N GLU C 151 43.37 72.41 -13.26
CA GLU C 151 43.15 72.57 -14.71
C GLU C 151 42.92 71.22 -15.40
N PRO C 152 42.09 71.20 -16.46
CA PRO C 152 41.79 69.95 -17.16
C PRO C 152 42.94 69.44 -18.04
N ASN C 153 44.10 70.09 -17.95
CA ASN C 153 45.29 69.65 -18.67
C ASN C 153 46.57 69.66 -17.80
N LEU C 154 46.40 69.77 -16.48
CA LEU C 154 47.51 69.69 -15.54
C LEU C 154 47.48 68.36 -14.79
N PRO C 155 48.66 67.83 -14.39
CA PRO C 155 48.71 66.63 -13.55
C PRO C 155 47.80 66.75 -12.32
N SER C 156 47.18 65.62 -11.98
CA SER C 156 46.29 65.53 -10.82
C SER C 156 47.12 65.64 -9.55
N TYR C 157 46.47 66.07 -8.47
CA TYR C 157 47.11 66.06 -7.15
C TYR C 157 46.44 65.00 -6.29
N ARG C 158 47.22 64.01 -5.86
CA ARG C 158 46.67 62.82 -5.17
C ARG C 158 46.39 63.10 -3.69
N ILE C 159 45.11 63.12 -3.33
CA ILE C 159 44.69 63.53 -1.99
C ILE C 159 44.86 62.40 -0.98
N THR C 160 44.37 61.21 -1.33
CA THR C 160 44.41 60.07 -0.43
C THR C 160 45.33 58.94 -0.93
N TRP C 161 45.79 58.12 0.01
CA TRP C 161 46.74 57.07 -0.29
C TRP C 161 46.38 55.79 0.44
N THR C 162 45.24 55.81 1.13
CA THR C 162 44.79 54.69 1.94
C THR C 162 43.93 53.75 1.10
N GLY C 163 43.45 54.25 -0.03
CA GLY C 163 42.52 53.52 -0.89
C GLY C 163 42.92 52.10 -1.20
N LYS C 164 42.12 51.15 -0.72
CA LYS C 164 42.32 49.74 -1.00
C LYS C 164 40.99 49.08 -1.39
N GLU C 165 40.99 48.40 -2.52
CA GLU C 165 39.78 47.74 -3.02
C GLU C 165 39.05 46.91 -1.95
N ASP C 166 37.74 47.15 -1.86
CA ASP C 166 36.83 46.45 -0.96
C ASP C 166 37.07 46.68 0.53
N ILE C 167 38.09 47.46 0.88
CA ILE C 167 38.42 47.67 2.28
C ILE C 167 38.39 49.13 2.74
N ILE C 168 38.98 50.03 1.95
CA ILE C 168 38.99 51.46 2.28
C ILE C 168 38.52 52.30 1.09
N TYR C 169 37.44 53.05 1.30
CA TYR C 169 36.84 53.89 0.28
C TYR C 169 37.08 55.35 0.65
N ASN C 170 37.88 56.03 -0.16
CA ASN C 170 38.07 57.46 0.01
C ASN C 170 37.20 58.24 -0.99
N GLY C 171 36.25 59.01 -0.47
CA GLY C 171 35.39 59.83 -1.32
C GLY C 171 34.29 59.11 -2.08
N ILE C 172 34.22 57.78 -1.93
CA ILE C 172 33.08 56.97 -2.42
C ILE C 172 32.54 56.11 -1.29
N THR C 173 31.29 55.68 -1.42
CA THR C 173 30.62 54.89 -0.39
C THR C 173 30.88 53.39 -0.58
N ASP C 174 30.74 52.64 0.51
CA ASP C 174 30.76 51.18 0.44
C ASP C 174 29.37 50.69 0.05
N TRP C 175 29.15 49.37 0.00
CA TRP C 175 27.83 48.88 -0.41
C TRP C 175 26.68 49.52 0.36
N VAL C 176 26.77 49.55 1.69
CA VAL C 176 25.61 49.94 2.50
C VAL C 176 25.37 51.46 2.55
N TYR C 177 26.44 52.23 2.67
CA TYR C 177 26.36 53.70 2.61
C TYR C 177 25.79 54.17 1.28
N GLU C 178 26.12 53.43 0.21
CA GLU C 178 25.56 53.68 -1.10
C GLU C 178 24.06 53.47 -1.11
N GLU C 179 23.63 52.31 -0.65
CA GLU C 179 22.22 51.92 -0.72
C GLU C 179 21.34 52.66 0.28
N GLU C 180 21.76 52.67 1.53
CA GLU C 180 20.88 53.07 2.60
C GLU C 180 21.13 54.47 3.13
N VAL C 181 22.39 54.90 3.17
CA VAL C 181 22.69 56.19 3.80
C VAL C 181 22.70 57.33 2.79
N PHE C 182 23.63 57.31 1.84
CA PHE C 182 23.77 58.45 0.92
C PHE C 182 22.96 58.35 -0.36
N SER C 183 22.47 57.16 -0.69
CA SER C 183 21.78 56.93 -1.96
C SER C 183 22.65 57.39 -3.13
N ALA C 184 23.97 57.35 -2.94
CA ALA C 184 24.89 57.76 -3.98
C ALA C 184 26.21 57.03 -3.81
N TYR C 185 26.99 56.95 -4.88
CA TYR C 185 28.33 56.38 -4.80
C TYR C 185 29.28 57.37 -4.13
N SER C 186 29.22 58.63 -4.58
CA SER C 186 30.17 59.61 -4.11
C SER C 186 29.94 60.02 -2.67
N ALA C 187 31.05 60.32 -2.02
CA ALA C 187 31.12 60.81 -0.68
C ALA C 187 32.14 61.95 -0.74
N LEU C 188 31.93 62.86 -1.70
CA LEU C 188 32.75 64.07 -1.87
C LEU C 188 31.84 65.28 -1.85
N TRP C 189 32.29 66.36 -1.23
CA TRP C 189 31.48 67.58 -1.17
C TRP C 189 32.36 68.82 -1.30
N TRP C 190 32.26 69.51 -2.44
CA TRP C 190 32.96 70.77 -2.66
C TRP C 190 32.30 71.87 -1.84
N SER C 191 33.10 72.82 -1.37
CA SER C 191 32.59 74.03 -0.72
C SER C 191 31.87 74.90 -1.74
N PRO C 192 30.87 75.69 -1.30
CA PRO C 192 30.09 76.52 -2.21
C PRO C 192 30.91 77.16 -3.34
N ASN C 193 32.08 77.70 -3.03
CA ASN C 193 32.92 78.42 -4.00
C ASN C 193 34.16 77.66 -4.48
N GLY C 194 34.22 76.37 -4.18
CA GLY C 194 35.25 75.47 -4.73
C GLY C 194 36.65 75.53 -4.14
N THR C 195 36.77 76.03 -2.91
CA THR C 195 38.06 76.09 -2.24
C THR C 195 38.32 74.81 -1.43
N PHE C 196 37.30 74.31 -0.76
CA PHE C 196 37.43 73.14 0.10
C PHE C 196 36.67 71.92 -0.40
N LEU C 197 37.33 70.76 -0.32
CA LEU C 197 36.73 69.50 -0.68
C LEU C 197 36.65 68.60 0.55
N ALA C 198 35.43 68.42 1.04
CA ALA C 198 35.13 67.46 2.10
C ALA C 198 34.92 66.05 1.55
N TYR C 199 35.23 65.04 2.36
CA TYR C 199 34.96 63.65 2.00
C TYR C 199 34.93 62.71 3.17
N ALA C 200 34.15 61.65 2.99
CA ALA C 200 34.06 60.56 3.94
C ALA C 200 35.06 59.49 3.56
N GLN C 201 35.54 58.76 4.55
CA GLN C 201 36.34 57.56 4.30
C GLN C 201 35.81 56.38 5.10
N PHE C 202 35.37 55.35 4.38
CA PHE C 202 34.72 54.19 4.98
C PHE C 202 35.69 53.02 5.11
N ASN C 203 35.63 52.34 6.26
CA ASN C 203 36.55 51.24 6.55
C ASN C 203 35.79 49.92 6.74
N ASP C 204 35.86 49.07 5.72
CA ASP C 204 35.13 47.79 5.70
C ASP C 204 35.91 46.58 6.26
N THR C 205 37.01 46.82 6.96
CA THR C 205 37.98 45.75 7.29
C THR C 205 37.37 44.44 7.87
N GLU C 206 36.56 44.58 8.92
CA GLU C 206 35.95 43.42 9.57
C GLU C 206 34.49 43.21 9.18
N VAL C 207 34.06 43.84 8.08
CA VAL C 207 32.71 43.64 7.58
C VAL C 207 32.66 42.32 6.79
N PRO C 208 31.75 41.42 7.18
CA PRO C 208 31.62 40.14 6.50
C PRO C 208 31.21 40.31 5.06
N LEU C 209 31.60 39.34 4.24
CA LEU C 209 31.26 39.34 2.82
C LEU C 209 30.05 38.46 2.57
N ILE C 210 29.12 38.93 1.75
CA ILE C 210 28.14 38.03 1.14
C ILE C 210 28.84 37.42 -0.07
N GLU C 211 28.64 36.12 -0.27
CA GLU C 211 29.29 35.43 -1.37
C GLU C 211 28.23 34.78 -2.21
N TYR C 212 28.30 35.02 -3.53
CA TYR C 212 27.38 34.36 -4.43
C TYR C 212 28.07 34.12 -5.77
N SER C 213 27.57 33.14 -6.50
CA SER C 213 28.15 32.73 -7.76
C SER C 213 27.66 33.67 -8.83
N PHE C 214 28.54 33.94 -9.80
CA PHE C 214 28.14 34.64 -10.98
C PHE C 214 28.47 33.72 -12.14
N TYR C 215 27.45 33.40 -12.93
CA TYR C 215 27.60 32.37 -13.94
C TYR C 215 28.20 32.93 -15.22
N SER C 216 27.98 34.22 -15.46
CA SER C 216 28.56 34.96 -16.58
C SER C 216 28.08 34.39 -17.91
N ASP C 217 28.74 34.79 -18.98
CA ASP C 217 28.48 34.21 -20.29
C ASP C 217 28.76 32.72 -20.29
N GLU C 218 28.06 31.97 -21.14
CA GLU C 218 28.24 30.53 -21.17
C GLU C 218 29.68 30.07 -21.50
N SER C 219 30.52 31.00 -21.95
CA SER C 219 31.87 30.64 -22.30
C SER C 219 32.72 30.61 -21.06
N LEU C 220 32.18 31.11 -19.95
CA LEU C 220 32.89 31.09 -18.68
C LEU C 220 32.67 29.70 -18.06
N GLN C 221 33.75 28.91 -18.08
CA GLN C 221 33.71 27.50 -17.70
C GLN C 221 33.41 27.24 -16.22
N TYR C 222 34.08 28.01 -15.37
CA TYR C 222 33.89 27.92 -13.93
C TYR C 222 33.26 29.22 -13.42
N PRO C 223 32.06 29.14 -12.79
CA PRO C 223 31.35 30.34 -12.28
C PRO C 223 32.25 31.16 -11.36
N LYS C 224 32.10 32.48 -11.43
CA LYS C 224 32.83 33.41 -10.59
C LYS C 224 32.10 33.45 -9.24
N THR C 225 32.83 33.74 -8.16
CA THR C 225 32.19 34.01 -6.89
C THR C 225 32.35 35.50 -6.63
N VAL C 226 31.22 36.20 -6.51
CA VAL C 226 31.22 37.60 -6.13
C VAL C 226 31.27 37.72 -4.62
N ARG C 227 32.11 38.63 -4.13
CA ARG C 227 32.29 38.84 -2.70
C ARG C 227 32.15 40.32 -2.36
N VAL C 228 30.96 40.71 -1.91
CA VAL C 228 30.69 42.08 -1.50
C VAL C 228 30.72 42.17 0.03
N PRO C 229 31.53 43.10 0.59
CA PRO C 229 31.44 43.43 2.02
C PRO C 229 30.08 44.06 2.31
N TYR C 230 29.29 43.42 3.17
CA TYR C 230 27.86 43.71 3.31
C TYR C 230 27.45 43.37 4.73
N PRO C 231 27.11 44.38 5.54
CA PRO C 231 26.81 44.07 6.93
C PRO C 231 25.36 43.70 7.10
N LYS C 232 25.10 42.43 7.36
CA LYS C 232 23.72 42.01 7.62
C LYS C 232 23.34 42.44 9.03
N ALA C 233 22.03 42.57 9.26
CA ALA C 233 21.51 42.93 10.58
C ALA C 233 22.34 42.32 11.71
N GLY C 234 22.97 43.17 12.52
CA GLY C 234 23.72 42.72 13.70
C GLY C 234 25.20 42.51 13.48
N ALA C 235 25.66 42.51 12.24
CA ALA C 235 27.06 42.24 11.95
C ALA C 235 27.93 43.48 12.12
N VAL C 236 29.25 43.29 11.97
CA VAL C 236 30.21 44.36 12.11
C VAL C 236 30.02 45.34 10.97
N ASN C 237 29.51 46.53 11.29
CA ASN C 237 29.36 47.59 10.31
C ASN C 237 30.68 48.16 9.84
N PRO C 238 30.66 48.90 8.74
CA PRO C 238 31.77 49.77 8.42
C PRO C 238 31.96 50.88 9.46
N THR C 239 33.13 51.50 9.44
CA THR C 239 33.41 52.66 10.26
C THR C 239 33.66 53.82 9.30
N VAL C 240 33.56 55.04 9.80
CA VAL C 240 33.68 56.20 8.92
C VAL C 240 34.47 57.35 9.55
N LYS C 241 35.35 57.94 8.76
CA LYS C 241 36.05 59.17 9.16
C LYS C 241 35.67 60.30 8.20
N PHE C 242 35.75 61.53 8.67
CA PHE C 242 35.41 62.68 7.84
C PHE C 242 36.55 63.67 7.75
N PHE C 243 36.78 64.19 6.55
CA PHE C 243 37.93 65.04 6.26
C PHE C 243 37.54 66.24 5.42
N VAL C 244 38.36 67.29 5.51
CA VAL C 244 38.28 68.45 4.62
C VAL C 244 39.68 68.77 4.11
N VAL C 245 39.81 69.04 2.81
CA VAL C 245 41.08 69.46 2.21
C VAL C 245 40.97 70.79 1.45
N ASN C 246 42.00 71.64 1.59
CA ASN C 246 42.07 72.92 0.88
C ASN C 246 42.68 72.73 -0.52
N THR C 247 41.85 72.91 -1.54
CA THR C 247 42.23 72.60 -2.93
C THR C 247 43.18 73.60 -3.57
N ASP C 248 43.25 74.81 -3.01
CA ASP C 248 44.11 75.86 -3.55
C ASP C 248 45.58 75.63 -3.20
N SER C 249 45.97 75.99 -1.97
CA SER C 249 47.30 75.66 -1.44
C SER C 249 47.50 74.15 -1.55
N LEU C 250 48.30 73.72 -2.52
CA LEU C 250 48.38 72.31 -2.87
C LEU C 250 49.64 71.96 -3.64
N SER C 251 50.79 72.07 -2.96
CA SER C 251 52.09 71.77 -3.55
C SER C 251 52.22 70.34 -4.09
N SER C 252 53.08 70.16 -5.09
CA SER C 252 53.41 68.83 -5.61
C SER C 252 54.62 68.28 -4.88
N VAL C 253 55.38 69.19 -4.27
CA VAL C 253 56.61 68.86 -3.54
C VAL C 253 56.34 68.01 -2.29
N THR C 254 55.17 68.21 -1.66
CA THR C 254 54.78 67.47 -0.45
C THR C 254 53.34 66.98 -0.56
N ASN C 255 53.09 65.75 -0.13
CA ASN C 255 51.72 65.19 -0.06
C ASN C 255 50.75 66.16 0.62
N ALA C 256 49.51 66.18 0.14
CA ALA C 256 48.48 67.09 0.64
C ALA C 256 47.93 66.65 1.99
N THR C 257 47.99 67.54 2.98
CA THR C 257 47.50 67.23 4.32
C THR C 257 45.99 67.45 4.39
N SER C 258 45.27 66.47 4.94
CA SER C 258 43.81 66.52 5.05
C SER C 258 43.36 66.61 6.50
N ILE C 259 42.70 67.73 6.83
CA ILE C 259 42.18 67.99 8.18
C ILE C 259 40.94 67.14 8.50
N GLN C 260 41.07 66.31 9.54
CA GLN C 260 39.96 65.48 10.01
C GLN C 260 38.96 66.29 10.82
N ILE C 261 37.70 65.85 10.77
CA ILE C 261 36.69 66.27 11.72
C ILE C 261 36.17 64.99 12.33
N THR C 262 36.44 64.79 13.62
CA THR C 262 35.91 63.63 14.33
C THR C 262 34.43 63.82 14.62
N ALA C 263 33.73 62.71 14.88
CA ALA C 263 32.35 62.77 15.32
C ALA C 263 32.29 63.33 16.73
N PRO C 264 31.15 63.89 17.13
CA PRO C 264 30.99 64.32 18.53
C PRO C 264 31.10 63.16 19.54
N ALA C 265 31.40 63.51 20.79
CA ALA C 265 31.55 62.55 21.88
C ALA C 265 30.38 61.57 21.95
N SER C 266 29.16 62.10 22.03
CA SER C 266 27.96 61.27 22.11
C SER C 266 27.83 60.31 20.93
N MET C 267 28.67 60.49 19.91
CA MET C 267 28.66 59.59 18.76
C MET C 267 29.80 58.56 18.80
N LEU C 268 31.01 59.03 19.15
CA LEU C 268 32.16 58.14 19.32
C LEU C 268 31.97 57.02 20.36
N ILE C 269 30.98 57.18 21.24
CA ILE C 269 30.73 56.24 22.34
C ILE C 269 30.17 54.86 21.90
N GLY C 270 29.80 54.73 20.63
CA GLY C 270 29.32 53.45 20.09
C GLY C 270 29.18 53.52 18.57
N ASP C 271 28.87 52.40 17.95
CA ASP C 271 28.72 52.36 16.49
C ASP C 271 27.83 53.48 15.99
N HIS C 272 28.21 54.09 14.87
CA HIS C 272 27.50 55.27 14.36
C HIS C 272 27.56 55.39 12.85
N TYR C 273 26.74 56.28 12.29
CA TYR C 273 26.80 56.54 10.85
C TYR C 273 26.94 58.02 10.56
N LEU C 274 27.75 58.35 9.56
CA LEU C 274 27.73 59.69 9.01
C LEU C 274 26.55 59.79 8.04
N CYS C 275 25.56 60.62 8.37
CA CYS C 275 24.30 60.61 7.61
C CYS C 275 23.88 61.91 6.92
N ASP C 276 24.71 62.95 6.98
CA ASP C 276 24.47 64.18 6.22
C ASP C 276 25.70 65.07 6.10
N VAL C 277 25.85 65.66 4.92
CA VAL C 277 26.89 66.63 4.65
C VAL C 277 26.30 67.83 3.87
N THR C 278 26.41 69.02 4.46
CA THR C 278 25.88 70.24 3.90
C THR C 278 26.78 71.41 4.23
N TRP C 279 27.28 72.07 3.19
CA TRP C 279 28.04 73.29 3.37
C TRP C 279 27.11 74.42 3.77
N ALA C 280 27.67 75.49 4.34
CA ALA C 280 26.88 76.64 4.75
C ALA C 280 27.43 77.92 4.10
N THR C 281 28.69 78.23 4.38
CA THR C 281 29.40 79.26 3.63
C THR C 281 30.66 78.65 3.04
N GLN C 282 31.55 79.48 2.50
CA GLN C 282 32.83 79.01 2.01
C GLN C 282 33.59 78.31 3.14
N GLU C 283 33.30 78.75 4.37
CA GLU C 283 34.10 78.41 5.55
C GLU C 283 33.27 77.76 6.67
N ARG C 284 32.05 77.36 6.36
CA ARG C 284 31.22 76.66 7.32
C ARG C 284 30.65 75.38 6.73
N ILE C 285 30.87 74.27 7.42
CA ILE C 285 30.29 73.00 7.01
C ILE C 285 29.46 72.40 8.15
N SER C 286 28.39 71.68 7.79
CA SER C 286 27.53 71.03 8.78
C SER C 286 27.50 69.52 8.58
N LEU C 287 27.56 68.77 9.68
CA LEU C 287 27.61 67.30 9.65
C LEU C 287 26.56 66.72 10.58
N GLN C 288 25.76 65.80 10.06
CA GLN C 288 24.82 65.08 10.91
C GLN C 288 25.25 63.64 11.08
N TRP C 289 25.33 63.22 12.33
CA TRP C 289 25.72 61.86 12.67
C TRP C 289 24.55 61.13 13.29
N LEU C 290 24.53 59.82 13.08
CA LEU C 290 23.43 58.99 13.53
C LEU C 290 24.01 57.89 14.40
N ARG C 291 23.37 57.60 15.52
CA ARG C 291 23.77 56.44 16.32
C ARG C 291 23.32 55.17 15.58
N ARG C 292 24.03 54.05 15.80
CA ARG C 292 23.66 52.77 15.18
C ARG C 292 22.20 52.40 15.48
N ILE C 293 21.82 52.46 16.76
CA ILE C 293 20.40 52.51 17.09
C ILE C 293 19.94 53.87 16.60
N GLN C 294 19.11 53.87 15.56
CA GLN C 294 18.81 55.12 14.86
C GLN C 294 17.63 55.90 15.44
N ASN C 295 17.63 56.12 16.75
CA ASN C 295 16.64 56.99 17.40
C ASN C 295 17.26 58.25 18.01
N TYR C 296 18.57 58.40 17.82
CA TYR C 296 19.34 59.55 18.30
C TYR C 296 20.25 60.04 17.18
N SER C 297 20.25 61.35 16.93
CA SER C 297 21.11 61.92 15.89
C SER C 297 21.62 63.30 16.27
N VAL C 298 22.86 63.61 15.90
CA VAL C 298 23.49 64.87 16.27
C VAL C 298 23.97 65.63 15.05
N MET C 299 23.80 66.95 15.07
CA MET C 299 24.34 67.81 14.04
C MET C 299 25.43 68.73 14.59
N ASP C 300 26.59 68.66 13.96
CA ASP C 300 27.69 69.58 14.25
C ASP C 300 27.76 70.66 13.19
N ILE C 301 28.03 71.89 13.62
CA ILE C 301 28.35 72.99 12.71
C ILE C 301 29.81 73.32 12.94
N CYS C 302 30.58 73.34 11.86
CA CYS C 302 32.03 73.46 11.96
C CYS C 302 32.58 74.60 11.12
N ASP C 303 33.17 75.58 11.80
CA ASP C 303 33.79 76.72 11.14
C ASP C 303 35.28 76.47 10.89
N TYR C 304 35.79 77.06 9.81
CA TYR C 304 37.21 76.97 9.47
C TYR C 304 37.97 77.99 10.30
N ASP C 305 39.22 77.67 10.61
CA ASP C 305 40.11 78.59 11.33
C ASP C 305 41.27 79.03 10.44
N GLU C 306 41.24 80.30 10.02
CA GLU C 306 42.20 80.85 9.07
C GLU C 306 43.63 80.78 9.59
N SER C 307 43.80 80.91 10.91
CA SER C 307 45.11 80.86 11.56
C SER C 307 45.60 79.45 11.87
N SER C 308 44.67 78.55 12.21
CA SER C 308 44.99 77.15 12.52
C SER C 308 45.25 76.34 11.26
N GLY C 309 44.38 76.54 10.27
CA GLY C 309 44.30 75.64 9.13
C GLY C 309 43.31 74.53 9.46
N ARG C 310 42.71 74.61 10.64
CA ARG C 310 41.85 73.56 11.18
C ARG C 310 40.36 73.88 11.20
N TRP C 311 39.56 72.89 11.61
CA TRP C 311 38.12 73.01 11.71
C TRP C 311 37.68 72.82 13.17
N ASN C 312 36.86 73.76 13.65
CA ASN C 312 36.34 73.72 15.02
C ASN C 312 34.81 73.71 15.03
N CYS C 313 34.22 72.66 15.62
CA CYS C 313 32.76 72.59 15.80
C CYS C 313 32.40 72.82 17.27
N LEU C 314 31.77 73.96 17.56
CA LEU C 314 31.45 74.34 18.94
C LEU C 314 30.42 73.41 19.58
N VAL C 315 30.75 72.93 20.78
CA VAL C 315 29.91 71.96 21.52
C VAL C 315 28.50 72.50 21.80
N ALA C 316 28.39 73.79 22.10
CA ALA C 316 27.08 74.42 22.32
C ALA C 316 26.24 74.49 21.04
N ARG C 317 26.92 74.59 19.89
CA ARG C 317 26.27 74.67 18.59
C ARG C 317 25.64 73.35 18.12
N GLN C 318 25.81 72.29 18.91
CA GLN C 318 25.27 70.97 18.57
C GLN C 318 23.78 70.89 18.80
N HIS C 319 23.05 70.68 17.72
CA HIS C 319 21.61 70.44 17.79
C HIS C 319 21.38 68.94 17.78
N ILE C 320 20.40 68.48 18.56
CA ILE C 320 20.10 67.05 18.67
C ILE C 320 18.72 66.72 18.11
N GLU C 321 18.65 65.72 17.24
CA GLU C 321 17.37 65.20 16.77
C GLU C 321 17.09 63.82 17.38
N MET C 322 16.11 63.76 18.28
CA MET C 322 15.78 62.55 19.04
C MET C 322 14.45 61.95 18.59
N SER C 323 14.17 60.72 19.00
CA SER C 323 12.86 60.10 18.76
C SER C 323 12.60 58.99 19.76
N THR C 324 11.51 59.11 20.51
CA THR C 324 11.16 58.10 21.52
C THR C 324 10.01 57.18 21.06
N THR C 325 9.30 57.60 20.02
CA THR C 325 8.23 56.78 19.44
C THR C 325 8.75 55.82 18.37
N GLY C 326 9.81 56.25 17.67
CA GLY C 326 10.42 55.44 16.61
C GLY C 326 11.86 55.80 16.27
N TRP C 327 12.19 55.69 14.99
CA TRP C 327 13.50 56.08 14.45
C TRP C 327 13.51 57.57 14.11
N VAL C 328 14.63 58.06 13.57
CA VAL C 328 14.75 59.49 13.23
C VAL C 328 14.78 59.70 11.70
N GLY C 329 14.04 60.71 11.24
CA GLY C 329 13.84 60.97 9.83
C GLY C 329 12.76 60.08 9.27
N ARG C 330 12.60 60.10 7.95
CA ARG C 330 11.76 59.13 7.26
C ARG C 330 12.62 57.91 6.96
N PHE C 331 13.77 58.15 6.31
CA PHE C 331 14.77 57.11 6.07
C PHE C 331 16.10 57.51 6.71
N ARG C 332 16.38 58.80 6.73
CA ARG C 332 17.54 59.33 7.43
C ARG C 332 17.20 60.74 7.93
N PRO C 333 17.95 61.25 8.93
CA PRO C 333 17.67 62.60 9.43
C PRO C 333 17.62 63.60 8.29
N SER C 334 16.74 64.58 8.40
CA SER C 334 16.50 65.52 7.31
C SER C 334 17.68 66.47 7.14
N GLU C 335 17.86 66.97 5.91
CA GLU C 335 18.98 67.88 5.62
C GLU C 335 18.66 69.36 5.90
N PRO C 336 19.69 70.15 6.25
CA PRO C 336 19.52 71.57 6.49
C PRO C 336 19.64 72.42 5.22
N HIS C 337 18.95 73.56 5.21
CA HIS C 337 19.08 74.52 4.13
C HIS C 337 19.43 75.84 4.78
N PHE C 338 20.56 76.41 4.39
CA PHE C 338 21.15 77.55 5.11
C PHE C 338 20.84 78.91 4.48
N THR C 339 20.47 79.88 5.30
CA THR C 339 20.37 81.26 4.83
C THR C 339 21.73 81.66 4.27
N LEU C 340 21.74 82.67 3.40
CA LEU C 340 22.96 83.09 2.71
C LEU C 340 24.12 83.41 3.66
N ASP C 341 23.83 83.96 4.84
CA ASP C 341 24.89 84.26 5.81
C ASP C 341 25.39 83.02 6.56
N GLY C 342 24.58 81.97 6.58
CA GLY C 342 24.98 80.70 7.16
C GLY C 342 24.85 80.68 8.67
N ASN C 343 24.25 81.72 9.22
CA ASN C 343 24.04 81.82 10.65
C ASN C 343 22.66 81.27 11.05
N SER C 344 21.96 80.66 10.09
CA SER C 344 20.62 80.12 10.31
C SER C 344 20.19 79.11 9.24
N PHE C 345 19.45 78.08 9.66
CA PHE C 345 19.01 77.03 8.72
C PHE C 345 17.62 76.48 9.02
N TYR C 346 16.97 75.99 7.96
CA TYR C 346 15.66 75.33 8.06
C TYR C 346 15.84 73.85 7.82
N LYS C 347 15.18 73.02 8.62
CA LYS C 347 15.09 71.59 8.31
C LYS C 347 13.79 70.91 8.78
N ILE C 348 13.27 70.02 7.92
CA ILE C 348 12.02 69.28 8.15
C ILE C 348 12.18 68.29 9.29
N ILE C 349 11.37 68.44 10.32
CA ILE C 349 11.40 67.53 11.47
C ILE C 349 9.98 67.22 11.96
N SER C 350 9.88 66.25 12.87
CA SER C 350 8.59 65.82 13.41
C SER C 350 8.17 66.66 14.62
N ASN C 351 6.94 67.18 14.61
CA ASN C 351 6.48 68.01 15.73
C ASN C 351 6.04 67.20 16.97
N GLU C 352 5.47 67.89 17.96
CA GLU C 352 5.16 67.25 19.25
C GLU C 352 4.01 66.25 19.11
N GLU C 353 3.26 66.35 18.02
CA GLU C 353 2.20 65.38 17.72
C GLU C 353 2.33 64.80 16.31
N GLY C 354 3.51 64.29 16.00
CA GLY C 354 3.73 63.42 14.85
C GLY C 354 4.06 64.05 13.51
N TYR C 355 3.49 65.21 13.21
CA TYR C 355 3.58 65.73 11.85
C TYR C 355 4.89 66.40 11.51
N ARG C 356 5.39 66.08 10.32
CA ARG C 356 6.70 66.53 9.87
C ARG C 356 6.66 67.87 9.15
N HIS C 357 7.17 68.89 9.85
CA HIS C 357 7.09 70.26 9.37
C HIS C 357 8.44 70.96 9.42
N ILE C 358 8.50 72.15 8.84
CA ILE C 358 9.75 72.88 8.69
C ILE C 358 10.09 73.70 9.94
N CYS C 359 11.32 73.52 10.42
CA CYS C 359 11.81 74.28 11.55
C CYS C 359 12.84 75.31 11.14
N TYR C 360 12.72 76.51 11.72
CA TYR C 360 13.69 77.58 11.56
C TYR C 360 14.66 77.58 12.75
N PHE C 361 15.85 77.03 12.54
CA PHE C 361 16.88 76.98 13.57
C PHE C 361 17.77 78.21 13.50
N GLN C 362 18.02 78.80 14.66
CA GLN C 362 19.04 79.84 14.79
C GLN C 362 20.32 79.16 15.23
N ILE C 363 21.30 79.11 14.33
CA ILE C 363 22.62 78.49 14.61
C ILE C 363 23.05 78.58 16.08
N ASP C 364 22.95 79.77 16.66
CA ASP C 364 23.50 80.07 17.98
C ASP C 364 22.55 79.82 19.16
N LYS C 365 21.72 78.79 19.07
CA LYS C 365 20.92 78.32 20.20
C LYS C 365 20.39 76.90 19.98
N LYS C 366 19.31 76.53 20.68
CA LYS C 366 18.82 75.15 20.70
C LYS C 366 17.43 74.93 20.09
N ASP C 367 16.53 75.89 20.32
CA ASP C 367 15.12 75.73 19.94
C ASP C 367 14.77 76.41 18.63
N CYS C 368 14.33 75.63 17.66
CA CYS C 368 13.67 76.18 16.48
C CYS C 368 12.23 76.53 16.85
N THR C 369 11.60 77.28 15.98
CA THR C 369 10.15 77.38 15.99
C THR C 369 9.62 76.83 14.66
N PHE C 370 8.45 76.18 14.70
CA PHE C 370 7.86 75.60 13.50
C PHE C 370 7.22 76.67 12.63
N ILE C 371 7.62 76.70 11.37
CA ILE C 371 7.03 77.63 10.40
C ILE C 371 5.79 77.02 9.71
N THR C 372 5.52 75.74 10.00
CA THR C 372 4.30 75.07 9.56
C THR C 372 3.73 74.17 10.65
N LYS C 373 2.42 73.93 10.61
CA LYS C 373 1.73 73.03 11.53
C LYS C 373 0.53 72.34 10.86
N GLY C 374 -0.02 71.31 11.48
CA GLY C 374 -1.25 70.66 10.98
C GLY C 374 -1.19 69.19 10.57
N THR C 375 -2.37 68.62 10.32
CA THR C 375 -2.52 67.20 9.97
C THR C 375 -2.14 66.92 8.52
N TRP C 376 -0.88 67.18 8.20
CA TRP C 376 -0.29 66.90 6.89
C TRP C 376 1.21 67.15 6.99
N GLU C 377 2.01 66.32 6.31
CA GLU C 377 3.47 66.44 6.39
C GLU C 377 4.05 67.27 5.23
N VAL C 378 5.13 68.00 5.51
CA VAL C 378 5.95 68.61 4.47
C VAL C 378 6.88 67.55 3.85
N ILE C 379 6.91 67.49 2.52
CA ILE C 379 7.67 66.44 1.82
C ILE C 379 9.14 66.78 1.64
N GLY C 380 9.45 68.04 1.41
CA GLY C 380 10.82 68.48 1.19
C GLY C 380 10.95 69.97 0.92
N ILE C 381 12.08 70.54 1.30
CA ILE C 381 12.38 71.93 0.99
C ILE C 381 13.10 71.99 -0.35
N GLU C 382 12.53 72.75 -1.28
CA GLU C 382 13.04 72.78 -2.65
C GLU C 382 13.98 73.95 -2.93
N ALA C 383 13.70 75.12 -2.35
CA ALA C 383 14.54 76.29 -2.58
C ALA C 383 14.40 77.31 -1.47
N LEU C 384 15.43 78.14 -1.32
CA LEU C 384 15.43 79.20 -0.34
C LEU C 384 16.02 80.50 -0.90
N THR C 385 15.23 81.58 -0.86
CA THR C 385 15.77 82.93 -1.12
C THR C 385 15.69 83.71 0.18
N SER C 386 16.38 84.84 0.25
CA SER C 386 16.29 85.68 1.45
C SER C 386 14.97 86.46 1.52
N ASP C 387 13.91 85.89 0.96
CA ASP C 387 12.56 86.45 1.08
C ASP C 387 11.53 85.38 1.44
N TYR C 388 11.50 84.32 0.64
CA TYR C 388 10.54 83.24 0.82
C TYR C 388 11.27 81.91 1.02
N LEU C 389 10.49 80.89 1.34
CA LEU C 389 10.97 79.50 1.39
C LEU C 389 10.02 78.61 0.59
N TYR C 390 10.58 77.87 -0.36
CA TYR C 390 9.77 77.03 -1.25
C TYR C 390 9.84 75.57 -0.79
N TYR C 391 8.68 74.93 -0.75
CA TYR C 391 8.61 73.55 -0.28
C TYR C 391 7.43 72.78 -0.89
N ILE C 392 7.55 71.46 -0.90
CA ILE C 392 6.48 70.56 -1.36
C ILE C 392 5.82 69.88 -0.16
N SER C 393 4.50 69.75 -0.21
CA SER C 393 3.77 69.07 0.84
C SER C 393 2.53 68.38 0.30
N ASN C 394 1.86 67.65 1.18
CA ASN C 394 0.61 66.97 0.85
C ASN C 394 -0.60 67.57 1.59
N GLU C 395 -0.65 68.90 1.64
CA GLU C 395 -1.73 69.59 2.35
C GLU C 395 -3.00 69.66 1.50
N TYR C 396 -2.81 69.98 0.22
CA TYR C 396 -3.95 70.24 -0.66
C TYR C 396 -5.00 69.13 -0.58
N LYS C 397 -6.22 69.54 -0.24
CA LYS C 397 -7.38 68.65 -0.08
C LYS C 397 -7.14 67.53 0.92
N GLY C 398 -6.22 67.77 1.87
CA GLY C 398 -5.87 66.79 2.90
C GLY C 398 -5.59 65.41 2.33
N MET C 399 -5.00 65.38 1.14
CA MET C 399 -4.66 64.14 0.48
C MET C 399 -3.18 63.88 0.68
N PRO C 400 -2.83 62.72 1.27
CA PRO C 400 -1.43 62.45 1.50
C PRO C 400 -0.71 62.00 0.24
N GLY C 401 -1.48 61.55 -0.76
CA GLY C 401 -0.92 61.04 -2.00
C GLY C 401 -0.71 62.10 -3.04
N GLY C 402 -1.04 63.35 -2.68
CA GLY C 402 -0.87 64.47 -3.59
C GLY C 402 0.35 65.28 -3.25
N ARG C 403 0.98 65.86 -4.26
CA ARG C 403 2.12 66.73 -4.05
C ARG C 403 1.82 68.09 -4.64
N ASN C 404 1.96 69.14 -3.82
CA ASN C 404 1.86 70.49 -4.33
C ASN C 404 2.96 71.40 -3.82
N LEU C 405 3.31 72.39 -4.62
CA LEU C 405 4.36 73.33 -4.30
C LEU C 405 3.82 74.56 -3.60
N TYR C 406 4.38 74.85 -2.42
CA TYR C 406 3.98 75.99 -1.62
C TYR C 406 5.12 76.99 -1.46
N LYS C 407 4.75 78.24 -1.20
CA LYS C 407 5.70 79.35 -1.03
C LYS C 407 5.38 80.04 0.30
N ILE C 408 6.29 79.92 1.26
CA ILE C 408 6.08 80.59 2.56
C ILE C 408 6.92 81.86 2.72
N GLN C 409 6.29 82.93 3.19
CA GLN C 409 6.97 84.21 3.42
C GLN C 409 7.70 84.20 4.77
N LEU C 410 9.03 84.33 4.70
CA LEU C 410 9.88 84.39 5.90
C LEU C 410 9.51 85.51 6.89
N SER C 411 9.20 86.70 6.35
CA SER C 411 8.83 87.85 7.17
C SER C 411 7.50 87.66 7.92
N ASP C 412 6.65 86.79 7.40
CA ASP C 412 5.36 86.49 8.00
C ASP C 412 5.00 85.03 7.77
N TYR C 413 5.21 84.19 8.78
CA TYR C 413 4.99 82.74 8.65
C TYR C 413 3.53 82.31 8.48
N THR C 414 2.59 83.18 8.87
CA THR C 414 1.17 82.88 8.74
C THR C 414 0.66 83.10 7.31
N LYS C 415 1.36 83.94 6.54
CA LYS C 415 0.95 84.24 5.17
C LYS C 415 1.64 83.33 4.16
N VAL C 416 1.04 82.15 3.95
CA VAL C 416 1.59 81.10 3.10
C VAL C 416 0.77 80.94 1.82
N THR C 417 1.37 81.33 0.70
CA THR C 417 0.71 81.26 -0.61
C THR C 417 1.11 79.98 -1.35
N CYS C 418 0.11 79.26 -1.86
CA CYS C 418 0.32 78.07 -2.69
C CYS C 418 0.78 78.49 -4.07
N LEU C 419 1.39 77.57 -4.81
CA LEU C 419 1.85 77.87 -6.16
C LEU C 419 1.32 76.95 -7.25
N SER C 420 1.26 75.66 -6.97
CA SER C 420 0.91 74.68 -8.00
C SER C 420 -0.53 74.21 -7.92
N CYS C 421 -1.04 74.16 -6.69
CA CYS C 421 -2.28 73.45 -6.34
C CYS C 421 -3.40 73.58 -7.36
N GLU C 422 -3.68 74.81 -7.78
CA GLU C 422 -4.86 75.10 -8.61
C GLU C 422 -4.53 75.48 -10.06
N LEU C 423 -3.27 75.29 -10.47
CA LEU C 423 -2.86 75.56 -11.85
C LEU C 423 -3.66 74.70 -12.83
N ASN C 424 -4.00 73.50 -12.38
CA ASN C 424 -4.93 72.61 -13.06
C ASN C 424 -5.28 71.53 -12.05
N PRO C 425 -6.45 71.66 -11.39
CA PRO C 425 -6.82 70.77 -10.27
C PRO C 425 -7.13 69.34 -10.70
N GLU C 426 -7.82 69.16 -11.83
CA GLU C 426 -8.23 67.84 -12.31
C GLU C 426 -7.08 67.01 -12.89
N ARG C 427 -6.31 67.62 -13.80
CA ARG C 427 -5.16 66.94 -14.39
C ARG C 427 -4.00 66.76 -13.41
N CYS C 428 -3.87 67.68 -12.45
CA CYS C 428 -2.60 67.87 -11.74
C CYS C 428 -2.60 67.95 -10.21
N GLN C 429 -2.46 66.80 -9.55
CA GLN C 429 -2.43 66.76 -8.09
C GLN C 429 -1.12 66.22 -7.54
N TYR C 430 -0.06 66.17 -8.36
CA TYR C 430 1.21 65.61 -7.90
C TYR C 430 2.41 66.26 -8.59
N TYR C 431 3.09 67.13 -7.86
CA TYR C 431 4.09 68.03 -8.43
C TYR C 431 5.50 67.83 -7.88
N SER C 432 6.48 68.08 -8.73
CA SER C 432 7.88 68.28 -8.32
C SER C 432 8.46 69.46 -9.10
N VAL C 433 9.52 70.07 -8.56
CA VAL C 433 10.04 71.33 -9.10
C VAL C 433 11.56 71.35 -9.20
N SER C 434 12.04 71.82 -10.34
CA SER C 434 13.46 72.05 -10.55
C SER C 434 13.68 73.56 -10.71
N PHE C 435 14.41 74.15 -9.76
CA PHE C 435 14.64 75.59 -9.77
C PHE C 435 15.88 76.02 -10.59
N SER C 436 15.86 77.25 -11.10
CA SER C 436 17.04 77.84 -11.74
C SER C 436 18.10 78.08 -10.67
N LYS C 437 19.26 78.61 -11.07
CA LYS C 437 20.40 78.66 -10.16
C LYS C 437 20.28 79.67 -9.00
N GLU C 438 19.30 80.55 -9.06
CA GLU C 438 18.96 81.41 -7.91
C GLU C 438 17.42 81.51 -7.74
N ALA C 439 16.72 80.66 -8.48
CA ALA C 439 15.26 80.54 -8.40
C ALA C 439 14.48 81.68 -9.09
N LYS C 440 15.10 82.33 -10.07
CA LYS C 440 14.42 83.36 -10.87
C LYS C 440 13.32 82.71 -11.73
N TYR C 441 13.54 81.45 -12.07
CA TYR C 441 12.55 80.63 -12.77
C TYR C 441 12.50 79.24 -12.12
N TYR C 442 11.47 78.47 -12.45
CA TYR C 442 11.33 77.09 -11.97
C TYR C 442 10.49 76.22 -12.89
N GLN C 443 10.82 74.93 -12.93
CA GLN C 443 10.08 73.97 -13.74
C GLN C 443 9.14 73.15 -12.86
N LEU C 444 7.97 72.83 -13.39
CA LEU C 444 7.06 71.93 -12.69
C LEU C 444 6.85 70.63 -13.45
N ARG C 445 7.29 69.52 -12.87
CA ARG C 445 6.85 68.21 -13.31
C ARG C 445 5.53 67.89 -12.60
N CYS C 446 4.45 67.81 -13.36
CA CYS C 446 3.21 67.26 -12.86
C CYS C 446 3.21 65.78 -13.22
N SER C 447 2.99 64.91 -12.24
CA SER C 447 3.11 63.47 -12.47
C SER C 447 1.79 62.78 -12.71
N GLY C 448 0.69 63.52 -12.48
CA GLY C 448 -0.65 62.97 -12.63
C GLY C 448 -1.67 63.74 -11.81
N PRO C 449 -2.90 63.19 -11.69
CA PRO C 449 -3.29 61.87 -12.19
C PRO C 449 -3.65 61.84 -13.68
N GLY C 450 -3.59 62.99 -14.34
CA GLY C 450 -3.66 63.05 -15.79
C GLY C 450 -2.27 62.79 -16.37
N LEU C 451 -2.15 62.93 -17.68
CA LEU C 451 -0.86 62.72 -18.36
C LEU C 451 0.16 63.77 -17.91
N PRO C 452 1.41 63.36 -17.65
CA PRO C 452 2.44 64.27 -17.14
C PRO C 452 2.56 65.57 -17.94
N LEU C 453 2.64 66.68 -17.21
CA LEU C 453 2.66 68.02 -17.80
C LEU C 453 3.85 68.79 -17.24
N TYR C 454 4.66 69.35 -18.14
CA TYR C 454 5.89 70.04 -17.77
C TYR C 454 5.80 71.50 -18.20
N THR C 455 5.90 72.41 -17.23
CA THR C 455 5.62 73.84 -17.47
C THR C 455 6.65 74.75 -16.79
N LEU C 456 7.16 75.73 -17.54
CA LEU C 456 8.19 76.65 -17.02
C LEU C 456 7.53 77.93 -16.51
N HIS C 457 7.80 78.24 -15.25
CA HIS C 457 7.25 79.43 -14.59
C HIS C 457 8.36 80.42 -14.19
N SER C 458 7.96 81.67 -13.93
CA SER C 458 8.86 82.66 -13.31
C SER C 458 8.41 82.88 -11.87
N SER C 459 9.36 82.86 -10.94
CA SER C 459 9.03 83.12 -9.54
C SER C 459 9.09 84.61 -9.26
N VAL C 460 9.35 85.40 -10.31
CA VAL C 460 9.33 86.86 -10.23
C VAL C 460 7.91 87.30 -9.83
N ASN C 461 6.95 87.06 -10.71
CA ASN C 461 5.53 87.34 -10.42
C ASN C 461 4.69 86.06 -10.40
N ASP C 462 5.35 84.94 -10.13
CA ASP C 462 4.74 83.60 -10.04
C ASP C 462 3.81 83.20 -11.18
N LYS C 463 3.88 83.91 -12.30
CA LYS C 463 3.07 83.60 -13.47
C LYS C 463 3.71 82.48 -14.30
N GLY C 464 2.89 81.78 -15.07
CA GLY C 464 3.37 80.75 -15.99
C GLY C 464 3.92 81.37 -17.25
N LEU C 465 5.10 80.89 -17.68
CA LEU C 465 5.70 81.32 -18.94
C LEU C 465 5.18 80.48 -20.12
N ARG C 466 5.56 79.20 -20.18
CA ARG C 466 5.12 78.36 -21.30
C ARG C 466 4.93 76.88 -20.98
N VAL C 467 4.30 76.17 -21.91
CA VAL C 467 4.24 74.72 -21.90
C VAL C 467 5.55 74.17 -22.45
N LEU C 468 6.16 73.23 -21.72
CA LEU C 468 7.37 72.56 -22.19
C LEU C 468 7.01 71.22 -22.83
N GLU C 469 6.16 70.47 -22.15
CA GLU C 469 5.62 69.22 -22.66
C GLU C 469 4.22 69.03 -22.09
N ASP C 470 3.22 69.01 -22.97
CA ASP C 470 1.84 68.76 -22.56
C ASP C 470 1.43 67.32 -22.87
N ASN C 471 2.37 66.55 -23.41
CA ASN C 471 2.18 65.13 -23.71
C ASN C 471 1.00 64.82 -24.61
N SER C 472 0.59 65.79 -25.42
CA SER C 472 -0.59 65.60 -26.30
C SER C 472 -0.36 64.49 -27.34
N ALA C 473 0.90 64.26 -27.70
CA ALA C 473 1.27 63.17 -28.59
C ALA C 473 0.74 61.84 -28.06
N LEU C 474 1.15 61.49 -26.85
CA LEU C 474 0.70 60.29 -26.15
C LEU C 474 -0.81 60.27 -25.92
N ASP C 475 -1.34 61.43 -25.55
CA ASP C 475 -2.77 61.62 -25.33
C ASP C 475 -3.57 61.15 -26.53
N LYS C 476 -3.06 61.47 -27.72
CA LYS C 476 -3.79 61.23 -28.97
C LYS C 476 -3.85 59.75 -29.33
N MET C 477 -2.77 59.02 -29.06
CA MET C 477 -2.82 57.59 -29.35
C MET C 477 -3.39 56.75 -28.20
N LEU C 478 -3.75 57.41 -27.10
CA LEU C 478 -4.46 56.79 -25.98
C LEU C 478 -5.96 56.96 -26.13
N GLN C 479 -6.37 57.61 -27.21
CA GLN C 479 -7.78 57.88 -27.48
C GLN C 479 -8.53 56.63 -27.92
N ASN C 480 -7.90 55.84 -28.79
CA ASN C 480 -8.47 54.55 -29.21
C ASN C 480 -7.89 53.35 -28.44
N VAL C 481 -7.44 53.62 -27.22
CA VAL C 481 -7.14 52.55 -26.27
C VAL C 481 -8.14 52.63 -25.11
N GLN C 482 -8.66 51.47 -24.71
CA GLN C 482 -9.53 51.35 -23.54
C GLN C 482 -8.67 51.32 -22.28
N MET C 483 -8.40 52.51 -21.76
CA MET C 483 -7.53 52.67 -20.62
C MET C 483 -8.20 52.31 -19.31
N PRO C 484 -7.40 51.86 -18.33
CA PRO C 484 -7.93 51.65 -17.00
C PRO C 484 -8.25 53.00 -16.37
N SER C 485 -9.18 53.00 -15.43
CA SER C 485 -9.50 54.19 -14.66
C SER C 485 -8.78 54.05 -13.33
N LYS C 486 -8.85 55.06 -12.47
CA LYS C 486 -8.17 54.98 -11.18
C LYS C 486 -8.96 55.64 -10.07
N LYS C 487 -9.31 54.88 -9.04
CA LYS C 487 -9.88 55.45 -7.82
C LYS C 487 -8.74 55.77 -6.86
N LEU C 488 -8.99 56.70 -5.95
CA LEU C 488 -8.04 57.08 -4.91
C LEU C 488 -8.90 57.64 -3.81
N ASP C 489 -9.05 56.87 -2.73
CA ASP C 489 -9.94 57.23 -1.64
C ASP C 489 -9.47 56.62 -0.32
N PHE C 490 -10.10 57.06 0.77
CA PHE C 490 -9.80 56.54 2.09
C PHE C 490 -10.83 55.54 2.56
N ILE C 491 -10.41 54.70 3.50
CA ILE C 491 -11.33 53.94 4.33
C ILE C 491 -11.00 54.20 5.80
N ILE C 492 -12.04 54.25 6.63
CA ILE C 492 -11.84 54.46 8.05
C ILE C 492 -11.66 53.12 8.76
N LEU C 493 -10.59 53.02 9.52
CA LEU C 493 -10.31 51.88 10.39
C LEU C 493 -9.95 52.43 11.76
N ASN C 494 -10.73 52.07 12.78
CA ASN C 494 -10.54 52.52 14.15
C ASN C 494 -10.32 54.04 14.19
N GLU C 495 -11.25 54.78 13.58
CA GLU C 495 -11.20 56.25 13.51
C GLU C 495 -9.95 56.80 12.80
N THR C 496 -9.45 56.08 11.79
CA THR C 496 -8.29 56.55 11.02
C THR C 496 -8.54 56.45 9.52
N LYS C 497 -8.30 57.56 8.83
CA LYS C 497 -8.31 57.60 7.37
C LYS C 497 -7.12 56.81 6.81
N PHE C 498 -7.39 55.65 6.22
CA PHE C 498 -6.37 54.91 5.50
C PHE C 498 -6.64 54.93 4.00
N TRP C 499 -5.65 55.37 3.24
CA TRP C 499 -5.84 55.59 1.81
C TRP C 499 -5.52 54.35 0.99
N TYR C 500 -6.32 54.11 -0.03
CA TYR C 500 -6.06 53.06 -0.99
C TYR C 500 -6.22 53.63 -2.39
N GLN C 501 -5.66 52.93 -3.36
CA GLN C 501 -5.96 53.22 -4.76
C GLN C 501 -6.47 51.98 -5.47
N MET C 502 -7.27 52.17 -6.51
CA MET C 502 -7.68 51.06 -7.35
C MET C 502 -7.43 51.35 -8.80
N ILE C 503 -6.91 50.36 -9.51
CA ILE C 503 -6.79 50.41 -10.96
C ILE C 503 -7.97 49.63 -11.52
N LEU C 504 -8.96 50.35 -12.01
CA LEU C 504 -10.21 49.77 -12.47
C LEU C 504 -10.18 49.52 -13.96
N PRO C 505 -10.68 48.35 -14.41
CA PRO C 505 -10.75 48.06 -15.83
C PRO C 505 -11.66 49.05 -16.56
N PRO C 506 -11.40 49.29 -17.85
CA PRO C 506 -12.29 50.15 -18.63
C PRO C 506 -13.71 49.61 -18.57
N HIS C 507 -14.68 50.47 -18.87
CA HIS C 507 -16.08 50.04 -18.90
C HIS C 507 -16.45 49.34 -17.59
N PHE C 508 -15.82 49.79 -16.51
CA PHE C 508 -16.03 49.25 -15.15
C PHE C 508 -17.51 49.22 -14.79
N ASP C 509 -17.92 48.12 -14.16
CA ASP C 509 -19.32 47.83 -13.92
C ASP C 509 -19.46 47.30 -12.51
N LYS C 510 -19.85 48.14 -11.56
CA LYS C 510 -19.80 47.72 -10.15
C LYS C 510 -20.91 46.76 -9.75
N SER C 511 -21.72 46.36 -10.74
CA SER C 511 -22.67 45.29 -10.56
C SER C 511 -22.07 43.96 -11.02
N LYS C 512 -20.81 44.00 -11.46
CA LYS C 512 -20.07 42.80 -11.83
C LYS C 512 -19.08 42.40 -10.72
N LYS C 513 -18.57 41.16 -10.79
CA LYS C 513 -17.58 40.69 -9.83
C LYS C 513 -16.24 40.43 -10.50
N TYR C 514 -15.30 41.35 -10.25
CA TYR C 514 -13.97 41.31 -10.85
C TYR C 514 -13.00 40.63 -9.89
N PRO C 515 -12.05 39.85 -10.43
CA PRO C 515 -10.95 39.40 -9.59
C PRO C 515 -10.10 40.60 -9.18
N LEU C 516 -9.25 40.44 -8.17
CA LEU C 516 -8.47 41.54 -7.66
C LEU C 516 -7.03 41.11 -7.38
N LEU C 517 -6.09 41.93 -7.79
CA LEU C 517 -4.70 41.72 -7.42
C LEU C 517 -4.30 42.81 -6.44
N LEU C 518 -3.92 42.39 -5.24
CA LEU C 518 -3.37 43.31 -4.25
C LEU C 518 -1.89 43.53 -4.52
N ASP C 519 -1.57 44.77 -4.90
CA ASP C 519 -0.23 45.20 -5.29
C ASP C 519 0.37 45.83 -4.03
N VAL C 520 1.28 45.12 -3.40
CA VAL C 520 1.74 45.52 -2.09
C VAL C 520 3.23 45.86 -2.06
N TYR C 521 3.55 46.92 -1.32
CA TYR C 521 4.90 47.20 -0.89
C TYR C 521 4.90 47.25 0.64
N ALA C 522 4.10 48.17 1.20
CA ALA C 522 3.74 48.21 2.64
C ALA C 522 4.86 48.48 3.65
N GLY C 523 6.10 48.57 3.17
CA GLY C 523 7.28 48.83 4.01
C GLY C 523 7.31 50.21 4.62
N PRO C 524 8.21 50.42 5.60
CA PRO C 524 8.21 51.62 6.44
C PRO C 524 8.26 52.90 5.62
N CYS C 525 7.24 53.73 5.82
CA CYS C 525 7.12 55.03 5.16
C CYS C 525 6.81 54.94 3.66
N SER C 526 6.18 53.85 3.25
CA SER C 526 5.78 53.67 1.85
C SER C 526 4.53 54.48 1.52
N GLN C 527 4.26 54.61 0.23
CA GLN C 527 3.02 55.18 -0.27
C GLN C 527 2.73 54.58 -1.64
N LYS C 528 1.80 53.64 -1.67
CA LYS C 528 1.39 53.02 -2.91
C LYS C 528 0.15 53.68 -3.49
N ALA C 529 -0.58 54.41 -2.65
CA ALA C 529 -1.82 55.07 -3.09
C ALA C 529 -1.64 56.58 -3.24
N ASP C 530 -1.34 57.00 -4.46
CA ASP C 530 -1.07 58.40 -4.74
C ASP C 530 -1.84 58.90 -5.96
N THR C 531 -1.50 60.11 -6.41
CA THR C 531 -2.13 60.68 -7.58
C THR C 531 -1.25 60.56 -8.82
N VAL C 532 -0.21 59.74 -8.75
CA VAL C 532 0.72 59.56 -9.88
C VAL C 532 0.11 58.70 -10.98
N PHE C 533 0.29 59.15 -12.22
CA PHE C 533 -0.17 58.42 -13.41
C PHE C 533 0.91 57.47 -13.91
N ARG C 534 0.51 56.23 -14.18
CA ARG C 534 1.49 55.20 -14.51
C ARG C 534 1.05 54.29 -15.63
N LEU C 535 1.97 54.00 -16.54
CA LEU C 535 1.78 52.93 -17.52
C LEU C 535 2.68 51.74 -17.11
N ASN C 536 2.10 50.82 -16.35
CA ASN C 536 2.82 49.68 -15.80
C ASN C 536 2.07 48.35 -16.05
N TRP C 537 2.53 47.30 -15.37
CA TRP C 537 1.91 45.99 -15.47
C TRP C 537 0.44 46.00 -15.03
N ALA C 538 0.14 46.76 -13.98
CA ALA C 538 -1.24 46.94 -13.53
C ALA C 538 -2.14 47.52 -14.63
N THR C 539 -1.55 48.35 -15.50
CA THR C 539 -2.28 48.94 -16.61
C THR C 539 -2.76 47.84 -17.58
N TYR C 540 -1.88 46.90 -17.89
CA TYR C 540 -2.22 45.75 -18.70
C TYR C 540 -3.27 44.87 -18.04
N LEU C 541 -3.06 44.54 -16.76
CA LEU C 541 -3.97 43.69 -16.01
C LEU C 541 -5.40 44.20 -16.07
N ALA C 542 -5.59 45.50 -15.87
CA ALA C 542 -6.95 46.09 -15.90
C ALA C 542 -7.48 46.28 -17.32
N SER C 543 -6.64 46.85 -18.19
CA SER C 543 -7.04 47.17 -19.56
C SER C 543 -7.37 45.93 -20.37
N THR C 544 -6.61 44.86 -20.19
CA THR C 544 -6.78 43.61 -20.96
C THR C 544 -7.47 42.52 -20.14
N GLU C 545 -6.86 42.13 -19.03
CA GLU C 545 -7.34 40.98 -18.27
C GLU C 545 -8.54 41.28 -17.36
N ASN C 546 -8.97 42.55 -17.35
CA ASN C 546 -10.08 43.01 -16.53
C ASN C 546 -9.92 42.62 -15.06
N ILE C 547 -8.69 42.74 -14.57
CA ILE C 547 -8.35 42.54 -13.18
C ILE C 547 -8.24 43.89 -12.47
N ILE C 548 -8.91 44.02 -11.33
CA ILE C 548 -8.73 45.21 -10.50
C ILE C 548 -7.41 45.07 -9.77
N VAL C 549 -6.56 46.08 -9.88
CA VAL C 549 -5.29 46.09 -9.15
C VAL C 549 -5.36 47.21 -8.11
N ALA C 550 -5.20 46.82 -6.84
CA ALA C 550 -5.36 47.75 -5.73
C ALA C 550 -4.13 47.73 -4.82
N SER C 551 -3.82 48.89 -4.25
CA SER C 551 -2.73 49.02 -3.27
C SER C 551 -3.25 49.81 -2.08
N PHE C 552 -2.83 49.40 -0.88
CA PHE C 552 -3.38 49.98 0.36
C PHE C 552 -2.26 50.41 1.29
N ASP C 553 -2.31 51.67 1.69
CA ASP C 553 -1.33 52.23 2.62
C ASP C 553 -1.85 52.06 4.04
N GLY C 554 -1.36 51.01 4.71
CA GLY C 554 -1.76 50.70 6.08
C GLY C 554 -0.73 51.23 7.06
N ARG C 555 -0.76 50.68 8.27
CA ARG C 555 0.16 51.11 9.33
C ARG C 555 1.61 50.98 8.91
N GLY C 556 2.37 52.05 9.08
CA GLY C 556 3.80 52.03 8.77
C GLY C 556 4.10 52.72 7.47
N SER C 557 3.05 53.10 6.75
CA SER C 557 3.21 53.89 5.53
C SER C 557 3.59 55.31 5.94
N GLY C 558 3.88 56.15 4.96
CA GLY C 558 4.42 57.46 5.26
C GLY C 558 3.49 58.64 5.10
N TYR C 559 4.05 59.84 5.26
CA TYR C 559 3.41 61.09 4.87
C TYR C 559 2.06 61.32 5.54
N GLN C 560 1.82 60.60 6.64
CA GLN C 560 0.58 60.75 7.42
C GLN C 560 0.86 61.05 8.90
N GLY C 561 2.13 61.29 9.24
CA GLY C 561 2.54 61.51 10.63
C GLY C 561 3.21 60.30 11.28
N ASP C 562 3.88 60.53 12.42
CA ASP C 562 4.58 59.47 13.14
C ASP C 562 3.67 58.42 13.77
N LYS C 563 2.42 58.81 14.02
CA LYS C 563 1.42 57.92 14.62
C LYS C 563 1.13 56.71 13.73
N ILE C 564 0.94 56.95 12.44
CA ILE C 564 0.72 55.86 11.49
C ILE C 564 2.04 55.21 11.09
N MET C 565 3.07 56.03 10.87
CA MET C 565 4.33 55.52 10.34
C MET C 565 5.13 54.69 11.35
N HIS C 566 5.28 55.21 12.57
CA HIS C 566 6.04 54.50 13.61
C HIS C 566 5.32 53.26 14.14
N ALA C 567 4.04 53.11 13.79
CA ALA C 567 3.19 52.01 14.24
C ALA C 567 3.84 50.62 14.21
N ILE C 568 4.69 50.38 13.21
CA ILE C 568 5.37 49.10 13.07
C ILE C 568 6.80 49.09 13.65
N ASN C 569 7.10 50.04 14.52
CA ASN C 569 8.45 50.12 15.05
C ASN C 569 8.83 48.89 15.86
N ARG C 570 9.98 48.32 15.53
CA ARG C 570 10.48 47.09 16.15
C ARG C 570 9.49 45.93 15.95
N ARG C 571 8.62 46.08 14.96
CA ARG C 571 7.47 45.22 14.82
C ARG C 571 7.13 45.04 13.33
N LEU C 572 8.16 44.87 12.51
CA LEU C 572 7.98 44.49 11.10
C LEU C 572 7.34 43.11 11.00
N GLY C 573 6.60 42.89 9.92
CA GLY C 573 5.88 41.64 9.72
C GLY C 573 4.66 41.50 10.60
N THR C 574 4.12 42.62 11.08
CA THR C 574 2.90 42.56 11.87
C THR C 574 1.85 43.47 11.24
N PHE C 575 1.64 44.65 11.84
CA PHE C 575 0.56 45.56 11.43
C PHE C 575 0.46 45.82 9.92
N GLU C 576 1.59 45.95 9.22
CA GLU C 576 1.55 46.21 7.77
C GLU C 576 1.12 44.96 7.00
N VAL C 577 1.44 43.79 7.55
CA VAL C 577 0.98 42.53 7.00
C VAL C 577 -0.52 42.38 7.23
N GLU C 578 -0.91 42.53 8.50
CA GLU C 578 -2.31 42.36 8.91
C GLU C 578 -3.23 43.38 8.22
N ASP C 579 -2.71 44.59 7.97
CA ASP C 579 -3.49 45.67 7.36
C ASP C 579 -3.69 45.44 5.87
N GLN C 580 -2.80 44.66 5.27
CA GLN C 580 -3.00 44.27 3.88
C GLN C 580 -4.14 43.25 3.74
N ILE C 581 -4.27 42.34 4.70
CA ILE C 581 -5.36 41.38 4.66
C ILE C 581 -6.68 42.11 4.87
N GLU C 582 -6.76 42.90 5.95
CA GLU C 582 -7.96 43.68 6.22
C GLU C 582 -8.38 44.51 4.98
N ALA C 583 -7.39 45.00 4.24
CA ALA C 583 -7.66 45.77 3.02
C ALA C 583 -8.55 44.99 2.06
N ALA C 584 -8.12 43.78 1.72
CA ALA C 584 -8.87 42.90 0.82
C ALA C 584 -10.30 42.67 1.32
N ARG C 585 -10.43 42.42 2.62
CA ARG C 585 -11.73 42.23 3.22
C ARG C 585 -12.63 43.41 2.90
N GLN C 586 -12.06 44.62 2.98
CA GLN C 586 -12.80 45.86 2.73
C GLN C 586 -13.18 45.99 1.27
N PHE C 587 -12.19 45.75 0.39
CA PHE C 587 -12.40 45.80 -1.06
C PHE C 587 -13.49 44.83 -1.47
N SER C 588 -13.33 43.56 -1.11
CA SER C 588 -14.30 42.52 -1.47
C SER C 588 -15.71 42.86 -1.02
N LYS C 589 -15.80 43.40 0.19
CA LYS C 589 -17.06 43.80 0.76
C LYS C 589 -17.58 45.14 0.22
N MET C 590 -16.97 45.59 -0.88
CA MET C 590 -17.52 46.69 -1.66
C MET C 590 -18.44 46.15 -2.75
N GLY C 591 -18.52 44.83 -2.87
CA GLY C 591 -19.52 44.18 -3.71
C GLY C 591 -19.22 44.02 -5.19
N PHE C 592 -18.06 44.49 -5.63
CA PHE C 592 -17.67 44.33 -7.04
C PHE C 592 -16.46 43.40 -7.20
N VAL C 593 -16.15 42.66 -6.13
CA VAL C 593 -15.00 41.77 -6.14
C VAL C 593 -15.42 40.32 -6.03
N ASP C 594 -14.83 39.49 -6.89
CA ASP C 594 -14.94 38.06 -6.76
C ASP C 594 -14.04 37.60 -5.60
N ASN C 595 -14.66 37.35 -4.45
CA ASN C 595 -13.97 36.85 -3.26
C ASN C 595 -13.09 35.65 -3.59
N LYS C 596 -13.64 34.76 -4.42
CA LYS C 596 -13.02 33.49 -4.73
C LYS C 596 -11.76 33.65 -5.60
N ARG C 597 -11.50 34.87 -6.08
CA ARG C 597 -10.34 35.14 -6.94
C ARG C 597 -9.57 36.39 -6.54
N ILE C 598 -8.89 36.32 -5.40
CA ILE C 598 -8.12 37.47 -4.92
C ILE C 598 -6.65 37.08 -4.78
N ALA C 599 -5.78 37.80 -5.46
CA ALA C 599 -4.37 37.50 -5.47
C ALA C 599 -3.60 38.59 -4.74
N ILE C 600 -2.33 38.32 -4.45
CA ILE C 600 -1.45 39.29 -3.79
C ILE C 600 -0.03 39.21 -4.36
N TRP C 601 0.62 40.34 -4.55
CA TRP C 601 2.00 40.32 -5.03
C TRP C 601 2.79 41.56 -4.65
N GLY C 602 4.11 41.38 -4.63
CA GLY C 602 5.04 42.46 -4.36
C GLY C 602 6.48 42.08 -4.61
N TRP C 603 7.29 43.09 -4.82
CA TRP C 603 8.73 42.96 -5.03
C TRP C 603 9.43 43.39 -3.74
N SER C 604 10.65 42.91 -3.53
CA SER C 604 11.46 43.37 -2.42
C SER C 604 10.71 43.29 -1.08
N TYR C 605 10.56 44.41 -0.37
CA TYR C 605 9.79 44.41 0.88
C TYR C 605 8.37 43.88 0.63
N GLY C 606 7.78 44.27 -0.49
CA GLY C 606 6.43 43.83 -0.84
C GLY C 606 6.35 42.34 -1.07
N GLY C 607 7.45 41.79 -1.60
CA GLY C 607 7.65 40.35 -1.69
C GLY C 607 7.57 39.69 -0.33
N TYR C 608 8.24 40.28 0.66
CA TYR C 608 8.19 39.81 2.04
C TYR C 608 6.76 39.86 2.59
N VAL C 609 6.10 41.00 2.41
CA VAL C 609 4.72 41.15 2.90
C VAL C 609 3.74 40.17 2.24
N THR C 610 3.84 40.01 0.92
CA THR C 610 3.03 39.04 0.18
C THR C 610 3.26 37.68 0.79
N SER C 611 4.54 37.31 0.91
CA SER C 611 4.92 36.05 1.50
C SER C 611 4.26 35.90 2.87
N MET C 612 4.40 36.93 3.71
CA MET C 612 3.80 36.93 5.05
C MET C 612 2.28 36.75 5.04
N VAL C 613 1.61 37.38 4.07
CA VAL C 613 0.15 37.30 3.98
C VAL C 613 -0.31 35.90 3.57
N LEU C 614 0.24 35.40 2.46
CA LEU C 614 0.04 34.01 2.06
C LEU C 614 0.44 33.06 3.19
N GLY C 615 1.30 33.54 4.08
CA GLY C 615 1.71 32.79 5.25
C GLY C 615 0.74 32.88 6.42
N SER C 616 -0.10 33.91 6.45
CA SER C 616 -0.95 34.21 7.61
C SER C 616 -2.14 33.25 7.83
N GLY C 617 -2.56 32.59 6.77
CA GLY C 617 -3.64 31.61 6.85
C GLY C 617 -5.04 32.19 6.96
N SER C 618 -5.21 33.43 6.52
CA SER C 618 -6.50 34.10 6.56
C SER C 618 -7.49 33.56 5.52
N GLY C 619 -6.95 32.91 4.48
CA GLY C 619 -7.79 32.29 3.45
C GLY C 619 -8.58 33.25 2.58
N VAL C 620 -8.16 34.52 2.56
CA VAL C 620 -8.71 35.51 1.64
C VAL C 620 -8.09 35.33 0.25
N PHE C 621 -6.79 35.06 0.25
CA PHE C 621 -5.98 35.04 -0.95
C PHE C 621 -5.86 33.66 -1.56
N LYS C 622 -6.20 33.58 -2.85
CA LYS C 622 -6.19 32.33 -3.58
C LYS C 622 -4.78 31.97 -3.93
N CYS C 623 -4.01 32.98 -4.33
CA CYS C 623 -2.65 32.80 -4.82
C CYS C 623 -1.83 34.09 -4.67
N GLY C 624 -0.53 34.00 -4.94
CA GLY C 624 0.36 35.16 -4.82
C GLY C 624 1.77 35.02 -5.35
N ILE C 625 2.38 36.15 -5.71
CA ILE C 625 3.73 36.19 -6.25
C ILE C 625 4.62 37.02 -5.35
N ALA C 626 5.84 36.56 -5.13
CA ALA C 626 6.80 37.30 -4.34
C ALA C 626 8.09 37.33 -5.12
N VAL C 627 8.53 38.53 -5.45
CA VAL C 627 9.77 38.71 -6.19
C VAL C 627 10.79 39.30 -5.25
N ALA C 628 11.98 38.70 -5.24
CA ALA C 628 13.06 39.10 -4.35
C ALA C 628 12.58 39.49 -2.96
N PRO C 629 11.89 38.57 -2.28
CA PRO C 629 11.33 38.90 -0.98
C PRO C 629 12.40 38.85 0.11
N VAL C 630 12.20 39.59 1.19
CA VAL C 630 12.97 39.32 2.39
C VAL C 630 12.29 38.10 3.01
N SER C 631 13.06 37.24 3.66
CA SER C 631 12.51 36.08 4.34
C SER C 631 12.64 36.13 5.86
N ARG C 632 13.80 36.56 6.34
CA ARG C 632 13.96 36.89 7.74
C ARG C 632 14.94 38.04 7.87
N TRP C 633 14.65 38.95 8.80
CA TRP C 633 15.32 40.24 8.83
C TRP C 633 16.80 40.22 9.13
N GLU C 634 17.27 39.16 9.80
CA GLU C 634 18.71 38.97 10.02
C GLU C 634 19.49 38.88 8.71
N TYR C 635 18.83 38.46 7.63
CA TYR C 635 19.51 38.32 6.35
C TYR C 635 19.72 39.64 5.64
N TYR C 636 18.86 40.63 5.90
CA TYR C 636 18.96 41.92 5.20
C TYR C 636 19.99 42.81 5.90
N ASP C 637 20.28 43.99 5.34
CA ASP C 637 21.40 44.79 5.85
C ASP C 637 21.10 45.65 7.06
N SER C 638 22.12 45.77 7.91
CA SER C 638 22.06 46.52 9.16
C SER C 638 21.35 47.87 9.06
N VAL C 639 21.82 48.75 8.17
CA VAL C 639 21.37 50.14 8.20
C VAL C 639 19.86 50.26 8.02
N TYR C 640 19.31 49.51 7.09
CA TYR C 640 17.87 49.48 6.88
C TYR C 640 17.20 48.71 8.00
N THR C 641 17.53 47.42 8.12
CA THR C 641 16.89 46.53 9.09
C THR C 641 16.89 47.06 10.54
N GLU C 642 18.04 47.56 10.99
CA GLU C 642 18.16 47.93 12.40
C GLU C 642 17.35 49.18 12.76
N ARG C 643 17.20 50.08 11.79
CA ARG C 643 16.36 51.27 11.94
C ARG C 643 14.96 50.92 12.47
N TYR C 644 14.35 49.88 11.90
CA TYR C 644 12.97 49.49 12.21
C TYR C 644 12.87 48.26 13.11
N MET C 645 13.99 47.56 13.31
CA MET C 645 13.98 46.30 14.04
C MET C 645 14.87 46.31 15.27
N GLY C 646 15.99 47.03 15.19
CA GLY C 646 17.00 47.01 16.24
C GLY C 646 18.02 45.90 16.00
N LEU C 647 18.57 45.37 17.08
CA LEU C 647 19.56 44.30 16.98
C LEU C 647 18.93 42.95 17.24
N PRO C 648 19.39 41.92 16.52
CA PRO C 648 18.89 40.56 16.74
C PRO C 648 19.65 39.87 17.88
N THR C 649 19.71 40.56 19.02
CA THR C 649 20.38 40.02 20.19
C THR C 649 19.33 39.72 21.25
N PRO C 650 19.58 38.73 22.12
CA PRO C 650 18.55 38.39 23.09
C PRO C 650 18.08 39.60 23.93
N GLU C 651 18.97 40.56 24.15
CA GLU C 651 18.65 41.74 24.98
C GLU C 651 17.98 42.89 24.22
N ASP C 652 17.78 42.71 22.92
CA ASP C 652 17.00 43.69 22.17
C ASP C 652 15.76 43.05 21.56
N ASN C 653 15.85 42.60 20.32
CA ASN C 653 14.69 42.17 19.58
C ASN C 653 14.78 40.79 18.89
N LEU C 654 15.77 39.99 19.30
CA LEU C 654 15.96 38.64 18.75
C LEU C 654 14.67 37.81 18.72
N ASP C 655 13.83 37.99 19.73
CA ASP C 655 12.53 37.31 19.80
C ASP C 655 11.67 37.61 18.59
N HIS C 656 11.57 38.89 18.24
CA HIS C 656 10.70 39.29 17.15
C HIS C 656 11.28 39.05 15.77
N TYR C 657 12.61 39.11 15.66
CA TYR C 657 13.29 38.69 14.43
C TYR C 657 12.86 37.25 14.09
N ARG C 658 12.71 36.44 15.13
CA ARG C 658 12.27 35.06 14.95
C ARG C 658 10.80 34.98 14.58
N ASN C 659 9.96 35.76 15.26
CA ASN C 659 8.51 35.76 14.99
C ASN C 659 8.07 36.32 13.63
N SER C 660 9.03 36.82 12.85
CA SER C 660 8.71 37.53 11.61
C SER C 660 9.23 36.86 10.35
N THR C 661 9.98 35.77 10.50
CA THR C 661 10.49 35.02 9.36
C THR C 661 9.31 34.44 8.57
N VAL C 662 9.43 34.38 7.24
CA VAL C 662 8.41 33.70 6.42
C VAL C 662 8.49 32.17 6.55
N MET C 663 9.71 31.66 6.64
CA MET C 663 9.95 30.23 6.89
C MET C 663 9.04 29.64 7.97
N SER C 664 8.90 30.33 9.09
CA SER C 664 8.09 29.87 10.22
C SER C 664 6.63 29.65 9.86
N ARG C 665 6.19 30.23 8.74
CA ARG C 665 4.82 30.12 8.26
C ARG C 665 4.65 29.19 7.05
N ALA C 666 5.64 28.33 6.79
CA ALA C 666 5.60 27.41 5.65
C ALA C 666 4.35 26.54 5.61
N GLU C 667 4.02 25.93 6.74
CA GLU C 667 2.88 25.02 6.82
C GLU C 667 1.59 25.64 6.24
N ASN C 668 1.48 26.97 6.35
CA ASN C 668 0.29 27.70 5.93
C ASN C 668 0.12 27.91 4.42
N PHE C 669 1.22 27.79 3.68
CA PHE C 669 1.19 27.94 2.22
C PHE C 669 0.48 26.77 1.51
N LYS C 670 -0.03 25.82 2.29
CA LYS C 670 -0.76 24.69 1.73
C LYS C 670 -2.10 25.15 1.18
N GLN C 671 -2.62 26.24 1.75
CA GLN C 671 -3.89 26.80 1.33
C GLN C 671 -3.79 27.69 0.09
N VAL C 672 -2.59 28.10 -0.28
CA VAL C 672 -2.44 29.07 -1.37
C VAL C 672 -1.63 28.53 -2.53
N GLU C 673 -1.82 29.09 -3.72
CA GLU C 673 -0.92 28.84 -4.84
C GLU C 673 0.12 29.93 -4.77
N TYR C 674 1.40 29.57 -4.89
CA TYR C 674 2.49 30.50 -4.60
C TYR C 674 3.53 30.50 -5.70
N LEU C 675 3.96 31.70 -6.08
CA LEU C 675 5.07 31.84 -7.02
C LEU C 675 6.17 32.64 -6.33
N LEU C 676 7.37 32.08 -6.34
CA LEU C 676 8.53 32.69 -5.73
C LEU C 676 9.60 32.94 -6.78
N ILE C 677 10.00 34.20 -6.93
CA ILE C 677 10.97 34.60 -7.95
C ILE C 677 12.13 35.35 -7.32
N HIS C 678 13.35 35.10 -7.81
CA HIS C 678 14.51 35.78 -7.28
C HIS C 678 15.69 35.70 -8.25
N GLY C 679 16.44 36.79 -8.35
CA GLY C 679 17.61 36.87 -9.22
C GLY C 679 18.78 36.31 -8.43
N THR C 680 19.58 35.48 -9.07
CA THR C 680 20.68 34.80 -8.37
C THR C 680 21.81 35.75 -8.01
N ALA C 681 21.97 36.80 -8.81
CA ALA C 681 23.00 37.81 -8.53
C ALA C 681 22.41 39.07 -7.86
N ASP C 682 21.33 38.87 -7.10
CA ASP C 682 20.74 39.93 -6.29
C ASP C 682 21.63 40.25 -5.08
N ASP C 683 22.35 41.36 -5.20
CA ASP C 683 23.39 41.78 -4.25
C ASP C 683 22.79 42.48 -3.05
N ASN C 684 21.48 42.73 -3.12
CA ASN C 684 20.75 43.56 -2.20
C ASN C 684 19.91 42.65 -1.31
N VAL C 685 18.81 42.17 -1.85
CA VAL C 685 18.06 41.06 -1.25
C VAL C 685 18.62 39.77 -1.82
N HIS C 686 19.42 39.09 -1.01
CA HIS C 686 20.21 37.94 -1.47
C HIS C 686 19.37 36.74 -1.84
N PHE C 687 19.78 36.03 -2.88
CA PHE C 687 19.09 34.79 -3.26
C PHE C 687 18.80 33.89 -2.04
N GLN C 688 19.80 33.79 -1.16
CA GLN C 688 19.72 33.13 0.14
C GLN C 688 18.35 33.23 0.76
N GLN C 689 17.81 34.45 0.78
CA GLN C 689 16.54 34.70 1.42
C GLN C 689 15.43 33.84 0.82
N SER C 690 15.41 33.73 -0.50
CA SER C 690 14.45 32.90 -1.22
C SER C 690 14.83 31.43 -1.16
N ALA C 691 16.14 31.17 -1.09
CA ALA C 691 16.64 29.81 -0.92
C ALA C 691 16.13 29.22 0.39
N GLN C 692 16.02 30.07 1.42
CA GLN C 692 15.54 29.62 2.73
C GLN C 692 14.02 29.49 2.76
N ILE C 693 13.33 30.36 2.04
CA ILE C 693 11.89 30.19 1.90
C ILE C 693 11.58 28.85 1.25
N SER C 694 12.15 28.58 0.07
CA SER C 694 11.85 27.36 -0.68
C SER C 694 12.16 26.09 0.14
N LYS C 695 13.35 26.06 0.76
CA LYS C 695 13.74 24.95 1.62
C LYS C 695 12.72 24.71 2.73
N ALA C 696 12.39 25.78 3.48
CA ALA C 696 11.33 25.74 4.48
C ALA C 696 10.02 25.14 3.96
N LEU C 697 9.68 25.44 2.70
CA LEU C 697 8.42 24.99 2.11
C LEU C 697 8.47 23.51 1.75
N VAL C 698 9.59 23.13 1.14
CA VAL C 698 9.84 21.74 0.76
C VAL C 698 9.65 20.83 1.97
N ASP C 699 10.17 21.28 3.11
CA ASP C 699 10.24 20.46 4.32
C ASP C 699 8.88 20.21 4.98
N VAL C 700 7.92 21.09 4.72
CA VAL C 700 6.56 20.87 5.19
C VAL C 700 5.69 20.21 4.12
N GLY C 701 6.27 19.97 2.94
CA GLY C 701 5.58 19.34 1.82
C GLY C 701 4.47 20.21 1.24
N VAL C 702 4.82 21.45 0.87
CA VAL C 702 3.89 22.32 0.15
C VAL C 702 4.40 22.61 -1.26
N ASP C 703 3.56 22.36 -2.26
CA ASP C 703 3.93 22.64 -3.63
C ASP C 703 3.77 24.13 -3.95
N PHE C 704 4.74 24.66 -4.66
CA PHE C 704 4.70 26.04 -5.10
C PHE C 704 5.42 26.13 -6.44
N GLN C 705 5.34 27.29 -7.07
CA GLN C 705 6.05 27.58 -8.30
C GLN C 705 7.31 28.35 -7.94
N ALA C 706 8.37 28.15 -8.72
CA ALA C 706 9.61 28.92 -8.51
C ALA C 706 10.18 29.45 -9.82
N MET C 707 10.97 30.51 -9.73
CA MET C 707 11.74 30.99 -10.88
C MET C 707 12.98 31.73 -10.38
N TRP C 708 14.15 31.20 -10.67
CA TRP C 708 15.36 31.94 -10.44
C TRP C 708 15.66 32.67 -11.74
N TYR C 709 16.43 33.74 -11.65
CA TYR C 709 16.97 34.40 -12.83
C TYR C 709 18.48 34.50 -12.74
N THR C 710 19.13 33.69 -13.56
CA THR C 710 20.57 33.67 -13.61
C THR C 710 21.12 35.07 -13.83
N ASP C 711 21.97 35.51 -12.89
CA ASP C 711 22.75 36.75 -13.01
C ASP C 711 21.95 38.08 -12.99
N GLU C 712 20.65 37.99 -12.68
CA GLU C 712 19.83 39.19 -12.46
C GLU C 712 20.00 39.70 -11.05
N ASP C 713 19.88 41.01 -10.86
CA ASP C 713 19.97 41.57 -9.51
C ASP C 713 18.59 41.91 -8.96
N HIS C 714 18.53 42.85 -8.01
CA HIS C 714 17.28 43.17 -7.35
C HIS C 714 16.29 43.79 -8.32
N GLY C 715 16.80 44.39 -9.39
CA GLY C 715 15.95 44.98 -10.42
C GLY C 715 15.36 43.97 -11.37
N ILE C 716 16.04 42.84 -11.57
CA ILE C 716 15.70 41.88 -12.65
C ILE C 716 15.39 42.74 -13.90
N ALA C 717 16.36 43.59 -14.24
CA ALA C 717 16.12 44.69 -15.17
C ALA C 717 16.73 44.53 -16.57
N SER C 718 17.48 43.45 -16.82
CA SER C 718 17.88 43.14 -18.20
C SER C 718 16.64 43.19 -19.08
N SER C 719 16.80 43.70 -20.28
CA SER C 719 15.67 43.77 -21.21
C SER C 719 14.93 42.43 -21.27
N THR C 720 15.66 41.36 -21.54
CA THR C 720 15.06 40.03 -21.68
C THR C 720 14.51 39.48 -20.37
N ALA C 721 15.16 39.75 -19.23
CA ALA C 721 14.66 39.24 -17.94
C ALA C 721 13.39 39.95 -17.49
N HIS C 722 13.41 41.28 -17.49
CA HIS C 722 12.22 42.08 -17.34
C HIS C 722 11.08 41.49 -18.17
N GLN C 723 11.32 41.33 -19.48
CA GLN C 723 10.28 40.78 -20.36
C GLN C 723 9.76 39.42 -19.89
N HIS C 724 10.68 38.59 -19.43
CA HIS C 724 10.39 37.24 -19.02
C HIS C 724 9.60 37.16 -17.72
N ILE C 725 10.05 37.90 -16.70
CA ILE C 725 9.39 37.87 -15.39
C ILE C 725 7.94 38.36 -15.47
N TYR C 726 7.68 39.38 -16.28
CA TYR C 726 6.32 39.86 -16.40
C TYR C 726 5.45 38.91 -17.19
N THR C 727 6.02 38.24 -18.19
CA THR C 727 5.28 37.24 -18.95
C THR C 727 4.88 36.10 -18.02
N HIS C 728 5.85 35.64 -17.25
CA HIS C 728 5.70 34.51 -16.36
C HIS C 728 4.61 34.80 -15.34
N MET C 729 4.67 35.97 -14.72
CA MET C 729 3.72 36.37 -13.69
C MET C 729 2.34 36.53 -14.29
N SER C 730 2.27 36.93 -15.56
CA SER C 730 0.97 37.11 -16.23
C SER C 730 0.32 35.76 -16.41
N HIS C 731 1.12 34.79 -16.86
CA HIS C 731 0.65 33.41 -16.98
C HIS C 731 0.15 32.88 -15.64
N PHE C 732 0.91 33.17 -14.58
CA PHE C 732 0.55 32.71 -13.26
C PHE C 732 -0.78 33.30 -12.83
N ILE C 733 -0.89 34.63 -12.88
CA ILE C 733 -2.08 35.32 -12.39
C ILE C 733 -3.31 34.90 -13.17
N LYS C 734 -3.18 34.74 -14.49
CA LYS C 734 -4.29 34.36 -15.34
C LYS C 734 -4.83 32.98 -15.00
N GLN C 735 -3.92 32.02 -14.88
CA GLN C 735 -4.27 30.66 -14.51
C GLN C 735 -4.94 30.62 -13.12
N CYS C 736 -4.32 31.27 -12.14
CA CYS C 736 -4.91 31.36 -10.81
C CYS C 736 -6.35 31.88 -10.91
N PHE C 737 -6.55 32.87 -11.80
CA PHE C 737 -7.83 33.53 -11.98
C PHE C 737 -8.77 32.85 -13.00
N SER C 738 -8.38 31.68 -13.51
CA SER C 738 -9.09 31.03 -14.63
C SER C 738 -9.30 31.97 -15.81
N LEU C 739 -8.26 32.74 -16.16
CA LEU C 739 -8.33 33.69 -17.27
C LEU C 739 -7.80 33.14 -18.60
N PRO C 740 -8.66 33.15 -19.65
CA PRO C 740 -8.37 32.50 -20.93
C PRO C 740 -7.68 33.44 -21.92
N ARG D 14 -8.99 -3.49 -6.20
CA ARG D 14 -9.76 -2.29 -5.80
C ARG D 14 -9.02 -0.99 -6.14
N LYS D 15 -7.82 -0.84 -5.56
CA LYS D 15 -7.07 0.41 -5.63
C LYS D 15 -5.82 0.30 -6.51
N THR D 16 -5.12 1.42 -6.70
CA THR D 16 -3.94 1.50 -7.58
C THR D 16 -2.68 1.93 -6.83
N TYR D 17 -1.56 1.85 -7.54
CA TYR D 17 -0.28 2.33 -7.05
C TYR D 17 -0.22 3.85 -7.19
N THR D 18 -0.38 4.54 -6.06
CA THR D 18 -0.52 6.01 -6.01
C THR D 18 0.81 6.72 -5.76
N LEU D 19 0.79 8.06 -5.83
CA LEU D 19 2.00 8.84 -5.58
C LEU D 19 2.47 8.71 -4.14
N THR D 20 1.54 8.79 -3.19
CA THR D 20 1.87 8.62 -1.78
C THR D 20 2.44 7.23 -1.55
N ASP D 21 1.88 6.24 -2.25
CA ASP D 21 2.40 4.88 -2.17
C ASP D 21 3.89 4.89 -2.43
N TYR D 22 4.26 5.40 -3.60
CA TYR D 22 5.64 5.51 -4.02
C TYR D 22 6.45 6.33 -3.04
N LEU D 23 5.89 7.48 -2.68
CA LEU D 23 6.59 8.47 -1.86
C LEU D 23 6.72 8.08 -0.40
N LYS D 24 5.70 7.42 0.14
CA LYS D 24 5.70 7.05 1.55
C LYS D 24 6.19 5.63 1.74
N ASN D 25 6.57 5.00 0.63
CA ASN D 25 7.23 3.69 0.66
C ASN D 25 6.29 2.64 1.28
N THR D 26 5.04 2.67 0.82
CA THR D 26 3.99 1.80 1.32
C THR D 26 4.37 0.33 1.07
N TYR D 27 4.49 -0.05 -0.20
CA TYR D 27 4.79 -1.44 -0.52
C TYR D 27 6.29 -1.68 -0.61
N ARG D 28 6.90 -1.97 0.54
CA ARG D 28 8.35 -2.12 0.66
C ARG D 28 8.84 -3.33 -0.12
N LEU D 29 10.12 -3.30 -0.48
CA LEU D 29 10.79 -4.40 -1.14
C LEU D 29 11.79 -4.95 -0.13
N LYS D 30 11.81 -6.27 0.05
CA LYS D 30 12.73 -6.88 1.02
C LYS D 30 13.99 -7.41 0.36
N LEU D 31 15.12 -7.04 0.95
CA LEU D 31 16.43 -7.48 0.50
C LEU D 31 16.91 -8.63 1.39
N TYR D 32 18.08 -9.18 1.08
CA TYR D 32 18.74 -10.11 1.98
C TYR D 32 20.21 -9.79 2.02
N SER D 33 20.54 -8.75 2.77
CA SER D 33 21.90 -8.23 2.80
C SER D 33 22.80 -9.04 3.73
N LEU D 34 23.48 -10.05 3.15
CA LEU D 34 24.43 -10.88 3.91
C LEU D 34 25.90 -10.52 3.62
N ARG D 35 26.78 -10.92 4.54
CA ARG D 35 28.23 -10.74 4.38
C ARG D 35 28.90 -12.07 4.69
N TRP D 36 29.55 -12.64 3.67
CA TRP D 36 30.37 -13.83 3.87
C TRP D 36 31.54 -13.48 4.80
N ILE D 37 31.96 -14.45 5.62
CA ILE D 37 33.09 -14.24 6.52
C ILE D 37 34.13 -15.36 6.43
N SER D 38 33.65 -16.56 6.11
CA SER D 38 34.53 -17.68 5.83
C SER D 38 34.12 -18.29 4.50
N ASP D 39 34.27 -19.59 4.35
CA ASP D 39 33.83 -20.23 3.12
C ASP D 39 32.45 -20.87 3.27
N HIS D 40 32.02 -21.07 4.51
CA HIS D 40 30.76 -21.78 4.78
C HIS D 40 29.80 -20.97 5.65
N GLU D 41 30.16 -19.73 5.96
CA GLU D 41 29.36 -18.91 6.89
C GLU D 41 29.17 -17.46 6.44
N TYR D 42 27.97 -16.94 6.68
CA TYR D 42 27.66 -15.54 6.40
C TYR D 42 26.85 -14.90 7.52
N LEU D 43 26.75 -13.57 7.49
CA LEU D 43 26.06 -12.80 8.53
C LEU D 43 24.81 -12.10 8.03
N TYR D 44 23.70 -12.24 8.78
CA TYR D 44 22.51 -11.45 8.56
C TYR D 44 22.00 -10.77 9.83
N LYS D 45 21.18 -9.73 9.66
CA LYS D 45 20.49 -9.03 10.76
C LYS D 45 19.00 -9.41 10.84
N GLN D 46 18.51 -9.69 12.06
CA GLN D 46 17.10 -10.04 12.29
C GLN D 46 16.34 -8.98 13.09
N GLU D 47 16.02 -9.25 14.36
CA GLU D 47 15.36 -8.29 15.26
C GLU D 47 16.30 -7.09 15.54
N ASN D 48 17.18 -6.84 14.57
CA ASN D 48 18.36 -5.97 14.70
C ASN D 48 19.60 -6.75 15.20
N ASN D 49 19.34 -7.82 15.96
CA ASN D 49 20.37 -8.79 16.34
C ASN D 49 21.09 -9.35 15.11
N ILE D 50 22.42 -9.38 15.17
CA ILE D 50 23.25 -9.85 14.05
C ILE D 50 23.67 -11.31 14.27
N LEU D 51 23.25 -12.18 13.36
CA LEU D 51 23.46 -13.62 13.49
C LEU D 51 24.35 -14.20 12.39
N VAL D 52 25.11 -15.23 12.73
CA VAL D 52 25.88 -15.99 11.75
C VAL D 52 25.08 -17.22 11.34
N PHE D 53 25.05 -17.49 10.03
CA PHE D 53 24.35 -18.64 9.46
C PHE D 53 25.36 -19.64 8.90
N ASN D 54 25.06 -20.94 9.06
CA ASN D 54 25.81 -21.96 8.36
C ASN D 54 25.13 -22.22 7.02
N ALA D 55 25.88 -22.05 5.94
CA ALA D 55 25.34 -22.18 4.59
C ALA D 55 24.92 -23.61 4.28
N GLU D 56 25.72 -24.56 4.75
CA GLU D 56 25.47 -25.97 4.54
C GLU D 56 24.16 -26.40 5.24
N TYR D 57 24.03 -26.04 6.52
CA TYR D 57 22.92 -26.49 7.37
C TYR D 57 21.95 -25.36 7.71
N GLY D 58 22.48 -24.30 8.31
CA GLY D 58 21.66 -23.21 8.82
C GLY D 58 21.46 -23.30 10.32
N ASN D 59 22.23 -24.19 10.98
CA ASN D 59 22.17 -24.32 12.46
C ASN D 59 22.62 -23.05 13.18
N SER D 60 22.55 -21.94 12.43
CA SER D 60 22.78 -20.57 12.85
C SER D 60 22.60 -20.26 14.34
N SER D 61 23.65 -19.70 14.92
CA SER D 61 23.64 -19.22 16.29
C SER D 61 23.78 -17.70 16.28
N VAL D 62 23.42 -17.05 17.38
CA VAL D 62 23.50 -15.58 17.49
C VAL D 62 24.96 -15.16 17.65
N PHE D 63 25.44 -14.34 16.72
CA PHE D 63 26.83 -13.89 16.72
C PHE D 63 27.05 -12.71 17.66
N LEU D 64 26.13 -11.75 17.62
CA LEU D 64 26.23 -10.52 18.38
C LEU D 64 24.84 -9.91 18.54
N GLU D 65 24.14 -10.32 19.60
CA GLU D 65 22.79 -9.84 19.87
C GLU D 65 22.73 -8.32 20.06
N ASN D 66 21.62 -7.72 19.64
CA ASN D 66 21.49 -6.27 19.69
C ASN D 66 21.00 -5.77 21.04
N SER D 67 21.90 -5.85 22.02
CA SER D 67 21.71 -5.25 23.33
C SER D 67 23.09 -4.90 23.87
N THR D 68 24.13 -5.23 23.09
CA THR D 68 25.51 -5.02 23.50
C THR D 68 25.93 -3.56 23.31
N PHE D 69 25.29 -2.87 22.38
CA PHE D 69 25.69 -1.50 22.06
C PHE D 69 24.55 -0.48 22.17
N ASP D 70 24.28 -0.03 23.39
CA ASP D 70 23.33 1.05 23.62
C ASP D 70 23.80 2.03 24.69
N GLU D 71 24.16 1.52 25.88
CA GLU D 71 24.74 2.32 26.95
C GLU D 71 26.05 2.95 26.51
N PHE D 72 26.74 2.26 25.59
CA PHE D 72 27.90 2.79 24.87
C PHE D 72 27.61 4.18 24.26
N GLY D 73 26.35 4.45 23.96
CA GLY D 73 25.84 5.81 23.78
C GLY D 73 26.28 6.60 22.54
N HIS D 74 26.06 6.03 21.36
CA HIS D 74 26.16 6.75 20.08
C HIS D 74 25.17 6.13 19.09
N SER D 75 25.34 6.43 17.80
CA SER D 75 24.49 5.84 16.77
C SER D 75 25.32 4.93 15.86
N ILE D 76 25.16 3.62 16.05
CA ILE D 76 25.85 2.61 15.25
C ILE D 76 25.35 2.62 13.78
N ASN D 77 25.96 3.48 12.96
CA ASN D 77 25.60 3.61 11.56
C ASN D 77 25.91 2.35 10.75
N ASP D 78 27.14 1.86 10.90
CA ASP D 78 27.60 0.65 10.26
C ASP D 78 28.68 0.02 11.14
N TYR D 79 29.13 -1.17 10.78
CA TYR D 79 30.15 -1.89 11.53
C TYR D 79 30.99 -2.73 10.58
N SER D 80 32.08 -3.31 11.09
CA SER D 80 32.97 -4.17 10.31
C SER D 80 33.76 -5.12 11.23
N ILE D 81 33.64 -6.43 11.02
CA ILE D 81 34.44 -7.40 11.78
C ILE D 81 35.82 -7.54 11.14
N SER D 82 36.84 -7.75 11.96
CA SER D 82 38.15 -8.18 11.46
C SER D 82 38.02 -9.56 10.82
N PRO D 83 38.79 -9.84 9.75
CA PRO D 83 38.67 -11.12 9.04
C PRO D 83 38.95 -12.35 9.93
N ASP D 84 39.82 -12.20 10.92
CA ASP D 84 40.07 -13.30 11.86
C ASP D 84 38.93 -13.52 12.85
N GLY D 85 38.06 -12.52 12.98
CA GLY D 85 36.84 -12.62 13.79
C GLY D 85 36.98 -12.19 15.26
N GLN D 86 38.09 -11.53 15.58
CA GLN D 86 38.40 -11.14 16.96
C GLN D 86 37.88 -9.75 17.32
N PHE D 87 37.86 -8.86 16.33
CA PHE D 87 37.57 -7.45 16.55
C PHE D 87 36.46 -6.95 15.66
N ILE D 88 35.56 -6.15 16.26
CA ILE D 88 34.53 -5.45 15.51
C ILE D 88 34.77 -3.95 15.52
N LEU D 89 34.89 -3.39 14.33
CA LEU D 89 35.01 -1.95 14.12
C LEU D 89 33.62 -1.32 14.17
N LEU D 90 33.50 -0.20 14.87
CA LEU D 90 32.20 0.47 14.98
C LEU D 90 32.21 1.87 14.38
N GLU D 91 31.31 2.10 13.42
CA GLU D 91 31.18 3.37 12.72
C GLU D 91 30.05 4.20 13.30
N TYR D 92 30.36 5.46 13.62
CA TYR D 92 29.38 6.44 14.12
C TYR D 92 29.77 7.87 13.77
N ASN D 93 28.85 8.81 13.97
CA ASN D 93 29.02 10.18 13.51
C ASN D 93 29.23 10.22 12.00
N TYR D 94 28.37 9.52 11.28
CA TYR D 94 28.47 9.48 9.82
C TYR D 94 28.08 10.82 9.20
N VAL D 95 29.01 11.42 8.46
CA VAL D 95 28.79 12.67 7.74
C VAL D 95 29.21 12.51 6.28
N LYS D 96 28.23 12.60 5.39
CA LYS D 96 28.44 12.33 3.96
C LYS D 96 29.24 13.42 3.26
N GLN D 97 30.17 13.02 2.39
CA GLN D 97 30.80 13.93 1.44
C GLN D 97 30.11 13.73 0.11
N TRP D 98 30.77 13.05 -0.82
CA TRP D 98 30.24 12.88 -2.16
C TRP D 98 29.51 11.54 -2.29
N ARG D 99 29.54 10.95 -3.48
CA ARG D 99 28.77 9.75 -3.79
C ARG D 99 29.11 8.59 -2.87
N HIS D 100 30.41 8.43 -2.60
CA HIS D 100 30.92 7.36 -1.75
C HIS D 100 31.61 7.93 -0.51
N SER D 101 32.39 8.99 -0.69
CA SER D 101 33.19 9.57 0.40
C SER D 101 32.34 10.12 1.51
N TYR D 102 32.82 9.92 2.74
CA TYR D 102 32.18 10.41 3.95
C TYR D 102 33.20 10.40 5.07
N THR D 103 32.79 10.86 6.24
CA THR D 103 33.67 10.97 7.37
C THR D 103 32.95 10.47 8.62
N ALA D 104 33.68 9.81 9.51
CA ALA D 104 33.09 9.19 10.70
C ALA D 104 34.07 8.96 11.86
N SER D 105 33.51 8.82 13.06
CA SER D 105 34.27 8.40 14.24
C SER D 105 34.24 6.89 14.34
N TYR D 106 35.29 6.30 14.93
CA TYR D 106 35.41 4.83 15.02
C TYR D 106 35.87 4.35 16.39
N ASP D 107 35.14 3.38 16.95
CA ASP D 107 35.57 2.65 18.16
C ASP D 107 35.73 1.18 17.83
N ILE D 108 36.78 0.56 18.36
CA ILE D 108 37.00 -0.88 18.15
C ILE D 108 36.54 -1.67 19.37
N TYR D 109 35.84 -2.78 19.12
CA TYR D 109 35.33 -3.64 20.17
C TYR D 109 35.95 -5.04 20.05
N ASP D 110 36.42 -5.54 21.19
CA ASP D 110 37.05 -6.84 21.33
C ASP D 110 36.00 -7.85 21.78
N LEU D 111 35.91 -9.00 21.11
CA LEU D 111 35.01 -10.06 21.55
C LEU D 111 35.62 -10.85 22.70
N ASN D 112 36.85 -11.31 22.48
CA ASN D 112 37.56 -12.17 23.42
C ASN D 112 37.87 -11.48 24.76
N LYS D 113 38.51 -10.31 24.69
CA LYS D 113 38.80 -9.51 25.90
C LYS D 113 37.51 -8.90 26.49
N ARG D 114 36.39 -9.14 25.80
CA ARG D 114 35.02 -8.88 26.31
C ARG D 114 34.47 -7.50 25.96
N GLN D 115 35.23 -6.46 26.31
CA GLN D 115 34.74 -5.09 26.22
C GLN D 115 35.38 -4.30 25.07
N LEU D 116 35.10 -3.00 25.02
CA LEU D 116 35.61 -2.11 23.97
C LEU D 116 36.96 -1.47 24.32
N ILE D 117 37.71 -1.08 23.29
CA ILE D 117 39.05 -0.48 23.45
C ILE D 117 38.96 1.03 23.71
N THR D 118 39.80 1.52 24.63
CA THR D 118 39.78 2.92 25.06
C THR D 118 41.06 3.71 24.76
N GLU D 119 42.18 3.00 24.60
CA GLU D 119 43.47 3.65 24.33
C GLU D 119 43.87 3.64 22.84
N GLU D 120 44.68 4.64 22.47
CA GLU D 120 45.11 4.87 21.09
C GLU D 120 43.93 4.75 20.13
N ARG D 121 42.91 5.56 20.37
CA ARG D 121 41.64 5.44 19.65
C ARG D 121 41.68 6.06 18.27
N ILE D 122 40.98 5.43 17.32
CA ILE D 122 40.81 5.99 15.96
C ILE D 122 40.19 7.40 16.04
N PRO D 123 40.85 8.39 15.42
CA PRO D 123 40.41 9.81 15.43
C PRO D 123 38.95 10.01 15.05
N ASN D 124 38.36 11.09 15.56
CA ASN D 124 37.19 11.68 14.95
C ASN D 124 37.57 12.10 13.54
N ASN D 125 36.57 12.30 12.67
CA ASN D 125 36.81 12.79 11.30
C ASN D 125 37.69 11.88 10.43
N THR D 126 37.64 10.58 10.68
CA THR D 126 38.43 9.65 9.92
C THR D 126 37.86 9.47 8.51
N GLN D 127 38.73 9.60 7.53
CA GLN D 127 38.33 9.64 6.13
C GLN D 127 37.99 8.26 5.56
N TRP D 128 38.79 7.25 5.91
CA TRP D 128 38.56 5.87 5.49
C TRP D 128 39.21 4.88 6.45
N VAL D 129 38.56 3.73 6.65
CA VAL D 129 39.15 2.66 7.47
C VAL D 129 39.03 1.29 6.79
N THR D 130 40.08 0.49 6.92
CA THR D 130 40.09 -0.85 6.35
C THR D 130 40.95 -1.84 7.13
N TRP D 131 40.44 -3.06 7.30
CA TRP D 131 41.23 -4.15 7.86
C TRP D 131 42.16 -4.69 6.78
N SER D 132 43.25 -5.31 7.22
CA SER D 132 44.01 -6.18 6.34
C SER D 132 43.04 -7.29 5.89
N PRO D 133 43.33 -7.95 4.74
CA PRO D 133 42.37 -8.95 4.25
C PRO D 133 42.31 -10.24 5.10
N VAL D 134 43.38 -10.53 5.85
CA VAL D 134 43.35 -11.55 6.93
C VAL D 134 43.87 -10.93 8.23
N GLY D 135 43.62 -11.58 9.37
CA GLY D 135 44.08 -11.08 10.66
C GLY D 135 43.25 -9.92 11.18
N HIS D 136 43.93 -8.87 11.65
CA HIS D 136 43.26 -7.72 12.28
C HIS D 136 44.07 -6.40 12.26
N LYS D 137 44.91 -6.22 11.26
CA LYS D 137 45.60 -4.95 11.07
C LYS D 137 44.59 -3.88 10.68
N LEU D 138 44.89 -2.62 11.02
CA LEU D 138 44.12 -1.49 10.52
C LEU D 138 44.94 -0.55 9.65
N ALA D 139 44.32 0.00 8.63
CA ALA D 139 44.85 1.14 7.92
C ALA D 139 43.75 2.16 7.81
N TYR D 140 44.06 3.40 8.21
CA TYR D 140 43.09 4.46 8.11
C TYR D 140 43.71 5.74 7.58
N VAL D 141 42.86 6.61 7.04
CA VAL D 141 43.28 7.92 6.59
C VAL D 141 42.61 8.96 7.46
N TRP D 142 43.39 9.93 7.92
CA TRP D 142 42.86 11.02 8.71
C TRP D 142 43.66 12.27 8.38
N ASN D 143 42.95 13.34 8.01
CA ASN D 143 43.57 14.56 7.51
C ASN D 143 44.48 14.29 6.33
N ASN D 144 43.93 13.58 5.36
CA ASN D 144 44.63 13.24 4.13
C ASN D 144 45.87 12.36 4.29
N ASP D 145 46.15 11.90 5.50
CA ASP D 145 47.35 11.08 5.71
C ASP D 145 47.04 9.63 6.08
N ILE D 146 47.99 8.74 5.82
CA ILE D 146 47.80 7.31 6.05
C ILE D 146 48.42 6.83 7.36
N TYR D 147 47.66 6.04 8.10
CA TYR D 147 48.10 5.47 9.37
C TYR D 147 47.89 3.95 9.37
N VAL D 148 48.71 3.24 10.12
CA VAL D 148 48.57 1.79 10.28
C VAL D 148 48.60 1.37 11.75
N LYS D 149 47.63 0.55 12.15
CA LYS D 149 47.64 -0.10 13.46
C LYS D 149 47.91 -1.59 13.27
N ILE D 150 49.05 -2.06 13.76
CA ILE D 150 49.37 -3.48 13.70
C ILE D 150 48.43 -4.19 14.66
N GLU D 151 48.13 -3.53 15.77
CA GLU D 151 47.25 -4.05 16.80
C GLU D 151 46.29 -2.95 17.20
N PRO D 152 44.97 -3.25 17.23
CA PRO D 152 43.89 -2.29 17.47
C PRO D 152 44.08 -1.40 18.71
N ASN D 153 44.91 -1.86 19.65
CA ASN D 153 45.16 -1.17 20.92
C ASN D 153 46.46 -0.36 20.96
N LEU D 154 47.36 -0.65 20.02
CA LEU D 154 48.67 0.03 19.92
C LEU D 154 48.58 1.38 19.19
N PRO D 155 49.61 2.25 19.39
CA PRO D 155 49.75 3.46 18.56
C PRO D 155 49.81 3.12 17.06
N SER D 156 49.47 4.10 16.22
CA SER D 156 49.47 3.94 14.77
C SER D 156 50.76 4.49 14.16
N TYR D 157 51.28 3.78 13.16
CA TYR D 157 52.49 4.23 12.47
C TYR D 157 52.07 5.12 11.31
N ARG D 158 52.50 6.38 11.34
CA ARG D 158 52.19 7.33 10.27
C ARG D 158 52.96 7.05 8.98
N ILE D 159 52.23 6.66 7.95
CA ILE D 159 52.80 6.26 6.68
C ILE D 159 53.17 7.46 5.81
N THR D 160 52.39 8.53 5.92
CA THR D 160 52.53 9.67 5.02
C THR D 160 52.51 10.98 5.80
N TRP D 161 53.38 11.90 5.41
CA TRP D 161 53.45 13.21 6.05
C TRP D 161 53.09 14.37 5.10
N THR D 162 52.56 14.04 3.92
CA THR D 162 52.41 15.02 2.85
C THR D 162 51.00 15.54 2.67
N GLY D 163 50.01 14.76 3.10
CA GLY D 163 48.60 15.08 2.90
C GLY D 163 48.21 16.47 3.37
N LYS D 164 47.59 17.23 2.47
CA LYS D 164 47.11 18.59 2.76
C LYS D 164 45.70 18.74 2.20
N GLU D 165 44.77 19.19 3.04
CA GLU D 165 43.34 19.24 2.70
C GLU D 165 43.07 19.91 1.35
N ASP D 166 42.28 19.22 0.52
CA ASP D 166 41.92 19.70 -0.82
C ASP D 166 43.06 19.74 -1.84
N ILE D 167 44.24 19.24 -1.45
CA ILE D 167 45.43 19.35 -2.30
C ILE D 167 46.20 18.03 -2.50
N ILE D 168 46.74 17.47 -1.41
CA ILE D 168 47.46 16.21 -1.49
C ILE D 168 46.57 15.17 -0.81
N TYR D 169 46.18 14.14 -1.55
CA TYR D 169 45.30 13.09 -1.05
C TYR D 169 46.05 11.77 -0.95
N ASN D 170 46.41 11.35 0.27
CA ASN D 170 47.04 10.03 0.44
C ASN D 170 46.02 8.94 0.76
N GLY D 171 45.96 7.93 -0.10
CA GLY D 171 45.15 6.75 0.14
C GLY D 171 43.65 6.99 0.15
N ILE D 172 43.24 8.22 -0.11
CA ILE D 172 41.85 8.52 -0.44
C ILE D 172 41.87 9.22 -1.77
N THR D 173 40.75 9.18 -2.48
CA THR D 173 40.63 9.78 -3.82
C THR D 173 40.10 11.22 -3.77
N ASP D 174 40.52 12.05 -4.72
CA ASP D 174 39.93 13.39 -4.91
C ASP D 174 38.56 13.28 -5.58
N TRP D 175 37.92 14.41 -5.87
CA TRP D 175 36.53 14.38 -6.34
C TRP D 175 36.34 13.51 -7.57
N VAL D 176 37.13 13.79 -8.59
CA VAL D 176 36.96 13.13 -9.88
C VAL D 176 37.32 11.63 -9.80
N TYR D 177 38.44 11.29 -9.19
CA TYR D 177 38.83 9.90 -9.00
C TYR D 177 37.82 9.07 -8.18
N GLU D 178 37.12 9.73 -7.24
CA GLU D 178 36.04 9.09 -6.51
C GLU D 178 34.83 8.78 -7.40
N GLU D 179 34.32 9.80 -8.07
CA GLU D 179 33.13 9.68 -8.88
C GLU D 179 33.38 8.81 -10.11
N GLU D 180 34.52 9.01 -10.74
CA GLU D 180 34.68 8.60 -12.14
C GLU D 180 35.58 7.44 -12.41
N VAL D 181 36.56 7.21 -11.55
CA VAL D 181 37.56 6.19 -11.83
C VAL D 181 37.38 5.01 -10.89
N PHE D 182 37.45 5.28 -9.59
CA PHE D 182 37.41 4.22 -8.59
C PHE D 182 36.03 3.91 -8.01
N SER D 183 35.06 4.76 -8.29
CA SER D 183 33.75 4.65 -7.68
C SER D 183 33.93 4.30 -6.22
N ALA D 184 34.87 5.00 -5.58
CA ALA D 184 35.19 4.79 -4.17
C ALA D 184 36.03 5.94 -3.65
N TYR D 185 35.94 6.17 -2.35
CA TYR D 185 36.75 7.17 -1.66
C TYR D 185 38.14 6.62 -1.32
N SER D 186 38.22 5.31 -1.25
CA SER D 186 39.44 4.60 -0.89
C SER D 186 40.48 4.58 -2.02
N ALA D 187 41.74 4.75 -1.62
CA ALA D 187 42.89 4.48 -2.51
C ALA D 187 43.91 3.59 -1.77
N LEU D 188 43.38 2.61 -1.04
CA LEU D 188 44.20 1.68 -0.26
C LEU D 188 43.94 0.25 -0.65
N TRP D 189 45.00 -0.51 -0.88
CA TRP D 189 44.87 -1.91 -1.23
C TRP D 189 45.90 -2.70 -0.48
N TRP D 190 45.43 -3.58 0.40
CA TRP D 190 46.29 -4.51 1.12
C TRP D 190 46.70 -5.65 0.18
N SER D 191 47.89 -6.21 0.41
CA SER D 191 48.29 -7.43 -0.28
C SER D 191 47.48 -8.59 0.34
N PRO D 192 47.24 -9.67 -0.43
CA PRO D 192 46.39 -10.75 0.06
C PRO D 192 46.54 -11.09 1.56
N ASN D 193 47.78 -11.26 2.04
CA ASN D 193 47.99 -11.61 3.45
C ASN D 193 48.38 -10.43 4.37
N GLY D 194 48.00 -9.23 3.93
CA GLY D 194 48.17 -8.01 4.72
C GLY D 194 49.59 -7.60 5.05
N THR D 195 50.57 -8.08 4.29
CA THR D 195 51.98 -7.71 4.48
C THR D 195 52.26 -6.31 3.92
N PHE D 196 51.84 -6.08 2.68
CA PHE D 196 52.06 -4.81 2.02
C PHE D 196 50.80 -3.96 1.98
N LEU D 197 50.97 -2.66 2.16
CA LEU D 197 49.88 -1.73 1.94
C LEU D 197 50.22 -0.83 0.76
N ALA D 198 49.46 -1.00 -0.32
CA ALA D 198 49.64 -0.21 -1.52
C ALA D 198 48.69 0.95 -1.46
N TYR D 199 49.14 2.10 -1.93
CA TYR D 199 48.25 3.27 -1.99
C TYR D 199 48.56 4.25 -3.11
N ALA D 200 47.56 5.06 -3.44
CA ALA D 200 47.77 6.16 -4.37
C ALA D 200 47.80 7.48 -3.62
N GLN D 201 48.54 8.43 -4.18
CA GLN D 201 48.58 9.80 -3.70
C GLN D 201 48.15 10.68 -4.86
N PHE D 202 47.10 11.47 -4.64
CA PHE D 202 46.60 12.38 -5.67
C PHE D 202 46.97 13.84 -5.37
N ASN D 203 47.43 14.54 -6.41
CA ASN D 203 47.77 15.96 -6.33
C ASN D 203 46.76 16.82 -7.10
N ASP D 204 46.12 17.77 -6.41
CA ASP D 204 45.16 18.67 -7.05
C ASP D 204 45.61 20.13 -7.12
N THR D 205 46.91 20.37 -7.10
CA THR D 205 47.42 21.74 -6.93
C THR D 205 46.86 22.74 -7.96
N GLU D 206 46.85 22.34 -9.23
CA GLU D 206 46.40 23.24 -10.29
C GLU D 206 45.00 22.94 -10.78
N VAL D 207 44.36 21.95 -10.17
CA VAL D 207 42.95 21.65 -10.41
C VAL D 207 42.10 22.84 -9.94
N PRO D 208 41.38 23.50 -10.86
CA PRO D 208 40.54 24.62 -10.46
C PRO D 208 39.40 24.16 -9.54
N LEU D 209 38.78 25.11 -8.84
CA LEU D 209 37.74 24.75 -7.87
C LEU D 209 36.36 25.20 -8.33
N ILE D 210 35.40 24.28 -8.27
CA ILE D 210 34.02 24.67 -8.48
C ILE D 210 33.60 25.36 -7.19
N GLU D 211 32.92 26.48 -7.33
CA GLU D 211 32.49 27.24 -6.17
C GLU D 211 30.99 27.48 -6.20
N TYR D 212 30.34 27.20 -5.08
CA TYR D 212 28.91 27.40 -4.99
C TYR D 212 28.43 27.70 -3.58
N SER D 213 27.33 28.41 -3.49
CA SER D 213 26.74 28.78 -2.22
C SER D 213 26.05 27.58 -1.57
N PHE D 214 26.44 27.30 -0.33
CA PHE D 214 25.66 26.41 0.51
C PHE D 214 24.98 27.26 1.56
N TYR D 215 23.69 27.04 1.75
CA TYR D 215 22.86 27.99 2.51
C TYR D 215 22.62 27.55 3.95
N SER D 216 22.58 26.22 4.14
CA SER D 216 22.47 25.60 5.45
C SER D 216 21.14 25.88 6.15
N ASP D 217 21.17 25.91 7.49
CA ASP D 217 19.99 26.11 8.29
C ASP D 217 19.64 27.57 8.28
N GLU D 218 18.36 27.89 8.50
CA GLU D 218 17.95 29.28 8.40
C GLU D 218 18.76 30.10 9.37
N SER D 219 19.41 29.42 10.30
CA SER D 219 20.25 30.05 11.33
C SER D 219 21.60 30.58 10.82
N LEU D 220 22.06 30.10 9.67
CA LEU D 220 23.31 30.60 9.08
C LEU D 220 23.04 31.95 8.43
N GLN D 221 23.75 32.98 8.91
CA GLN D 221 23.46 34.34 8.46
C GLN D 221 24.04 34.64 7.08
N TYR D 222 25.29 34.26 6.84
CA TYR D 222 25.92 34.41 5.53
C TYR D 222 26.11 33.06 4.87
N PRO D 223 25.65 32.92 3.62
CA PRO D 223 25.87 31.67 2.92
C PRO D 223 27.34 31.30 2.82
N LYS D 224 27.64 30.04 3.08
CA LYS D 224 28.98 29.49 2.94
C LYS D 224 29.31 29.19 1.46
N THR D 225 30.51 29.58 1.04
CA THR D 225 30.98 29.19 -0.28
C THR D 225 31.75 27.87 -0.19
N VAL D 226 31.14 26.82 -0.70
CA VAL D 226 31.81 25.54 -0.85
C VAL D 226 32.72 25.60 -2.07
N ARG D 227 33.91 25.04 -1.92
CA ARG D 227 34.96 25.07 -2.96
C ARG D 227 35.58 23.69 -3.10
N VAL D 228 35.55 23.14 -4.31
CA VAL D 228 35.93 21.76 -4.54
C VAL D 228 36.81 21.66 -5.81
N PRO D 229 38.03 21.09 -5.68
CA PRO D 229 38.88 20.78 -6.83
C PRO D 229 38.14 19.86 -7.78
N TYR D 230 37.79 20.38 -8.95
CA TYR D 230 36.93 19.70 -9.89
C TYR D 230 37.40 20.03 -11.30
N PRO D 231 38.07 19.07 -11.98
CA PRO D 231 38.49 19.35 -13.33
C PRO D 231 37.31 19.25 -14.28
N LYS D 232 36.98 20.37 -14.92
CA LYS D 232 36.01 20.36 -16.01
C LYS D 232 36.73 19.92 -17.27
N ALA D 233 35.98 19.54 -18.31
CA ALA D 233 36.60 19.14 -19.57
C ALA D 233 37.74 20.09 -19.96
N GLY D 234 38.93 19.53 -20.23
CA GLY D 234 40.04 20.32 -20.72
C GLY D 234 40.86 21.03 -19.65
N ALA D 235 40.35 21.04 -18.42
CA ALA D 235 41.03 21.71 -17.32
C ALA D 235 42.22 20.87 -16.81
N VAL D 236 43.12 21.51 -16.08
CA VAL D 236 44.22 20.78 -15.44
C VAL D 236 43.69 19.66 -14.54
N ASN D 237 44.16 18.46 -14.79
CA ASN D 237 43.78 17.28 -14.04
C ASN D 237 44.62 17.03 -12.80
N PRO D 238 44.08 16.31 -11.81
CA PRO D 238 44.95 15.86 -10.73
C PRO D 238 46.02 14.95 -11.29
N THR D 239 47.17 14.91 -10.63
CA THR D 239 48.21 13.95 -10.99
C THR D 239 48.18 12.79 -10.00
N VAL D 240 48.76 11.66 -10.38
CA VAL D 240 48.73 10.49 -9.52
C VAL D 240 50.12 9.86 -9.37
N LYS D 241 50.47 9.56 -8.12
CA LYS D 241 51.60 8.70 -7.88
C LYS D 241 51.15 7.42 -7.17
N PHE D 242 52.00 6.39 -7.18
CA PHE D 242 51.65 5.12 -6.59
C PHE D 242 52.76 4.64 -5.67
N PHE D 243 52.37 4.07 -4.53
CA PHE D 243 53.34 3.59 -3.52
C PHE D 243 52.95 2.26 -2.91
N VAL D 244 53.95 1.55 -2.39
CA VAL D 244 53.73 0.35 -1.60
C VAL D 244 54.63 0.43 -0.38
N VAL D 245 54.03 0.24 0.80
CA VAL D 245 54.79 0.20 2.05
C VAL D 245 54.71 -1.22 2.63
N ASN D 246 55.73 -1.58 3.41
CA ASN D 246 55.81 -2.88 4.05
C ASN D 246 55.45 -2.77 5.52
N THR D 247 54.25 -3.21 5.88
CA THR D 247 53.72 -3.04 7.24
C THR D 247 54.35 -3.92 8.32
N ASP D 248 54.94 -5.05 7.94
CA ASP D 248 55.56 -5.95 8.93
C ASP D 248 56.88 -5.39 9.44
N SER D 249 57.52 -4.54 8.62
CA SER D 249 58.82 -3.96 8.93
C SER D 249 58.73 -2.49 9.34
N LEU D 250 57.59 -2.08 9.90
CA LEU D 250 57.41 -0.72 10.39
C LEU D 250 58.20 -0.47 11.68
N SER D 251 59.07 0.54 11.65
CA SER D 251 59.88 0.88 12.81
C SER D 251 59.29 2.06 13.55
N SER D 252 59.19 1.95 14.88
CA SER D 252 58.77 3.07 15.71
C SER D 252 59.83 4.19 15.70
N VAL D 253 61.10 3.78 15.74
CA VAL D 253 62.24 4.70 15.77
C VAL D 253 62.38 5.54 14.48
N THR D 254 62.00 4.96 13.34
CA THR D 254 62.23 5.61 12.04
C THR D 254 60.94 5.81 11.23
N ASN D 255 60.97 6.77 10.30
CA ASN D 255 59.87 6.99 9.38
C ASN D 255 59.76 5.86 8.36
N ALA D 256 58.55 5.33 8.19
CA ALA D 256 58.32 4.21 7.28
C ALA D 256 58.44 4.63 5.81
N THR D 257 59.28 3.90 5.06
CA THR D 257 59.53 4.22 3.66
C THR D 257 58.51 3.57 2.73
N SER D 258 58.04 4.31 1.74
CA SER D 258 57.12 3.78 0.76
C SER D 258 57.80 3.68 -0.61
N ILE D 259 57.68 2.54 -1.27
CA ILE D 259 58.34 2.36 -2.56
C ILE D 259 57.43 2.78 -3.69
N GLN D 260 57.88 3.73 -4.50
CA GLN D 260 57.07 4.23 -5.62
C GLN D 260 57.15 3.30 -6.82
N ILE D 261 55.98 2.96 -7.36
CA ILE D 261 55.91 2.35 -8.67
C ILE D 261 55.47 3.44 -9.66
N THR D 262 56.39 3.80 -10.55
CA THR D 262 56.13 4.85 -11.52
C THR D 262 55.38 4.27 -12.70
N ALA D 263 54.49 5.05 -13.28
CA ALA D 263 53.76 4.68 -14.49
C ALA D 263 54.75 4.38 -15.62
N PRO D 264 54.38 3.50 -16.56
CA PRO D 264 55.21 3.19 -17.73
C PRO D 264 55.48 4.41 -18.63
N ALA D 265 56.53 4.30 -19.45
CA ALA D 265 57.00 5.41 -20.29
C ALA D 265 55.90 6.02 -21.15
N SER D 266 55.14 5.15 -21.84
CA SER D 266 54.09 5.61 -22.74
C SER D 266 52.99 6.39 -22.02
N MET D 267 52.96 6.28 -20.69
CA MET D 267 51.95 6.97 -19.87
C MET D 267 52.43 8.31 -19.33
N LEU D 268 53.70 8.39 -18.93
CA LEU D 268 54.29 9.63 -18.47
C LEU D 268 54.44 10.67 -19.59
N ILE D 269 54.31 10.19 -20.83
CA ILE D 269 54.50 11.02 -22.02
C ILE D 269 53.45 12.13 -22.12
N GLY D 270 52.66 12.31 -21.05
CA GLY D 270 51.54 13.25 -21.03
C GLY D 270 50.57 12.92 -19.90
N ASP D 271 49.48 13.67 -19.79
CA ASP D 271 48.49 13.42 -18.75
C ASP D 271 47.96 11.99 -18.82
N HIS D 272 47.69 11.40 -17.66
CA HIS D 272 47.20 10.02 -17.59
C HIS D 272 46.43 9.78 -16.31
N TYR D 273 45.99 8.55 -16.11
CA TYR D 273 45.26 8.16 -14.92
C TYR D 273 45.72 6.81 -14.45
N LEU D 274 45.62 6.58 -13.16
CA LEU D 274 45.71 5.24 -12.65
C LEU D 274 44.27 4.78 -12.64
N CYS D 275 43.95 3.72 -13.38
CA CYS D 275 42.57 3.25 -13.41
C CYS D 275 42.28 2.01 -12.57
N ASP D 276 43.21 1.07 -12.50
CA ASP D 276 42.99 -0.18 -11.78
C ASP D 276 44.14 -0.60 -10.86
N VAL D 277 43.79 -1.16 -9.70
CA VAL D 277 44.77 -1.78 -8.83
C VAL D 277 44.22 -3.13 -8.42
N THR D 278 45.00 -4.18 -8.69
CA THR D 278 44.67 -5.54 -8.28
C THR D 278 45.94 -6.23 -7.81
N TRP D 279 45.93 -6.77 -6.60
CA TRP D 279 47.01 -7.64 -6.17
C TRP D 279 46.84 -8.99 -6.84
N ALA D 280 47.93 -9.53 -7.36
CA ALA D 280 47.92 -10.83 -8.02
C ALA D 280 48.27 -11.95 -7.06
N THR D 281 49.41 -11.79 -6.38
CA THR D 281 49.86 -12.75 -5.36
C THR D 281 50.38 -11.99 -4.14
N GLN D 282 51.00 -12.72 -3.23
CA GLN D 282 51.53 -12.14 -1.98
C GLN D 282 52.60 -11.09 -2.23
N GLU D 283 53.22 -11.16 -3.40
CA GLU D 283 54.33 -10.27 -3.74
C GLU D 283 54.26 -9.76 -5.18
N ARG D 284 53.05 -9.81 -5.75
CA ARG D 284 52.81 -9.37 -7.13
C ARG D 284 51.59 -8.46 -7.28
N ILE D 285 51.82 -7.24 -7.75
CA ILE D 285 50.73 -6.32 -8.00
C ILE D 285 50.60 -5.96 -9.48
N SER D 286 49.37 -5.90 -9.97
CA SER D 286 49.07 -5.38 -11.29
C SER D 286 48.43 -3.99 -11.18
N LEU D 287 48.93 -3.07 -11.98
CA LEU D 287 48.40 -1.72 -12.08
C LEU D 287 48.06 -1.41 -13.52
N GLN D 288 46.88 -0.87 -13.74
CA GLN D 288 46.51 -0.42 -15.07
C GLN D 288 46.47 1.10 -15.12
N TRP D 289 47.21 1.67 -16.07
CA TRP D 289 47.18 3.11 -16.33
C TRP D 289 46.40 3.42 -17.62
N LEU D 290 45.85 4.63 -17.69
CA LEU D 290 45.02 5.05 -18.81
C LEU D 290 45.48 6.42 -19.24
N ARG D 291 45.79 6.58 -20.53
CA ARG D 291 46.09 7.91 -21.09
C ARG D 291 44.88 8.84 -20.94
N ARG D 292 45.13 10.15 -20.89
CA ARG D 292 44.04 11.14 -20.79
C ARG D 292 43.07 11.05 -21.98
N ILE D 293 43.62 10.83 -23.17
CA ILE D 293 42.84 10.41 -24.33
C ILE D 293 42.58 8.92 -24.10
N GLN D 294 41.35 8.59 -23.72
CA GLN D 294 41.08 7.30 -23.10
C GLN D 294 40.88 6.13 -24.05
N ASN D 295 41.72 6.04 -25.08
CA ASN D 295 41.62 4.92 -26.00
C ASN D 295 42.83 3.98 -25.91
N TYR D 296 43.78 4.31 -25.05
CA TYR D 296 45.02 3.56 -24.92
C TYR D 296 45.35 3.37 -23.45
N SER D 297 45.38 2.11 -23.02
CA SER D 297 45.69 1.77 -21.63
C SER D 297 46.73 0.63 -21.51
N VAL D 298 47.50 0.68 -20.42
CA VAL D 298 48.61 -0.24 -20.15
C VAL D 298 48.54 -0.90 -18.77
N MET D 299 48.68 -2.22 -18.73
CA MET D 299 48.78 -2.97 -17.48
C MET D 299 50.24 -3.30 -17.15
N ASP D 300 50.66 -2.92 -15.93
CA ASP D 300 51.97 -3.27 -15.43
C ASP D 300 51.84 -4.34 -14.37
N ILE D 301 52.58 -5.45 -14.55
CA ILE D 301 52.69 -6.46 -13.52
C ILE D 301 53.99 -6.18 -12.79
N CYS D 302 53.90 -6.03 -11.48
CA CYS D 302 55.04 -5.61 -10.68
C CYS D 302 55.34 -6.60 -9.56
N ASP D 303 56.59 -7.04 -9.52
CA ASP D 303 57.03 -8.03 -8.55
C ASP D 303 57.98 -7.43 -7.54
N TYR D 304 57.80 -7.81 -6.28
CA TYR D 304 58.76 -7.48 -5.23
C TYR D 304 60.09 -8.20 -5.45
N ASP D 305 61.18 -7.57 -5.03
CA ASP D 305 62.53 -8.12 -5.14
C ASP D 305 63.29 -7.81 -3.85
N GLU D 306 63.55 -8.85 -3.06
CA GLU D 306 64.17 -8.72 -1.72
C GLU D 306 65.53 -8.03 -1.75
N SER D 307 66.45 -8.58 -2.52
CA SER D 307 67.84 -8.09 -2.59
C SER D 307 68.00 -6.62 -3.04
N SER D 308 66.93 -6.05 -3.62
CA SER D 308 66.91 -4.63 -3.96
C SER D 308 65.96 -3.86 -3.02
N GLY D 309 64.86 -4.51 -2.65
CA GLY D 309 63.82 -3.88 -1.83
C GLY D 309 62.78 -3.16 -2.68
N ARG D 310 63.17 -2.79 -3.89
CA ARG D 310 62.28 -2.08 -4.81
C ARG D 310 61.31 -3.04 -5.51
N TRP D 311 60.38 -2.46 -6.27
CA TRP D 311 59.44 -3.23 -7.10
C TRP D 311 59.79 -3.10 -8.57
N ASN D 312 59.71 -4.19 -9.30
CA ASN D 312 60.00 -4.17 -10.73
C ASN D 312 58.83 -4.61 -11.57
N CYS D 313 58.42 -3.73 -12.48
CA CYS D 313 57.43 -4.06 -13.49
C CYS D 313 58.15 -4.24 -14.81
N LEU D 314 58.44 -5.49 -15.16
CA LEU D 314 59.13 -5.81 -16.40
C LEU D 314 58.36 -5.40 -17.66
N VAL D 315 59.04 -4.71 -18.55
CA VAL D 315 58.51 -4.30 -19.86
C VAL D 315 57.86 -5.47 -20.63
N ALA D 316 58.51 -6.63 -20.62
CA ALA D 316 58.01 -7.81 -21.32
C ALA D 316 56.68 -8.29 -20.75
N ARG D 317 56.30 -7.81 -19.56
CA ARG D 317 55.05 -8.22 -18.93
C ARG D 317 53.98 -7.13 -18.99
N GLN D 318 54.23 -6.13 -19.83
CA GLN D 318 53.23 -5.10 -20.06
C GLN D 318 52.15 -5.62 -20.97
N HIS D 319 50.92 -5.16 -20.76
CA HIS D 319 49.79 -5.55 -21.60
C HIS D 319 49.00 -4.33 -22.06
N ILE D 320 49.11 -4.00 -23.33
CA ILE D 320 48.37 -2.91 -23.94
C ILE D 320 46.94 -3.31 -24.24
N GLU D 321 46.00 -2.46 -23.83
CA GLU D 321 44.61 -2.61 -24.20
C GLU D 321 44.09 -1.31 -24.84
N MET D 322 43.81 -1.35 -26.14
CA MET D 322 43.39 -0.16 -26.87
C MET D 322 42.05 -0.28 -27.63
N SER D 323 41.60 0.85 -28.18
CA SER D 323 40.44 0.91 -29.04
C SER D 323 40.66 1.94 -30.14
N THR D 324 40.26 1.60 -31.36
CA THR D 324 40.25 2.56 -32.48
C THR D 324 38.86 3.09 -32.79
N THR D 325 37.83 2.32 -32.43
CA THR D 325 36.45 2.78 -32.63
C THR D 325 36.00 3.72 -31.52
N GLY D 326 36.57 3.55 -30.32
CA GLY D 326 36.13 4.38 -29.18
C GLY D 326 37.10 4.44 -28.02
N TRP D 327 36.55 4.43 -26.80
CA TRP D 327 37.36 4.41 -25.59
C TRP D 327 37.62 2.97 -25.13
N VAL D 328 38.52 2.81 -24.15
CA VAL D 328 38.81 1.45 -23.68
C VAL D 328 37.96 1.12 -22.44
N GLY D 329 37.38 -0.09 -22.43
CA GLY D 329 36.48 -0.50 -21.36
C GLY D 329 35.08 0.08 -21.50
N ARG D 330 34.18 -0.36 -20.63
CA ARG D 330 32.84 0.19 -20.60
C ARG D 330 32.85 1.61 -20.04
N PHE D 331 33.48 1.77 -18.87
CA PHE D 331 33.73 3.08 -18.27
C PHE D 331 35.19 3.18 -17.84
N ARG D 332 35.82 2.03 -17.62
CA ARG D 332 37.24 1.95 -17.30
C ARG D 332 37.74 0.65 -17.92
N PRO D 333 39.05 0.56 -18.22
CA PRO D 333 39.58 -0.77 -18.55
C PRO D 333 39.15 -1.78 -17.47
N SER D 334 38.76 -2.98 -17.87
CA SER D 334 38.25 -3.99 -16.91
C SER D 334 39.35 -4.58 -16.02
N GLU D 335 38.94 -5.14 -14.89
CA GLU D 335 39.90 -5.67 -13.92
C GLU D 335 40.36 -7.10 -14.21
N PRO D 336 41.65 -7.39 -13.93
CA PRO D 336 42.16 -8.74 -14.10
C PRO D 336 41.63 -9.69 -13.04
N HIS D 337 41.64 -10.98 -13.35
CA HIS D 337 41.32 -12.01 -12.38
C HIS D 337 42.43 -13.04 -12.45
N PHE D 338 43.35 -12.96 -11.50
CA PHE D 338 44.51 -13.83 -11.52
C PHE D 338 44.19 -15.21 -11.03
N THR D 339 44.80 -16.19 -11.66
CA THR D 339 44.78 -17.56 -11.16
C THR D 339 45.53 -17.52 -9.83
N LEU D 340 45.19 -18.44 -8.94
CA LEU D 340 45.82 -18.54 -7.62
C LEU D 340 47.35 -18.31 -7.64
N ASP D 341 48.03 -18.84 -8.65
CA ASP D 341 49.49 -18.75 -8.75
C ASP D 341 50.00 -17.43 -9.35
N GLY D 342 49.08 -16.59 -9.83
CA GLY D 342 49.42 -15.27 -10.36
C GLY D 342 50.17 -15.18 -11.68
N ASN D 343 50.33 -16.32 -12.36
CA ASN D 343 51.00 -16.35 -13.65
C ASN D 343 50.06 -16.03 -14.81
N SER D 344 48.77 -16.07 -14.52
CA SER D 344 47.78 -15.91 -15.56
C SER D 344 46.62 -15.12 -15.00
N PHE D 345 45.92 -14.47 -15.91
CA PHE D 345 44.70 -13.80 -15.53
C PHE D 345 43.66 -13.86 -16.63
N TYR D 346 42.40 -13.70 -16.20
CA TYR D 346 41.26 -13.57 -17.07
C TYR D 346 40.78 -12.13 -17.04
N LYS D 347 40.36 -11.61 -18.19
CA LYS D 347 39.66 -10.33 -18.16
C LYS D 347 38.71 -10.10 -19.35
N ILE D 348 37.69 -9.31 -19.09
CA ILE D 348 36.72 -8.97 -20.12
C ILE D 348 37.35 -7.92 -21.01
N ILE D 349 37.40 -8.20 -22.29
CA ILE D 349 37.85 -7.22 -23.27
C ILE D 349 37.00 -7.36 -24.50
N SER D 350 36.81 -6.26 -25.21
CA SER D 350 36.11 -6.28 -26.48
C SER D 350 36.92 -7.21 -27.39
N ASN D 351 36.24 -8.09 -28.13
CA ASN D 351 36.90 -8.94 -29.12
C ASN D 351 36.96 -8.30 -30.50
N GLU D 352 37.39 -9.08 -31.49
CA GLU D 352 37.52 -8.57 -32.86
C GLU D 352 36.16 -8.14 -33.42
N GLU D 353 35.08 -8.82 -32.98
CA GLU D 353 33.70 -8.48 -33.36
C GLU D 353 33.13 -7.26 -32.63
N GLY D 354 33.81 -6.81 -31.58
CA GLY D 354 33.33 -5.67 -30.79
C GLY D 354 32.53 -6.09 -29.57
N TYR D 355 32.51 -7.39 -29.31
CA TYR D 355 31.78 -7.94 -28.17
C TYR D 355 32.70 -8.26 -27.00
N ARG D 356 32.24 -7.87 -25.82
CA ARG D 356 33.02 -8.02 -24.61
C ARG D 356 32.97 -9.43 -24.04
N HIS D 357 34.11 -10.11 -24.09
CA HIS D 357 34.21 -11.50 -23.68
C HIS D 357 35.45 -11.78 -22.83
N ILE D 358 35.52 -12.96 -22.23
CA ILE D 358 36.63 -13.31 -21.37
C ILE D 358 37.84 -13.75 -22.18
N CYS D 359 38.95 -13.04 -21.97
CA CYS D 359 40.23 -13.41 -22.55
C CYS D 359 41.16 -13.94 -21.48
N TYR D 360 41.83 -15.04 -21.78
CA TYR D 360 42.79 -15.63 -20.86
C TYR D 360 44.19 -15.18 -21.25
N PHE D 361 44.90 -14.57 -20.32
CA PHE D 361 46.20 -14.00 -20.59
C PHE D 361 47.28 -14.74 -19.82
N GLN D 362 48.46 -14.82 -20.41
CA GLN D 362 49.65 -15.25 -19.69
C GLN D 362 50.51 -14.04 -19.41
N ILE D 363 50.98 -13.92 -18.17
CA ILE D 363 51.91 -12.88 -17.79
C ILE D 363 53.04 -12.80 -18.82
N ASP D 364 53.76 -13.90 -19.00
CA ASP D 364 54.96 -13.94 -19.84
C ASP D 364 54.70 -14.22 -21.34
N LYS D 365 53.58 -13.71 -21.88
CA LYS D 365 53.20 -13.85 -23.31
C LYS D 365 52.32 -12.67 -23.77
N LYS D 366 52.31 -12.40 -25.07
CA LYS D 366 51.68 -11.16 -25.61
C LYS D 366 50.18 -11.26 -25.98
N ASP D 367 49.79 -12.37 -26.62
CA ASP D 367 48.40 -12.60 -27.06
C ASP D 367 47.55 -13.32 -26.01
N CYS D 368 46.27 -12.99 -25.97
CA CYS D 368 45.33 -13.79 -25.17
C CYS D 368 44.62 -14.84 -26.03
N THR D 369 43.82 -15.66 -25.39
CA THR D 369 42.94 -16.57 -26.09
C THR D 369 41.55 -16.39 -25.46
N PHE D 370 40.54 -16.24 -26.29
CA PHE D 370 39.18 -15.98 -25.82
C PHE D 370 38.48 -17.27 -25.42
N ILE D 371 37.80 -17.25 -24.28
CA ILE D 371 37.11 -18.48 -23.82
C ILE D 371 35.58 -18.40 -23.81
N THR D 372 35.03 -17.21 -24.08
CA THR D 372 33.64 -17.04 -24.49
C THR D 372 33.61 -16.24 -25.79
N LYS D 373 32.53 -16.39 -26.56
CA LYS D 373 32.31 -15.59 -27.76
C LYS D 373 30.81 -15.48 -28.00
N GLY D 374 30.41 -14.73 -29.03
CA GLY D 374 28.99 -14.64 -29.41
C GLY D 374 28.46 -13.23 -29.48
N THR D 375 27.26 -13.08 -30.04
CA THR D 375 26.61 -11.76 -30.11
C THR D 375 25.85 -11.44 -28.82
N TRP D 376 26.64 -11.26 -27.77
CA TRP D 376 26.20 -10.89 -26.44
C TRP D 376 27.48 -10.59 -25.70
N GLU D 377 27.37 -10.11 -24.46
CA GLU D 377 28.54 -9.67 -23.73
C GLU D 377 28.57 -10.25 -22.33
N VAL D 378 29.79 -10.55 -21.85
CA VAL D 378 30.02 -10.90 -20.46
C VAL D 378 29.95 -9.61 -19.64
N ILE D 379 29.14 -9.64 -18.58
CA ILE D 379 28.94 -8.48 -17.71
C ILE D 379 30.02 -8.38 -16.63
N GLY D 380 30.30 -9.51 -15.97
CA GLY D 380 31.37 -9.61 -14.98
C GLY D 380 31.85 -11.03 -14.71
N ILE D 381 33.16 -11.17 -14.49
CA ILE D 381 33.73 -12.40 -13.91
C ILE D 381 33.49 -12.37 -12.40
N GLU D 382 32.72 -13.32 -11.89
CA GLU D 382 32.28 -13.24 -10.51
C GLU D 382 33.11 -14.11 -9.55
N ALA D 383 33.72 -15.16 -10.06
CA ALA D 383 34.58 -15.99 -9.22
C ALA D 383 35.53 -16.79 -10.09
N LEU D 384 36.73 -17.05 -9.58
CA LEU D 384 37.64 -17.92 -10.28
C LEU D 384 38.25 -18.92 -9.32
N THR D 385 37.82 -20.17 -9.43
CA THR D 385 38.49 -21.25 -8.70
C THR D 385 39.57 -21.88 -9.60
N SER D 386 39.82 -23.16 -9.42
CA SER D 386 40.77 -23.89 -10.29
C SER D 386 40.06 -24.91 -11.20
N ASP D 387 38.74 -24.99 -11.07
CA ASP D 387 37.93 -25.89 -11.86
C ASP D 387 36.92 -25.11 -12.68
N TYR D 388 36.61 -23.89 -12.24
CA TYR D 388 35.54 -23.12 -12.83
C TYR D 388 35.79 -21.62 -12.80
N LEU D 389 35.47 -20.98 -13.92
CA LEU D 389 35.30 -19.53 -14.02
C LEU D 389 33.82 -19.32 -13.87
N TYR D 390 33.44 -18.38 -13.02
CA TYR D 390 32.04 -18.00 -12.87
C TYR D 390 31.83 -16.60 -13.42
N TYR D 391 30.81 -16.43 -14.26
CA TYR D 391 30.54 -15.13 -14.88
C TYR D 391 29.05 -14.86 -15.10
N ILE D 392 28.69 -13.58 -15.09
CA ILE D 392 27.35 -13.10 -15.43
C ILE D 392 27.37 -12.55 -16.85
N SER D 393 26.44 -13.00 -17.70
CA SER D 393 26.28 -12.41 -19.04
C SER D 393 24.82 -12.26 -19.47
N ASN D 394 24.59 -11.59 -20.59
CA ASN D 394 23.22 -11.45 -21.12
C ASN D 394 22.96 -12.39 -22.31
N GLU D 395 23.67 -13.50 -22.33
CA GLU D 395 23.58 -14.48 -23.40
C GLU D 395 22.17 -15.05 -23.47
N TYR D 396 21.63 -15.48 -22.33
CA TYR D 396 20.36 -16.18 -22.31
C TYR D 396 19.30 -15.50 -23.17
N LYS D 397 18.70 -16.29 -24.06
CA LYS D 397 17.56 -15.87 -24.90
C LYS D 397 17.85 -14.68 -25.81
N GLY D 398 19.10 -14.22 -25.84
CA GLY D 398 19.50 -13.09 -26.68
C GLY D 398 18.90 -11.78 -26.18
N MET D 399 18.66 -11.71 -24.87
CA MET D 399 18.15 -10.51 -24.24
C MET D 399 19.26 -9.68 -23.61
N PRO D 400 19.64 -8.56 -24.24
CA PRO D 400 20.72 -7.78 -23.67
C PRO D 400 20.36 -7.23 -22.29
N GLY D 401 19.08 -7.30 -21.96
CA GLY D 401 18.57 -6.77 -20.70
C GLY D 401 18.38 -7.81 -19.63
N GLY D 402 18.81 -9.04 -19.93
CA GLY D 402 18.86 -10.12 -18.96
C GLY D 402 20.24 -10.33 -18.37
N ARG D 403 20.30 -10.91 -17.18
CA ARG D 403 21.57 -11.26 -16.52
C ARG D 403 21.42 -12.62 -15.89
N ASN D 404 22.23 -13.57 -16.32
CA ASN D 404 22.30 -14.89 -15.69
C ASN D 404 23.71 -15.32 -15.34
N LEU D 405 23.80 -16.33 -14.48
CA LEU D 405 25.08 -16.87 -14.00
C LEU D 405 25.52 -18.09 -14.80
N TYR D 406 26.80 -18.09 -15.13
CA TYR D 406 27.40 -19.16 -15.91
C TYR D 406 28.68 -19.63 -15.25
N LYS D 407 28.95 -20.93 -15.33
CA LYS D 407 30.29 -21.44 -15.01
C LYS D 407 30.97 -22.08 -16.20
N ILE D 408 32.22 -21.68 -16.40
CA ILE D 408 33.06 -22.27 -17.43
C ILE D 408 33.88 -23.37 -16.79
N GLN D 409 33.76 -24.59 -17.31
CA GLN D 409 34.61 -25.69 -16.87
C GLN D 409 36.02 -25.44 -17.39
N LEU D 410 36.88 -24.94 -16.52
CA LEU D 410 38.26 -24.60 -16.88
C LEU D 410 38.97 -25.67 -17.72
N SER D 411 38.82 -26.95 -17.34
CA SER D 411 39.48 -28.05 -18.04
C SER D 411 39.04 -28.20 -19.50
N ASP D 412 37.89 -27.62 -19.83
CA ASP D 412 37.38 -27.56 -21.20
C ASP D 412 36.38 -26.41 -21.30
N TYR D 413 36.88 -25.23 -21.68
CA TYR D 413 36.06 -24.00 -21.67
C TYR D 413 34.86 -24.01 -22.60
N THR D 414 34.74 -25.03 -23.45
CA THR D 414 33.55 -25.17 -24.28
C THR D 414 32.40 -25.71 -23.46
N LYS D 415 32.72 -26.42 -22.38
CA LYS D 415 31.72 -26.92 -21.45
C LYS D 415 31.33 -25.80 -20.49
N VAL D 416 30.14 -25.25 -20.68
CA VAL D 416 29.67 -24.10 -19.92
C VAL D 416 28.28 -24.43 -19.38
N THR D 417 27.97 -24.04 -18.15
CA THR D 417 26.65 -24.32 -17.59
C THR D 417 25.97 -23.06 -17.13
N CYS D 418 24.70 -22.90 -17.52
CA CYS D 418 23.90 -21.82 -16.97
C CYS D 418 23.29 -22.22 -15.64
N LEU D 419 23.76 -21.58 -14.57
CA LEU D 419 23.33 -21.92 -13.22
C LEU D 419 21.99 -21.28 -12.83
N SER D 420 21.69 -20.11 -13.38
CA SER D 420 20.50 -19.35 -12.98
C SER D 420 19.33 -19.30 -14.01
N CYS D 421 19.64 -19.47 -15.29
CA CYS D 421 18.62 -19.43 -16.36
C CYS D 421 17.34 -20.12 -15.97
N GLU D 422 17.47 -21.38 -15.58
CA GLU D 422 16.33 -22.30 -15.54
C GLU D 422 15.65 -22.34 -14.20
N LEU D 423 16.30 -21.79 -13.17
CA LEU D 423 15.80 -21.87 -11.81
C LEU D 423 14.38 -21.36 -11.69
N ASN D 424 14.09 -20.25 -12.36
CA ASN D 424 12.75 -19.74 -12.46
C ASN D 424 12.63 -18.71 -13.56
N PRO D 425 12.46 -19.16 -14.82
CA PRO D 425 12.57 -18.32 -16.02
C PRO D 425 11.45 -17.27 -16.19
N GLU D 426 10.27 -17.54 -15.62
CA GLU D 426 9.14 -16.61 -15.67
C GLU D 426 9.38 -15.45 -14.70
N ARG D 427 9.63 -15.80 -13.44
CA ARG D 427 9.84 -14.82 -12.36
C ARG D 427 11.19 -14.12 -12.46
N CYS D 428 12.18 -14.81 -13.01
CA CYS D 428 13.59 -14.45 -12.84
C CYS D 428 14.44 -14.50 -14.10
N GLN D 429 15.00 -13.36 -14.48
CA GLN D 429 15.88 -13.24 -15.64
C GLN D 429 16.96 -12.21 -15.41
N TYR D 430 16.93 -11.56 -14.24
CA TYR D 430 18.00 -10.66 -13.86
C TYR D 430 18.64 -11.16 -12.58
N TYR D 431 19.96 -11.33 -12.59
CA TYR D 431 20.63 -12.01 -11.48
C TYR D 431 21.95 -11.35 -11.10
N SER D 432 22.32 -11.50 -9.84
CA SER D 432 23.66 -11.15 -9.38
C SER D 432 24.05 -12.22 -8.38
N VAL D 433 25.33 -12.26 -8.05
CA VAL D 433 25.84 -13.36 -7.26
C VAL D 433 26.86 -12.94 -6.21
N SER D 434 26.71 -13.52 -5.03
CA SER D 434 27.63 -13.35 -3.92
C SER D 434 28.26 -14.70 -3.64
N PHE D 435 29.54 -14.85 -3.95
CA PHE D 435 30.25 -16.09 -3.65
C PHE D 435 30.91 -16.06 -2.28
N SER D 436 30.84 -17.19 -1.59
CA SER D 436 31.64 -17.39 -0.39
C SER D 436 33.13 -17.32 -0.76
N LYS D 437 33.98 -17.21 0.25
CA LYS D 437 35.39 -16.88 0.06
C LYS D 437 36.20 -17.73 -0.94
N GLU D 438 35.93 -19.03 -1.00
CA GLU D 438 36.52 -19.91 -2.03
C GLU D 438 35.48 -20.48 -2.98
N ALA D 439 34.32 -19.83 -3.02
CA ALA D 439 33.21 -20.16 -3.93
C ALA D 439 32.60 -21.53 -3.65
N LYS D 440 32.65 -21.96 -2.40
CA LYS D 440 32.01 -23.21 -1.99
C LYS D 440 30.49 -23.02 -2.00
N TYR D 441 30.04 -21.79 -1.77
CA TYR D 441 28.62 -21.46 -1.80
C TYR D 441 28.38 -20.13 -2.51
N TYR D 442 27.13 -19.89 -2.91
CA TYR D 442 26.76 -18.60 -3.48
C TYR D 442 25.31 -18.17 -3.25
N GLN D 443 25.15 -16.88 -2.96
CA GLN D 443 23.85 -16.27 -2.96
C GLN D 443 23.51 -15.74 -4.35
N LEU D 444 22.29 -16.04 -4.77
CA LEU D 444 21.78 -15.64 -6.03
C LEU D 444 20.69 -14.64 -5.72
N ARG D 445 20.89 -13.40 -6.14
CA ARG D 445 19.83 -12.41 -6.12
C ARG D 445 19.16 -12.34 -7.48
N CYS D 446 17.84 -12.38 -7.48
CA CYS D 446 17.04 -12.23 -8.69
C CYS D 446 16.22 -10.94 -8.59
N SER D 447 16.32 -10.07 -9.59
CA SER D 447 15.78 -8.71 -9.49
C SER D 447 14.56 -8.41 -10.35
N GLY D 448 14.18 -9.39 -11.19
CA GLY D 448 13.03 -9.25 -12.11
C GLY D 448 13.00 -10.34 -13.16
N PRO D 449 11.93 -10.40 -13.98
CA PRO D 449 10.84 -9.42 -14.08
C PRO D 449 9.82 -9.50 -12.94
N GLY D 450 9.73 -10.65 -12.27
CA GLY D 450 8.82 -10.81 -11.15
C GLY D 450 9.39 -10.18 -9.90
N LEU D 451 8.79 -10.48 -8.76
CA LEU D 451 9.30 -9.96 -7.48
C LEU D 451 10.71 -10.49 -7.21
N PRO D 452 11.58 -9.68 -6.58
CA PRO D 452 12.93 -10.16 -6.22
C PRO D 452 12.94 -11.46 -5.43
N LEU D 453 13.98 -12.27 -5.66
CA LEU D 453 14.10 -13.57 -5.02
C LEU D 453 15.56 -13.84 -4.64
N TYR D 454 15.80 -14.10 -3.37
CA TYR D 454 17.15 -14.36 -2.89
C TYR D 454 17.28 -15.83 -2.52
N THR D 455 18.20 -16.52 -3.17
CA THR D 455 18.38 -17.96 -2.94
C THR D 455 19.84 -18.30 -2.64
N LEU D 456 20.03 -19.31 -1.78
CA LEU D 456 21.36 -19.75 -1.35
C LEU D 456 21.72 -21.09 -1.96
N HIS D 457 22.93 -21.17 -2.53
CA HIS D 457 23.30 -22.35 -3.33
C HIS D 457 24.65 -22.99 -2.97
N SER D 458 24.74 -24.30 -3.21
CA SER D 458 26.02 -25.04 -3.15
C SER D 458 26.71 -25.08 -4.51
N SER D 459 28.05 -25.05 -4.53
CA SER D 459 28.83 -25.14 -5.77
C SER D 459 29.14 -26.58 -6.17
N VAL D 460 29.34 -27.44 -5.18
CA VAL D 460 29.63 -28.85 -5.46
C VAL D 460 28.49 -29.46 -6.30
N ASN D 461 27.31 -29.60 -5.70
CA ASN D 461 26.19 -30.22 -6.41
C ASN D 461 25.48 -29.25 -7.34
N ASP D 462 25.55 -27.96 -6.99
CA ASP D 462 24.77 -26.88 -7.64
C ASP D 462 23.29 -26.87 -7.23
N LYS D 463 22.92 -27.74 -6.29
CA LYS D 463 21.55 -27.84 -5.79
C LYS D 463 21.14 -26.57 -5.05
N GLY D 464 19.91 -26.10 -5.31
CA GLY D 464 19.33 -25.01 -4.53
C GLY D 464 19.13 -25.50 -3.11
N LEU D 465 19.58 -24.72 -2.14
CA LEU D 465 19.50 -25.12 -0.73
C LEU D 465 18.26 -24.57 -0.04
N ARG D 466 18.01 -23.28 -0.18
CA ARG D 466 16.88 -22.61 0.48
C ARG D 466 16.55 -21.25 -0.11
N VAL D 467 15.27 -20.89 -0.03
CA VAL D 467 14.80 -19.54 -0.34
C VAL D 467 15.06 -18.67 0.87
N LEU D 468 15.85 -17.60 0.67
CA LEU D 468 16.19 -16.66 1.73
C LEU D 468 15.14 -15.57 1.87
N GLU D 469 14.53 -15.19 0.75
CA GLU D 469 13.51 -14.15 0.70
C GLU D 469 12.79 -14.24 -0.64
N ASP D 470 11.49 -14.54 -0.59
CA ASP D 470 10.66 -14.65 -1.79
C ASP D 470 9.63 -13.52 -1.95
N ASN D 471 9.77 -12.48 -1.11
CA ASN D 471 8.87 -11.31 -1.11
C ASN D 471 7.39 -11.60 -1.09
N SER D 472 6.99 -12.74 -0.51
CA SER D 472 5.58 -13.12 -0.47
C SER D 472 4.77 -12.09 0.30
N ALA D 473 5.39 -11.48 1.31
CA ALA D 473 4.76 -10.41 2.08
C ALA D 473 4.29 -9.28 1.16
N LEU D 474 5.18 -8.86 0.26
CA LEU D 474 4.87 -7.88 -0.76
C LEU D 474 3.86 -8.40 -1.80
N ASP D 475 4.00 -9.66 -2.20
CA ASP D 475 3.10 -10.30 -3.17
C ASP D 475 1.66 -10.25 -2.68
N LYS D 476 1.49 -10.44 -1.37
CA LYS D 476 0.19 -10.48 -0.74
C LYS D 476 -0.61 -9.21 -1.06
N MET D 477 -0.10 -8.06 -0.64
CA MET D 477 -0.81 -6.79 -0.82
C MET D 477 -1.04 -6.43 -2.27
N LEU D 478 -0.02 -6.70 -3.10
CA LEU D 478 0.03 -6.24 -4.47
C LEU D 478 -1.00 -6.87 -5.43
N GLN D 479 -1.59 -8.00 -5.05
CA GLN D 479 -2.60 -8.63 -5.91
C GLN D 479 -3.97 -7.96 -5.78
N ASN D 480 -4.15 -7.21 -4.69
CA ASN D 480 -5.27 -6.28 -4.57
C ASN D 480 -5.05 -5.01 -5.44
N VAL D 481 -3.81 -4.52 -5.52
CA VAL D 481 -3.46 -3.35 -6.33
C VAL D 481 -3.46 -3.67 -7.84
N GLN D 482 -3.97 -2.75 -8.63
CA GLN D 482 -3.94 -2.88 -10.09
C GLN D 482 -2.59 -2.40 -10.65
N MET D 483 -1.68 -3.36 -10.81
CA MET D 483 -0.28 -3.07 -11.17
C MET D 483 -0.03 -3.05 -12.66
N PRO D 484 0.86 -2.15 -13.13
CA PRO D 484 1.26 -2.14 -14.53
C PRO D 484 2.06 -3.39 -14.93
N SER D 485 1.84 -3.87 -16.14
CA SER D 485 2.74 -4.83 -16.76
C SER D 485 3.97 -4.12 -17.36
N LYS D 486 5.04 -4.88 -17.58
CA LYS D 486 6.17 -4.38 -18.35
C LYS D 486 6.28 -5.19 -19.63
N LYS D 487 6.28 -4.50 -20.77
CA LYS D 487 6.65 -5.12 -22.02
C LYS D 487 8.10 -4.73 -22.37
N LEU D 488 8.93 -5.75 -22.63
CA LEU D 488 10.32 -5.59 -23.05
C LEU D 488 10.43 -6.15 -24.48
N ASP D 489 10.73 -5.30 -25.44
CA ASP D 489 10.79 -5.75 -26.83
C ASP D 489 11.81 -4.96 -27.60
N PHE D 490 11.94 -5.23 -28.89
CA PHE D 490 12.82 -4.46 -29.73
C PHE D 490 12.12 -3.94 -30.97
N ILE D 491 12.71 -2.93 -31.58
CA ILE D 491 12.33 -2.47 -32.90
C ILE D 491 13.60 -2.55 -33.77
N ILE D 492 13.42 -2.72 -35.08
CA ILE D 492 14.55 -2.87 -36.00
C ILE D 492 14.85 -1.57 -36.75
N LEU D 493 16.10 -1.10 -36.64
CA LEU D 493 16.57 0.11 -37.32
C LEU D 493 17.87 -0.19 -38.07
N ASN D 494 17.78 -0.37 -39.39
CA ASN D 494 18.93 -0.80 -40.21
C ASN D 494 19.41 -2.18 -39.80
N GLU D 495 18.52 -3.17 -39.91
CA GLU D 495 18.77 -4.53 -39.39
C GLU D 495 19.59 -4.57 -38.09
N THR D 496 19.30 -3.62 -37.21
CA THR D 496 19.87 -3.62 -35.87
C THR D 496 18.72 -3.57 -34.87
N LYS D 497 18.73 -4.51 -33.91
CA LYS D 497 17.72 -4.53 -32.88
C LYS D 497 18.05 -3.48 -31.86
N PHE D 498 17.02 -2.75 -31.46
CA PHE D 498 17.13 -1.80 -30.38
C PHE D 498 15.99 -2.06 -29.45
N TRP D 499 16.32 -2.23 -28.18
CA TRP D 499 15.34 -2.64 -27.19
C TRP D 499 14.70 -1.48 -26.47
N TYR D 500 13.45 -1.68 -26.09
CA TYR D 500 12.71 -0.74 -25.26
C TYR D 500 11.92 -1.51 -24.20
N GLN D 501 11.58 -0.81 -23.14
CA GLN D 501 10.57 -1.28 -22.20
C GLN D 501 9.45 -0.26 -22.07
N MET D 502 8.29 -0.76 -21.70
CA MET D 502 7.10 0.05 -21.53
C MET D 502 6.43 -0.34 -20.25
N ILE D 503 6.13 0.64 -19.44
CA ILE D 503 5.37 0.39 -18.25
C ILE D 503 3.95 0.66 -18.71
N LEU D 504 3.15 -0.39 -18.77
CA LEU D 504 1.82 -0.32 -19.36
C LEU D 504 0.76 -0.28 -18.29
N PRO D 505 -0.17 0.69 -18.38
CA PRO D 505 -1.19 0.83 -17.34
C PRO D 505 -1.95 -0.47 -17.22
N PRO D 506 -2.57 -0.73 -16.05
CA PRO D 506 -3.29 -2.00 -15.91
C PRO D 506 -4.47 -2.03 -16.87
N HIS D 507 -4.93 -3.23 -17.24
CA HIS D 507 -6.05 -3.35 -18.19
C HIS D 507 -5.75 -2.64 -19.51
N PHE D 508 -4.48 -2.63 -19.90
CA PHE D 508 -4.01 -1.96 -21.10
C PHE D 508 -4.76 -2.38 -22.36
N ASP D 509 -5.33 -1.39 -23.05
CA ASP D 509 -6.18 -1.61 -24.22
C ASP D 509 -5.56 -0.97 -25.47
N LYS D 510 -5.20 -1.78 -26.45
CA LYS D 510 -4.52 -1.27 -27.66
C LYS D 510 -5.49 -0.57 -28.63
N SER D 511 -6.78 -0.62 -28.32
CA SER D 511 -7.79 0.19 -28.99
C SER D 511 -7.65 1.65 -28.56
N LYS D 512 -7.24 1.85 -27.30
CA LYS D 512 -7.18 3.18 -26.72
C LYS D 512 -5.91 3.94 -27.06
N LYS D 513 -6.02 5.27 -27.02
CA LYS D 513 -4.90 6.14 -27.26
C LYS D 513 -4.37 6.67 -25.93
N TYR D 514 -3.17 6.23 -25.56
CA TYR D 514 -2.58 6.58 -24.27
C TYR D 514 -1.58 7.71 -24.39
N PRO D 515 -1.57 8.63 -23.40
CA PRO D 515 -0.47 9.60 -23.32
C PRO D 515 0.82 8.86 -22.95
N LEU D 516 1.92 9.23 -23.58
CA LEU D 516 3.17 8.54 -23.36
C LEU D 516 4.23 9.45 -22.75
N LEU D 517 4.91 8.94 -21.73
CA LEU D 517 6.10 9.57 -21.19
C LEU D 517 7.33 8.73 -21.51
N LEU D 518 8.27 9.35 -22.23
CA LEU D 518 9.53 8.73 -22.56
C LEU D 518 10.57 9.00 -21.47
N ASP D 519 10.89 7.93 -20.74
CA ASP D 519 11.84 7.96 -19.64
C ASP D 519 13.23 7.71 -20.22
N VAL D 520 14.12 8.69 -20.09
CA VAL D 520 15.38 8.66 -20.81
C VAL D 520 16.59 8.78 -19.93
N TYR D 521 17.54 7.86 -20.12
CA TYR D 521 18.91 8.08 -19.69
C TYR D 521 19.77 8.33 -20.91
N ALA D 522 20.05 7.27 -21.67
CA ALA D 522 20.75 7.33 -22.96
C ALA D 522 22.18 7.80 -22.91
N GLY D 523 22.85 7.61 -21.78
CA GLY D 523 24.28 7.87 -21.68
C GLY D 523 25.05 6.76 -22.36
N PRO D 524 26.36 6.95 -22.57
CA PRO D 524 27.17 5.90 -23.16
C PRO D 524 27.10 4.65 -22.28
N CYS D 525 26.90 3.49 -22.89
CA CYS D 525 26.82 2.24 -22.14
C CYS D 525 25.67 2.25 -21.12
N SER D 526 24.62 3.00 -21.41
CA SER D 526 23.45 2.99 -20.55
C SER D 526 22.61 1.78 -20.88
N GLN D 527 21.69 1.43 -20.00
CA GLN D 527 20.68 0.46 -20.36
C GLN D 527 19.43 0.71 -19.55
N LYS D 528 18.43 1.29 -20.22
CA LYS D 528 17.16 1.57 -19.57
C LYS D 528 16.12 0.48 -19.81
N ALA D 529 16.33 -0.35 -20.83
CA ALA D 529 15.40 -1.45 -21.12
C ALA D 529 15.96 -2.80 -20.63
N ASP D 530 15.42 -3.25 -19.49
CA ASP D 530 15.89 -4.47 -18.84
C ASP D 530 14.76 -5.23 -18.15
N THR D 531 15.10 -6.36 -17.56
CA THR D 531 14.10 -7.24 -16.92
C THR D 531 13.94 -7.01 -15.41
N VAL D 532 14.53 -5.93 -14.91
CA VAL D 532 14.46 -5.59 -13.49
C VAL D 532 13.04 -5.16 -13.12
N PHE D 533 12.56 -5.67 -12.00
CA PHE D 533 11.30 -5.21 -11.46
C PHE D 533 11.58 -3.98 -10.61
N ARG D 534 10.74 -2.96 -10.76
CA ARG D 534 10.91 -1.72 -10.02
C ARG D 534 9.59 -1.21 -9.48
N LEU D 535 9.69 -0.49 -8.38
CA LEU D 535 8.57 0.29 -7.88
C LEU D 535 9.04 1.72 -7.85
N ASN D 536 8.67 2.48 -8.88
CA ASN D 536 9.10 3.86 -8.98
C ASN D 536 7.99 4.83 -9.35
N TRP D 537 8.39 6.03 -9.72
CA TRP D 537 7.48 7.05 -10.15
C TRP D 537 6.62 6.58 -11.34
N ALA D 538 7.24 5.86 -12.26
CA ALA D 538 6.56 5.28 -13.41
C ALA D 538 5.46 4.32 -12.99
N THR D 539 5.75 3.45 -12.02
CA THR D 539 4.73 2.55 -11.50
C THR D 539 3.48 3.35 -11.16
N TYR D 540 3.66 4.54 -10.55
CA TYR D 540 2.54 5.43 -10.24
C TYR D 540 1.87 6.01 -11.48
N LEU D 541 2.68 6.50 -12.42
CA LEU D 541 2.15 7.12 -13.64
C LEU D 541 1.34 6.11 -14.46
N ALA D 542 1.90 4.90 -14.57
CA ALA D 542 1.26 3.84 -15.32
C ALA D 542 -0.01 3.38 -14.62
N SER D 543 0.10 3.03 -13.34
CA SER D 543 -1.00 2.46 -12.58
C SER D 543 -2.16 3.43 -12.36
N THR D 544 -1.84 4.61 -11.82
CA THR D 544 -2.83 5.60 -11.44
C THR D 544 -3.24 6.48 -12.62
N GLU D 545 -2.27 7.13 -13.25
CA GLU D 545 -2.56 8.16 -14.26
C GLU D 545 -2.78 7.62 -15.69
N ASN D 546 -2.55 6.32 -15.87
CA ASN D 546 -2.67 5.65 -17.17
C ASN D 546 -1.76 6.18 -18.26
N ILE D 547 -0.58 6.64 -17.85
CA ILE D 547 0.43 7.05 -18.80
C ILE D 547 1.28 5.84 -19.13
N ILE D 548 1.53 5.61 -20.42
CA ILE D 548 2.53 4.64 -20.83
C ILE D 548 3.88 5.28 -20.62
N VAL D 549 4.71 4.72 -19.77
CA VAL D 549 6.09 5.19 -19.73
C VAL D 549 7.04 4.17 -20.37
N ALA D 550 7.85 4.68 -21.30
CA ALA D 550 8.71 3.84 -22.08
C ALA D 550 10.13 4.33 -21.98
N SER D 551 11.07 3.41 -22.03
CA SER D 551 12.48 3.73 -22.17
C SER D 551 13.04 2.99 -23.35
N PHE D 552 14.09 3.52 -23.95
CA PHE D 552 14.63 2.95 -25.16
C PHE D 552 16.15 3.07 -25.22
N ASP D 553 16.80 1.94 -25.46
CA ASP D 553 18.26 1.89 -25.57
C ASP D 553 18.64 1.93 -27.04
N GLY D 554 18.99 3.11 -27.52
CA GLY D 554 19.43 3.28 -28.89
C GLY D 554 20.95 3.32 -28.99
N ARG D 555 21.46 4.03 -29.98
CA ARG D 555 22.90 4.05 -30.19
C ARG D 555 23.63 4.70 -29.03
N GLY D 556 24.82 4.18 -28.74
CA GLY D 556 25.54 4.58 -27.54
C GLY D 556 25.27 3.69 -26.35
N SER D 557 24.16 2.95 -26.36
CA SER D 557 23.79 2.10 -25.23
C SER D 557 24.66 0.86 -25.15
N GLY D 558 24.69 0.23 -23.97
CA GLY D 558 25.69 -0.77 -23.63
C GLY D 558 25.28 -2.23 -23.75
N TYR D 559 26.24 -3.12 -23.54
CA TYR D 559 26.04 -4.57 -23.46
C TYR D 559 25.47 -5.19 -24.73
N GLN D 560 25.61 -4.48 -25.85
CA GLN D 560 25.14 -4.97 -27.14
C GLN D 560 26.26 -4.91 -28.17
N GLY D 561 27.50 -4.74 -27.71
CA GLY D 561 28.65 -4.65 -28.59
C GLY D 561 29.14 -3.23 -28.78
N ASP D 562 30.34 -3.11 -29.33
CA ASP D 562 30.98 -1.83 -29.55
C ASP D 562 30.33 -1.04 -30.70
N LYS D 563 29.89 -1.72 -31.76
CA LYS D 563 29.28 -0.99 -32.88
C LYS D 563 28.15 -0.07 -32.41
N ILE D 564 27.28 -0.60 -31.54
CA ILE D 564 26.21 0.20 -30.93
C ILE D 564 26.76 1.19 -29.89
N MET D 565 27.70 0.73 -29.07
CA MET D 565 28.17 1.56 -27.97
C MET D 565 29.08 2.71 -28.40
N HIS D 566 29.93 2.46 -29.40
CA HIS D 566 30.88 3.49 -29.87
C HIS D 566 30.30 4.37 -30.97
N ALA D 567 29.00 4.19 -31.24
CA ALA D 567 28.31 4.97 -32.25
C ALA D 567 28.27 6.45 -31.89
N ILE D 568 28.26 6.77 -30.60
CA ILE D 568 28.27 8.18 -30.14
C ILE D 568 29.64 8.76 -29.82
N ASN D 569 30.70 7.99 -30.12
CA ASN D 569 32.08 8.42 -29.86
C ASN D 569 32.42 9.78 -30.45
N ARG D 570 32.87 10.69 -29.59
CA ARG D 570 33.20 12.06 -29.98
C ARG D 570 31.98 12.87 -30.42
N ARG D 571 30.80 12.28 -30.30
CA ARG D 571 29.61 12.84 -30.91
C ARG D 571 28.42 12.75 -29.97
N LEU D 572 28.63 13.20 -28.74
CA LEU D 572 27.56 13.21 -27.73
C LEU D 572 26.53 14.25 -28.10
N GLY D 573 25.28 13.98 -27.72
CA GLY D 573 24.16 14.86 -28.02
C GLY D 573 23.79 14.78 -29.49
N THR D 574 24.06 13.63 -30.11
CA THR D 574 23.66 13.37 -31.49
C THR D 574 22.77 12.13 -31.63
N PHE D 575 23.38 10.97 -31.91
CA PHE D 575 22.61 9.75 -32.21
C PHE D 575 21.72 9.28 -31.07
N GLU D 576 22.16 9.49 -29.83
CA GLU D 576 21.40 9.01 -28.70
C GLU D 576 20.16 9.89 -28.54
N VAL D 577 20.29 11.14 -28.97
CA VAL D 577 19.18 12.08 -28.99
C VAL D 577 18.18 11.73 -30.12
N GLU D 578 18.70 11.61 -31.34
CA GLU D 578 17.89 11.23 -32.50
C GLU D 578 17.14 9.93 -32.27
N ASP D 579 17.81 8.96 -31.65
CA ASP D 579 17.20 7.64 -31.45
C ASP D 579 16.07 7.69 -30.42
N GLN D 580 16.17 8.61 -29.47
CA GLN D 580 15.02 8.86 -28.59
C GLN D 580 13.81 9.43 -29.36
N ILE D 581 14.05 10.36 -30.28
CA ILE D 581 12.99 10.94 -31.10
C ILE D 581 12.39 9.86 -31.99
N GLU D 582 13.25 9.09 -32.64
CA GLU D 582 12.81 8.00 -33.50
C GLU D 582 12.00 6.97 -32.71
N ALA D 583 12.41 6.71 -31.47
CA ALA D 583 11.67 5.79 -30.60
C ALA D 583 10.20 6.18 -30.54
N ALA D 584 9.93 7.39 -30.07
CA ALA D 584 8.55 7.87 -29.92
C ALA D 584 7.79 7.78 -31.23
N ARG D 585 8.48 8.06 -32.32
CA ARG D 585 7.88 7.92 -33.64
C ARG D 585 7.38 6.50 -33.81
N GLN D 586 8.26 5.52 -33.61
CA GLN D 586 7.87 4.10 -33.65
C GLN D 586 6.77 3.76 -32.65
N PHE D 587 6.76 4.46 -31.52
CA PHE D 587 5.74 4.25 -30.49
C PHE D 587 4.35 4.80 -30.89
N SER D 588 4.30 5.98 -31.52
CA SER D 588 3.07 6.47 -32.16
C SER D 588 2.61 5.49 -33.22
N LYS D 589 3.48 5.24 -34.18
CA LYS D 589 3.25 4.32 -35.28
C LYS D 589 2.76 2.96 -34.79
N MET D 590 2.97 2.67 -33.50
CA MET D 590 2.51 1.43 -32.90
C MET D 590 1.00 1.36 -32.65
N GLY D 591 0.34 2.52 -32.66
CA GLY D 591 -1.13 2.58 -32.70
C GLY D 591 -1.92 2.86 -31.43
N PHE D 592 -1.25 2.75 -30.27
CA PHE D 592 -1.92 2.89 -28.97
C PHE D 592 -1.38 4.08 -28.21
N VAL D 593 -0.92 5.09 -28.97
CA VAL D 593 -0.29 6.29 -28.43
C VAL D 593 -0.96 7.57 -28.96
N ASP D 594 -1.37 8.43 -28.03
CA ASP D 594 -1.90 9.74 -28.33
C ASP D 594 -0.75 10.66 -28.74
N ASN D 595 -0.57 10.84 -30.05
CA ASN D 595 0.34 11.83 -30.65
C ASN D 595 0.38 13.18 -29.95
N LYS D 596 -0.77 13.65 -29.48
CA LYS D 596 -0.92 14.97 -28.92
C LYS D 596 -0.41 15.02 -27.48
N ARG D 597 -0.17 13.86 -26.90
CA ARG D 597 0.34 13.78 -25.53
C ARG D 597 1.52 12.84 -25.41
N ILE D 598 2.69 13.31 -25.86
CA ILE D 598 3.93 12.59 -25.70
C ILE D 598 4.94 13.52 -25.03
N ALA D 599 5.36 13.15 -23.82
CA ALA D 599 6.34 13.91 -23.07
C ALA D 599 7.63 13.12 -22.92
N ILE D 600 8.66 13.81 -22.45
CA ILE D 600 9.99 13.23 -22.28
C ILE D 600 10.58 13.78 -20.99
N TRP D 601 11.31 12.93 -20.26
CA TRP D 601 11.98 13.39 -19.05
C TRP D 601 13.20 12.55 -18.72
N GLY D 602 14.11 13.15 -17.98
CA GLY D 602 15.34 12.49 -17.56
C GLY D 602 16.14 13.23 -16.51
N TRP D 603 17.15 12.54 -15.98
CA TRP D 603 18.03 13.04 -14.94
C TRP D 603 19.48 12.90 -15.43
N SER D 604 20.39 13.73 -14.94
CA SER D 604 21.80 13.69 -15.37
C SER D 604 21.87 13.77 -16.88
N TYR D 605 22.54 12.78 -17.46
CA TYR D 605 22.66 12.64 -18.91
C TYR D 605 21.28 12.65 -19.55
N GLY D 606 20.34 11.99 -18.88
CA GLY D 606 18.96 11.90 -19.35
C GLY D 606 18.36 13.29 -19.45
N GLY D 607 18.62 14.11 -18.46
CA GLY D 607 18.20 15.51 -18.45
C GLY D 607 18.79 16.31 -19.60
N TYR D 608 20.05 16.02 -19.95
CA TYR D 608 20.67 16.59 -21.12
C TYR D 608 19.98 16.13 -22.40
N VAL D 609 19.86 14.83 -22.59
CA VAL D 609 19.12 14.31 -23.74
C VAL D 609 17.69 14.91 -23.87
N THR D 610 16.95 14.92 -22.76
CA THR D 610 15.61 15.47 -22.74
C THR D 610 15.66 16.89 -23.29
N SER D 611 16.53 17.71 -22.72
CA SER D 611 16.68 19.09 -23.15
C SER D 611 17.05 19.13 -24.63
N MET D 612 18.01 18.31 -25.04
CA MET D 612 18.41 18.22 -26.44
C MET D 612 17.28 17.80 -27.38
N VAL D 613 16.38 16.95 -26.88
CA VAL D 613 15.20 16.51 -27.64
C VAL D 613 14.15 17.62 -27.69
N LEU D 614 13.98 18.34 -26.59
CA LEU D 614 12.98 19.39 -26.53
C LEU D 614 13.36 20.51 -27.46
N GLY D 615 14.66 20.78 -27.57
CA GLY D 615 15.13 21.84 -28.46
C GLY D 615 15.31 21.38 -29.88
N SER D 616 14.85 20.16 -30.18
CA SER D 616 15.24 19.50 -31.43
C SER D 616 14.51 20.04 -32.65
N GLY D 617 13.31 20.55 -32.44
CA GLY D 617 12.46 20.96 -33.53
C GLY D 617 11.68 19.79 -34.12
N SER D 618 11.79 18.61 -33.50
CA SER D 618 11.13 17.40 -33.99
C SER D 618 9.63 17.58 -33.97
N GLY D 619 9.15 18.22 -32.92
CA GLY D 619 7.73 18.44 -32.74
C GLY D 619 6.99 17.17 -32.39
N VAL D 620 7.71 16.15 -31.96
CA VAL D 620 7.07 14.90 -31.55
C VAL D 620 6.53 15.06 -30.14
N PHE D 621 7.24 15.85 -29.35
CA PHE D 621 7.08 15.95 -27.91
C PHE D 621 6.38 17.24 -27.49
N LYS D 622 5.31 17.09 -26.70
CA LYS D 622 4.53 18.22 -26.20
C LYS D 622 5.31 18.98 -25.14
N CYS D 623 5.82 18.25 -24.15
CA CYS D 623 6.43 18.85 -22.98
C CYS D 623 7.55 17.96 -22.43
N GLY D 624 8.44 18.52 -21.63
CA GLY D 624 9.51 17.73 -21.04
C GLY D 624 10.00 18.20 -19.69
N ILE D 625 10.57 17.28 -18.91
CA ILE D 625 11.16 17.60 -17.61
C ILE D 625 12.64 17.24 -17.56
N ALA D 626 13.47 18.22 -17.24
CA ALA D 626 14.90 17.98 -17.16
C ALA D 626 15.33 18.17 -15.72
N VAL D 627 15.84 17.10 -15.10
CA VAL D 627 16.36 17.17 -13.73
C VAL D 627 17.90 17.09 -13.70
N ALA D 628 18.52 18.11 -13.12
CA ALA D 628 19.98 18.26 -13.06
C ALA D 628 20.64 17.88 -14.38
N PRO D 629 20.31 18.59 -15.47
CA PRO D 629 20.90 18.26 -16.76
C PRO D 629 22.29 18.81 -16.98
N VAL D 630 23.10 18.11 -17.77
CA VAL D 630 24.24 18.75 -18.38
C VAL D 630 23.70 19.69 -19.47
N SER D 631 24.30 20.87 -19.61
CA SER D 631 23.86 21.81 -20.63
C SER D 631 24.88 21.91 -21.73
N ARG D 632 26.15 21.92 -21.35
CA ARG D 632 27.22 21.83 -22.31
C ARG D 632 28.39 21.09 -21.67
N TRP D 633 29.09 20.31 -22.49
CA TRP D 633 30.05 19.33 -21.99
C TRP D 633 31.32 19.93 -21.41
N GLU D 634 31.58 21.20 -21.66
CA GLU D 634 32.70 21.86 -21.00
C GLU D 634 32.44 22.03 -19.49
N TYR D 635 31.20 21.84 -19.04
CA TYR D 635 30.87 22.07 -17.65
C TYR D 635 31.00 20.83 -16.83
N TYR D 636 31.07 19.68 -17.49
CA TYR D 636 31.15 18.45 -16.73
C TYR D 636 32.61 18.04 -16.51
N ASP D 637 32.82 17.11 -15.58
CA ASP D 637 34.17 16.68 -15.19
C ASP D 637 34.97 16.08 -16.34
N SER D 638 36.29 16.18 -16.26
CA SER D 638 37.17 15.80 -17.36
C SER D 638 37.18 14.31 -17.72
N VAL D 639 37.15 13.40 -16.75
CA VAL D 639 37.41 11.99 -17.09
C VAL D 639 36.21 11.32 -17.71
N TYR D 640 35.03 11.73 -17.30
CA TYR D 640 33.82 11.19 -17.90
C TYR D 640 33.68 11.77 -19.31
N THR D 641 33.63 13.10 -19.37
CA THR D 641 33.39 13.84 -20.60
C THR D 641 34.44 13.52 -21.65
N GLU D 642 35.71 13.63 -21.28
CA GLU D 642 36.77 13.46 -22.27
C GLU D 642 36.85 12.05 -22.81
N ARG D 643 36.29 11.09 -22.06
CA ARG D 643 36.24 9.71 -22.50
C ARG D 643 35.45 9.66 -23.81
N TYR D 644 34.41 10.47 -23.89
CA TYR D 644 33.52 10.43 -25.02
C TYR D 644 33.71 11.59 -25.99
N MET D 645 34.30 12.69 -25.53
CA MET D 645 34.31 13.90 -26.34
C MET D 645 35.70 14.34 -26.76
N GLY D 646 36.74 13.73 -26.22
CA GLY D 646 38.09 14.24 -26.44
C GLY D 646 38.21 15.62 -25.80
N LEU D 647 39.27 16.35 -26.09
CA LEU D 647 39.45 17.66 -25.48
C LEU D 647 38.68 18.75 -26.24
N PRO D 648 38.14 19.73 -25.51
CA PRO D 648 37.52 20.89 -26.15
C PRO D 648 38.55 21.88 -26.66
N THR D 649 39.32 21.47 -27.67
CA THR D 649 40.31 22.35 -28.30
C THR D 649 40.12 22.39 -29.83
N PRO D 650 40.65 23.45 -30.48
CA PRO D 650 40.67 23.50 -31.94
C PRO D 650 41.35 22.28 -32.55
N GLU D 651 42.30 21.71 -31.82
CA GLU D 651 43.01 20.54 -32.31
C GLU D 651 42.29 19.23 -32.08
N ASP D 652 41.28 19.20 -31.20
CA ASP D 652 40.59 17.94 -30.92
C ASP D 652 39.11 17.95 -31.31
N ASN D 653 38.21 18.35 -30.42
CA ASN D 653 36.79 18.21 -30.70
C ASN D 653 35.95 19.42 -30.35
N LEU D 654 36.57 20.61 -30.36
CA LEU D 654 35.89 21.84 -29.93
C LEU D 654 34.59 22.14 -30.68
N ASP D 655 34.59 22.07 -32.02
CA ASP D 655 33.39 22.36 -32.78
C ASP D 655 32.20 21.56 -32.28
N HIS D 656 32.42 20.29 -31.93
CA HIS D 656 31.30 19.49 -31.48
C HIS D 656 30.85 19.83 -30.07
N TYR D 657 31.79 20.24 -29.21
CA TYR D 657 31.46 20.71 -27.87
C TYR D 657 30.55 21.87 -28.06
N ARG D 658 30.88 22.65 -29.08
CA ARG D 658 30.22 23.86 -29.44
C ARG D 658 28.82 23.66 -30.00
N ASN D 659 28.61 22.58 -30.75
CA ASN D 659 27.31 22.29 -31.40
C ASN D 659 26.39 21.53 -30.46
N SER D 660 26.94 20.91 -29.42
CA SER D 660 26.17 19.97 -28.62
C SER D 660 25.64 20.54 -27.29
N THR D 661 25.67 21.86 -27.14
CA THR D 661 25.10 22.50 -25.97
C THR D 661 23.58 22.55 -26.13
N VAL D 662 22.84 22.59 -25.02
CA VAL D 662 21.40 22.78 -25.11
C VAL D 662 21.04 24.26 -25.31
N MET D 663 21.92 25.15 -24.85
CA MET D 663 21.70 26.59 -24.93
C MET D 663 21.51 27.06 -26.37
N SER D 664 22.23 26.44 -27.30
CA SER D 664 22.18 26.85 -28.69
C SER D 664 20.84 26.48 -29.31
N ARG D 665 20.00 25.76 -28.56
CA ARG D 665 18.68 25.34 -29.04
C ARG D 665 17.57 26.09 -28.34
N ALA D 666 17.92 27.08 -27.53
CA ALA D 666 16.93 27.80 -26.74
C ALA D 666 15.71 28.19 -27.57
N GLU D 667 15.96 28.83 -28.71
CA GLU D 667 14.90 29.30 -29.57
C GLU D 667 13.81 28.25 -29.75
N ASN D 668 14.21 26.98 -29.83
CA ASN D 668 13.25 25.92 -30.15
C ASN D 668 12.35 25.52 -29.00
N PHE D 669 12.70 25.96 -27.80
CA PHE D 669 11.91 25.62 -26.62
C PHE D 669 10.55 26.31 -26.62
N LYS D 670 10.39 27.27 -27.55
CA LYS D 670 9.11 27.90 -27.84
C LYS D 670 8.12 26.85 -28.30
N GLN D 671 8.63 25.69 -28.69
CA GLN D 671 7.82 24.63 -29.27
C GLN D 671 7.31 23.60 -28.27
N VAL D 672 7.79 23.69 -27.03
CA VAL D 672 7.46 22.70 -25.99
C VAL D 672 7.17 23.34 -24.63
N GLU D 673 6.47 22.63 -23.76
CA GLU D 673 6.42 23.04 -22.34
C GLU D 673 7.57 22.38 -21.55
N TYR D 674 8.39 23.18 -20.90
CA TYR D 674 9.62 22.73 -20.23
C TYR D 674 9.57 22.93 -18.72
N LEU D 675 10.04 21.93 -17.97
CA LEU D 675 10.35 22.09 -16.55
C LEU D 675 11.80 21.74 -16.33
N LEU D 676 12.56 22.70 -15.79
CA LEU D 676 13.99 22.57 -15.54
C LEU D 676 14.19 22.59 -14.02
N ILE D 677 14.75 21.50 -13.48
CA ILE D 677 14.94 21.33 -12.03
C ILE D 677 16.41 21.06 -11.70
N HIS D 678 16.92 21.64 -10.61
CA HIS D 678 18.31 21.44 -10.22
C HIS D 678 18.56 21.79 -8.74
N GLY D 679 19.38 20.97 -8.06
CA GLY D 679 19.79 21.22 -6.69
C GLY D 679 20.95 22.20 -6.68
N THR D 680 20.95 23.11 -5.72
CA THR D 680 21.96 24.19 -5.70
C THR D 680 23.32 23.70 -5.22
N ALA D 681 23.32 22.66 -4.38
CA ALA D 681 24.56 22.11 -3.84
C ALA D 681 24.97 20.86 -4.61
N ASP D 682 24.65 20.85 -5.90
CA ASP D 682 25.03 19.78 -6.80
C ASP D 682 26.50 19.96 -7.13
N ASP D 683 27.31 19.07 -6.58
CA ASP D 683 28.74 19.14 -6.73
C ASP D 683 29.15 18.44 -8.01
N ASN D 684 28.22 17.64 -8.55
CA ASN D 684 28.47 16.77 -9.70
C ASN D 684 28.24 17.49 -11.03
N VAL D 685 27.00 17.49 -11.49
CA VAL D 685 26.61 18.38 -12.57
C VAL D 685 26.15 19.67 -11.89
N HIS D 686 27.01 20.68 -11.97
CA HIS D 686 26.85 21.89 -11.18
C HIS D 686 25.60 22.64 -11.59
N PHE D 687 24.94 23.26 -10.61
CA PHE D 687 23.78 24.11 -10.85
C PHE D 687 24.02 25.12 -11.99
N GLN D 688 25.27 25.51 -12.18
CA GLN D 688 25.73 26.31 -13.31
C GLN D 688 25.06 25.90 -14.61
N GLN D 689 25.09 24.61 -14.90
CA GLN D 689 24.58 24.06 -16.14
C GLN D 689 23.13 24.45 -16.39
N SER D 690 22.32 24.43 -15.34
CA SER D 690 20.92 24.81 -15.48
C SER D 690 20.72 26.31 -15.41
N ALA D 691 21.67 27.01 -14.78
CA ALA D 691 21.64 28.46 -14.75
C ALA D 691 21.84 28.99 -16.17
N GLN D 692 22.73 28.35 -16.92
CA GLN D 692 23.00 28.76 -18.26
C GLN D 692 21.84 28.40 -19.21
N ILE D 693 21.12 27.31 -18.90
CA ILE D 693 19.94 26.98 -19.70
C ILE D 693 18.87 28.06 -19.52
N SER D 694 18.47 28.31 -18.27
CA SER D 694 17.47 29.32 -17.95
C SER D 694 17.82 30.67 -18.59
N LYS D 695 19.08 31.06 -18.48
CA LYS D 695 19.53 32.33 -19.04
C LYS D 695 19.37 32.32 -20.56
N ALA D 696 19.81 31.25 -21.22
CA ALA D 696 19.65 31.19 -22.67
C ALA D 696 18.16 31.27 -23.07
N LEU D 697 17.30 30.61 -22.29
CA LEU D 697 15.88 30.62 -22.58
C LEU D 697 15.25 32.01 -22.37
N VAL D 698 15.69 32.71 -21.33
CA VAL D 698 15.18 34.05 -21.05
C VAL D 698 15.54 34.99 -22.22
N ASP D 699 16.75 34.78 -22.74
CA ASP D 699 17.34 35.66 -23.75
C ASP D 699 16.61 35.58 -25.09
N VAL D 700 15.96 34.47 -25.34
CA VAL D 700 15.23 34.33 -26.58
C VAL D 700 13.72 34.39 -26.30
N GLY D 701 13.39 34.77 -25.07
CA GLY D 701 12.00 34.99 -24.69
C GLY D 701 11.12 33.77 -24.67
N VAL D 702 11.67 32.60 -24.33
CA VAL D 702 10.86 31.40 -24.15
C VAL D 702 10.44 31.25 -22.68
N ASP D 703 9.18 30.88 -22.49
CA ASP D 703 8.66 30.60 -21.18
C ASP D 703 8.82 29.12 -20.84
N PHE D 704 9.37 28.86 -19.67
CA PHE D 704 9.56 27.52 -19.15
C PHE D 704 9.25 27.53 -17.67
N GLN D 705 9.34 26.38 -17.02
CA GLN D 705 9.14 26.34 -15.59
C GLN D 705 10.44 25.91 -14.95
N ALA D 706 10.80 26.59 -13.87
CA ALA D 706 11.98 26.24 -13.10
C ALA D 706 11.61 25.76 -11.69
N MET D 707 12.55 25.02 -11.09
CA MET D 707 12.53 24.72 -9.67
C MET D 707 13.98 24.46 -9.29
N TRP D 708 14.50 25.25 -8.35
CA TRP D 708 15.79 24.97 -7.74
C TRP D 708 15.51 24.26 -6.41
N TYR D 709 16.45 23.43 -5.95
CA TYR D 709 16.31 22.82 -4.62
C TYR D 709 17.48 23.20 -3.75
N THR D 710 17.20 24.00 -2.72
CA THR D 710 18.24 24.60 -1.87
C THR D 710 19.04 23.53 -1.16
N ASP D 711 20.36 23.55 -1.37
CA ASP D 711 21.31 22.68 -0.65
C ASP D 711 21.26 21.20 -1.02
N GLU D 712 20.39 20.82 -1.94
CA GLU D 712 20.33 19.46 -2.41
C GLU D 712 21.48 19.23 -3.38
N ASP D 713 21.96 17.99 -3.45
CA ASP D 713 23.00 17.67 -4.43
C ASP D 713 22.43 16.98 -5.68
N HIS D 714 23.25 16.19 -6.37
CA HIS D 714 22.84 15.60 -7.62
C HIS D 714 21.68 14.60 -7.49
N GLY D 715 21.54 13.97 -6.33
CA GLY D 715 20.48 12.98 -6.13
C GLY D 715 19.16 13.57 -5.66
N ILE D 716 19.15 14.87 -5.35
CA ILE D 716 17.99 15.54 -4.74
C ILE D 716 17.32 14.54 -3.81
N ALA D 717 18.10 14.09 -2.84
CA ALA D 717 17.86 12.82 -2.18
C ALA D 717 17.27 12.94 -0.79
N SER D 718 17.25 14.15 -0.24
CA SER D 718 16.62 14.39 1.06
C SER D 718 15.20 13.86 1.08
N SER D 719 14.78 13.37 2.24
CA SER D 719 13.44 12.83 2.37
C SER D 719 12.38 13.78 1.78
N THR D 720 12.32 15.00 2.32
CA THR D 720 11.31 15.96 1.93
C THR D 720 11.49 16.47 0.50
N ALA D 721 12.75 16.59 0.07
CA ALA D 721 13.07 17.11 -1.25
C ALA D 721 12.84 16.08 -2.34
N HIS D 722 13.08 14.82 -2.00
CA HIS D 722 12.69 13.70 -2.85
C HIS D 722 11.19 13.75 -3.09
N GLN D 723 10.40 13.90 -2.02
CA GLN D 723 8.95 13.91 -2.16
C GLN D 723 8.47 15.11 -2.97
N HIS D 724 9.12 16.25 -2.72
CA HIS D 724 8.72 17.51 -3.34
C HIS D 724 8.90 17.44 -4.84
N ILE D 725 10.09 17.06 -5.29
CA ILE D 725 10.39 17.04 -6.72
C ILE D 725 9.46 16.13 -7.52
N TYR D 726 9.02 15.01 -6.92
CA TYR D 726 8.20 14.07 -7.65
C TYR D 726 6.79 14.54 -7.69
N THR D 727 6.37 15.20 -6.61
CA THR D 727 5.03 15.79 -6.55
C THR D 727 4.98 16.90 -7.59
N HIS D 728 6.02 17.73 -7.61
CA HIS D 728 6.10 18.82 -8.58
C HIS D 728 6.03 18.30 -9.99
N MET D 729 6.88 17.32 -10.31
CA MET D 729 6.89 16.73 -11.65
C MET D 729 5.54 16.11 -11.99
N SER D 730 4.91 15.51 -11.00
CA SER D 730 3.61 14.87 -11.17
C SER D 730 2.57 15.89 -11.59
N HIS D 731 2.61 17.08 -11.02
CA HIS D 731 1.67 18.14 -11.41
C HIS D 731 1.91 18.65 -12.83
N PHE D 732 3.18 18.81 -13.19
CA PHE D 732 3.60 19.22 -14.53
C PHE D 732 3.10 18.25 -15.57
N ILE D 733 3.37 16.96 -15.35
CA ILE D 733 2.93 15.92 -16.26
C ILE D 733 1.41 15.87 -16.34
N LYS D 734 0.73 15.91 -15.20
CA LYS D 734 -0.72 15.91 -15.19
C LYS D 734 -1.29 17.07 -16.02
N GLN D 735 -0.76 18.28 -15.84
CA GLN D 735 -1.26 19.44 -16.61
C GLN D 735 -1.00 19.27 -18.11
N CYS D 736 0.25 19.01 -18.47
CA CYS D 736 0.64 18.75 -19.86
C CYS D 736 -0.26 17.71 -20.56
N PHE D 737 -0.80 16.75 -19.79
CA PHE D 737 -1.62 15.66 -20.34
C PHE D 737 -3.10 15.85 -20.08
N SER D 738 -3.45 17.01 -19.53
CA SER D 738 -4.81 17.37 -19.17
C SER D 738 -5.44 16.36 -18.24
N LEU D 739 -4.69 15.93 -17.24
CA LEU D 739 -5.23 14.95 -16.28
C LEU D 739 -5.71 15.66 -15.04
N PRO D 740 -6.89 15.26 -14.51
CA PRO D 740 -7.50 16.00 -13.40
C PRO D 740 -6.78 15.77 -12.06
#